data_8R6P
#
_entry.id   8R6P
#
_cell.length_a   1.00
_cell.length_b   1.00
_cell.length_c   1.00
_cell.angle_alpha   90.00
_cell.angle_beta   90.00
_cell.angle_gamma   90.00
#
_symmetry.space_group_name_H-M   'P 1'
#
loop_
_entity.id
_entity.type
_entity.pdbx_description
1 polymer 'DNA-directed RNA polymerase subunit alpha'
2 polymer 'DNA-directed RNA polymerase subunit beta'
3 polymer 'RNA polymerase sigma factor SigA'
4 polymer Helicase
5 polymer 'RNA polymerase-binding protein RbpA'
6 polymer "DNA-directed RNA polymerase subunit beta'"
7 polymer 'DNA-directed RNA polymerase subunit omega'
8 polymer 'DNA 50-MER'
9 polymer 'DNA 50-MER'
10 non-polymer 'ZINC ION'
11 non-polymer 'MAGNESIUM ION'
#
loop_
_entity_poly.entity_id
_entity_poly.type
_entity_poly.pdbx_seq_one_letter_code
_entity_poly.pdbx_strand_id
1 'polypeptide(L)'
;MLISQRPTLSEETVAENRSRFVIEPLEPGFGYTLGNSLRRTLLSSIPGAAVTSIRIDGVLHEFTTVPGVKEDVTDIILNL
KGLVVSSDDDEPVTMYLRKQGPGVVTAGDIVPPAGVTVHNPDMHIATLNDKGKLEVELVVERGRGYVPAVQNKASGAEIG
RIPVDSIYSPVLKVTYKVEATRVEQRTDFDKLIIDVETKNSISPRDALASAGGTLVELFGLARELNADSEHIEIGPSPAE
ADHIASFALPIDDLDLTVRSYNCLKREGVHTVGELVARTESDLLDIRNFGQKSIDEVKIKLHQLGLSLKDSPATFDPSEV
AGYDAATGTWTSDAGYDLDDNQDYAETEQL
;
A,B
2 'polypeptide(L)'
;MLEGCILAVSSQSKSNAITNNSVPGAPNRVSFAKLREPLEVPGLLDVQTDSFEWLVGSDRWRQAAIDRGEENPVGGLEEV
LAELSPIEDFSGSMSLSFSDPRFDEVKASVDECKDKDMTYAAPLFVTAEFINNNTGEIKSQTVFMGDFPMMTEKGTFIIN
GTERVVVSQLVRSPGVYFDETIDKSTEKTLHSVKVIPGRGAWLEFDVDKRDTVGVRIDRKRRQPVTVLLKALGWTNEQIV
ERFGFSEIMMGTLEKDTTSGTDEALLDIYRKLRPGEPPTKESAQTLLENLFFKEKRYDLARVGRYKVNKKLGLNAGKPIT
SSTLTEEDVVATIEYLVRLHEGQTSMTVPGGVEVPVEVDDIDHFGNRRLRTVGELIQNQIRVGLSRMERVVRERMTTQDV
EAITPQTLINIRPVVAAIKEFFGTSQLSQFMDQNNPLSGLTHKRRLSALGPGGLSRERAGLEVRDVHPSHYGRMCPIETP
EGPNIGLIGSLSVYARVNPFGFIETPYRKVENGVVTDQIDYLTADEEDRHVVAQANSPTDENGRFTEDRVMVRKKGGEVE
FVSADQVDYMDVSPRQMVSVATAMIPFLEHDDANRALMGANMQRQAVPLVRSEAPLVGTGMELRAAIDAGDVVVADKTGV
IEEVSADYITVMADDGTRQSYRLRKFARSNHGTCANQRPIVDAGQRVEAGQVIADGPCTQNGEMALGKNLLVAIMPWEGH
NYEDAIILSNRLVEEDVLTSIHIEEHEIDARDTKLGAEEITRDIPNVSDEVLADLDERGIVRIGAEVRDGDILVGKVTPK
GETELTPEERLLRAIFGEKAREVRDTSLKVPHGESGKVIGIRVFSREDDDELPAGVNELVRVYVAQKRKISDGDKLAGRH
GNKGVIGKILPVEDMPFLPDGTPVDIILNTHGVPRRMNIGQILETHLGWVAKAGWNIDVAAGVPDWASKLPEELYSAPAD
STVATPVFDGAQEGELAGLLGSTLPNRDGEVMVDADGKSTLFDGRSGEPFPYPVTVGYMYILKLHHLVDDKIHARSTGPY
SMITQQPLGGKAQFGGQRFGEMECWAMQAYGAAYTLQELLTIKSDDTVGRVKVYEAIVKGENIPEPGIPESFKVLLKELQ
SLCLNVEVLSSDGAAIEMRDGDDEDLERAAANLGINLSRNESASVEDLA
;
C
3 'polypeptide(L)'
;MAATKASPATEEPVKRTATKTPAKKAPAKRAAKSAAAKAGGKAPAKKAPAKRAAKGTAAKPEDGVTDDLEVTDDLEAEPG
EDLDVEDTDLELDDLDSDDDTAVEDEEEEADAATPAVATAKAADDDIDEPSEKDKASGDFVWDEEESEALRQARKDAELT
ASADSVRAYLKQIGKVALLNAEEEVELAKRIEAGLYATQKLAELAEKGEKLPVQQRRDMQWICRDGDRAKNHLLEANLRL
VVSLAKRYTGRGMAFLDLIQEGNLGLIRAVEKFDYTKGYKFSTYATWWIRQAITRAMADQARTIRIPVHMVEVINKLGRI
QRELLQDLGREPTPEELAKEMDITPEKVLEIQQYAREPISLDQTIGDEGDSQLGDFIEDSEAVVAVDAVSFTLLQDQLQS
VLETLSEREAGVVRLRFGLTDGQPRTLDEIGQVYGVTRERIRQIESKTMSKLRHPSRSQVLRDYLD
;
F
4 'polypeptide(L)'
;DYEDELQSERDYVAGLYARLDAERAQSQRRYAAALREHGGTAVERDAEVRALAKDIARLNVADNGLCFGRLDTLDDARLY
IGRLGIFDRDNDFEPLLLDWRAPMARPFYVATAANPENMRRRRQFHTLGRKVVDFTDEILG
;
H
5 'polypeptide(L)'
;MADRVLRGSRLGAVSYETDRNHDLAPRQVARYRTDNGEEFDVPFADDAEIPGTWLCRNGLEGTLIEGDVPEPKKVKPPRT
HWDMLLERRSVEELEELLKERLDLIKAKRRGTGS
;
J
6 'polypeptide(L)'
;MLDVNFFDELRIGLATADDIRNWSYGEVKKPETINYRTLKPEKDGLFCEKIFGPTRDWECYCGKYKRVRFKGIICERCGV
EVTRAKVRRERMGHIELAAPVTHIWYFKGVPSRLGYLLDLAPKDLEKIIYFAAYVITSVDDEMRHNELSTLEAEMAVEKK
AVEDQRDADLEARAQKLEADLAELEAEGAKSDVRRKVRDSGEREMRQLRDRAQRELDRLDEIWNTFTKLAPKQLIVDEVL
YRELQDRYGEYFTGAMGAESIKKLIENFDIDAEAESLREVIRSGKGQKKLRALKRLKVVAAFQQSGNSPMGMVLDAVPVI
PPELRPMVQLDGGRFATSDLNDLYRRVINRNNRLKRLIDLGAPEIIVNNEKRMLQESVDALFDNGRRGRPVTGPGNRPLK
SLSDLLKGKQGRFRQNLLGKRVDYSGRSVIVVGPQLKLHQCGLPKLMALELFKPFVMKRLVDLNHAQNIKSAKRMVERQR
PQVWDVLEEVIAEHPVLLNRAPTLHRLGIQAFEPQLVEGKAIQLHPLVCEAFNADFDGDQMAVHLPLSAEAQAEARILML
SSNNILSPASGKPLAMPRLDMVTGLYYLTTLVEGATGEYQAATKDAPEQGVYSSPAEAIMAMDRGALSVRAKIKVRLTEL
RPPTDLEAQLFENGWKPGDAWTAETTLGRVMFNELLPKSYPFVNEQMHKKVQARIINDLAERFPMIVVAQTVDKLKDAGF
YWATRSGVTVSMADVLVPPQKQEILERHEAEADAIERKYQRGALNHTERNESLVKIWQDATEEVGKALEEFYPADNPIIT
IVKSGATGNLTQTRTLAGMKGLVTNPKGEFIPRPIKSSFREGLTVLEYFINTHGARKGLADTALRTADSGYLTRRLVDVS
QDVIVREHDCETERGINVTLAERGPDGTLIRDAHVETSAFARTLATDAVDANGNVIIERGHDLGDPAIDALLAAGITTVK
VRSVLTCTSATGVCAMCYGRSMATGKLVDIGEAVGIVAAQSIGEPGTQLTMRTFHQGGVTGGADIVGGLPRVQELFEARV
PRNKAPIADVAGRVRLEESDKFFKITIVPDDGGEEVVYDKLSKRQRLRVITHEDGTEGVLSDGDHVEVGDQLMEGAADPH
EVLRVQGPREVQIHLVKEVQEVYRAQGVSIHDKHIEVIVRQMLRRVTIIDSGSTEFLPGSLTERAEFEAENRRVVAEGGE
PAAGRPVLMGITKASLATDSWLSAASFQETTRVLTDAAINCRSDKLNGLKENVIIGKLIPAGTGISRYRNIQVQPTEEAR
AAAYTIPSYEDQYYSPDFGQATGAAVPLDDYGYSDYR
;
D
7 'polypeptide(L)'
;MSTPHADAQLNAADDLGIDSSAASAYDTPLGITNPPIDELLSRASSKYALVIYAAKRARQINDYYNQLGDGILEYVGPLV
EPGLQEKPLSIALREIHGDLLEHTEGE
;
E
8 'polydeoxyribonucleotide'
;(DG)(DC)(DT)(DT)(DG)(DA)(DC)(DA)(DA)(DA)(DA)(DG)(DT)(DG)(DT)(DT)(DA)(DA)(DA)(DT)
(DT)(DG)(DT)(DG)(DC)(DT)(DA)(DT)(DA)(DC)(DT)(DG)(DG)(DG)(DA)(DG)(DC)(DC)(DG)(DT)
(DC)(DA)(DC)(DG)(DG)(DA)(DT)(DG)(DC)(DG)
;
O
9 'polydeoxyribonucleotide'
;(DC)(DG)(DC)(DA)(DT)(DC)(DC)(DG)(DT)(DG)(DA)(DG)(DT)(DC)(DG)(DA)(DG)(DG)(DA)(DT)
(DA)(DA)(DT)(DA)(DA)(DG)(DC)(DA)(DC)(DA)(DA)(DT)(DT)(DT)(DA)(DA)(DC)(DA)(DC)(DT)
(DT)(DT)(DT)(DG)(DT)(DC)(DA)(DA)(DG)(DC)
;
P
#
# COMPACT_ATOMS: atom_id res chain seq x y z
N MET A 1 -46.21 47.92 28.39
CA MET A 1 -46.03 49.26 27.76
C MET A 1 -44.55 49.57 27.56
N LEU A 2 -44.25 50.36 26.53
CA LEU A 2 -42.88 50.77 26.28
C LEU A 2 -42.41 51.74 27.35
N ILE A 3 -41.09 51.78 27.55
CA ILE A 3 -40.47 52.60 28.59
C ILE A 3 -39.79 53.80 27.94
N SER A 4 -39.96 54.96 28.55
CA SER A 4 -39.25 56.17 28.17
C SER A 4 -38.05 56.34 29.09
N GLN A 5 -37.02 55.52 28.86
CA GLN A 5 -35.82 55.54 29.69
C GLN A 5 -34.65 55.09 28.82
N ARG A 6 -33.85 56.05 28.38
CA ARG A 6 -32.73 55.74 27.49
C ARG A 6 -31.69 54.91 28.23
N PRO A 7 -30.98 54.02 27.54
CA PRO A 7 -29.87 53.31 28.18
C PRO A 7 -28.73 54.25 28.54
N THR A 8 -28.05 53.94 29.63
CA THR A 8 -26.94 54.73 30.13
C THR A 8 -25.78 53.81 30.49
N LEU A 9 -24.57 54.38 30.43
CA LEU A 9 -23.33 53.65 30.66
C LEU A 9 -22.57 54.28 31.83
N SER A 10 -22.03 53.43 32.69
CA SER A 10 -21.23 53.85 33.84
C SER A 10 -19.97 53.00 33.90
N GLU A 11 -18.94 53.56 34.54
CA GLU A 11 -17.63 52.92 34.60
C GLU A 11 -17.24 52.64 36.05
N GLU A 12 -16.49 51.56 36.24
CA GLU A 12 -15.96 51.17 37.54
C GLU A 12 -14.54 50.67 37.35
N THR A 13 -13.58 51.33 37.99
CA THR A 13 -12.18 50.99 37.84
C THR A 13 -11.80 49.87 38.80
N VAL A 14 -11.22 48.80 38.27
CA VAL A 14 -10.76 47.68 39.07
C VAL A 14 -9.25 47.75 39.30
N ALA A 15 -8.48 48.04 38.25
CA ALA A 15 -7.04 48.18 38.34
C ALA A 15 -6.61 49.29 37.39
N GLU A 16 -5.30 49.47 37.25
CA GLU A 16 -4.78 50.50 36.35
C GLU A 16 -5.01 50.15 34.89
N ASN A 17 -5.21 48.87 34.57
CA ASN A 17 -5.42 48.45 33.19
C ASN A 17 -6.67 47.57 33.05
N ARG A 18 -7.57 47.62 34.02
CA ARG A 18 -8.79 46.82 33.99
C ARG A 18 -9.96 47.67 34.44
N SER A 19 -11.13 47.45 33.84
CA SER A 19 -12.31 48.22 34.17
C SER A 19 -13.56 47.43 33.84
N ARG A 20 -14.69 47.87 34.40
CA ARG A 20 -15.99 47.26 34.14
C ARG A 20 -16.98 48.35 33.77
N PHE A 21 -17.69 48.18 32.66
CA PHE A 21 -18.67 49.13 32.18
C PHE A 21 -20.06 48.50 32.29
N VAL A 22 -20.97 49.24 32.91
CA VAL A 22 -22.35 48.78 33.13
C VAL A 22 -23.27 49.60 32.23
N ILE A 23 -24.02 48.93 31.38
CA ILE A 23 -25.00 49.55 30.49
C ILE A 23 -26.37 49.07 30.90
N GLU A 24 -27.28 50.00 31.18
CA GLU A 24 -28.63 49.66 31.59
C GLU A 24 -29.52 50.88 31.41
N PRO A 25 -30.83 50.68 31.17
CA PRO A 25 -31.52 49.40 30.97
C PRO A 25 -31.62 49.00 29.50
N LEU A 26 -31.43 47.72 29.21
CA LEU A 26 -31.50 47.19 27.85
C LEU A 26 -32.77 46.38 27.67
N GLU A 27 -33.30 46.41 26.44
CA GLU A 27 -34.47 45.59 26.12
C GLU A 27 -34.11 44.12 26.31
N PRO A 28 -35.09 43.29 26.69
CA PRO A 28 -34.78 41.86 26.91
C PRO A 28 -34.08 41.22 25.72
N GLY A 29 -32.84 40.78 25.93
CA GLY A 29 -32.10 40.05 24.91
C GLY A 29 -31.04 40.84 24.18
N PHE A 30 -30.83 42.12 24.52
CA PHE A 30 -29.74 42.86 23.90
C PHE A 30 -28.41 42.63 24.61
N GLY A 31 -28.43 42.18 25.87
CA GLY A 31 -27.21 42.12 26.64
C GLY A 31 -26.15 41.25 25.99
N TYR A 32 -26.51 40.00 25.67
CA TYR A 32 -25.53 39.08 25.14
C TYR A 32 -25.01 39.51 23.78
N THR A 33 -25.91 39.93 22.88
CA THR A 33 -25.48 40.29 21.53
C THR A 33 -24.61 41.54 21.55
N LEU A 34 -25.00 42.56 22.34
CA LEU A 34 -24.19 43.77 22.44
C LEU A 34 -22.82 43.46 23.05
N GLY A 35 -22.81 42.65 24.12
CA GLY A 35 -21.54 42.27 24.71
C GLY A 35 -20.64 41.53 23.73
N ASN A 36 -21.22 40.61 22.96
CA ASN A 36 -20.43 39.87 21.98
C ASN A 36 -19.89 40.78 20.90
N SER A 37 -20.71 41.71 20.40
CA SER A 37 -20.22 42.64 19.38
C SER A 37 -19.08 43.49 19.92
N LEU A 38 -19.22 44.02 21.14
CA LEU A 38 -18.16 44.82 21.72
C LEU A 38 -16.89 44.00 21.91
N ARG A 39 -17.04 42.76 22.41
CA ARG A 39 -15.87 41.90 22.61
C ARG A 39 -15.17 41.59 21.29
N ARG A 40 -15.94 41.27 20.25
CA ARG A 40 -15.35 40.97 18.95
C ARG A 40 -14.58 42.18 18.42
N THR A 41 -15.21 43.37 18.48
CA THR A 41 -14.53 44.56 17.99
C THR A 41 -13.26 44.84 18.79
N LEU A 42 -13.33 44.71 20.12
CA LEU A 42 -12.18 44.98 20.96
C LEU A 42 -11.03 44.03 20.67
N LEU A 43 -11.34 42.74 20.49
CA LEU A 43 -10.30 41.75 20.26
C LEU A 43 -9.80 41.78 18.82
N SER A 44 -10.55 42.37 17.90
CA SER A 44 -10.16 42.33 16.49
C SER A 44 -9.50 43.62 16.00
N SER A 45 -10.16 44.77 16.19
CA SER A 45 -9.82 45.96 15.42
C SER A 45 -9.34 47.14 16.26
N ILE A 46 -8.77 46.92 17.44
CA ILE A 46 -8.20 48.02 18.21
C ILE A 46 -6.77 48.24 17.73
N PRO A 47 -6.43 49.41 17.18
CA PRO A 47 -5.09 49.61 16.63
C PRO A 47 -4.04 49.78 17.73
N GLY A 48 -2.80 49.53 17.35
CA GLY A 48 -1.69 49.67 18.27
C GLY A 48 -0.38 49.73 17.53
N ALA A 49 0.71 49.62 18.30
CA ALA A 49 2.06 49.67 17.75
C ALA A 49 2.84 48.44 18.19
N ALA A 50 3.69 47.94 17.31
CA ALA A 50 4.48 46.75 17.58
C ALA A 50 5.77 46.80 16.77
N VAL A 51 6.75 46.02 17.21
CA VAL A 51 8.02 45.93 16.49
C VAL A 51 7.83 45.05 15.26
N THR A 52 8.28 45.55 14.11
CA THR A 52 8.13 44.85 12.84
C THR A 52 9.39 44.15 12.37
N SER A 53 10.56 44.65 12.73
CA SER A 53 11.82 44.01 12.34
C SER A 53 12.92 44.46 13.27
N ILE A 54 14.00 43.68 13.30
CA ILE A 54 15.16 43.98 14.11
C ILE A 54 16.43 43.70 13.31
N ARG A 55 17.51 44.36 13.70
CA ARG A 55 18.83 44.14 13.13
C ARG A 55 19.85 44.14 14.27
N ILE A 56 20.69 43.11 14.32
CA ILE A 56 21.73 43.00 15.32
C ILE A 56 23.08 43.07 14.63
N ASP A 57 24.09 43.54 15.36
CA ASP A 57 25.36 43.89 14.75
C ASP A 57 26.03 42.70 14.07
N GLY A 58 26.16 41.58 14.78
CA GLY A 58 27.02 40.51 14.31
C GLY A 58 26.35 39.37 13.57
N VAL A 59 25.02 39.31 13.60
CA VAL A 59 24.29 38.16 13.05
C VAL A 59 23.76 38.52 11.68
N LEU A 60 23.63 37.50 10.82
CA LEU A 60 23.02 37.65 9.51
C LEU A 60 21.60 37.09 9.43
N HIS A 61 21.29 36.06 10.22
CA HIS A 61 19.96 35.48 10.27
C HIS A 61 19.64 35.08 11.71
N GLU A 62 18.38 34.72 11.94
CA GLU A 62 17.92 34.41 13.29
C GLU A 62 18.36 33.02 13.76
N PHE A 63 18.87 32.17 12.88
CA PHE A 63 19.30 30.83 13.26
C PHE A 63 20.79 30.80 13.62
N THR A 64 21.19 31.66 14.56
CA THR A 64 22.58 31.75 14.98
C THR A 64 22.63 32.19 16.43
N THR A 65 23.84 32.44 16.92
CA THR A 65 24.08 32.85 18.29
C THR A 65 25.03 34.02 18.33
N VAL A 66 24.83 34.90 19.31
CA VAL A 66 25.69 36.06 19.52
C VAL A 66 26.74 35.68 20.57
N PRO A 67 28.03 35.91 20.32
CA PRO A 67 29.04 35.53 21.31
C PRO A 67 28.78 36.18 22.66
N GLY A 68 28.95 35.40 23.72
CA GLY A 68 28.79 35.91 25.07
C GLY A 68 27.37 36.08 25.55
N VAL A 69 26.38 35.65 24.76
CA VAL A 69 24.98 35.80 25.10
C VAL A 69 24.39 34.42 25.38
N LYS A 70 23.73 34.28 26.53
CA LYS A 70 23.13 33.00 26.89
C LYS A 70 21.99 32.64 25.94
N GLU A 71 21.17 33.61 25.58
CA GLU A 71 20.03 33.39 24.71
C GLU A 71 20.44 33.55 23.24
N ASP A 72 20.08 32.57 22.42
CA ASP A 72 20.34 32.67 20.99
C ASP A 72 19.38 33.69 20.38
N VAL A 73 19.55 33.94 19.07
CA VAL A 73 18.78 34.99 18.42
C VAL A 73 17.30 34.67 18.44
N THR A 74 16.94 33.39 18.29
CA THR A 74 15.53 33.02 18.32
C THR A 74 14.91 33.33 19.68
N ASP A 75 15.62 33.01 20.76
CA ASP A 75 15.13 33.33 22.09
C ASP A 75 15.01 34.85 22.27
N ILE A 76 15.97 35.60 21.74
CA ILE A 76 15.92 37.06 21.85
C ILE A 76 14.68 37.60 21.13
N ILE A 77 14.40 37.08 19.94
CA ILE A 77 13.23 37.53 19.19
C ILE A 77 11.95 37.16 19.93
N LEU A 78 11.89 35.96 20.50
CA LEU A 78 10.72 35.56 21.27
C LEU A 78 10.52 36.48 22.48
N ASN A 79 11.61 36.81 23.17
CA ASN A 79 11.52 37.72 24.31
C ASN A 79 11.03 39.10 23.86
N LEU A 80 11.57 39.61 22.76
CA LEU A 80 11.16 40.92 22.26
C LEU A 80 9.71 40.93 21.82
N LYS A 81 9.18 39.79 21.34
CA LYS A 81 7.78 39.75 20.95
C LYS A 81 6.85 40.06 22.11
N GLY A 82 7.31 39.90 23.34
CA GLY A 82 6.55 40.29 24.52
C GLY A 82 6.68 41.75 24.88
N LEU A 83 7.44 42.52 24.10
CA LEU A 83 7.59 43.94 24.35
C LEU A 83 6.31 44.67 23.94
N VAL A 84 5.84 45.57 24.81
CA VAL A 84 4.67 46.39 24.54
C VAL A 84 5.12 47.85 24.46
N VAL A 85 4.83 48.49 23.33
CA VAL A 85 5.28 49.86 23.07
C VAL A 85 4.14 50.67 22.50
N SER A 86 4.27 51.99 22.61
CA SER A 86 3.31 52.93 22.07
C SER A 86 4.03 53.92 21.17
N SER A 87 3.43 54.22 20.02
CA SER A 87 4.01 55.13 19.04
C SER A 87 2.96 56.16 18.63
N ASP A 88 3.42 57.39 18.38
CA ASP A 88 2.52 58.50 18.08
C ASP A 88 2.54 58.91 16.61
N ASP A 89 3.38 58.30 15.79
CA ASP A 89 3.53 58.70 14.40
C ASP A 89 3.27 57.52 13.47
N ASP A 90 2.90 57.84 12.23
CA ASP A 90 2.56 56.82 11.24
C ASP A 90 3.78 56.13 10.65
N GLU A 91 4.87 56.86 10.45
CA GLU A 91 6.04 56.30 9.79
C GLU A 91 6.76 55.31 10.71
N PRO A 92 7.48 54.34 10.14
CA PRO A 92 8.31 53.47 10.99
C PRO A 92 9.39 54.28 11.70
N VAL A 93 9.67 53.90 12.95
CA VAL A 93 10.66 54.60 13.75
C VAL A 93 11.63 53.58 14.32
N THR A 94 12.88 54.00 14.53
CA THR A 94 13.95 53.11 14.92
C THR A 94 14.36 53.39 16.37
N MET A 95 14.32 52.34 17.18
CA MET A 95 14.85 52.37 18.54
C MET A 95 16.16 51.58 18.59
N TYR A 96 17.01 51.93 19.56
CA TYR A 96 18.33 51.34 19.67
C TYR A 96 18.53 50.76 21.06
N LEU A 97 19.36 49.72 21.15
CA LEU A 97 19.63 49.05 22.41
C LEU A 97 21.07 48.55 22.38
N ARG A 98 21.91 49.12 23.25
CA ARG A 98 23.32 48.77 23.30
C ARG A 98 23.72 48.48 24.74
N LYS A 99 24.43 47.37 24.94
CA LYS A 99 24.98 47.05 26.24
C LYS A 99 26.25 46.24 26.08
N GLN A 100 27.13 46.34 27.07
CA GLN A 100 28.42 45.66 27.05
C GLN A 100 28.75 45.16 28.45
N GLY A 101 29.48 44.06 28.51
CA GLY A 101 29.95 43.53 29.77
C GLY A 101 28.89 42.72 30.50
N PRO A 102 29.20 42.30 31.72
CA PRO A 102 28.26 41.47 32.48
C PRO A 102 26.96 42.23 32.77
N GLY A 103 25.87 41.49 32.87
CA GLY A 103 24.61 42.03 33.33
C GLY A 103 23.44 41.59 32.46
N VAL A 104 22.24 41.89 32.98
CA VAL A 104 21.02 41.50 32.30
C VAL A 104 20.53 42.66 31.44
N VAL A 105 20.34 42.40 30.15
CA VAL A 105 19.76 43.37 29.23
C VAL A 105 18.24 43.24 29.32
N THR A 106 17.59 44.33 29.71
CA THR A 106 16.14 44.37 29.87
C THR A 106 15.56 45.44 28.97
N ALA A 107 14.22 45.49 28.91
CA ALA A 107 13.54 46.44 28.05
C ALA A 107 13.82 47.89 28.46
N GLY A 108 14.26 48.14 29.70
CA GLY A 108 14.54 49.50 30.11
C GLY A 108 15.77 50.08 29.43
N ASP A 109 16.69 49.22 28.98
CA ASP A 109 17.90 49.68 28.32
C ASP A 109 17.62 50.29 26.94
N ILE A 110 16.44 50.06 26.37
CA ILE A 110 16.11 50.63 25.08
C ILE A 110 15.96 52.14 25.21
N VAL A 111 16.52 52.88 24.27
CA VAL A 111 16.42 54.34 24.25
C VAL A 111 15.51 54.75 23.09
N PRO A 112 14.19 54.77 23.29
CA PRO A 112 13.28 55.09 22.19
C PRO A 112 13.34 56.57 21.84
N PRO A 113 13.04 56.93 20.60
CA PRO A 113 12.96 58.35 20.25
C PRO A 113 11.73 59.01 20.85
N ALA A 114 11.74 60.34 20.83
CA ALA A 114 10.61 61.09 21.37
C ALA A 114 9.32 60.69 20.66
N GLY A 115 8.27 60.49 21.44
CA GLY A 115 7.00 60.04 20.92
C GLY A 115 6.80 58.53 20.97
N VAL A 116 7.84 57.77 21.27
CA VAL A 116 7.76 56.32 21.41
C VAL A 116 8.03 55.97 22.87
N THR A 117 7.14 55.17 23.45
CA THR A 117 7.20 54.85 24.86
C THR A 117 7.22 53.33 25.06
N VAL A 118 8.03 52.88 26.01
CA VAL A 118 8.07 51.49 26.43
C VAL A 118 7.37 51.38 27.78
N HIS A 119 6.37 50.50 27.86
CA HIS A 119 5.51 50.43 29.02
C HIS A 119 5.87 49.28 29.97
N ASN A 120 6.85 48.46 29.64
CA ASN A 120 7.31 47.36 30.50
C ASN A 120 8.82 47.38 30.57
N PRO A 121 9.40 48.38 31.25
CA PRO A 121 10.86 48.47 31.32
C PRO A 121 11.52 47.29 32.03
N ASP A 122 10.78 46.55 32.85
CA ASP A 122 11.35 45.46 33.63
C ASP A 122 11.38 44.14 32.88
N MET A 123 10.91 44.10 31.64
CA MET A 123 10.90 42.85 30.88
C MET A 123 12.32 42.37 30.61
N HIS A 124 12.53 41.07 30.77
CA HIS A 124 13.84 40.47 30.55
C HIS A 124 14.04 40.16 29.06
N ILE A 125 15.21 40.51 28.54
CA ILE A 125 15.55 40.31 27.14
C ILE A 125 16.70 39.32 26.99
N ALA A 126 17.81 39.56 27.68
CA ALA A 126 18.98 38.68 27.54
C ALA A 126 19.88 38.86 28.76
N THR A 127 20.94 38.07 28.80
CA THR A 127 21.98 38.18 29.82
C THR A 127 23.34 38.05 29.16
N LEU A 128 24.28 38.88 29.59
CA LEU A 128 25.62 38.95 29.01
C LEU A 128 26.67 38.67 30.08
N ASN A 129 27.70 37.91 29.70
CA ASN A 129 28.81 37.60 30.58
C ASN A 129 29.92 38.63 30.36
N ASP A 130 31.11 38.34 30.89
CA ASP A 130 32.22 39.29 30.80
C ASP A 130 32.49 39.73 29.37
N LYS A 131 32.38 38.82 28.41
CA LYS A 131 32.69 39.11 27.03
C LYS A 131 31.46 39.38 26.17
N GLY A 132 30.28 39.52 26.79
CA GLY A 132 29.08 39.76 26.02
C GLY A 132 28.98 41.21 25.57
N LYS A 133 28.44 41.41 24.38
CA LYS A 133 28.23 42.74 23.83
C LYS A 133 27.05 42.66 22.87
N LEU A 134 25.95 43.35 23.20
CA LEU A 134 24.72 43.28 22.44
C LEU A 134 24.41 44.66 21.86
N GLU A 135 24.10 44.70 20.57
CA GLU A 135 23.76 45.94 19.87
C GLU A 135 22.64 45.62 18.89
N VAL A 136 21.44 46.13 19.16
CA VAL A 136 20.25 45.82 18.38
C VAL A 136 19.56 47.13 18.00
N GLU A 137 18.88 47.12 16.86
CA GLU A 137 17.99 48.20 16.45
C GLU A 137 16.65 47.60 16.03
N LEU A 138 15.56 48.28 16.40
CA LEU A 138 14.21 47.75 16.24
C LEU A 138 13.36 48.77 15.50
N VAL A 139 12.50 48.29 14.61
CA VAL A 139 11.61 49.14 13.84
C VAL A 139 10.20 49.01 14.41
N VAL A 140 9.57 50.13 14.69
CA VAL A 140 8.23 50.18 15.29
C VAL A 140 7.30 50.86 14.31
N GLU A 141 6.10 50.29 14.15
CA GLU A 141 5.10 50.79 13.22
C GLU A 141 3.72 50.67 13.86
N ARG A 142 2.76 51.39 13.27
CA ARG A 142 1.38 51.35 13.70
C ARG A 142 0.60 50.32 12.88
N GLY A 143 -0.41 49.73 13.51
CA GLY A 143 -1.23 48.75 12.82
C GLY A 143 -2.29 48.19 13.75
N ARG A 144 -3.06 47.24 13.21
CA ARG A 144 -4.11 46.59 13.97
C ARG A 144 -4.10 45.10 13.65
N GLY A 145 -4.55 44.29 14.62
CA GLY A 145 -4.61 42.86 14.41
C GLY A 145 -3.24 42.22 14.43
N TYR A 146 -3.14 41.08 13.75
CA TYR A 146 -1.91 40.30 13.67
C TYR A 146 -1.41 40.29 12.24
N VAL A 147 -0.14 40.59 12.04
CA VAL A 147 0.47 40.60 10.71
C VAL A 147 1.71 39.72 10.73
N PRO A 148 1.82 38.72 9.86
CA PRO A 148 3.02 37.88 9.86
C PRO A 148 4.23 38.63 9.32
N ALA A 149 5.39 37.98 9.43
CA ALA A 149 6.62 38.59 8.96
C ALA A 149 6.58 38.81 7.46
N VAL A 150 7.23 39.89 7.02
CA VAL A 150 7.29 40.25 5.61
C VAL A 150 8.69 39.93 5.09
N GLN A 151 8.76 39.20 3.98
CA GLN A 151 10.04 38.78 3.43
C GLN A 151 10.83 39.99 2.94
N ASN A 152 12.16 39.89 3.08
CA ASN A 152 13.02 40.97 2.64
C ASN A 152 12.94 41.17 1.13
N LYS A 153 12.91 40.07 0.37
CA LYS A 153 12.88 40.19 -1.08
C LYS A 153 11.60 40.87 -1.56
N ALA A 154 10.46 40.57 -0.92
CA ALA A 154 9.23 41.27 -1.26
C ALA A 154 9.32 42.74 -0.88
N SER A 155 10.01 43.05 0.22
CA SER A 155 10.22 44.44 0.63
C SER A 155 11.48 45.05 0.04
N GLY A 156 12.30 44.27 -0.65
CA GLY A 156 13.53 44.78 -1.23
C GLY A 156 14.54 45.25 -0.21
N ALA A 157 14.64 44.56 0.93
CA ALA A 157 15.55 44.95 1.99
C ALA A 157 16.94 44.36 1.72
N GLU A 158 17.84 44.49 2.69
CA GLU A 158 19.22 44.04 2.56
C GLU A 158 19.48 42.91 3.54
N ILE A 159 20.35 41.98 3.14
CA ILE A 159 20.67 40.84 3.99
C ILE A 159 21.18 41.34 5.34
N GLY A 160 20.62 40.82 6.42
CA GLY A 160 20.98 41.22 7.75
C GLY A 160 19.78 41.61 8.59
N ARG A 161 18.73 42.10 7.95
CA ARG A 161 17.52 42.49 8.65
C ARG A 161 16.63 41.27 8.88
N ILE A 162 16.15 41.12 10.10
CA ILE A 162 15.34 39.98 10.49
C ILE A 162 13.92 40.44 10.77
N PRO A 163 12.97 40.24 9.86
CA PRO A 163 11.58 40.59 10.15
C PRO A 163 10.99 39.69 11.24
N VAL A 164 10.04 40.24 11.99
CA VAL A 164 9.40 39.54 13.08
C VAL A 164 7.89 39.73 12.97
N ASP A 165 7.16 38.80 13.57
CA ASP A 165 5.70 38.89 13.59
C ASP A 165 5.26 40.03 14.51
N SER A 166 4.22 40.74 14.09
CA SER A 166 3.72 41.91 14.81
C SER A 166 2.33 41.61 15.36
N ILE A 167 2.16 41.79 16.66
CA ILE A 167 0.87 41.69 17.32
C ILE A 167 0.51 43.08 17.81
N TYR A 168 -0.25 43.82 16.98
CA TYR A 168 -0.54 45.22 17.29
C TYR A 168 -1.62 45.37 18.34
N SER A 169 -2.51 44.39 18.49
CA SER A 169 -3.65 44.54 19.37
C SER A 169 -3.22 44.84 20.79
N PRO A 170 -3.66 45.95 21.40
CA PRO A 170 -3.32 46.23 22.79
C PRO A 170 -4.27 45.62 23.82
N VAL A 171 -5.47 45.23 23.41
CA VAL A 171 -6.42 44.63 24.34
C VAL A 171 -5.92 43.25 24.76
N LEU A 172 -6.09 42.94 26.04
CA LEU A 172 -5.61 41.68 26.61
C LEU A 172 -6.73 40.67 26.83
N LYS A 173 -7.78 41.07 27.54
CA LYS A 173 -8.89 40.16 27.82
C LYS A 173 -10.19 40.95 27.88
N VAL A 174 -11.27 40.32 27.47
CA VAL A 174 -12.61 40.92 27.50
C VAL A 174 -13.62 39.84 27.85
N THR A 175 -14.57 40.18 28.72
CA THR A 175 -15.66 39.28 29.07
C THR A 175 -16.89 40.13 29.39
N TYR A 176 -18.03 39.46 29.51
CA TYR A 176 -19.27 40.17 29.80
C TYR A 176 -20.25 39.24 30.51
N LYS A 177 -21.22 39.85 31.19
CA LYS A 177 -22.31 39.13 31.83
C LYS A 177 -23.56 39.98 31.74
N VAL A 178 -24.71 39.33 31.90
CA VAL A 178 -26.01 39.98 31.80
C VAL A 178 -26.84 39.60 33.01
N GLU A 179 -27.47 40.60 33.63
CA GLU A 179 -28.28 40.39 34.82
C GLU A 179 -29.64 41.05 34.65
N ALA A 180 -30.69 40.30 34.95
CA ALA A 180 -32.03 40.85 34.89
C ALA A 180 -32.18 41.98 35.90
N THR A 181 -32.95 43.01 35.54
CA THR A 181 -33.11 44.20 36.36
C THR A 181 -34.59 44.48 36.59
N ARG A 182 -34.89 45.17 37.68
CA ARG A 182 -36.24 45.58 38.02
C ARG A 182 -36.42 47.04 37.67
N VAL A 183 -37.42 47.33 36.84
CA VAL A 183 -37.65 48.65 36.28
C VAL A 183 -39.13 48.97 36.43
N GLU A 184 -39.52 50.18 36.02
CA GLU A 184 -40.91 50.59 36.14
C GLU A 184 -41.85 49.55 35.54
N GLN A 185 -41.52 49.03 34.36
CA GLN A 185 -42.30 47.96 33.73
C GLN A 185 -41.83 46.59 34.22
N ARG A 186 -41.95 46.40 35.54
CA ARG A 186 -41.68 45.12 36.20
C ARG A 186 -40.22 44.74 35.96
N THR A 187 -39.91 43.53 35.47
CA THR A 187 -38.56 43.01 35.54
C THR A 187 -38.07 42.36 34.24
N ASP A 188 -38.69 42.64 33.10
CA ASP A 188 -38.30 41.97 31.86
C ASP A 188 -36.89 42.37 31.43
N PHE A 189 -36.49 43.61 31.67
CA PHE A 189 -35.28 44.15 31.08
C PHE A 189 -34.03 43.60 31.77
N ASP A 190 -32.88 43.80 31.12
CA ASP A 190 -31.61 43.29 31.62
C ASP A 190 -30.52 44.36 31.45
N LYS A 191 -29.46 44.21 32.23
CA LYS A 191 -28.31 45.10 32.19
C LYS A 191 -27.05 44.31 31.86
N LEU A 192 -26.12 44.97 31.17
CA LEU A 192 -24.90 44.33 30.69
C LEU A 192 -23.70 44.89 31.43
N ILE A 193 -22.85 44.00 31.97
CA ILE A 193 -21.62 44.37 32.64
C ILE A 193 -20.48 43.76 31.86
N ILE A 194 -19.64 44.60 31.26
CA ILE A 194 -18.55 44.16 30.39
C ILE A 194 -17.23 44.55 31.04
N ASP A 195 -16.37 43.57 31.25
CA ASP A 195 -15.06 43.78 31.87
C ASP A 195 -13.98 43.71 30.79
N VAL A 196 -13.11 44.73 30.78
CA VAL A 196 -12.06 44.87 29.77
C VAL A 196 -10.74 45.09 30.48
N GLU A 197 -9.71 44.36 30.05
CA GLU A 197 -8.36 44.50 30.58
C GLU A 197 -7.40 44.63 29.42
N THR A 198 -6.56 45.66 29.44
CA THR A 198 -5.65 45.98 28.35
C THR A 198 -4.20 45.77 28.79
N LYS A 199 -3.27 46.12 27.89
CA LYS A 199 -1.85 45.89 28.07
C LYS A 199 -1.09 47.16 28.43
N ASN A 200 -1.78 48.14 29.02
CA ASN A 200 -1.17 49.39 29.48
C ASN A 200 -0.80 50.31 28.33
N SER A 201 -0.94 49.84 27.08
CA SER A 201 -0.72 50.73 25.95
C SER A 201 -1.78 51.83 25.91
N ILE A 202 -3.04 51.46 26.14
CA ILE A 202 -4.14 52.41 26.26
C ILE A 202 -5.02 51.97 27.42
N SER A 203 -5.78 52.92 27.96
CA SER A 203 -6.72 52.61 29.01
C SER A 203 -7.95 51.90 28.43
N PRO A 204 -8.69 51.17 29.27
CA PRO A 204 -9.92 50.54 28.77
C PRO A 204 -10.89 51.53 28.16
N ARG A 205 -10.94 52.75 28.67
CA ARG A 205 -11.84 53.76 28.12
C ARG A 205 -11.53 54.01 26.65
N ASP A 206 -10.24 54.16 26.31
CA ASP A 206 -9.87 54.44 24.92
C ASP A 206 -10.20 53.27 24.01
N ALA A 207 -9.93 52.04 24.46
CA ALA A 207 -10.26 50.88 23.64
C ALA A 207 -11.75 50.77 23.40
N LEU A 208 -12.55 50.98 24.46
CA LEU A 208 -13.99 50.91 24.30
C LEU A 208 -14.50 52.01 23.38
N ALA A 209 -13.93 53.22 23.49
CA ALA A 209 -14.33 54.31 22.60
C ALA A 209 -13.99 53.98 21.15
N SER A 210 -12.81 53.40 20.91
CA SER A 210 -12.44 53.02 19.55
C SER A 210 -13.39 51.97 19.00
N ALA A 211 -13.72 50.96 19.80
CA ALA A 211 -14.66 49.94 19.36
C ALA A 211 -16.03 50.54 19.06
N GLY A 212 -16.49 51.44 19.92
CA GLY A 212 -17.78 52.07 19.69
C GLY A 212 -17.78 52.90 18.43
N GLY A 213 -16.69 53.63 18.17
CA GLY A 213 -16.61 54.40 16.94
C GLY A 213 -16.63 53.52 15.71
N THR A 214 -15.87 52.42 15.74
CA THR A 214 -15.88 51.49 14.61
C THR A 214 -17.28 50.93 14.37
N LEU A 215 -17.95 50.52 15.45
CA LEU A 215 -19.29 49.94 15.31
C LEU A 215 -20.29 50.98 14.81
N VAL A 216 -20.18 52.22 15.26
CA VAL A 216 -21.08 53.27 14.77
C VAL A 216 -20.85 53.50 13.29
N GLU A 217 -19.58 53.58 12.88
CA GLU A 217 -19.30 53.80 11.47
C GLU A 217 -19.80 52.64 10.61
N LEU A 218 -19.73 51.41 11.13
CA LEU A 218 -20.22 50.27 10.35
C LEU A 218 -21.74 50.23 10.29
N PHE A 219 -22.42 50.51 11.41
CA PHE A 219 -23.87 50.49 11.43
C PHE A 219 -24.49 51.70 10.76
N GLY A 220 -23.71 52.73 10.43
CA GLY A 220 -24.24 53.83 9.64
C GLY A 220 -24.70 53.38 8.26
N LEU A 221 -24.27 52.19 7.83
CA LEU A 221 -24.71 51.65 6.55
C LEU A 221 -26.23 51.49 6.50
N ALA A 222 -26.84 51.06 7.61
CA ALA A 222 -28.28 50.91 7.65
C ALA A 222 -28.98 52.26 7.66
N ARG A 223 -28.42 53.25 8.38
CA ARG A 223 -28.99 54.58 8.35
C ARG A 223 -28.90 55.21 6.96
N GLU A 224 -27.91 54.80 6.17
CA GLU A 224 -27.77 55.34 4.82
C GLU A 224 -29.01 55.07 3.97
N LEU A 225 -29.80 54.06 4.32
CA LEU A 225 -31.03 53.78 3.58
C LEU A 225 -32.05 54.91 3.73
N ASN A 226 -31.90 55.76 4.74
CA ASN A 226 -32.84 56.86 4.98
C ASN A 226 -34.27 56.32 5.15
N MET B 1 -7.35 55.05 11.07
CA MET B 1 -6.88 54.31 9.86
C MET B 1 -8.06 53.81 9.05
N LEU B 2 -7.92 53.83 7.73
CA LEU B 2 -9.02 53.51 6.84
C LEU B 2 -9.29 52.01 6.81
N ILE B 3 -10.54 51.65 6.52
CA ILE B 3 -10.90 50.26 6.34
C ILE B 3 -10.31 49.74 5.04
N SER B 4 -10.17 48.42 4.94
CA SER B 4 -9.55 47.83 3.76
C SER B 4 -10.34 48.12 2.49
N GLN B 5 -11.67 48.01 2.55
CA GLN B 5 -12.51 48.24 1.38
C GLN B 5 -13.83 48.83 1.84
N ARG B 6 -14.45 49.61 0.94
CA ARG B 6 -15.70 50.29 1.27
C ARG B 6 -16.87 49.32 1.12
N PRO B 7 -17.60 49.01 2.19
CA PRO B 7 -18.78 48.15 2.05
C PRO B 7 -19.96 48.90 1.46
N THR B 8 -20.88 48.13 0.88
CA THR B 8 -22.07 48.65 0.24
C THR B 8 -23.27 47.77 0.59
N LEU B 9 -24.45 48.38 0.62
CA LEU B 9 -25.70 47.71 0.95
C LEU B 9 -26.63 47.74 -0.25
N SER B 10 -27.22 46.59 -0.57
CA SER B 10 -28.15 46.47 -1.68
C SER B 10 -29.36 45.67 -1.23
N GLU B 11 -30.49 45.86 -1.92
CA GLU B 11 -31.75 45.25 -1.57
C GLU B 11 -32.30 44.44 -2.74
N GLU B 12 -32.97 43.34 -2.41
CA GLU B 12 -33.72 42.53 -3.37
C GLU B 12 -35.09 42.28 -2.79
N THR B 13 -36.13 42.63 -3.56
CA THR B 13 -37.51 42.49 -3.08
C THR B 13 -38.01 41.10 -3.40
N VAL B 14 -37.98 40.21 -2.41
CA VAL B 14 -38.52 38.87 -2.59
C VAL B 14 -40.03 38.91 -2.75
N ALA B 15 -40.70 39.78 -1.99
CA ALA B 15 -42.14 39.93 -2.06
C ALA B 15 -42.49 41.34 -1.64
N GLU B 16 -43.80 41.65 -1.62
CA GLU B 16 -44.24 42.98 -1.25
C GLU B 16 -43.88 43.32 0.19
N ASN B 17 -43.93 42.32 1.08
CA ASN B 17 -43.69 42.52 2.51
C ASN B 17 -42.46 41.75 3.00
N ARG B 18 -41.54 41.42 2.10
CA ARG B 18 -40.33 40.67 2.47
C ARG B 18 -39.19 41.12 1.59
N SER B 19 -38.00 41.27 2.18
CA SER B 19 -36.84 41.79 1.49
C SER B 19 -35.60 41.01 1.90
N ARG B 20 -34.56 41.09 1.07
CA ARG B 20 -33.27 40.48 1.33
C ARG B 20 -32.18 41.50 1.08
N PHE B 21 -31.43 41.84 2.13
CA PHE B 21 -30.41 42.87 2.07
C PHE B 21 -29.02 42.22 2.11
N VAL B 22 -28.16 42.68 1.20
CA VAL B 22 -26.79 42.17 1.09
C VAL B 22 -25.84 43.31 1.39
N ILE B 23 -24.94 43.09 2.35
CA ILE B 23 -23.91 44.05 2.72
C ILE B 23 -22.57 43.40 2.44
N GLU B 24 -21.74 44.05 1.63
CA GLU B 24 -20.48 43.47 1.22
C GLU B 24 -19.61 44.56 0.59
N PRO B 25 -18.28 44.43 0.68
CA PRO B 25 -17.52 43.39 1.38
C PRO B 25 -17.09 43.83 2.78
N LEU B 26 -17.44 43.02 3.79
CA LEU B 26 -17.08 43.31 5.16
C LEU B 26 -15.73 42.70 5.50
N GLU B 27 -15.01 43.34 6.43
CA GLU B 27 -13.72 42.83 6.89
C GLU B 27 -13.93 41.47 7.54
N PRO B 28 -12.94 40.59 7.53
CA PRO B 28 -13.14 39.25 8.09
C PRO B 28 -13.59 39.32 9.54
N GLY B 29 -14.61 38.53 9.87
CA GLY B 29 -15.13 38.45 11.22
C GLY B 29 -16.23 39.42 11.55
N PHE B 30 -16.43 40.46 10.73
CA PHE B 30 -17.45 41.45 11.03
C PHE B 30 -18.84 41.03 10.58
N GLY B 31 -18.94 40.02 9.71
CA GLY B 31 -20.25 39.55 9.31
C GLY B 31 -21.07 39.07 10.47
N TYR B 32 -20.47 38.26 11.35
CA TYR B 32 -21.17 37.79 12.54
C TYR B 32 -21.35 38.90 13.56
N THR B 33 -20.45 39.88 13.56
CA THR B 33 -20.61 41.03 14.43
C THR B 33 -21.87 41.81 14.07
N LEU B 34 -22.14 41.96 12.77
CA LEU B 34 -23.28 42.76 12.34
C LEU B 34 -24.57 41.95 12.34
N GLY B 35 -24.52 40.68 11.95
CA GLY B 35 -25.74 39.95 11.66
C GLY B 35 -26.61 39.73 12.89
N ASN B 36 -26.02 39.21 13.96
CA ASN B 36 -26.81 38.90 15.15
C ASN B 36 -27.38 40.17 15.77
N SER B 37 -26.57 41.22 15.86
CA SER B 37 -27.05 42.49 16.41
C SER B 37 -28.16 43.07 15.56
N LEU B 38 -28.03 43.05 14.23
CA LEU B 38 -29.09 43.55 13.37
C LEU B 38 -30.38 42.76 13.56
N ARG B 39 -30.26 41.43 13.60
CA ARG B 39 -31.43 40.58 13.78
C ARG B 39 -32.15 40.91 15.08
N ARG B 40 -31.40 40.94 16.19
CA ARG B 40 -32.03 41.16 17.49
C ARG B 40 -32.60 42.58 17.60
N THR B 41 -31.89 43.58 17.07
CA THR B 41 -32.43 44.94 17.09
C THR B 41 -33.72 45.02 16.28
N LEU B 42 -33.74 44.40 15.10
CA LEU B 42 -34.94 44.43 14.28
C LEU B 42 -36.10 43.75 15.00
N LEU B 43 -35.84 42.63 15.67
CA LEU B 43 -36.90 41.86 16.28
C LEU B 43 -37.35 42.39 17.65
N SER B 44 -36.57 43.26 18.29
CA SER B 44 -36.94 43.69 19.63
C SER B 44 -36.73 45.18 19.91
N SER B 45 -36.53 46.03 18.90
CA SER B 45 -36.31 47.45 19.14
C SER B 45 -37.37 48.35 18.53
N ILE B 46 -38.00 47.95 17.44
CA ILE B 46 -38.98 48.83 16.77
C ILE B 46 -40.28 48.81 17.56
N PRO B 47 -40.85 49.96 17.92
CA PRO B 47 -42.11 49.96 18.65
C PRO B 47 -43.31 49.65 17.75
N GLY B 48 -44.37 49.18 18.38
CA GLY B 48 -45.58 48.83 17.65
C GLY B 48 -46.73 48.62 18.61
N ALA B 49 -47.90 48.40 18.02
CA ALA B 49 -49.14 48.18 18.77
C ALA B 49 -49.70 46.80 18.45
N ALA B 50 -50.32 46.19 19.46
CA ALA B 50 -50.87 44.86 19.32
C ALA B 50 -52.02 44.68 20.31
N VAL B 51 -52.83 43.65 20.07
CA VAL B 51 -53.95 43.34 20.95
C VAL B 51 -53.41 42.62 22.18
N THR B 52 -53.74 43.14 23.37
CA THR B 52 -53.26 42.58 24.62
C THR B 52 -54.23 41.59 25.26
N SER B 53 -55.54 41.83 25.14
CA SER B 53 -56.53 40.95 25.74
C SER B 53 -57.85 41.17 25.03
N ILE B 54 -58.74 40.18 25.16
CA ILE B 54 -60.07 40.23 24.56
C ILE B 54 -61.09 39.73 25.56
N ARG B 55 -62.33 40.18 25.39
CA ARG B 55 -63.47 39.74 26.18
C ARG B 55 -64.65 39.50 25.25
N ILE B 56 -65.28 38.34 25.40
CA ILE B 56 -66.45 37.95 24.61
C ILE B 56 -67.65 37.90 25.55
N ASP B 57 -68.71 38.60 25.17
CA ASP B 57 -69.90 38.66 26.03
C ASP B 57 -70.53 37.29 26.20
N GLY B 58 -70.55 36.48 25.13
CA GLY B 58 -71.25 35.22 25.17
C GLY B 58 -70.72 34.27 26.23
N VAL B 59 -69.40 34.19 26.37
CA VAL B 59 -68.75 33.22 27.24
C VAL B 59 -68.20 33.93 28.47
N LEU B 60 -68.54 33.44 29.65
CA LEU B 60 -67.99 33.92 30.91
C LEU B 60 -67.02 32.94 31.56
N HIS B 61 -67.22 31.64 31.33
CA HIS B 61 -66.29 30.61 31.80
C HIS B 61 -66.31 29.47 30.79
N GLU B 62 -65.49 28.46 31.06
CA GLU B 62 -65.38 27.29 30.17
C GLU B 62 -65.00 27.72 28.76
N PHE B 63 -63.81 28.31 28.67
CA PHE B 63 -63.34 28.87 27.41
C PHE B 63 -63.02 27.78 26.41
N THR B 64 -64.04 27.06 25.94
CA THR B 64 -63.88 26.01 24.95
C THR B 64 -64.63 26.32 23.66
N THR B 65 -65.93 26.62 23.74
CA THR B 65 -66.75 26.91 22.58
C THR B 65 -67.62 28.11 22.85
N VAL B 66 -67.98 28.81 21.76
CA VAL B 66 -68.83 29.99 21.82
C VAL B 66 -70.08 29.70 21.01
N PRO B 67 -71.28 29.82 21.59
CA PRO B 67 -72.48 29.50 20.83
C PRO B 67 -72.69 30.46 19.66
N GLY B 68 -73.22 29.93 18.57
CA GLY B 68 -73.53 30.71 17.39
C GLY B 68 -72.38 30.87 16.42
N VAL B 69 -71.19 30.37 16.75
CA VAL B 69 -70.02 30.45 15.88
C VAL B 69 -69.36 29.09 15.82
N LYS B 70 -69.01 28.66 14.59
CA LYS B 70 -68.32 27.39 14.43
C LYS B 70 -66.90 27.44 14.99
N GLU B 71 -66.21 28.57 14.82
CA GLU B 71 -64.85 28.70 15.32
C GLU B 71 -64.84 28.70 16.84
N ASP B 72 -63.87 27.98 17.41
CA ASP B 72 -63.71 27.94 18.86
C ASP B 72 -63.03 29.21 19.35
N VAL B 73 -63.06 29.41 20.66
CA VAL B 73 -62.47 30.61 21.25
C VAL B 73 -60.98 30.68 20.91
N THR B 74 -60.30 29.53 20.92
CA THR B 74 -58.89 29.51 20.54
C THR B 74 -58.70 29.95 19.10
N ASP B 75 -59.58 29.52 18.20
CA ASP B 75 -59.49 29.94 16.81
C ASP B 75 -59.70 31.44 16.68
N ILE B 76 -60.65 32.01 17.43
CA ILE B 76 -60.88 33.45 17.38
C ILE B 76 -59.64 34.19 17.91
N ILE B 77 -59.04 33.69 18.98
CA ILE B 77 -57.84 34.33 19.53
C ILE B 77 -56.72 34.30 18.50
N LEU B 78 -56.51 33.15 17.85
CA LEU B 78 -55.46 33.04 16.85
C LEU B 78 -55.71 33.99 15.68
N ASN B 79 -56.97 34.07 15.24
CA ASN B 79 -57.30 34.97 14.14
C ASN B 79 -57.05 36.42 14.53
N LEU B 80 -57.42 36.80 15.75
CA LEU B 80 -57.22 38.18 16.19
C LEU B 80 -55.74 38.50 16.37
N LYS B 81 -54.92 37.50 16.71
CA LYS B 81 -53.49 37.74 16.87
C LYS B 81 -52.85 38.26 15.59
N GLY B 82 -53.44 37.95 14.43
CA GLY B 82 -52.94 38.44 13.16
C GLY B 82 -53.38 39.84 12.79
N LEU B 83 -54.16 40.50 13.64
CA LEU B 83 -54.64 41.85 13.34
C LEU B 83 -53.48 42.83 13.33
N VAL B 84 -53.40 43.64 12.27
CA VAL B 84 -52.36 44.67 12.15
C VAL B 84 -52.98 45.96 12.66
N VAL B 85 -52.57 46.38 13.85
CA VAL B 85 -53.12 47.55 14.52
C VAL B 85 -52.04 48.60 14.67
N SER B 86 -52.40 49.86 14.41
CA SER B 86 -51.53 51.00 14.62
C SER B 86 -52.25 52.02 15.49
N SER B 87 -51.54 52.56 16.47
CA SER B 87 -52.12 53.48 17.43
C SER B 87 -51.20 54.67 17.64
N ASP B 88 -51.78 55.86 17.65
CA ASP B 88 -51.04 57.09 17.96
C ASP B 88 -51.04 57.44 19.43
N ASP B 89 -51.84 56.75 20.24
CA ASP B 89 -51.91 56.99 21.67
C ASP B 89 -51.26 55.82 22.41
N ASP B 90 -50.34 56.14 23.33
CA ASP B 90 -49.64 55.09 24.05
C ASP B 90 -50.51 54.41 25.09
N GLU B 91 -51.37 55.17 25.77
CA GLU B 91 -52.20 54.60 26.82
C GLU B 91 -53.17 53.58 26.22
N PRO B 92 -53.51 52.51 26.95
CA PRO B 92 -54.34 51.46 26.37
C PRO B 92 -55.69 51.99 25.93
N VAL B 93 -56.21 51.41 24.84
CA VAL B 93 -57.52 51.78 24.31
C VAL B 93 -58.34 50.52 24.12
N THR B 94 -59.65 50.70 23.98
CA THR B 94 -60.59 49.59 23.81
C THR B 94 -61.28 49.71 22.47
N MET B 95 -61.40 48.59 21.76
CA MET B 95 -62.09 48.51 20.49
C MET B 95 -63.22 47.50 20.58
N TYR B 96 -64.35 47.83 19.98
CA TYR B 96 -65.56 47.00 20.05
C TYR B 96 -65.91 46.51 18.65
N LEU B 97 -66.20 45.22 18.55
CA LEU B 97 -66.68 44.61 17.32
C LEU B 97 -68.01 43.94 17.60
N ARG B 98 -69.05 44.39 16.90
CA ARG B 98 -70.40 43.85 17.04
C ARG B 98 -70.89 43.37 15.68
N LYS B 99 -71.46 42.17 15.65
CA LYS B 99 -72.08 41.64 14.45
C LYS B 99 -73.22 40.71 14.84
N GLN B 100 -74.27 40.71 14.04
CA GLN B 100 -75.42 39.85 14.28
C GLN B 100 -75.97 39.36 12.96
N GLY B 101 -76.57 38.17 12.99
CA GLY B 101 -77.06 37.53 11.80
C GLY B 101 -76.00 36.67 11.14
N PRO B 102 -76.42 35.76 10.27
CA PRO B 102 -75.46 34.86 9.64
C PRO B 102 -74.50 35.60 8.71
N GLY B 103 -73.28 35.08 8.62
CA GLY B 103 -72.31 35.64 7.69
C GLY B 103 -70.91 35.75 8.25
N VAL B 104 -69.96 36.17 7.41
CA VAL B 104 -68.56 36.26 7.83
C VAL B 104 -68.30 37.64 8.39
N VAL B 105 -67.57 37.69 9.51
CA VAL B 105 -67.13 38.94 10.13
C VAL B 105 -65.62 38.99 10.06
N THR B 106 -65.11 40.10 9.54
CA THR B 106 -63.69 40.28 9.25
C THR B 106 -63.18 41.53 9.95
N ALA B 107 -61.86 41.75 9.84
CA ALA B 107 -61.25 42.94 10.43
C ALA B 107 -61.81 44.22 9.82
N GLY B 108 -62.28 44.18 8.58
CA GLY B 108 -62.87 45.35 7.97
C GLY B 108 -64.20 45.78 8.58
N ASP B 109 -64.82 44.92 9.38
CA ASP B 109 -66.06 45.24 10.06
C ASP B 109 -65.84 45.94 11.39
N ILE B 110 -64.59 46.03 11.86
CA ILE B 110 -64.31 46.72 13.12
C ILE B 110 -64.20 48.22 12.85
N VAL B 111 -64.91 49.01 13.64
CA VAL B 111 -64.82 50.47 13.59
C VAL B 111 -63.87 50.91 14.70
N PRO B 112 -62.67 51.39 14.38
CA PRO B 112 -61.71 51.74 15.43
C PRO B 112 -62.01 53.10 16.03
N PRO B 113 -61.60 53.35 17.28
CA PRO B 113 -61.77 54.68 17.86
C PRO B 113 -60.82 55.69 17.22
N ALA B 114 -60.82 56.92 17.73
CA ALA B 114 -59.96 57.96 17.19
C ALA B 114 -58.49 57.58 17.31
N GLY B 115 -57.74 57.82 16.24
CA GLY B 115 -56.31 57.60 16.28
C GLY B 115 -55.87 56.15 16.19
N VAL B 116 -56.72 55.26 15.71
CA VAL B 116 -56.39 53.84 15.56
C VAL B 116 -56.70 53.43 14.13
N THR B 117 -55.78 52.66 13.53
CA THR B 117 -55.90 52.22 12.15
C THR B 117 -55.74 50.70 12.07
N VAL B 118 -56.48 50.10 11.15
CA VAL B 118 -56.39 48.67 10.86
C VAL B 118 -55.91 48.54 9.42
N HIS B 119 -54.77 47.86 9.23
CA HIS B 119 -54.12 47.79 7.94
C HIS B 119 -54.53 46.59 7.11
N ASN B 120 -55.23 45.61 7.69
CA ASN B 120 -55.65 44.40 6.99
C ASN B 120 -57.13 44.15 7.26
N PRO B 121 -58.01 44.99 6.70
CA PRO B 121 -59.44 44.81 6.96
C PRO B 121 -59.98 43.47 6.47
N ASP B 122 -59.41 42.89 5.42
CA ASP B 122 -59.94 41.67 4.82
C ASP B 122 -59.67 40.42 5.65
N MET B 123 -58.88 40.52 6.71
CA MET B 123 -58.56 39.34 7.51
C MET B 123 -59.84 38.74 8.09
N HIS B 124 -60.08 37.47 7.78
CA HIS B 124 -61.22 36.77 8.35
C HIS B 124 -61.07 36.64 9.86
N ILE B 125 -62.14 36.92 10.59
CA ILE B 125 -62.15 36.81 12.04
C ILE B 125 -63.05 35.67 12.51
N ALA B 126 -64.30 35.65 12.06
CA ALA B 126 -65.23 34.62 12.53
C ALA B 126 -66.37 34.47 11.53
N THR B 127 -67.19 33.45 11.77
CA THR B 127 -68.39 33.18 10.97
C THR B 127 -69.55 32.96 11.92
N LEU B 128 -70.68 33.60 11.61
CA LEU B 128 -71.88 33.53 12.43
C LEU B 128 -72.93 32.67 11.74
N ASN B 129 -73.50 31.73 12.47
CA ASN B 129 -74.55 30.86 11.97
C ASN B 129 -75.88 31.63 11.99
N ASP B 130 -76.99 30.91 11.78
CA ASP B 130 -78.29 31.55 11.76
C ASP B 130 -78.56 32.27 13.08
N LYS B 131 -78.93 33.54 12.99
CA LYS B 131 -79.25 34.37 14.16
C LYS B 131 -78.10 34.42 15.15
N GLY B 132 -76.86 34.35 14.66
CA GLY B 132 -75.71 34.44 15.53
C GLY B 132 -75.42 35.86 15.97
N LYS B 133 -74.75 35.98 17.11
CA LYS B 133 -74.38 37.27 17.66
C LYS B 133 -72.96 37.20 18.20
N LEU B 134 -72.10 38.11 17.75
CA LEU B 134 -70.72 38.21 18.21
C LEU B 134 -70.45 39.63 18.68
N GLU B 135 -70.14 39.77 19.97
CA GLU B 135 -69.77 41.04 20.57
C GLU B 135 -68.48 40.85 21.33
N VAL B 136 -67.39 41.45 20.83
CA VAL B 136 -66.07 41.26 21.40
C VAL B 136 -65.40 42.61 21.61
N GLU B 137 -64.85 42.81 22.80
CA GLU B 137 -64.11 44.03 23.13
C GLU B 137 -62.65 43.66 23.39
N LEU B 138 -61.74 44.33 22.66
CA LEU B 138 -60.33 43.99 22.70
C LEU B 138 -59.51 45.22 23.08
N VAL B 139 -58.46 45.00 23.84
CA VAL B 139 -57.60 46.08 24.34
C VAL B 139 -56.37 46.18 23.45
N VAL B 140 -56.05 47.41 23.05
CA VAL B 140 -54.88 47.69 22.21
C VAL B 140 -53.90 48.52 23.01
N GLU B 141 -52.63 48.14 22.94
CA GLU B 141 -51.55 48.80 23.67
C GLU B 141 -50.31 48.83 22.79
N ARG B 142 -49.36 49.67 23.17
CA ARG B 142 -48.09 49.80 22.45
C ARG B 142 -46.96 49.15 23.24
N GLY B 143 -45.96 48.67 22.51
CA GLY B 143 -44.83 48.03 23.14
C GLY B 143 -43.75 47.70 22.12
N ARG B 144 -42.84 46.82 22.53
CA ARG B 144 -41.75 46.38 21.67
C ARG B 144 -41.60 44.87 21.78
N GLY B 145 -41.18 44.26 20.67
CA GLY B 145 -40.90 42.84 20.66
C GLY B 145 -42.14 41.99 20.90
N TYR B 146 -41.93 40.81 21.44
CA TYR B 146 -42.98 39.85 21.74
C TYR B 146 -43.10 39.70 23.24
N VAL B 147 -44.29 39.93 23.77
CA VAL B 147 -44.55 39.90 25.21
C VAL B 147 -45.60 38.82 25.47
N PRO B 148 -45.30 37.79 26.27
CA PRO B 148 -46.31 36.77 26.57
C PRO B 148 -47.42 37.33 27.45
N ALA B 149 -48.46 36.52 27.60
CA ALA B 149 -49.63 36.94 28.36
C ALA B 149 -49.28 37.16 29.82
N VAL B 150 -49.93 38.14 30.44
CA VAL B 150 -49.73 38.47 31.85
C VAL B 150 -50.89 37.87 32.63
N GLN B 151 -50.57 37.10 33.68
CA GLN B 151 -51.59 36.42 34.47
C GLN B 151 -52.26 37.41 35.42
N ASN B 152 -53.57 37.28 35.59
CA ASN B 152 -54.37 38.17 36.41
C ASN B 152 -54.76 37.52 37.74
N LYS B 153 -53.86 36.74 38.33
CA LYS B 153 -54.17 36.08 39.59
C LYS B 153 -54.60 37.08 40.67
N ALA B 154 -54.02 38.28 40.66
CA ALA B 154 -54.39 39.33 41.59
C ALA B 154 -55.54 40.19 41.10
N SER B 155 -56.06 39.92 39.90
CA SER B 155 -57.18 40.68 39.35
C SER B 155 -58.17 39.76 38.65
N GLY B 156 -58.32 38.53 39.14
CA GLY B 156 -59.21 37.57 38.51
C GLY B 156 -60.68 37.81 38.77
N ALA B 157 -61.01 38.74 39.66
CA ALA B 157 -62.42 39.03 39.93
C ALA B 157 -63.13 39.52 38.67
N GLU B 158 -62.43 40.25 37.81
CA GLU B 158 -63.00 40.74 36.55
C GLU B 158 -63.05 39.55 35.59
N ILE B 159 -64.03 38.68 35.82
CA ILE B 159 -64.17 37.47 35.02
C ILE B 159 -64.53 37.83 33.59
N GLY B 160 -64.11 36.98 32.65
CA GLY B 160 -64.41 37.17 31.25
C GLY B 160 -63.21 37.62 30.44
N ARG B 161 -62.39 38.50 31.02
CA ARG B 161 -61.22 39.01 30.30
C ARG B 161 -60.21 37.90 30.10
N ILE B 162 -59.71 37.77 28.87
CA ILE B 162 -58.75 36.74 28.50
C ILE B 162 -57.49 37.43 28.00
N PRO B 163 -56.35 37.27 28.66
CA PRO B 163 -55.11 37.87 28.16
C PRO B 163 -54.49 37.02 27.06
N VAL B 164 -53.90 37.70 26.07
CA VAL B 164 -53.26 37.04 24.94
C VAL B 164 -51.89 37.66 24.73
N ASP B 165 -50.99 36.88 24.13
CA ASP B 165 -49.65 37.37 23.84
C ASP B 165 -49.70 38.47 22.79
N SER B 166 -48.89 39.51 23.00
CA SER B 166 -48.87 40.68 22.14
C SER B 166 -47.61 40.64 21.26
N ILE B 167 -47.82 40.62 19.94
CA ILE B 167 -46.73 40.74 18.99
C ILE B 167 -46.56 42.21 18.63
N TYR B 168 -45.77 42.94 19.42
CA TYR B 168 -45.59 44.36 19.16
C TYR B 168 -44.65 44.60 17.98
N SER B 169 -43.72 43.70 17.73
CA SER B 169 -42.71 43.92 16.72
C SER B 169 -43.35 44.01 15.34
N PRO B 170 -43.16 45.10 14.59
CA PRO B 170 -43.65 45.13 13.21
C PRO B 170 -43.03 44.06 12.32
N VAL B 171 -41.79 43.68 12.57
CA VAL B 171 -41.11 42.65 11.80
C VAL B 171 -41.39 41.30 12.43
N LEU B 172 -41.66 40.30 11.60
CA LEU B 172 -42.07 38.98 12.06
C LEU B 172 -40.95 37.95 12.04
N LYS B 173 -40.16 37.90 10.98
CA LYS B 173 -39.14 36.87 10.81
C LYS B 173 -37.90 37.49 10.19
N VAL B 174 -36.74 37.20 10.77
CA VAL B 174 -35.46 37.69 10.27
C VAL B 174 -34.45 36.55 10.33
N THR B 175 -33.66 36.38 9.27
CA THR B 175 -32.63 35.36 9.25
C THR B 175 -31.40 35.89 8.52
N TYR B 176 -30.23 35.65 9.09
CA TYR B 176 -28.98 36.17 8.54
C TYR B 176 -28.02 35.03 8.23
N LYS B 177 -27.21 35.22 7.20
CA LYS B 177 -26.19 34.27 6.79
C LYS B 177 -24.93 35.02 6.37
N VAL B 178 -23.79 34.36 6.49
CA VAL B 178 -22.49 34.94 6.17
C VAL B 178 -21.84 34.10 5.08
N GLU B 179 -21.32 34.77 4.04
CA GLU B 179 -20.70 34.12 2.90
C GLU B 179 -19.26 34.58 2.76
N ALA B 180 -18.40 33.68 2.30
CA ALA B 180 -17.02 34.06 2.01
C ALA B 180 -16.93 34.69 0.63
N THR B 181 -16.24 35.84 0.57
CA THR B 181 -16.07 36.57 -0.68
C THR B 181 -14.61 36.96 -0.83
N ARG B 182 -14.19 37.09 -2.08
CA ARG B 182 -12.81 37.36 -2.44
C ARG B 182 -12.66 38.82 -2.88
N VAL B 183 -11.70 39.51 -2.26
CA VAL B 183 -11.30 40.85 -2.67
C VAL B 183 -9.82 40.78 -3.05
N GLU B 184 -9.51 41.21 -4.27
CA GLU B 184 -8.16 41.09 -4.83
C GLU B 184 -7.82 39.59 -4.80
N GLN B 185 -6.70 39.18 -4.22
CA GLN B 185 -6.32 37.77 -4.13
C GLN B 185 -6.62 37.19 -2.76
N ARG B 186 -7.33 37.91 -1.90
CA ARG B 186 -7.64 37.46 -0.54
C ARG B 186 -9.08 36.97 -0.51
N THR B 187 -9.28 35.72 -0.08
CA THR B 187 -10.56 35.05 -0.16
C THR B 187 -11.24 34.91 1.19
N ASP B 188 -11.05 35.86 2.11
CA ASP B 188 -11.56 35.72 3.46
C ASP B 188 -12.46 36.88 3.87
N PHE B 189 -13.00 37.64 2.92
CA PHE B 189 -13.91 38.72 3.29
C PHE B 189 -15.30 38.16 3.55
N ASP B 190 -16.10 38.92 4.30
CA ASP B 190 -17.41 38.49 4.73
C ASP B 190 -18.51 39.27 4.02
N LYS B 191 -19.51 38.54 3.53
CA LYS B 191 -20.71 39.11 2.95
C LYS B 191 -21.89 38.72 3.83
N LEU B 192 -22.70 39.71 4.23
CA LEU B 192 -23.81 39.48 5.16
C LEU B 192 -25.12 39.59 4.39
N ILE B 193 -25.90 38.52 4.41
CA ILE B 193 -27.20 38.48 3.74
C ILE B 193 -28.26 38.30 4.82
N ILE B 194 -29.18 39.26 4.92
CA ILE B 194 -30.23 39.24 5.93
C ILE B 194 -31.58 39.34 5.26
N ASP B 195 -32.45 38.38 5.55
CA ASP B 195 -33.80 38.32 4.99
C ASP B 195 -34.78 38.73 6.08
N VAL B 196 -35.62 39.71 5.77
CA VAL B 196 -36.54 40.32 6.73
C VAL B 196 -37.95 40.22 6.17
N GLU B 197 -38.87 39.67 6.97
CA GLU B 197 -40.29 39.68 6.65
C GLU B 197 -41.01 40.56 7.66
N THR B 198 -41.92 41.40 7.17
CA THR B 198 -42.51 42.46 7.98
C THR B 198 -44.03 42.47 7.82
N LYS B 199 -44.71 42.99 8.84
CA LYS B 199 -46.14 43.19 8.77
C LYS B 199 -46.48 44.18 7.67
N ASN B 200 -47.78 44.30 7.38
CA ASN B 200 -48.25 45.21 6.34
C ASN B 200 -48.13 46.67 6.74
N SER B 201 -47.84 46.97 8.01
CA SER B 201 -47.83 48.35 8.49
C SER B 201 -46.55 49.10 8.15
N ILE B 202 -45.46 48.41 7.80
CA ILE B 202 -44.19 49.07 7.54
C ILE B 202 -43.39 48.21 6.57
N SER B 203 -42.61 48.87 5.73
CA SER B 203 -41.76 48.19 4.75
C SER B 203 -40.49 47.68 5.42
N PRO B 204 -39.89 46.60 4.89
CA PRO B 204 -38.64 46.09 5.48
C PRO B 204 -37.52 47.11 5.49
N ARG B 205 -37.40 47.94 4.46
CA ARG B 205 -36.32 48.93 4.41
C ARG B 205 -36.44 49.96 5.53
N ASP B 206 -37.65 50.43 5.81
CA ASP B 206 -37.82 51.37 6.92
C ASP B 206 -37.47 50.72 8.25
N ALA B 207 -37.85 49.45 8.45
CA ALA B 207 -37.49 48.76 9.68
C ALA B 207 -35.97 48.62 9.81
N LEU B 208 -35.30 48.31 8.70
CA LEU B 208 -33.84 48.22 8.74
C LEU B 208 -33.21 49.56 9.06
N ALA B 209 -33.75 50.64 8.50
CA ALA B 209 -33.24 51.98 8.81
C ALA B 209 -33.43 52.30 10.29
N SER B 210 -34.59 51.96 10.84
CA SER B 210 -34.83 52.22 12.26
C SER B 210 -33.88 51.41 13.14
N ALA B 211 -33.66 50.14 12.80
CA ALA B 211 -32.73 49.32 13.56
C ALA B 211 -31.32 49.88 13.48
N GLY B 212 -30.92 50.33 12.29
CA GLY B 212 -29.61 50.95 12.16
C GLY B 212 -29.47 52.20 13.00
N GLY B 213 -30.51 53.04 13.02
CA GLY B 213 -30.47 54.22 13.88
C GLY B 213 -30.35 53.86 15.35
N THR B 214 -31.11 52.86 15.79
CA THR B 214 -31.04 52.44 17.18
C THR B 214 -29.64 51.94 17.53
N LEU B 215 -29.05 51.11 16.65
CA LEU B 215 -27.70 50.61 16.92
C LEU B 215 -26.69 51.74 16.92
N VAL B 216 -26.81 52.68 15.99
CA VAL B 216 -25.86 53.79 15.93
C VAL B 216 -25.92 54.61 17.21
N GLU B 217 -27.13 54.91 17.69
CA GLU B 217 -27.25 55.62 18.96
C GLU B 217 -26.68 54.82 20.12
N LEU B 218 -26.98 53.52 20.18
CA LEU B 218 -26.55 52.70 21.30
C LEU B 218 -25.03 52.55 21.35
N PHE B 219 -24.35 52.61 20.19
CA PHE B 219 -22.90 52.51 20.18
C PHE B 219 -22.21 53.86 20.23
N GLY B 220 -22.88 54.94 19.81
CA GLY B 220 -22.40 56.26 20.18
C GLY B 220 -22.44 56.48 21.68
N LEU B 221 -23.37 55.83 22.36
CA LEU B 221 -23.37 55.85 23.82
C LEU B 221 -22.02 55.42 24.38
N ALA B 222 -21.35 54.49 23.71
CA ALA B 222 -20.02 54.07 24.12
C ALA B 222 -18.92 54.93 23.52
N ARG B 223 -19.10 55.37 22.27
CA ARG B 223 -18.10 56.22 21.64
C ARG B 223 -17.89 57.51 22.42
N GLU B 224 -18.93 58.02 23.06
CA GLU B 224 -18.84 59.33 23.72
C GLU B 224 -17.82 59.33 24.85
N LEU B 225 -17.39 58.16 25.34
CA LEU B 225 -16.36 58.14 26.36
C LEU B 225 -15.11 58.86 25.92
N ASN B 226 -14.70 58.68 24.66
CA ASN B 226 -13.57 59.40 24.08
C ASN B 226 -13.88 59.69 22.62
N ALA B 227 -14.34 60.91 22.33
CA ALA B 227 -14.89 61.21 21.02
C ALA B 227 -13.85 61.05 19.92
N ASP B 228 -12.60 61.45 20.17
CA ASP B 228 -11.56 61.44 19.16
C ASP B 228 -10.63 60.25 19.27
N SER B 229 -11.13 59.10 19.72
CA SER B 229 -10.32 57.89 19.78
C SER B 229 -10.09 57.34 18.37
N GLU B 230 -9.04 56.54 18.23
CA GLU B 230 -8.65 55.99 16.93
C GLU B 230 -9.53 54.80 16.57
N HIS B 231 -10.60 55.05 15.83
CA HIS B 231 -11.48 54.01 15.32
C HIS B 231 -11.20 53.74 13.85
N ILE B 232 -11.76 52.63 13.36
CA ILE B 232 -11.58 52.24 11.96
C ILE B 232 -12.56 53.05 11.12
N GLU B 233 -12.04 54.04 10.40
CA GLU B 233 -12.88 54.90 9.59
C GLU B 233 -13.44 54.14 8.40
N ILE B 234 -14.75 54.28 8.16
CA ILE B 234 -15.38 53.62 7.02
C ILE B 234 -14.91 54.22 5.70
N GLY B 235 -14.70 55.53 5.65
CA GLY B 235 -14.27 56.19 4.44
C GLY B 235 -15.43 56.75 3.63
N ASN C 21 18.87 9.19 45.19
CA ASN C 21 17.47 9.56 44.95
C ASN C 21 17.31 10.16 43.55
N SER C 22 16.91 9.30 42.61
CA SER C 22 16.67 9.72 41.23
C SER C 22 17.79 10.61 40.72
N VAL C 23 17.46 11.84 40.29
CA VAL C 23 18.42 12.73 39.65
C VAL C 23 18.75 13.85 40.64
N PRO C 24 20.00 14.34 40.68
CA PRO C 24 20.34 15.37 41.67
C PRO C 24 19.46 16.62 41.61
N GLY C 25 19.09 17.07 40.41
CA GLY C 25 18.34 18.31 40.27
C GLY C 25 17.01 18.14 39.57
N ALA C 26 16.35 17.01 39.77
CA ALA C 26 15.08 16.77 39.11
C ALA C 26 14.04 17.79 39.60
N PRO C 27 13.18 18.30 38.71
CA PRO C 27 12.08 19.14 39.17
C PRO C 27 11.12 18.37 40.05
N ASN C 28 10.49 19.10 40.99
CA ASN C 28 9.58 18.48 41.95
C ASN C 28 8.23 18.28 41.27
N ARG C 29 7.95 17.04 40.89
CA ARG C 29 6.67 16.65 40.29
C ARG C 29 5.99 15.68 41.26
N VAL C 30 4.93 16.14 41.93
CA VAL C 30 4.25 15.32 42.91
C VAL C 30 3.66 14.10 42.22
N SER C 31 3.74 12.95 42.89
CA SER C 31 3.34 11.66 42.32
C SER C 31 2.16 11.10 43.08
N PHE C 32 1.23 10.49 42.34
CA PHE C 32 0.10 9.77 42.94
C PHE C 32 0.47 8.36 43.35
N ALA C 33 1.73 7.96 43.15
CA ALA C 33 2.14 6.59 43.43
C ALA C 33 1.83 6.22 44.88
N LYS C 34 1.29 5.01 45.05
CA LYS C 34 1.00 4.47 46.37
C LYS C 34 1.92 3.33 46.78
N LEU C 35 2.60 2.71 45.82
CA LEU C 35 3.54 1.62 46.10
C LEU C 35 4.97 2.14 46.00
N ARG C 36 5.78 1.83 47.00
CA ARG C 36 7.18 2.23 46.99
C ARG C 36 7.98 1.32 46.07
N GLU C 37 8.94 1.91 45.35
CA GLU C 37 9.72 1.16 44.37
C GLU C 37 10.89 0.47 45.06
N PRO C 38 10.97 -0.86 45.02
CA PRO C 38 12.14 -1.54 45.61
C PRO C 38 13.37 -1.53 44.72
N LEU C 39 13.21 -1.26 43.42
CA LEU C 39 14.32 -1.27 42.48
C LEU C 39 14.15 -0.13 41.50
N GLU C 40 15.26 0.55 41.18
CA GLU C 40 15.22 1.66 40.24
C GLU C 40 15.35 1.15 38.81
N VAL C 41 14.90 1.98 37.87
CA VAL C 41 14.99 1.64 36.45
C VAL C 41 16.46 1.61 36.04
N PRO C 42 16.95 0.55 35.41
CA PRO C 42 18.36 0.51 35.01
C PRO C 42 18.61 1.38 33.79
N GLY C 43 19.89 1.51 33.44
CA GLY C 43 20.26 2.25 32.26
C GLY C 43 19.59 1.71 31.02
N LEU C 44 18.91 2.58 30.27
CA LEU C 44 18.13 2.13 29.13
C LEU C 44 18.98 1.84 27.90
N LEU C 45 20.24 2.28 27.87
CA LEU C 45 21.16 2.01 26.77
C LEU C 45 22.11 0.87 27.07
N ASP C 46 21.94 0.16 28.19
CA ASP C 46 22.87 -0.89 28.56
C ASP C 46 22.88 -2.02 27.53
N VAL C 47 21.72 -2.30 26.92
CA VAL C 47 21.64 -3.42 25.98
C VAL C 47 22.66 -3.28 24.85
N GLN C 48 23.07 -2.04 24.56
CA GLN C 48 24.07 -1.79 23.53
C GLN C 48 25.47 -1.69 24.12
N THR C 49 25.64 -0.85 25.13
CA THR C 49 26.97 -0.56 25.66
C THR C 49 27.59 -1.79 26.30
N ASP C 50 26.82 -2.53 27.09
CA ASP C 50 27.37 -3.71 27.75
C ASP C 50 27.80 -4.75 26.72
N SER C 51 26.99 -4.97 25.70
CA SER C 51 27.35 -5.93 24.66
C SER C 51 28.61 -5.51 23.92
N PHE C 52 28.70 -4.23 23.55
CA PHE C 52 29.89 -3.78 22.84
C PHE C 52 31.13 -3.86 23.72
N GLU C 53 31.02 -3.51 25.00
CA GLU C 53 32.16 -3.63 25.90
C GLU C 53 32.58 -5.08 26.07
N TRP C 54 31.62 -6.01 26.06
CA TRP C 54 31.96 -7.42 26.06
C TRP C 54 32.73 -7.78 24.80
N LEU C 55 32.31 -7.25 23.65
CA LEU C 55 32.97 -7.58 22.40
C LEU C 55 34.44 -7.16 22.43
N VAL C 56 34.72 -5.95 22.90
CA VAL C 56 36.09 -5.44 22.89
C VAL C 56 36.86 -5.80 24.15
N GLY C 57 36.25 -6.54 25.08
CA GLY C 57 36.94 -6.94 26.28
C GLY C 57 37.36 -5.77 27.16
N SER C 58 36.45 -4.83 27.38
CA SER C 58 36.76 -3.68 28.21
C SER C 58 37.08 -4.12 29.63
N ASP C 59 37.94 -3.35 30.30
CA ASP C 59 38.37 -3.71 31.64
C ASP C 59 37.20 -3.75 32.62
N ARG C 60 36.29 -2.78 32.53
CA ARG C 60 35.15 -2.77 33.43
C ARG C 60 34.24 -3.97 33.19
N TRP C 61 34.10 -4.39 31.93
CA TRP C 61 33.34 -5.60 31.64
C TRP C 61 33.97 -6.81 32.30
N ARG C 62 35.31 -6.92 32.22
CA ARG C 62 35.99 -8.04 32.87
C ARG C 62 35.80 -8.01 34.38
N GLN C 63 35.88 -6.82 34.97
CA GLN C 63 35.66 -6.71 36.41
C GLN C 63 34.24 -7.13 36.79
N ALA C 64 33.25 -6.69 35.99
CA ALA C 64 31.87 -7.06 36.27
C ALA C 64 31.67 -8.57 36.14
N ALA C 65 32.28 -9.18 35.11
CA ALA C 65 32.16 -10.63 34.94
C ALA C 65 32.82 -11.36 36.10
N ILE C 66 33.97 -10.87 36.57
CA ILE C 66 34.61 -11.48 37.72
C ILE C 66 33.72 -11.37 38.95
N ASP C 67 33.03 -10.23 39.09
CA ASP C 67 32.14 -10.05 40.23
C ASP C 67 31.07 -11.13 40.28
N ARG C 68 30.64 -11.62 39.12
CA ARG C 68 29.66 -12.70 39.06
C ARG C 68 30.25 -14.07 39.39
N GLY C 69 31.58 -14.17 39.49
CA GLY C 69 32.22 -15.44 39.78
C GLY C 69 32.58 -16.22 38.52
N GLU C 70 33.26 -15.56 37.59
CA GLU C 70 33.65 -16.17 36.32
C GLU C 70 35.13 -16.51 36.36
N GLU C 71 35.47 -17.73 35.97
CA GLU C 71 36.86 -18.20 35.95
C GLU C 71 37.45 -17.88 34.58
N ASN C 72 38.41 -16.96 34.53
CA ASN C 72 39.10 -16.60 33.30
C ASN C 72 38.10 -16.18 32.22
N PRO C 73 37.41 -15.06 32.40
CA PRO C 73 36.49 -14.59 31.35
C PRO C 73 37.24 -14.23 30.08
N VAL C 74 36.55 -14.41 28.95
CA VAL C 74 37.13 -14.17 27.63
C VAL C 74 36.15 -13.33 26.83
N GLY C 75 36.68 -12.32 26.12
CA GLY C 75 35.86 -11.47 25.29
C GLY C 75 35.55 -12.08 23.94
N GLY C 76 34.75 -11.36 23.16
CA GLY C 76 34.38 -11.85 21.84
C GLY C 76 35.55 -11.91 20.89
N LEU C 77 36.33 -10.83 20.81
CA LEU C 77 37.49 -10.81 19.94
C LEU C 77 38.48 -11.89 20.33
N GLU C 78 38.73 -12.02 21.64
CA GLU C 78 39.64 -13.05 22.13
C GLU C 78 39.12 -14.43 21.78
N GLU C 79 37.81 -14.65 21.93
CA GLU C 79 37.24 -15.95 21.62
C GLU C 79 37.41 -16.29 20.14
N VAL C 80 37.13 -15.34 19.26
CA VAL C 80 37.27 -15.61 17.83
C VAL C 80 38.73 -15.85 17.46
N LEU C 81 39.65 -15.06 18.02
CA LEU C 81 41.06 -15.26 17.72
C LEU C 81 41.53 -16.62 18.22
N ALA C 82 41.08 -17.04 19.40
CA ALA C 82 41.45 -18.34 19.95
C ALA C 82 40.89 -19.49 19.13
N GLU C 83 39.65 -19.37 18.64
CA GLU C 83 39.11 -20.42 17.78
C GLU C 83 39.79 -20.45 16.42
N LEU C 84 40.25 -19.31 15.92
CA LEU C 84 40.99 -19.29 14.67
C LEU C 84 42.35 -19.98 14.83
N SER C 85 43.08 -19.62 15.87
CA SER C 85 44.42 -20.17 16.07
C SER C 85 44.35 -21.62 16.52
N PRO C 86 45.34 -22.46 16.18
CA PRO C 86 46.48 -22.17 15.32
C PRO C 86 46.26 -22.60 13.87
N ILE C 87 46.62 -21.73 12.92
CA ILE C 87 46.54 -22.06 11.50
C ILE C 87 47.75 -22.90 11.14
N GLU C 88 47.51 -24.01 10.44
CA GLU C 88 48.56 -24.96 10.09
C GLU C 88 48.46 -25.29 8.61
N ASP C 89 49.57 -25.80 8.07
CA ASP C 89 49.70 -26.07 6.64
C ASP C 89 49.39 -27.52 6.28
N PHE C 90 48.58 -28.22 7.07
CA PHE C 90 48.21 -29.61 6.84
C PHE C 90 49.41 -30.54 6.86
N SER C 91 50.55 -30.09 7.40
CA SER C 91 51.74 -30.93 7.50
C SER C 91 52.33 -30.97 8.90
N GLY C 92 51.96 -30.05 9.78
CA GLY C 92 52.50 -30.01 11.13
C GLY C 92 53.88 -29.42 11.25
N SER C 93 54.41 -28.82 10.18
CA SER C 93 55.76 -28.28 10.20
C SER C 93 55.81 -26.83 10.69
N MET C 94 54.73 -26.07 10.55
CA MET C 94 54.73 -24.68 10.95
C MET C 94 53.31 -24.28 11.33
N SER C 95 53.22 -23.22 12.15
CA SER C 95 51.96 -22.78 12.72
C SER C 95 51.94 -21.27 12.86
N LEU C 96 50.75 -20.68 12.72
CA LEU C 96 50.52 -19.26 12.90
C LEU C 96 49.45 -19.05 13.95
N SER C 97 49.71 -18.14 14.89
CA SER C 97 48.80 -17.90 16.02
C SER C 97 48.59 -16.42 16.23
N PHE C 98 47.44 -16.08 16.81
CA PHE C 98 47.08 -14.70 17.14
C PHE C 98 46.72 -14.63 18.62
N SER C 99 46.97 -13.48 19.24
CA SER C 99 46.62 -13.32 20.64
C SER C 99 46.56 -11.85 21.00
N ASP C 100 45.96 -11.58 22.16
CA ASP C 100 45.97 -10.28 22.84
C ASP C 100 45.65 -9.13 21.90
N PRO C 101 44.40 -8.99 21.46
CA PRO C 101 44.02 -7.77 20.72
C PRO C 101 44.02 -6.56 21.63
N ARG C 102 44.30 -5.39 21.04
CA ARG C 102 44.38 -4.16 21.82
C ARG C 102 44.01 -2.98 20.94
N PHE C 103 43.57 -1.90 21.60
CA PHE C 103 43.22 -0.64 20.94
C PHE C 103 44.03 0.49 21.56
N ASP C 104 44.65 1.31 20.71
CA ASP C 104 45.47 2.40 21.22
C ASP C 104 44.64 3.62 21.57
N GLU C 105 44.01 4.24 20.57
CA GLU C 105 43.25 5.46 20.77
C GLU C 105 42.33 5.67 19.58
N VAL C 106 41.36 6.57 19.75
CA VAL C 106 40.43 6.90 18.68
C VAL C 106 41.04 7.97 17.78
N LYS C 107 40.85 7.81 16.48
CA LYS C 107 41.49 8.72 15.52
C LYS C 107 40.99 10.14 15.67
N ALA C 108 39.68 10.33 15.81
CA ALA C 108 39.11 11.67 15.82
C ALA C 108 37.86 11.69 16.70
N SER C 109 37.44 12.91 17.06
CA SER C 109 36.31 13.08 17.95
C SER C 109 34.99 12.83 17.21
N VAL C 110 33.91 12.79 17.99
CA VAL C 110 32.60 12.46 17.43
C VAL C 110 32.16 13.53 16.43
N ASP C 111 32.21 14.79 16.84
CA ASP C 111 31.74 15.87 15.98
C ASP C 111 32.64 16.05 14.76
N GLU C 112 33.95 15.89 14.92
CA GLU C 112 34.85 15.98 13.79
C GLU C 112 34.55 14.89 12.76
N CYS C 113 34.31 13.67 13.23
CA CYS C 113 33.93 12.59 12.31
C CYS C 113 32.60 12.90 11.64
N LYS C 114 31.64 13.45 12.40
CA LYS C 114 30.32 13.73 11.84
C LYS C 114 30.38 14.81 10.76
N ASP C 115 31.20 15.85 10.96
CA ASP C 115 31.25 16.96 10.00
C ASP C 115 32.21 16.73 8.85
N LYS C 116 33.28 15.96 9.06
CA LYS C 116 34.22 15.65 7.98
C LYS C 116 33.79 14.46 7.14
N ASP C 117 32.68 13.79 7.48
CA ASP C 117 32.16 12.68 6.70
C ASP C 117 33.13 11.49 6.73
N MET C 118 33.60 11.15 7.93
CA MET C 118 34.54 10.05 8.12
C MET C 118 34.09 9.20 9.30
N THR C 119 34.49 7.93 9.27
CA THR C 119 34.02 6.96 10.24
C THR C 119 34.71 7.14 11.58
N TYR C 120 33.96 6.94 12.66
CA TYR C 120 34.50 7.02 14.01
C TYR C 120 35.00 5.63 14.41
N ALA C 121 36.32 5.46 14.39
CA ALA C 121 36.92 4.13 14.55
C ALA C 121 38.26 4.25 15.24
N ALA C 122 38.77 3.10 15.70
CA ALA C 122 40.07 3.02 16.35
C ALA C 122 40.87 1.87 15.75
N PRO C 123 42.19 1.95 15.79
CA PRO C 123 43.00 0.87 15.20
C PRO C 123 43.01 -0.37 16.08
N LEU C 124 43.10 -1.53 15.43
CA LEU C 124 43.15 -2.81 16.13
C LEU C 124 44.52 -3.44 15.97
N PHE C 125 45.13 -3.81 17.08
CA PHE C 125 46.45 -4.43 17.10
C PHE C 125 46.38 -5.77 17.81
N VAL C 126 46.94 -6.80 17.18
CA VAL C 126 46.98 -8.15 17.73
C VAL C 126 48.42 -8.65 17.63
N THR C 127 48.86 -9.37 18.65
CA THR C 127 50.21 -9.95 18.63
C THR C 127 50.14 -11.30 17.92
N ALA C 128 50.83 -11.40 16.80
CA ALA C 128 50.90 -12.63 16.02
C ALA C 128 52.21 -13.36 16.31
N GLU C 129 52.16 -14.67 16.17
CA GLU C 129 53.31 -15.54 16.44
C GLU C 129 53.40 -16.58 15.34
N PHE C 130 54.64 -16.91 14.95
CA PHE C 130 54.90 -17.90 13.91
C PHE C 130 55.92 -18.89 14.44
N ILE C 131 55.62 -20.18 14.24
CA ILE C 131 56.40 -21.29 14.78
C ILE C 131 56.78 -22.21 13.63
N ASN C 132 58.04 -22.67 13.65
CA ASN C 132 58.52 -23.69 12.72
C ASN C 132 59.03 -24.87 13.53
N ASN C 133 58.45 -26.04 13.32
CA ASN C 133 58.80 -27.21 14.13
C ASN C 133 60.18 -27.75 13.81
N ASN C 134 60.60 -27.68 12.54
CA ASN C 134 61.84 -28.30 12.12
C ASN C 134 63.09 -27.59 12.66
N THR C 135 62.95 -26.36 13.14
CA THR C 135 64.09 -25.61 13.68
C THR C 135 63.85 -24.97 15.03
N GLY C 136 62.59 -24.75 15.43
CA GLY C 136 62.29 -24.21 16.74
C GLY C 136 62.38 -22.70 16.87
N GLU C 137 62.74 -22.00 15.80
CA GLU C 137 62.79 -20.55 15.85
C GLU C 137 61.37 -19.99 15.76
N ILE C 138 61.03 -19.08 16.66
CA ILE C 138 59.69 -18.53 16.77
C ILE C 138 59.76 -17.01 16.67
N LYS C 139 58.83 -16.42 15.94
CA LYS C 139 58.82 -14.98 15.69
C LYS C 139 57.47 -14.41 16.13
N SER C 140 57.50 -13.46 17.07
CA SER C 140 56.29 -12.87 17.62
C SER C 140 56.38 -11.36 17.60
N GLN C 141 55.31 -10.71 17.15
CA GLN C 141 55.28 -9.26 17.13
C GLN C 141 53.86 -8.77 16.88
N THR C 142 53.64 -7.48 17.10
CA THR C 142 52.33 -6.86 16.90
C THR C 142 52.09 -6.65 15.41
N VAL C 143 50.85 -6.88 14.98
CA VAL C 143 50.45 -6.74 13.57
C VAL C 143 49.23 -5.84 13.51
N PHE C 144 49.22 -4.94 12.54
CA PHE C 144 48.07 -4.06 12.31
C PHE C 144 46.95 -4.86 11.65
N MET C 145 45.74 -4.80 12.22
CA MET C 145 44.60 -5.56 11.73
C MET C 145 43.54 -4.70 11.06
N GLY C 146 43.57 -3.38 11.24
CA GLY C 146 42.61 -2.52 10.58
C GLY C 146 41.91 -1.54 11.50
N ASP C 147 41.19 -0.59 10.89
CA ASP C 147 40.38 0.36 11.66
C ASP C 147 39.04 -0.27 11.96
N PHE C 148 38.71 -0.37 13.24
CA PHE C 148 37.48 -0.99 13.71
C PHE C 148 36.54 0.09 14.20
N PRO C 149 35.30 0.17 13.72
CA PRO C 149 34.36 1.17 14.23
C PRO C 149 34.11 0.96 15.72
N MET C 150 33.94 2.06 16.44
CA MET C 150 33.74 2.05 17.89
C MET C 150 32.39 2.64 18.24
N MET C 151 31.80 2.13 19.31
CA MET C 151 30.53 2.63 19.80
C MET C 151 30.71 3.96 20.52
N THR C 152 29.88 4.94 20.19
CA THR C 152 29.92 6.21 20.88
C THR C 152 29.32 6.07 22.28
N GLU C 153 29.40 7.15 23.05
CA GLU C 153 28.88 7.13 24.41
C GLU C 153 27.37 6.90 24.45
N LYS C 154 26.67 7.15 23.35
CA LYS C 154 25.21 7.04 23.30
C LYS C 154 24.74 5.74 22.68
N GLY C 155 25.65 4.80 22.41
CA GLY C 155 25.25 3.52 21.85
C GLY C 155 25.01 3.52 20.36
N THR C 156 25.66 4.41 19.62
CA THR C 156 25.49 4.50 18.17
C THR C 156 26.86 4.42 17.50
N PHE C 157 26.84 4.28 16.18
CA PHE C 157 28.05 4.27 15.36
C PHE C 157 28.01 5.46 14.41
N ILE C 158 29.18 5.95 14.04
CA ILE C 158 29.31 6.97 13.00
C ILE C 158 30.02 6.31 11.81
N ILE C 159 29.27 6.12 10.72
CA ILE C 159 29.79 5.49 9.51
C ILE C 159 29.66 6.50 8.38
N ASN C 160 30.79 6.84 7.76
CA ASN C 160 30.81 7.81 6.67
C ASN C 160 30.07 9.09 7.07
N GLY C 161 30.21 9.48 8.34
CA GLY C 161 29.59 10.68 8.84
C GLY C 161 28.18 10.53 9.36
N THR C 162 27.42 9.56 8.86
CA THR C 162 26.04 9.40 9.30
C THR C 162 25.97 8.50 10.53
N GLU C 163 24.95 8.72 11.34
CA GLU C 163 24.78 8.01 12.60
C GLU C 163 23.88 6.80 12.37
N ARG C 164 24.36 5.63 12.79
CA ARG C 164 23.69 4.36 12.59
C ARG C 164 23.50 3.66 13.92
N VAL C 165 22.50 2.79 13.96
CA VAL C 165 22.20 1.99 15.14
C VAL C 165 21.98 0.55 14.70
N VAL C 166 22.49 -0.39 15.51
CA VAL C 166 22.37 -1.81 15.25
C VAL C 166 21.42 -2.39 16.30
N VAL C 167 20.35 -3.02 15.82
CA VAL C 167 19.32 -3.55 16.71
C VAL C 167 19.58 -5.02 16.99
N SER C 168 19.13 -5.47 18.16
CA SER C 168 19.24 -6.88 18.52
C SER C 168 18.26 -7.71 17.71
N GLN C 169 18.69 -8.90 17.30
CA GLN C 169 17.89 -9.76 16.45
C GLN C 169 17.43 -10.99 17.24
N LEU C 170 16.13 -11.24 17.24
CA LEU C 170 15.58 -12.45 17.86
C LEU C 170 15.76 -13.63 16.92
N VAL C 171 16.20 -14.75 17.46
CA VAL C 171 16.49 -15.94 16.67
C VAL C 171 16.20 -17.19 17.50
N ARG C 172 15.94 -18.29 16.79
CA ARG C 172 15.79 -19.59 17.43
C ARG C 172 17.10 -19.99 18.09
N SER C 173 17.05 -20.30 19.37
CA SER C 173 18.26 -20.70 20.07
C SER C 173 18.67 -22.11 19.62
N PRO C 174 19.94 -22.33 19.29
CA PRO C 174 20.37 -23.70 18.95
C PRO C 174 20.09 -24.66 20.09
N GLY C 175 19.73 -25.89 19.72
CA GLY C 175 19.43 -26.90 20.70
C GLY C 175 18.56 -27.99 20.09
N VAL C 176 18.03 -28.84 20.96
CA VAL C 176 17.16 -29.95 20.58
C VAL C 176 15.75 -29.64 21.07
N TYR C 177 14.79 -29.67 20.15
CA TYR C 177 13.40 -29.35 20.45
C TYR C 177 12.51 -30.48 19.96
N PHE C 178 11.65 -30.97 20.85
CA PHE C 178 10.73 -32.06 20.53
C PHE C 178 9.37 -31.49 20.17
N ASP C 179 8.72 -32.13 19.20
CA ASP C 179 7.43 -31.68 18.68
C ASP C 179 6.48 -32.86 18.57
N GLU C 180 5.19 -32.55 18.57
CA GLU C 180 4.14 -33.56 18.43
C GLU C 180 3.20 -33.15 17.31
N THR C 181 2.80 -34.14 16.50
CA THR C 181 1.92 -33.93 15.37
C THR C 181 0.84 -34.99 15.38
N ILE C 182 -0.19 -34.80 14.55
CA ILE C 182 -1.26 -35.78 14.40
C ILE C 182 -1.41 -36.10 12.92
N ASP C 183 -1.30 -37.38 12.58
CA ASP C 183 -1.60 -37.83 11.22
C ASP C 183 -3.10 -37.78 11.00
N LYS C 184 -3.51 -37.02 9.99
CA LYS C 184 -4.93 -36.75 9.77
C LYS C 184 -5.65 -37.97 9.23
N SER C 185 -5.02 -38.72 8.33
CA SER C 185 -5.69 -39.88 7.74
C SER C 185 -6.12 -40.87 8.81
N THR C 186 -5.22 -41.18 9.75
CA THR C 186 -5.56 -42.02 10.89
C THR C 186 -5.91 -41.22 12.14
N GLU C 187 -5.73 -39.90 12.11
CA GLU C 187 -5.99 -39.06 13.28
C GLU C 187 -5.22 -39.55 14.49
N LYS C 188 -3.96 -39.94 14.27
CA LYS C 188 -3.15 -40.59 15.28
C LYS C 188 -1.99 -39.69 15.69
N THR C 189 -1.79 -39.55 17.00
CA THR C 189 -0.71 -38.71 17.50
C THR C 189 0.64 -39.38 17.30
N LEU C 190 1.67 -38.56 17.11
CA LEU C 190 3.04 -39.04 16.92
C LEU C 190 3.99 -37.92 17.32
N HIS C 191 5.25 -38.29 17.51
CA HIS C 191 6.27 -37.38 18.01
C HIS C 191 7.48 -37.35 17.09
N SER C 192 8.19 -36.23 17.13
CA SER C 192 9.42 -36.05 16.36
C SER C 192 10.36 -35.15 17.13
N VAL C 193 11.62 -35.13 16.72
CA VAL C 193 12.63 -34.28 17.33
C VAL C 193 13.54 -33.73 16.23
N LYS C 194 13.85 -32.44 16.34
CA LYS C 194 14.73 -31.76 15.39
C LYS C 194 15.87 -31.11 16.16
N VAL C 195 17.08 -31.22 15.63
CA VAL C 195 18.27 -30.63 16.24
C VAL C 195 18.83 -29.59 15.29
N ILE C 196 19.03 -28.37 15.79
CA ILE C 196 19.54 -27.26 15.01
C ILE C 196 20.82 -26.76 15.67
N PRO C 197 21.96 -26.77 14.97
CA PRO C 197 23.20 -26.25 15.56
C PRO C 197 23.44 -24.78 15.24
N GLY C 198 24.48 -24.21 15.81
CA GLY C 198 24.91 -22.87 15.44
C GLY C 198 25.42 -22.84 14.01
N ARG C 199 26.22 -23.84 13.65
CA ARG C 199 26.71 -24.00 12.29
C ARG C 199 26.85 -25.49 11.99
N GLY C 200 26.35 -25.91 10.84
CA GLY C 200 26.43 -27.30 10.44
C GLY C 200 25.22 -27.69 9.63
N ALA C 201 25.08 -29.01 9.44
CA ALA C 201 23.99 -29.59 8.68
C ALA C 201 22.94 -30.12 9.65
N TRP C 202 21.68 -29.77 9.39
CA TRP C 202 20.60 -30.14 10.29
C TRP C 202 20.22 -31.61 10.11
N LEU C 203 19.62 -32.17 11.17
CA LEU C 203 19.17 -33.54 11.16
C LEU C 203 17.96 -33.65 12.08
N GLU C 204 17.19 -34.73 11.90
CA GLU C 204 15.97 -34.92 12.67
C GLU C 204 15.63 -36.40 12.75
N PHE C 205 14.87 -36.75 13.78
CA PHE C 205 14.29 -38.09 13.94
C PHE C 205 12.78 -37.95 13.95
N ASP C 206 12.09 -38.85 13.26
CA ASP C 206 10.66 -38.69 13.04
C ASP C 206 9.95 -40.02 13.22
N VAL C 207 8.66 -39.94 13.54
CA VAL C 207 7.76 -41.09 13.60
C VAL C 207 6.89 -41.06 12.36
N ASP C 208 6.73 -42.22 11.72
CA ASP C 208 6.08 -42.29 10.42
C ASP C 208 4.57 -42.17 10.55
N LYS C 209 3.90 -42.20 9.39
CA LYS C 209 2.46 -42.03 9.33
C LYS C 209 1.71 -43.16 10.05
N ARG C 210 2.35 -44.30 10.27
CA ARG C 210 1.71 -45.38 11.02
C ARG C 210 2.77 -46.24 11.67
N ASP C 211 2.91 -46.13 12.99
CA ASP C 211 3.74 -47.01 13.81
C ASP C 211 5.06 -47.37 13.15
N THR C 212 5.83 -46.36 12.76
CA THR C 212 7.17 -46.60 12.20
C THR C 212 8.03 -45.37 12.48
N VAL C 213 9.33 -45.54 12.38
CA VAL C 213 10.30 -44.50 12.70
C VAL C 213 11.17 -44.24 11.48
N GLY C 214 11.44 -42.95 11.22
CA GLY C 214 12.29 -42.56 10.13
C GLY C 214 13.25 -41.47 10.54
N VAL C 215 14.26 -41.25 9.70
CA VAL C 215 15.30 -40.27 9.96
C VAL C 215 15.71 -39.62 8.64
N ARG C 216 16.03 -38.34 8.71
CA ARG C 216 16.46 -37.57 7.54
C ARG C 216 17.67 -36.72 7.90
N ILE C 217 18.61 -36.61 6.96
CA ILE C 217 19.81 -35.81 7.14
C ILE C 217 19.99 -34.93 5.92
N ASP C 218 20.20 -33.64 6.14
CA ASP C 218 20.49 -32.68 5.08
C ASP C 218 19.42 -32.74 3.98
N ARG C 219 18.16 -32.84 4.39
CA ARG C 219 17.00 -32.82 3.51
C ARG C 219 17.03 -33.98 2.49
N LYS C 220 17.89 -34.97 2.69
CA LYS C 220 18.07 -36.04 1.72
C LYS C 220 16.98 -37.09 1.90
N ARG C 221 17.14 -38.24 1.26
CA ARG C 221 16.14 -39.28 1.28
C ARG C 221 15.93 -39.80 2.70
N ARG C 222 14.68 -40.07 3.05
CA ARG C 222 14.35 -40.55 4.39
C ARG C 222 14.87 -41.96 4.60
N GLN C 223 15.40 -42.21 5.79
CA GLN C 223 15.96 -43.50 6.16
C GLN C 223 15.58 -43.82 7.60
N PRO C 224 15.54 -45.10 7.97
CA PRO C 224 15.21 -45.46 9.34
C PRO C 224 16.35 -45.13 10.31
N VAL C 225 15.98 -44.94 11.58
CA VAL C 225 16.95 -44.59 12.61
C VAL C 225 17.91 -45.74 12.87
N THR C 226 17.46 -46.98 12.66
CA THR C 226 18.29 -48.13 12.99
C THR C 226 19.59 -48.14 12.19
N VAL C 227 19.55 -47.70 10.93
CA VAL C 227 20.75 -47.68 10.11
C VAL C 227 21.78 -46.71 10.70
N LEU C 228 21.33 -45.52 11.07
CA LEU C 228 22.23 -44.55 11.67
C LEU C 228 22.78 -45.06 13.00
N LEU C 229 21.92 -45.67 13.82
CA LEU C 229 22.36 -46.17 15.11
C LEU C 229 23.41 -47.27 14.95
N LYS C 230 23.21 -48.16 13.97
CA LYS C 230 24.20 -49.21 13.73
C LYS C 230 25.50 -48.61 13.20
N ALA C 231 25.40 -47.59 12.35
CA ALA C 231 26.61 -47.01 11.74
C ALA C 231 27.52 -46.36 12.77
N LEU C 232 27.02 -46.08 13.99
CA LEU C 232 27.81 -45.42 15.01
C LEU C 232 28.54 -46.40 15.93
N GLY C 233 28.47 -47.69 15.65
CA GLY C 233 29.16 -48.69 16.44
C GLY C 233 28.29 -49.44 17.42
N TRP C 234 26.98 -49.19 17.44
CA TRP C 234 26.06 -49.90 18.32
C TRP C 234 25.57 -51.15 17.61
N THR C 235 26.02 -52.32 18.05
CA THR C 235 25.61 -53.57 17.45
C THR C 235 24.17 -53.89 17.83
N ASN C 236 23.66 -54.98 17.26
CA ASN C 236 22.27 -55.36 17.49
C ASN C 236 22.03 -55.64 18.97
N GLU C 237 22.95 -56.33 19.64
CA GLU C 237 22.78 -56.64 21.05
C GLU C 237 22.69 -55.37 21.88
N GLN C 238 23.57 -54.40 21.61
CA GLN C 238 23.54 -53.15 22.37
C GLN C 238 22.25 -52.38 22.12
N ILE C 239 21.79 -52.35 20.86
CA ILE C 239 20.55 -51.66 20.55
C ILE C 239 19.38 -52.31 21.29
N VAL C 240 19.32 -53.64 21.29
CA VAL C 240 18.24 -54.34 21.99
C VAL C 240 18.32 -54.05 23.48
N GLU C 241 19.52 -54.07 24.05
CA GLU C 241 19.67 -53.83 25.48
C GLU C 241 19.21 -52.42 25.85
N ARG C 242 19.60 -51.42 25.07
CA ARG C 242 19.26 -50.04 25.42
C ARG C 242 17.78 -49.75 25.18
N PHE C 243 17.24 -50.17 24.04
CA PHE C 243 15.89 -49.80 23.63
C PHE C 243 14.95 -50.99 23.61
N GLY C 244 15.17 -51.95 24.53
CA GLY C 244 14.28 -53.09 24.61
C GLY C 244 12.91 -52.77 25.19
N PHE C 245 12.79 -51.65 25.91
CA PHE C 245 11.51 -51.29 26.51
C PHE C 245 10.53 -50.77 25.48
N SER C 246 11.01 -50.13 24.42
CA SER C 246 10.13 -49.52 23.44
C SER C 246 9.45 -50.59 22.57
N GLU C 247 8.33 -50.21 21.99
CA GLU C 247 7.55 -51.08 21.11
C GLU C 247 7.83 -50.81 19.64
N ILE C 248 7.62 -49.57 19.19
CA ILE C 248 7.80 -49.23 17.78
C ILE C 248 9.27 -49.33 17.37
N MET C 249 10.20 -48.99 18.26
CA MET C 249 11.61 -49.10 17.90
C MET C 249 11.98 -50.55 17.62
N MET C 250 11.55 -51.48 18.47
CA MET C 250 11.81 -52.89 18.21
C MET C 250 11.04 -53.39 16.99
N GLY C 251 9.83 -52.88 16.77
CA GLY C 251 9.10 -53.25 15.57
C GLY C 251 9.83 -52.86 14.31
N THR C 252 10.39 -51.64 14.28
CA THR C 252 11.18 -51.21 13.13
C THR C 252 12.48 -51.99 13.02
N LEU C 253 13.11 -52.30 14.16
CA LEU C 253 14.33 -53.10 14.12
C LEU C 253 14.09 -54.46 13.49
N GLU C 254 12.99 -55.12 13.88
CA GLU C 254 12.61 -56.37 13.22
C GLU C 254 12.27 -56.12 11.76
N LYS C 255 11.58 -55.02 11.46
CA LYS C 255 11.30 -54.65 10.08
C LYS C 255 12.58 -54.31 9.33
N ASP C 256 13.55 -53.72 10.01
CA ASP C 256 14.81 -53.36 9.37
C ASP C 256 15.56 -54.61 8.92
N THR C 257 16.37 -54.45 7.88
CA THR C 257 17.18 -55.55 7.36
C THR C 257 18.63 -55.18 7.12
N THR C 258 19.05 -53.94 7.40
CA THR C 258 20.45 -53.58 7.26
C THR C 258 21.27 -54.16 8.39
N SER C 259 22.51 -54.56 8.09
CA SER C 259 23.37 -55.21 9.07
C SER C 259 24.81 -54.81 8.82
N GLY C 260 25.64 -55.03 9.82
CA GLY C 260 27.07 -54.74 9.72
C GLY C 260 27.43 -53.43 10.40
N THR C 261 28.55 -53.44 11.11
CA THR C 261 29.03 -52.24 11.77
C THR C 261 29.55 -51.22 10.77
N ASP C 262 30.26 -51.69 9.74
CA ASP C 262 30.84 -50.83 8.72
C ASP C 262 29.97 -50.72 7.47
N GLU C 263 29.29 -51.80 7.08
CA GLU C 263 28.47 -51.76 5.89
C GLU C 263 27.35 -50.73 6.01
N ALA C 264 26.91 -50.43 7.23
CA ALA C 264 25.89 -49.40 7.42
C ALA C 264 26.37 -48.04 6.95
N LEU C 265 27.67 -47.77 7.08
CA LEU C 265 28.20 -46.50 6.61
C LEU C 265 28.03 -46.35 5.10
N LEU C 266 28.30 -47.41 4.34
CA LEU C 266 28.07 -47.36 2.91
C LEU C 266 26.58 -47.21 2.59
N ASP C 267 25.72 -47.83 3.39
CA ASP C 267 24.29 -47.67 3.20
C ASP C 267 23.88 -46.21 3.36
N ILE C 268 24.39 -45.56 4.40
CA ILE C 268 24.10 -44.13 4.60
C ILE C 268 24.68 -43.31 3.45
N TYR C 269 25.88 -43.66 3.01
CA TYR C 269 26.52 -42.93 1.92
C TYR C 269 25.67 -42.99 0.65
N ARG C 270 25.15 -44.17 0.33
CA ARG C 270 24.34 -44.31 -0.88
C ARG C 270 22.95 -43.72 -0.71
N LYS C 271 22.37 -43.78 0.49
CA LYS C 271 21.04 -43.20 0.70
C LYS C 271 21.09 -41.68 0.63
N LEU C 272 22.02 -41.06 1.37
CA LEU C 272 22.11 -39.60 1.36
C LEU C 272 22.74 -39.08 0.08
N ARG C 273 23.81 -39.73 -0.39
CA ARG C 273 24.60 -39.24 -1.52
C ARG C 273 24.85 -40.38 -2.50
N PRO C 274 23.82 -40.80 -3.23
CA PRO C 274 24.01 -41.84 -4.24
C PRO C 274 24.81 -41.33 -5.43
N GLY C 275 25.25 -42.26 -6.27
CA GLY C 275 25.95 -41.93 -7.49
C GLY C 275 27.46 -41.94 -7.37
N GLU C 276 28.00 -41.07 -6.50
CA GLU C 276 29.44 -40.98 -6.37
C GLU C 276 30.01 -42.30 -5.81
N PRO C 277 31.25 -42.64 -6.18
CA PRO C 277 31.81 -43.93 -5.75
C PRO C 277 31.88 -44.03 -4.24
N PRO C 278 31.25 -45.06 -3.64
CA PRO C 278 31.25 -45.19 -2.17
C PRO C 278 32.44 -45.98 -1.64
N THR C 279 33.62 -45.35 -1.66
CA THR C 279 34.79 -45.98 -1.07
C THR C 279 34.62 -46.08 0.45
N LYS C 280 35.12 -47.18 1.01
CA LYS C 280 34.87 -47.46 2.43
C LYS C 280 35.46 -46.37 3.31
N GLU C 281 36.68 -45.94 3.03
CA GLU C 281 37.31 -44.91 3.86
C GLU C 281 36.56 -43.59 3.77
N SER C 282 36.09 -43.23 2.57
CA SER C 282 35.34 -41.99 2.41
C SER C 282 34.05 -42.03 3.23
N ALA C 283 33.34 -43.16 3.19
CA ALA C 283 32.13 -43.30 4.00
C ALA C 283 32.44 -43.26 5.48
N GLN C 284 33.53 -43.91 5.90
CA GLN C 284 33.90 -43.92 7.31
C GLN C 284 34.20 -42.51 7.81
N THR C 285 34.91 -41.72 7.01
CA THR C 285 35.25 -40.36 7.40
C THR C 285 34.07 -39.40 7.28
N LEU C 286 33.17 -39.64 6.34
CA LEU C 286 32.11 -38.67 6.06
C LEU C 286 31.20 -38.47 7.27
N LEU C 287 30.84 -39.56 7.95
CA LEU C 287 29.87 -39.45 9.03
C LEU C 287 30.37 -38.54 10.15
N GLU C 288 31.64 -38.66 10.53
CA GLU C 288 32.22 -37.81 11.55
C GLU C 288 32.78 -36.51 11.01
N ASN C 289 32.78 -36.33 9.69
CA ASN C 289 33.33 -35.11 9.10
C ASN C 289 32.44 -33.90 9.34
N LEU C 290 31.16 -34.10 9.67
CA LEU C 290 30.23 -32.99 9.82
C LEU C 290 29.31 -33.12 11.02
N PHE C 291 29.52 -34.11 11.89
CA PHE C 291 28.72 -34.23 13.10
C PHE C 291 29.56 -34.14 14.37
N PHE C 292 30.59 -34.96 14.48
CA PHE C 292 31.31 -35.13 15.75
C PHE C 292 32.63 -34.38 15.81
N LYS C 293 33.02 -33.67 14.77
CA LYS C 293 34.27 -32.92 14.74
C LYS C 293 33.98 -31.44 14.65
N GLU C 294 34.57 -30.66 15.56
CA GLU C 294 34.31 -29.23 15.64
C GLU C 294 34.80 -28.46 14.42
N LYS C 295 35.64 -29.08 13.58
CA LYS C 295 36.11 -28.39 12.38
C LYS C 295 34.95 -27.99 11.46
N ARG C 296 33.83 -28.72 11.53
CA ARG C 296 32.71 -28.49 10.63
C ARG C 296 31.35 -28.39 11.32
N TYR C 297 31.23 -28.75 12.59
CA TYR C 297 29.95 -28.74 13.30
C TYR C 297 30.16 -28.20 14.69
N ASP C 298 29.31 -27.27 15.11
CA ASP C 298 29.49 -26.62 16.40
C ASP C 298 28.14 -26.08 16.89
N LEU C 299 27.93 -26.12 18.20
CA LEU C 299 26.70 -25.62 18.82
C LEU C 299 26.83 -24.17 19.30
N ALA C 300 28.00 -23.55 19.17
CA ALA C 300 28.19 -22.14 19.48
C ALA C 300 28.03 -21.86 20.97
N ARG C 301 28.22 -22.88 21.79
CA ARG C 301 28.29 -22.72 23.24
C ARG C 301 26.94 -22.42 23.86
N VAL C 302 25.92 -22.17 23.03
CA VAL C 302 24.58 -21.95 23.55
C VAL C 302 23.73 -23.19 23.32
N GLY C 303 23.85 -23.81 22.14
CA GLY C 303 23.21 -25.09 21.92
C GLY C 303 23.73 -26.16 22.86
N ARG C 304 25.03 -26.13 23.15
CA ARG C 304 25.59 -27.07 24.11
C ARG C 304 24.92 -26.92 25.47
N TYR C 305 24.77 -25.66 25.93
CA TYR C 305 24.12 -25.40 27.22
C TYR C 305 22.66 -25.85 27.20
N LYS C 306 21.96 -25.55 26.10
CA LYS C 306 20.55 -25.94 26.00
C LYS C 306 20.39 -27.44 26.04
N VAL C 307 21.24 -28.18 25.34
CA VAL C 307 21.14 -29.64 25.35
C VAL C 307 21.53 -30.18 26.72
N ASN C 308 22.55 -29.58 27.35
CA ASN C 308 22.98 -30.05 28.67
C ASN C 308 21.85 -29.93 29.68
N LYS C 309 21.13 -28.81 29.69
CA LYS C 309 20.02 -28.69 30.63
C LYS C 309 18.79 -29.47 30.20
N LYS C 310 18.53 -29.54 28.89
CA LYS C 310 17.35 -30.26 28.41
C LYS C 310 17.42 -31.74 28.76
N LEU C 311 18.58 -32.36 28.53
CA LEU C 311 18.77 -33.78 28.81
C LEU C 311 19.45 -34.03 30.15
N GLY C 312 19.89 -32.98 30.84
CA GLY C 312 20.57 -33.16 32.12
C GLY C 312 21.98 -33.68 32.01
N LEU C 313 22.55 -33.74 30.81
CA LEU C 313 23.89 -34.28 30.65
C LEU C 313 24.95 -33.32 31.14
N ASN C 314 26.03 -33.88 31.69
CA ASN C 314 27.17 -33.09 32.14
C ASN C 314 26.76 -32.01 33.13
N ALA C 315 25.83 -32.34 34.03
CA ALA C 315 25.34 -31.35 34.99
C ALA C 315 26.46 -30.91 35.91
N GLY C 316 26.57 -29.58 36.10
CA GLY C 316 27.50 -29.02 37.04
C GLY C 316 28.92 -28.81 36.52
N LYS C 317 29.22 -29.24 35.30
CA LYS C 317 30.55 -29.09 34.73
C LYS C 317 30.44 -28.57 33.30
N PRO C 318 31.16 -27.51 32.94
CA PRO C 318 31.13 -27.05 31.55
C PRO C 318 31.90 -27.99 30.64
N ILE C 319 31.59 -27.92 29.35
CA ILE C 319 32.21 -28.74 28.33
C ILE C 319 32.98 -27.83 27.38
N THR C 320 34.29 -28.04 27.30
CA THR C 320 35.10 -27.26 26.36
C THR C 320 34.75 -27.58 24.92
N SER C 321 34.32 -28.81 24.65
CA SER C 321 33.96 -29.24 23.30
C SER C 321 32.50 -28.88 23.07
N SER C 322 32.27 -27.83 22.28
CA SER C 322 30.92 -27.37 21.97
C SER C 322 30.24 -28.21 20.89
N THR C 323 30.98 -29.12 20.25
CA THR C 323 30.42 -29.93 19.17
C THR C 323 29.68 -31.13 19.74
N LEU C 324 29.08 -31.91 18.84
CA LEU C 324 28.29 -33.07 19.27
C LEU C 324 29.19 -34.19 19.78
N THR C 325 28.60 -35.01 20.66
CA THR C 325 29.21 -36.25 21.11
C THR C 325 28.32 -37.41 20.65
N GLU C 326 28.69 -38.63 21.06
CA GLU C 326 27.85 -39.80 20.79
C GLU C 326 26.82 -40.02 21.88
N GLU C 327 27.11 -39.57 23.10
CA GLU C 327 26.15 -39.75 24.19
C GLU C 327 24.87 -38.96 23.95
N ASP C 328 24.99 -37.76 23.39
CA ASP C 328 23.82 -36.90 23.22
C ASP C 328 22.83 -37.44 22.20
N VAL C 329 23.30 -38.13 21.15
CA VAL C 329 22.38 -38.70 20.17
C VAL C 329 21.51 -39.77 20.81
N VAL C 330 22.14 -40.70 21.55
CA VAL C 330 21.38 -41.74 22.23
C VAL C 330 20.49 -41.14 23.31
N ALA C 331 20.96 -40.09 23.98
CA ALA C 331 20.12 -39.42 24.97
C ALA C 331 18.88 -38.82 24.33
N THR C 332 19.04 -38.17 23.17
CA THR C 332 17.90 -37.61 22.46
C THR C 332 16.94 -38.71 22.02
N ILE C 333 17.48 -39.84 21.54
CA ILE C 333 16.63 -40.94 21.13
C ILE C 333 15.84 -41.49 22.32
N GLU C 334 16.50 -41.64 23.47
CA GLU C 334 15.80 -42.10 24.66
C GLU C 334 14.73 -41.10 25.09
N TYR C 335 15.04 -39.80 25.02
CA TYR C 335 14.06 -38.78 25.37
C TYR C 335 12.84 -38.88 24.47
N LEU C 336 13.06 -39.02 23.16
CA LEU C 336 11.94 -39.14 22.23
C LEU C 336 11.14 -40.40 22.50
N VAL C 337 11.81 -41.51 22.78
CA VAL C 337 11.11 -42.76 23.04
C VAL C 337 10.23 -42.62 24.28
N ARG C 338 10.78 -42.04 25.35
CA ARG C 338 10.00 -41.90 26.58
C ARG C 338 8.86 -40.89 26.41
N LEU C 339 9.07 -39.85 25.58
CA LEU C 339 7.98 -38.93 25.28
C LEU C 339 6.87 -39.64 24.55
N HIS C 340 7.21 -40.45 23.53
CA HIS C 340 6.21 -41.26 22.85
C HIS C 340 5.58 -42.29 23.77
N GLU C 341 6.29 -42.70 24.83
CA GLU C 341 5.77 -43.68 25.77
C GLU C 341 4.79 -43.07 26.77
N GLY C 342 4.74 -41.74 26.86
CA GLY C 342 3.88 -41.09 27.83
C GLY C 342 4.53 -40.84 29.18
N GLN C 343 5.85 -40.94 29.28
CA GLN C 343 6.53 -40.73 30.54
C GLN C 343 6.52 -39.25 30.92
N THR C 344 6.56 -39.00 32.23
CA THR C 344 6.64 -37.64 32.75
C THR C 344 8.06 -37.19 33.00
N SER C 345 8.97 -38.12 33.28
CA SER C 345 10.36 -37.78 33.56
C SER C 345 11.26 -38.89 33.04
N MET C 346 12.54 -38.57 32.91
CA MET C 346 13.53 -39.53 32.43
C MET C 346 14.90 -39.13 32.98
N THR C 347 15.80 -40.10 33.02
CA THR C 347 17.14 -39.87 33.54
C THR C 347 18.14 -40.69 32.75
N VAL C 348 19.37 -40.19 32.67
CA VAL C 348 20.47 -40.84 31.98
C VAL C 348 21.57 -41.10 33.02
N PRO C 349 22.20 -42.27 33.02
CA PRO C 349 23.27 -42.52 34.00
C PRO C 349 24.40 -41.52 33.83
N GLY C 350 24.79 -40.89 34.95
CA GLY C 350 25.79 -39.85 34.94
C GLY C 350 25.23 -38.44 34.94
N GLY C 351 23.93 -38.28 34.70
CA GLY C 351 23.32 -36.97 34.66
C GLY C 351 22.36 -36.72 35.80
N VAL C 352 21.26 -36.01 35.52
CA VAL C 352 20.26 -35.68 36.53
C VAL C 352 18.88 -35.94 35.96
N GLU C 353 17.92 -36.18 36.85
CA GLU C 353 16.54 -36.40 36.43
C GLU C 353 15.98 -35.13 35.80
N VAL C 354 15.28 -35.29 34.68
CA VAL C 354 14.65 -34.16 34.00
C VAL C 354 13.27 -34.57 33.51
N PRO C 355 12.33 -33.62 33.52
CA PRO C 355 10.99 -33.93 33.02
C PRO C 355 10.97 -34.09 31.50
N VAL C 356 9.99 -34.84 31.02
CA VAL C 356 9.80 -35.09 29.59
C VAL C 356 8.60 -34.25 29.14
N GLU C 357 8.84 -33.33 28.21
CA GLU C 357 7.81 -32.41 27.76
C GLU C 357 8.11 -31.94 26.35
N VAL C 358 7.06 -31.49 25.66
CA VAL C 358 7.23 -30.90 24.34
C VAL C 358 7.61 -29.43 24.48
N ASP C 359 8.45 -28.95 23.57
CA ASP C 359 8.98 -27.60 23.61
C ASP C 359 8.25 -26.73 22.59
N ASP C 360 7.73 -25.60 23.05
CA ASP C 360 7.06 -24.66 22.16
C ASP C 360 8.08 -23.71 21.55
N ILE C 361 7.89 -23.38 20.27
CA ILE C 361 8.90 -22.66 19.51
C ILE C 361 9.04 -21.20 19.94
N ASP C 362 7.95 -20.55 20.39
CA ASP C 362 7.96 -19.12 20.63
C ASP C 362 8.34 -18.74 22.06
N HIS C 363 8.61 -19.72 22.92
CA HIS C 363 8.91 -19.44 24.31
C HIS C 363 10.32 -18.86 24.44
N PHE C 364 10.46 -17.73 25.17
CA PHE C 364 11.82 -17.20 25.39
C PHE C 364 12.73 -18.13 26.12
N GLY C 365 12.33 -19.33 26.55
CA GLY C 365 13.30 -20.34 26.86
C GLY C 365 13.90 -21.00 25.65
N ASN C 366 13.40 -20.65 24.47
CA ASN C 366 13.92 -21.17 23.21
C ASN C 366 14.37 -20.07 22.25
N ARG C 367 13.77 -18.88 22.33
CA ARG C 367 14.24 -17.75 21.54
C ARG C 367 15.27 -16.95 22.30
N ARG C 368 16.27 -16.44 21.57
CA ARG C 368 17.32 -15.63 22.18
C ARG C 368 17.65 -14.48 21.22
N LEU C 369 18.07 -13.36 21.80
CA LEU C 369 18.41 -12.17 21.01
C LEU C 369 19.93 -12.05 20.92
N ARG C 370 20.43 -11.96 19.69
CA ARG C 370 21.83 -11.67 19.43
C ARG C 370 21.97 -10.17 19.24
N THR C 371 22.83 -9.56 20.05
CA THR C 371 22.97 -8.11 20.08
C THR C 371 23.99 -7.67 19.02
N VAL C 372 24.35 -6.38 19.07
CA VAL C 372 25.31 -5.83 18.12
C VAL C 372 26.65 -6.54 18.27
N GLY C 373 27.05 -6.84 19.50
CA GLY C 373 28.34 -7.47 19.73
C GLY C 373 28.45 -8.82 19.03
N GLU C 374 27.42 -9.65 19.16
CA GLU C 374 27.47 -10.97 18.53
C GLU C 374 27.42 -10.88 17.02
N LEU C 375 26.66 -9.93 16.47
CA LEU C 375 26.64 -9.74 15.01
C LEU C 375 28.01 -9.33 14.50
N ILE C 376 28.66 -8.39 15.17
CA ILE C 376 30.00 -7.98 14.77
C ILE C 376 30.98 -9.13 14.92
N GLN C 377 30.81 -9.94 15.98
CA GLN C 377 31.66 -11.11 16.15
C GLN C 377 31.50 -12.09 15.00
N ASN C 378 30.25 -12.32 14.56
CA ASN C 378 30.02 -13.23 13.44
C ASN C 378 30.66 -12.69 12.17
N GLN C 379 30.51 -11.40 11.91
CA GLN C 379 31.12 -10.83 10.71
C GLN C 379 32.65 -10.92 10.77
N ILE C 380 33.23 -10.65 11.93
CA ILE C 380 34.67 -10.77 12.10
C ILE C 380 35.11 -12.22 11.89
N ARG C 381 34.30 -13.16 12.37
CA ARG C 381 34.63 -14.58 12.19
C ARG C 381 34.63 -14.96 10.72
N VAL C 382 33.65 -14.47 9.96
CA VAL C 382 33.64 -14.75 8.52
C VAL C 382 34.87 -14.13 7.85
N GLY C 383 35.20 -12.89 8.21
CA GLY C 383 36.38 -12.26 7.64
C GLY C 383 37.65 -13.02 7.95
N LEU C 384 37.78 -13.51 9.18
CA LEU C 384 38.98 -14.24 9.57
C LEU C 384 39.02 -15.62 8.93
N SER C 385 37.86 -16.23 8.69
CA SER C 385 37.83 -17.47 7.93
C SER C 385 38.34 -17.26 6.52
N ARG C 386 37.93 -16.17 5.87
CA ARG C 386 38.49 -15.84 4.56
C ARG C 386 39.98 -15.57 4.65
N MET C 387 40.42 -14.87 5.70
CA MET C 387 41.84 -14.57 5.88
C MET C 387 42.65 -15.86 5.97
N GLU C 388 42.21 -16.80 6.80
CA GLU C 388 42.95 -18.05 6.93
C GLU C 388 42.84 -18.89 5.67
N ARG C 389 41.74 -18.77 4.92
CA ARG C 389 41.67 -19.42 3.62
C ARG C 389 42.79 -18.93 2.71
N VAL C 390 42.99 -17.61 2.66
CA VAL C 390 44.09 -17.07 1.85
C VAL C 390 45.44 -17.49 2.42
N VAL C 391 45.56 -17.49 3.75
CA VAL C 391 46.83 -17.85 4.39
C VAL C 391 47.19 -19.28 4.07
N ARG C 392 46.21 -20.14 3.88
CA ARG C 392 46.49 -21.54 3.57
C ARG C 392 47.31 -21.65 2.28
N GLU C 393 46.90 -20.92 1.24
CA GLU C 393 47.69 -20.89 0.01
C GLU C 393 49.01 -20.17 0.23
N ARG C 394 48.98 -19.07 0.99
CA ARG C 394 50.20 -18.29 1.18
C ARG C 394 51.29 -19.07 1.90
N MET C 395 50.90 -20.04 2.74
CA MET C 395 51.90 -20.91 3.37
C MET C 395 52.72 -21.65 2.33
N THR C 396 52.06 -22.24 1.33
CA THR C 396 52.77 -22.99 0.31
C THR C 396 53.48 -22.07 -0.68
N THR C 397 52.90 -20.90 -0.97
CA THR C 397 53.54 -19.98 -1.91
C THR C 397 54.86 -19.45 -1.37
N GLN C 398 54.99 -19.30 -0.05
CA GLN C 398 56.20 -18.78 0.55
C GLN C 398 57.14 -19.92 0.94
N ASP C 399 58.33 -19.54 1.43
CA ASP C 399 59.32 -20.48 1.91
C ASP C 399 59.69 -20.12 3.35
N VAL C 400 60.52 -20.98 3.96
CA VAL C 400 60.81 -20.86 5.38
C VAL C 400 61.50 -19.54 5.68
N GLU C 401 62.51 -19.16 4.89
CA GLU C 401 63.32 -18.00 5.22
C GLU C 401 62.57 -16.69 5.04
N ALA C 402 61.71 -16.59 4.02
CA ALA C 402 61.04 -15.33 3.72
C ALA C 402 59.69 -15.18 4.41
N ILE C 403 59.09 -16.28 4.87
CA ILE C 403 57.77 -16.22 5.47
C ILE C 403 57.87 -15.49 6.80
N THR C 404 57.03 -14.46 6.98
CA THR C 404 56.97 -13.71 8.23
C THR C 404 55.53 -13.30 8.47
N PRO C 405 55.15 -13.03 9.72
CA PRO C 405 53.75 -12.68 10.01
C PRO C 405 53.23 -11.50 9.21
N GLN C 406 54.02 -10.43 9.04
CA GLN C 406 53.53 -9.30 8.25
C GLN C 406 53.16 -9.72 6.84
N THR C 407 54.03 -10.49 6.18
CA THR C 407 53.72 -10.95 4.83
C THR C 407 52.67 -12.06 4.87
N LEU C 408 52.65 -12.84 5.94
CA LEU C 408 51.75 -13.98 6.01
C LEU C 408 50.31 -13.59 6.30
N ILE C 409 50.09 -12.46 6.99
CA ILE C 409 48.75 -12.05 7.39
C ILE C 409 48.26 -10.96 6.44
N ASN C 410 47.10 -11.19 5.84
CA ASN C 410 46.45 -10.22 4.97
C ASN C 410 45.17 -9.76 5.66
N ILE C 411 45.05 -8.46 5.89
CA ILE C 411 43.92 -7.91 6.64
C ILE C 411 42.79 -7.43 5.75
N ARG C 412 42.96 -7.47 4.43
CA ARG C 412 41.94 -6.95 3.53
C ARG C 412 40.57 -7.61 3.73
N PRO C 413 40.46 -8.94 3.76
CA PRO C 413 39.11 -9.54 3.84
C PRO C 413 38.33 -9.14 5.09
N VAL C 414 38.99 -9.10 6.25
CA VAL C 414 38.28 -8.76 7.49
C VAL C 414 37.83 -7.31 7.46
N VAL C 415 38.69 -6.40 6.98
CA VAL C 415 38.31 -5.00 6.88
C VAL C 415 37.14 -4.84 5.93
N ALA C 416 37.18 -5.55 4.79
CA ALA C 416 36.08 -5.47 3.84
C ALA C 416 34.78 -5.98 4.44
N ALA C 417 34.84 -7.10 5.19
CA ALA C 417 33.64 -7.64 5.81
C ALA C 417 33.07 -6.66 6.84
N ILE C 418 33.94 -6.07 7.66
CA ILE C 418 33.45 -5.11 8.65
C ILE C 418 32.81 -3.91 7.97
N LYS C 419 33.46 -3.40 6.92
CA LYS C 419 32.87 -2.29 6.16
C LYS C 419 31.55 -2.69 5.53
N GLU C 420 31.40 -3.95 5.15
CA GLU C 420 30.17 -4.41 4.52
C GLU C 420 29.03 -4.52 5.52
N PHE C 421 29.33 -4.96 6.74
CA PHE C 421 28.27 -5.16 7.74
C PHE C 421 27.52 -3.87 8.01
N PHE C 422 28.25 -2.79 8.32
CA PHE C 422 27.59 -1.54 8.72
C PHE C 422 26.90 -0.86 7.54
N GLY C 423 27.43 -1.02 6.34
CA GLY C 423 26.90 -0.30 5.18
C GLY C 423 25.86 -1.05 4.40
N THR C 424 25.69 -2.35 4.66
CA THR C 424 24.76 -3.16 3.87
C THR C 424 23.78 -3.97 4.71
N SER C 425 24.13 -4.39 5.92
CA SER C 425 23.25 -5.26 6.69
C SER C 425 21.94 -4.55 7.03
N GLN C 426 20.84 -5.31 6.97
CA GLN C 426 19.54 -4.74 7.29
C GLN C 426 19.44 -4.36 8.76
N LEU C 427 20.13 -5.11 9.64
CA LEU C 427 20.06 -4.82 11.07
C LEU C 427 20.63 -3.45 11.40
N SER C 428 21.67 -3.02 10.69
CA SER C 428 22.25 -1.70 10.88
C SER C 428 21.42 -0.69 10.09
N GLN C 429 20.79 0.24 10.81
CA GLN C 429 19.82 1.15 10.21
C GLN C 429 20.17 2.59 10.56
N PHE C 430 19.67 3.51 9.74
CA PHE C 430 19.76 4.93 10.06
C PHE C 430 19.07 5.19 11.39
N MET C 431 19.73 5.96 12.25
CA MET C 431 19.13 6.30 13.53
C MET C 431 17.88 7.16 13.31
N ASP C 432 16.86 6.91 14.11
CA ASP C 432 15.63 7.71 14.09
C ASP C 432 15.82 8.89 15.03
N GLN C 433 15.88 10.10 14.47
CA GLN C 433 16.23 11.30 15.22
C GLN C 433 15.12 12.35 15.19
N ASN C 434 13.87 11.91 15.08
CA ASN C 434 12.76 12.86 15.18
C ASN C 434 12.75 13.54 16.54
N ASN C 435 12.98 12.77 17.60
CA ASN C 435 13.04 13.31 18.95
C ASN C 435 13.79 12.31 19.81
N PRO C 436 14.21 12.71 21.02
CA PRO C 436 14.99 11.78 21.86
C PRO C 436 14.29 10.46 22.12
N LEU C 437 12.96 10.47 22.28
CA LEU C 437 12.24 9.23 22.53
C LEU C 437 12.36 8.27 21.37
N SER C 438 12.29 8.78 20.13
CA SER C 438 12.39 7.91 18.97
C SER C 438 13.75 7.23 18.91
N GLY C 439 14.83 7.99 19.15
CA GLY C 439 16.15 7.39 19.17
C GLY C 439 16.32 6.40 20.29
N LEU C 440 15.78 6.72 21.48
CA LEU C 440 15.88 5.81 22.61
C LEU C 440 15.16 4.49 22.32
N THR C 441 13.98 4.56 21.70
CA THR C 441 13.25 3.34 21.40
C THR C 441 13.88 2.57 20.25
N HIS C 442 14.56 3.27 19.33
CA HIS C 442 15.24 2.58 18.23
C HIS C 442 16.35 1.68 18.77
N LYS C 443 17.12 2.15 19.75
CA LYS C 443 18.24 1.39 20.27
C LYS C 443 17.80 0.18 21.07
N ARG C 444 16.57 0.18 21.59
CA ARG C 444 16.04 -0.92 22.38
C ARG C 444 15.13 -1.83 21.57
N ARG C 445 15.14 -1.70 20.25
CA ARG C 445 14.27 -2.49 19.40
C ARG C 445 14.70 -3.95 19.38
N LEU C 446 13.71 -4.85 19.27
CA LEU C 446 13.94 -6.27 19.06
C LEU C 446 13.33 -6.63 17.71
N SER C 447 14.15 -7.17 16.82
CA SER C 447 13.74 -7.44 15.44
C SER C 447 13.85 -8.93 15.16
N ALA C 448 12.77 -9.52 14.64
CA ALA C 448 12.80 -10.90 14.17
C ALA C 448 13.34 -11.01 12.76
N LEU C 449 13.45 -9.90 12.04
CA LEU C 449 13.91 -9.91 10.66
C LEU C 449 15.43 -9.93 10.62
N GLY C 450 15.99 -9.70 9.43
CA GLY C 450 17.42 -9.68 9.24
C GLY C 450 17.97 -11.02 8.83
N PRO C 451 19.26 -11.06 8.48
CA PRO C 451 19.87 -12.32 8.05
C PRO C 451 19.80 -13.38 9.14
N GLY C 452 19.56 -14.62 8.73
CA GLY C 452 19.44 -15.70 9.67
C GLY C 452 18.15 -15.70 10.47
N GLY C 453 17.18 -14.89 10.07
CA GLY C 453 15.92 -14.79 10.80
C GLY C 453 14.70 -14.92 9.92
N LEU C 454 13.57 -14.40 10.39
CA LEU C 454 12.33 -14.54 9.65
C LEU C 454 12.27 -13.54 8.48
N SER C 455 11.26 -13.71 7.64
CA SER C 455 11.01 -12.83 6.51
C SER C 455 9.55 -12.40 6.51
N ARG C 456 9.30 -11.17 6.06
CA ARG C 456 7.94 -10.67 6.03
C ARG C 456 7.04 -11.50 5.13
N GLU C 457 7.60 -12.03 4.03
CA GLU C 457 6.81 -12.89 3.16
C GLU C 457 6.61 -14.27 3.77
N ARG C 458 7.59 -14.76 4.53
CA ARG C 458 7.51 -16.06 5.19
C ARG C 458 6.97 -15.99 6.60
N ALA C 459 6.68 -14.80 7.12
CA ALA C 459 6.22 -14.67 8.50
C ALA C 459 4.76 -15.06 8.61
N GLY C 460 4.48 -16.10 9.40
CA GLY C 460 3.13 -16.53 9.62
C GLY C 460 2.43 -15.72 10.69
N LEU C 461 1.14 -16.01 10.89
CA LEU C 461 0.35 -15.34 11.90
C LEU C 461 0.64 -15.83 13.31
N GLU C 462 1.27 -17.00 13.45
CA GLU C 462 1.51 -17.56 14.77
C GLU C 462 2.66 -16.86 15.49
N VAL C 463 3.71 -16.50 14.74
CA VAL C 463 4.88 -15.90 15.38
C VAL C 463 4.58 -14.48 15.87
N ARG C 464 3.58 -13.82 15.31
CA ARG C 464 3.22 -12.47 15.73
C ARG C 464 2.35 -12.43 16.97
N ASP C 465 1.79 -13.56 17.39
CA ASP C 465 0.87 -13.58 18.51
C ASP C 465 1.60 -13.36 19.84
N VAL C 466 0.90 -12.71 20.77
CA VAL C 466 1.45 -12.53 22.11
C VAL C 466 1.45 -13.84 22.86
N HIS C 467 2.47 -14.04 23.68
CA HIS C 467 2.74 -15.27 24.40
C HIS C 467 3.02 -14.95 25.87
N PRO C 468 2.66 -15.84 26.80
CA PRO C 468 2.86 -15.50 28.23
C PRO C 468 4.28 -15.18 28.61
N SER C 469 5.27 -15.76 27.93
CA SER C 469 6.67 -15.57 28.30
C SER C 469 7.14 -14.14 28.10
N HIS C 470 6.43 -13.34 27.32
CA HIS C 470 6.84 -11.97 27.07
C HIS C 470 6.70 -11.08 28.30
N TYR C 471 5.97 -11.52 29.32
CA TYR C 471 5.70 -10.65 30.47
C TYR C 471 7.01 -10.24 31.13
N GLY C 472 7.29 -8.94 31.11
CA GLY C 472 8.49 -8.40 31.71
C GLY C 472 9.72 -8.44 30.84
N ARG C 473 9.61 -8.98 29.63
CA ARG C 473 10.76 -9.10 28.73
C ARG C 473 10.55 -8.31 27.44
N MET C 474 9.43 -8.49 26.76
CA MET C 474 9.09 -7.71 25.58
C MET C 474 7.70 -7.11 25.76
N CYS C 475 7.58 -5.81 25.52
CA CYS C 475 6.31 -5.13 25.73
C CYS C 475 5.29 -5.60 24.70
N PRO C 476 4.09 -6.01 25.13
CA PRO C 476 3.08 -6.44 24.15
C PRO C 476 2.38 -5.31 23.42
N ILE C 477 2.48 -4.07 23.92
CA ILE C 477 1.70 -2.98 23.35
C ILE C 477 2.44 -2.35 22.17
N GLU C 478 3.70 -1.98 22.37
CA GLU C 478 4.44 -1.20 21.37
C GLU C 478 4.92 -2.13 20.26
N THR C 479 4.27 -2.03 19.10
CA THR C 479 4.67 -2.76 17.91
C THR C 479 4.12 -2.03 16.70
N PRO C 480 4.80 -2.10 15.55
CA PRO C 480 4.32 -1.37 14.38
C PRO C 480 2.93 -1.81 13.95
N GLU C 481 2.14 -0.84 13.48
CA GLU C 481 0.78 -1.13 13.01
C GLU C 481 0.78 -1.69 11.60
N GLY C 482 1.86 -1.53 10.85
CA GLY C 482 1.91 -1.97 9.47
C GLY C 482 2.03 -3.47 9.34
N PRO C 483 2.51 -3.94 8.19
CA PRO C 483 2.67 -5.40 8.01
C PRO C 483 3.72 -6.01 8.92
N ASN C 484 4.58 -5.21 9.54
CA ASN C 484 5.60 -5.70 10.45
C ASN C 484 5.10 -5.85 11.87
N ILE C 485 3.79 -5.98 12.06
CA ILE C 485 3.25 -6.11 13.41
C ILE C 485 3.68 -7.45 14.01
N GLY C 486 4.16 -7.40 15.25
CA GLY C 486 4.57 -8.59 15.95
C GLY C 486 6.00 -9.00 15.66
N LEU C 487 6.49 -8.68 14.45
CA LEU C 487 7.85 -9.04 14.09
C LEU C 487 8.87 -8.12 14.75
N ILE C 488 8.50 -6.86 15.00
CA ILE C 488 9.39 -5.89 15.62
C ILE C 488 8.80 -5.54 16.98
N GLY C 489 9.54 -5.83 18.04
CA GLY C 489 9.12 -5.56 19.39
C GLY C 489 10.00 -4.52 20.07
N SER C 490 9.76 -4.35 21.37
CA SER C 490 10.49 -3.41 22.18
C SER C 490 10.85 -4.06 23.52
N LEU C 491 12.09 -3.84 23.95
CA LEU C 491 12.54 -4.40 25.22
C LEU C 491 11.82 -3.72 26.38
N SER C 492 11.53 -4.50 27.42
CA SER C 492 10.84 -3.97 28.59
C SER C 492 11.79 -3.07 29.39
N VAL C 493 11.20 -2.34 30.34
CA VAL C 493 11.97 -1.35 31.10
C VAL C 493 13.03 -2.02 31.95
N TYR C 494 12.64 -3.05 32.70
CA TYR C 494 13.55 -3.72 33.63
C TYR C 494 14.28 -4.90 33.01
N ALA C 495 13.99 -5.25 31.77
CA ALA C 495 14.59 -6.43 31.16
C ALA C 495 16.09 -6.23 30.93
N ARG C 496 16.84 -7.32 31.07
CA ARG C 496 18.26 -7.33 30.75
C ARG C 496 18.59 -8.65 30.08
N VAL C 497 19.72 -8.69 29.38
CA VAL C 497 20.09 -9.82 28.53
C VAL C 497 21.16 -10.64 29.25
N ASN C 498 20.93 -11.95 29.33
CA ASN C 498 21.89 -12.86 29.92
C ASN C 498 23.09 -13.02 28.97
N PRO C 499 24.24 -13.46 29.50
CA PRO C 499 25.40 -13.65 28.60
C PRO C 499 25.12 -14.60 27.44
N PHE C 500 24.30 -15.62 27.65
CA PHE C 500 23.94 -16.55 26.58
C PHE C 500 22.95 -15.94 25.59
N GLY C 501 22.38 -14.77 25.88
CA GLY C 501 21.43 -14.15 24.99
C GLY C 501 19.98 -14.32 25.37
N PHE C 502 19.70 -14.69 26.62
CA PHE C 502 18.33 -14.82 27.09
C PHE C 502 17.95 -13.62 27.94
N ILE C 503 16.72 -13.15 27.77
CA ILE C 503 16.26 -11.96 28.47
C ILE C 503 15.82 -12.36 29.88
N GLU C 504 16.46 -11.77 30.89
CA GLU C 504 16.08 -11.98 32.27
C GLU C 504 15.21 -10.82 32.75
N THR C 505 14.50 -11.06 33.84
CA THR C 505 13.70 -10.02 34.48
C THR C 505 13.81 -10.19 35.99
N PRO C 506 13.74 -9.09 36.74
CA PRO C 506 13.91 -9.19 38.21
C PRO C 506 12.60 -9.49 38.92
N TYR C 507 12.71 -10.30 39.99
CA TYR C 507 11.60 -10.59 40.87
C TYR C 507 12.06 -10.54 42.31
N ARG C 508 11.13 -10.16 43.21
CA ARG C 508 11.42 -10.13 44.63
C ARG C 508 11.21 -11.52 45.23
N LYS C 509 12.22 -12.04 45.90
CA LYS C 509 12.09 -13.33 46.56
C LYS C 509 11.12 -13.24 47.74
N VAL C 510 10.26 -14.24 47.86
CA VAL C 510 9.31 -14.34 48.96
C VAL C 510 9.63 -15.60 49.76
N GLU C 511 9.83 -15.45 51.06
CA GLU C 511 10.18 -16.55 51.95
C GLU C 511 9.24 -16.55 53.14
N ASN C 512 8.66 -17.72 53.43
CA ASN C 512 7.78 -17.90 54.59
C ASN C 512 6.59 -16.96 54.55
N GLY C 513 6.17 -16.55 53.35
CA GLY C 513 5.00 -15.72 53.20
C GLY C 513 5.22 -14.24 53.40
N VAL C 514 6.47 -13.79 53.49
CA VAL C 514 6.78 -12.38 53.64
C VAL C 514 7.76 -11.98 52.53
N VAL C 515 7.51 -10.83 51.92
CA VAL C 515 8.33 -10.36 50.81
C VAL C 515 9.71 -10.00 51.33
N THR C 516 10.75 -10.51 50.67
CA THR C 516 12.12 -10.27 51.06
C THR C 516 12.69 -9.12 50.24
N ASP C 517 13.74 -8.49 50.78
CA ASP C 517 14.43 -7.40 50.11
C ASP C 517 15.50 -7.88 49.13
N GLN C 518 15.47 -9.16 48.75
CA GLN C 518 16.44 -9.75 47.84
C GLN C 518 15.79 -9.93 46.48
N ILE C 519 16.48 -9.50 45.43
CA ILE C 519 15.96 -9.50 44.07
C ILE C 519 16.77 -10.49 43.24
N ASP C 520 16.08 -11.34 42.50
CA ASP C 520 16.71 -12.36 41.66
C ASP C 520 16.28 -12.15 40.21
N TYR C 521 17.24 -12.23 39.30
CA TYR C 521 16.97 -12.12 37.87
C TYR C 521 16.72 -13.52 37.31
N LEU C 522 15.57 -13.71 36.68
CA LEU C 522 15.13 -15.02 36.22
C LEU C 522 14.81 -14.97 34.73
N THR C 523 15.13 -16.07 34.04
CA THR C 523 14.69 -16.25 32.66
C THR C 523 13.31 -16.88 32.63
N ALA C 524 12.75 -16.99 31.42
CA ALA C 524 11.40 -17.52 31.28
C ALA C 524 11.31 -18.96 31.77
N ASP C 525 12.26 -19.81 31.39
CA ASP C 525 12.24 -21.20 31.85
C ASP C 525 12.45 -21.29 33.36
N GLU C 526 13.34 -20.46 33.90
CA GLU C 526 13.52 -20.43 35.35
C GLU C 526 12.27 -19.88 36.05
N GLU C 527 11.61 -18.91 35.42
CA GLU C 527 10.38 -18.36 35.99
C GLU C 527 9.28 -19.42 36.04
N ASP C 528 9.20 -20.27 35.01
CA ASP C 528 8.14 -21.27 34.96
C ASP C 528 8.15 -22.20 36.17
N ARG C 529 9.30 -22.38 36.82
CA ARG C 529 9.39 -23.28 37.96
C ARG C 529 8.63 -22.77 39.18
N HIS C 530 8.27 -21.50 39.20
CA HIS C 530 7.69 -20.87 40.38
C HIS C 530 6.38 -20.17 40.02
N VAL C 531 5.70 -19.67 41.05
CA VAL C 531 4.50 -18.87 40.89
C VAL C 531 4.82 -17.45 41.37
N VAL C 532 4.48 -16.46 40.56
CA VAL C 532 4.87 -15.08 40.79
C VAL C 532 3.64 -14.26 41.14
N ALA C 533 3.72 -13.53 42.24
CA ALA C 533 2.65 -12.63 42.66
C ALA C 533 2.87 -11.25 42.07
N GLN C 534 1.81 -10.44 42.10
CA GLN C 534 1.88 -9.09 41.55
C GLN C 534 2.27 -8.10 42.63
N ALA C 535 3.02 -7.07 42.23
CA ALA C 535 3.45 -6.05 43.18
C ALA C 535 2.28 -5.24 43.73
N ASN C 536 1.18 -5.15 42.98
CA ASN C 536 0.03 -4.38 43.44
C ASN C 536 -0.65 -5.03 44.63
N SER C 537 -0.34 -6.29 44.93
CA SER C 537 -0.96 -6.96 46.06
C SER C 537 -0.55 -6.28 47.36
N PRO C 538 -1.44 -6.20 48.35
CA PRO C 538 -1.11 -5.47 49.58
C PRO C 538 -0.32 -6.31 50.56
N THR C 539 0.64 -5.67 51.23
CA THR C 539 1.43 -6.30 52.27
C THR C 539 1.58 -5.33 53.44
N ASP C 540 1.83 -5.89 54.62
CA ASP C 540 1.99 -5.09 55.83
C ASP C 540 3.36 -4.40 55.83
N GLU C 541 3.60 -3.62 56.87
CA GLU C 541 4.89 -2.94 57.00
C GLU C 541 6.03 -3.94 57.14
N ASN C 542 5.76 -5.11 57.73
CA ASN C 542 6.76 -6.14 57.90
C ASN C 542 6.92 -7.02 56.66
N GLY C 543 6.16 -6.76 55.60
CA GLY C 543 6.25 -7.53 54.38
C GLY C 543 5.30 -8.70 54.28
N ARG C 544 4.53 -9.00 55.32
CA ARG C 544 3.60 -10.11 55.29
C ARG C 544 2.33 -9.72 54.55
N PHE C 545 1.82 -10.63 53.73
CA PHE C 545 0.59 -10.39 53.00
C PHE C 545 -0.56 -10.17 53.97
N THR C 546 -1.35 -9.13 53.71
CA THR C 546 -2.51 -8.83 54.54
C THR C 546 -3.75 -9.60 54.12
N GLU C 547 -3.84 -10.00 52.86
CA GLU C 547 -5.01 -10.71 52.35
C GLU C 547 -4.83 -12.22 52.47
N ASP C 548 -5.95 -12.94 52.33
CA ASP C 548 -5.93 -14.39 52.47
C ASP C 548 -5.35 -15.06 51.24
N ARG C 549 -5.60 -14.51 50.05
CA ARG C 549 -5.19 -15.10 48.79
C ARG C 549 -4.55 -14.04 47.91
N VAL C 550 -3.71 -14.49 46.97
CA VAL C 550 -2.89 -13.62 46.15
C VAL C 550 -3.13 -13.93 44.69
N MET C 551 -3.10 -12.88 43.87
CA MET C 551 -3.26 -12.99 42.43
C MET C 551 -1.91 -13.35 41.81
N VAL C 552 -1.83 -14.50 41.13
CA VAL C 552 -0.55 -15.03 40.68
C VAL C 552 -0.65 -15.62 39.28
N ARG C 553 0.51 -15.77 38.64
CA ARG C 553 0.65 -16.45 37.36
C ARG C 553 1.31 -17.80 37.59
N LYS C 554 0.81 -18.83 36.93
CA LYS C 554 1.31 -20.18 37.08
C LYS C 554 2.22 -20.55 35.92
N LYS C 555 2.71 -21.79 35.96
CA LYS C 555 3.66 -22.26 34.95
C LYS C 555 3.08 -22.13 33.54
N GLY C 556 1.82 -22.47 33.37
CA GLY C 556 1.21 -22.44 32.05
C GLY C 556 0.92 -21.06 31.51
N GLY C 557 1.27 -20.02 32.26
CA GLY C 557 0.92 -18.67 31.85
C GLY C 557 -0.54 -18.36 32.09
N GLU C 558 -1.11 -18.92 33.16
CA GLU C 558 -2.51 -18.73 33.49
C GLU C 558 -2.62 -18.06 34.86
N VAL C 559 -3.62 -17.21 35.00
CA VAL C 559 -3.81 -16.40 36.20
C VAL C 559 -4.70 -17.16 37.18
N GLU C 560 -4.38 -17.08 38.46
CA GLU C 560 -5.14 -17.80 39.47
C GLU C 560 -5.04 -17.09 40.82
N PHE C 561 -5.94 -17.48 41.71
CA PHE C 561 -5.85 -17.13 43.13
C PHE C 561 -5.14 -18.26 43.87
N VAL C 562 -4.13 -17.91 44.66
CA VAL C 562 -3.34 -18.91 45.36
C VAL C 562 -3.15 -18.49 46.81
N SER C 563 -2.94 -19.48 47.67
CA SER C 563 -2.74 -19.21 49.08
C SER C 563 -1.53 -18.29 49.28
N ALA C 564 -1.54 -17.58 50.41
CA ALA C 564 -0.48 -16.61 50.69
C ALA C 564 0.88 -17.29 50.81
N ASP C 565 0.92 -18.45 51.45
CA ASP C 565 2.19 -19.14 51.70
C ASP C 565 2.73 -19.86 50.48
N GLN C 566 1.95 -19.99 49.40
CA GLN C 566 2.38 -20.74 48.24
C GLN C 566 3.09 -19.88 47.20
N VAL C 567 3.25 -18.58 47.45
CA VAL C 567 3.90 -17.70 46.48
C VAL C 567 5.40 -17.71 46.73
N ASP C 568 6.18 -17.72 45.64
CA ASP C 568 7.63 -17.73 45.71
C ASP C 568 8.26 -16.41 45.31
N TYR C 569 7.66 -15.68 44.37
CA TYR C 569 8.24 -14.46 43.86
C TYR C 569 7.14 -13.42 43.66
N MET C 570 7.55 -12.15 43.65
CA MET C 570 6.64 -11.04 43.43
C MET C 570 7.25 -10.06 42.44
N ASP C 571 6.40 -9.40 41.66
CA ASP C 571 6.88 -8.45 40.66
C ASP C 571 7.58 -7.28 41.34
N VAL C 572 8.56 -6.71 40.63
CA VAL C 572 9.29 -5.56 41.16
C VAL C 572 8.41 -4.31 41.17
N SER C 573 7.67 -4.06 40.10
CA SER C 573 6.82 -2.89 40.01
C SER C 573 5.73 -3.15 38.98
N PRO C 574 4.61 -2.41 39.04
CA PRO C 574 3.58 -2.58 38.02
C PRO C 574 4.03 -2.22 36.62
N ARG C 575 5.09 -1.42 36.48
CA ARG C 575 5.60 -1.01 35.18
C ARG C 575 6.45 -2.07 34.51
N GLN C 576 6.55 -3.27 35.10
CA GLN C 576 7.52 -4.25 34.62
C GLN C 576 7.22 -4.73 33.22
N MET C 577 5.95 -4.75 32.82
CA MET C 577 5.55 -5.36 31.56
C MET C 577 5.53 -4.38 30.39
N VAL C 578 5.73 -3.09 30.62
CA VAL C 578 5.61 -2.09 29.58
C VAL C 578 6.98 -1.59 29.17
N SER C 579 7.06 -1.03 27.96
CA SER C 579 8.29 -0.44 27.46
C SER C 579 8.42 1.01 27.91
N VAL C 580 9.51 1.65 27.47
CA VAL C 580 9.75 3.04 27.87
C VAL C 580 8.68 3.95 27.31
N ALA C 581 8.35 3.80 26.01
CA ALA C 581 7.33 4.66 25.41
C ALA C 581 5.95 4.38 25.97
N THR C 582 5.56 3.11 26.08
CA THR C 582 4.24 2.77 26.62
C THR C 582 4.09 3.22 28.06
N ALA C 583 5.19 3.31 28.80
CA ALA C 583 5.15 3.80 30.17
C ALA C 583 4.93 5.30 30.26
N MET C 584 4.95 6.02 29.14
CA MET C 584 4.76 7.46 29.13
C MET C 584 3.32 7.86 28.85
N ILE C 585 2.40 6.91 28.75
CA ILE C 585 0.98 7.19 28.51
C ILE C 585 0.28 7.19 29.86
N PRO C 586 -0.24 8.33 30.33
CA PRO C 586 -1.00 8.32 31.59
C PRO C 586 -2.35 7.66 31.41
N PHE C 587 -2.86 7.12 32.51
CA PHE C 587 -4.15 6.41 32.51
C PHE C 587 -4.19 5.31 31.45
N LEU C 588 -3.11 4.53 31.36
CA LEU C 588 -3.04 3.48 30.35
C LEU C 588 -4.12 2.44 30.53
N GLU C 589 -4.53 2.19 31.78
CA GLU C 589 -5.53 1.16 32.04
C GLU C 589 -6.87 1.48 31.39
N HIS C 590 -7.21 2.76 31.28
CA HIS C 590 -8.50 3.17 30.73
C HIS C 590 -8.51 3.27 29.22
N ASP C 591 -7.36 3.02 28.56
CA ASP C 591 -7.27 3.01 27.12
C ASP C 591 -7.10 1.58 26.63
N ASP C 592 -7.87 1.20 25.61
CA ASP C 592 -7.75 -0.14 25.06
C ASP C 592 -6.37 -0.32 24.43
N ALA C 593 -5.87 -1.55 24.47
CA ALA C 593 -4.52 -1.83 23.97
C ALA C 593 -4.36 -1.36 22.53
N ASN C 594 -5.42 -1.44 21.73
CA ASN C 594 -5.32 -1.03 20.33
C ASN C 594 -4.95 0.44 20.21
N ARG C 595 -5.57 1.29 21.04
CA ARG C 595 -5.27 2.72 21.01
C ARG C 595 -4.02 3.06 21.79
N ALA C 596 -3.67 2.26 22.80
CA ALA C 596 -2.39 2.44 23.47
C ALA C 596 -1.24 2.22 22.50
N LEU C 597 -1.37 1.24 21.61
CA LEU C 597 -0.37 1.02 20.58
C LEU C 597 -0.22 2.26 19.70
N MET C 598 -1.35 2.84 19.29
CA MET C 598 -1.31 4.03 18.45
C MET C 598 -0.64 5.18 19.19
N GLY C 599 -0.98 5.37 20.47
CA GLY C 599 -0.36 6.44 21.23
C GLY C 599 1.14 6.27 21.36
N ALA C 600 1.58 5.05 21.66
CA ALA C 600 3.01 4.79 21.77
C ALA C 600 3.72 5.02 20.44
N ASN C 601 3.11 4.60 19.33
CA ASN C 601 3.73 4.83 18.03
C ASN C 601 3.79 6.31 17.68
N MET C 602 2.73 7.07 18.00
CA MET C 602 2.69 8.48 17.63
C MET C 602 3.58 9.35 18.52
N GLN C 603 3.84 8.91 19.77
CA GLN C 603 4.77 9.66 20.59
C GLN C 603 6.16 9.74 19.96
N ARG C 604 6.51 8.80 19.08
CA ARG C 604 7.80 8.79 18.43
C ARG C 604 7.85 9.62 17.16
N GLN C 605 6.74 10.23 16.75
CA GLN C 605 6.69 11.04 15.55
C GLN C 605 6.59 12.53 15.84
N ALA C 606 6.50 12.94 17.10
CA ALA C 606 6.40 14.35 17.43
C ALA C 606 7.64 15.11 16.97
N VAL C 607 7.42 16.25 16.32
CA VAL C 607 8.52 17.09 15.86
C VAL C 607 8.95 18.00 17.01
N PRO C 608 10.23 18.35 17.12
CA PRO C 608 10.63 19.30 18.16
C PRO C 608 10.15 20.71 17.84
N LEU C 609 9.45 21.31 18.80
CA LEU C 609 8.94 22.66 18.63
C LEU C 609 10.03 23.69 18.96
N VAL C 610 9.76 24.94 18.58
CA VAL C 610 10.74 26.01 18.82
C VAL C 610 11.01 26.16 20.30
N ARG C 611 9.95 26.13 21.12
CA ARG C 611 10.07 26.24 22.57
C ARG C 611 9.32 25.07 23.20
N SER C 612 9.95 24.43 24.17
CA SER C 612 9.46 23.18 24.74
C SER C 612 8.89 23.42 26.13
N GLU C 613 7.81 22.69 26.45
CA GLU C 613 7.18 22.75 27.75
C GLU C 613 6.81 21.34 28.18
N ALA C 614 7.19 20.98 29.40
CA ALA C 614 6.94 19.63 29.89
C ALA C 614 5.45 19.43 30.15
N PRO C 615 4.98 18.18 30.06
CA PRO C 615 3.54 17.94 30.27
C PRO C 615 3.11 18.32 31.68
N LEU C 616 1.95 18.96 31.76
CA LEU C 616 1.40 19.33 33.07
C LEU C 616 1.03 18.10 33.88
N VAL C 617 0.44 17.10 33.22
CA VAL C 617 0.14 15.80 33.82
C VAL C 617 1.02 14.77 33.14
N GLY C 618 1.92 14.15 33.90
CA GLY C 618 2.84 13.18 33.35
C GLY C 618 2.82 11.86 34.08
N THR C 619 3.78 10.99 33.79
CA THR C 619 3.87 9.68 34.42
C THR C 619 5.09 9.52 35.32
N GLY C 620 6.11 10.37 35.17
CA GLY C 620 7.34 10.25 35.92
C GLY C 620 8.48 9.61 35.16
N MET C 621 8.20 8.92 34.06
CA MET C 621 9.27 8.38 33.23
C MET C 621 9.99 9.48 32.45
N GLU C 622 9.29 10.57 32.13
CA GLU C 622 9.84 11.57 31.22
C GLU C 622 11.22 12.04 31.65
N LEU C 623 11.46 12.11 32.96
CA LEU C 623 12.79 12.47 33.44
C LEU C 623 13.82 11.46 32.95
N ARG C 624 13.72 10.21 33.41
CA ARG C 624 14.75 9.23 33.11
C ARG C 624 14.80 8.92 31.62
N ALA C 625 13.68 9.09 30.92
CA ALA C 625 13.70 8.91 29.47
C ALA C 625 14.60 9.93 28.81
N ALA C 626 14.55 11.19 29.27
CA ALA C 626 15.35 12.23 28.64
C ALA C 626 16.84 12.04 28.94
N ILE C 627 17.19 11.83 30.20
CA ILE C 627 18.60 11.75 30.58
C ILE C 627 19.26 10.58 29.88
N ASP C 628 18.59 9.42 29.86
CA ASP C 628 19.13 8.26 29.17
C ASP C 628 19.08 8.39 27.66
N ALA C 629 18.27 9.33 27.13
CA ALA C 629 18.20 9.49 25.68
C ALA C 629 19.53 9.92 25.09
N GLY C 630 20.24 10.83 25.77
CA GLY C 630 21.52 11.30 25.29
C GLY C 630 21.50 12.64 24.59
N ASP C 631 20.34 13.31 24.53
CA ASP C 631 20.23 14.62 23.91
C ASP C 631 20.39 15.76 24.91
N VAL C 632 20.53 15.45 26.20
CA VAL C 632 20.79 16.46 27.21
C VAL C 632 22.26 16.39 27.61
N VAL C 633 22.73 17.44 28.26
CA VAL C 633 24.11 17.54 28.73
C VAL C 633 24.09 17.49 30.26
N VAL C 634 24.84 16.56 30.84
CA VAL C 634 24.88 16.36 32.28
C VAL C 634 26.31 16.56 32.76
N ALA C 635 26.43 17.21 33.91
CA ALA C 635 27.75 17.45 34.50
C ALA C 635 28.38 16.14 34.94
N ASP C 636 29.69 16.02 34.71
CA ASP C 636 30.42 14.81 35.05
C ASP C 636 31.02 14.85 36.45
N LYS C 637 31.24 16.04 37.01
CA LYS C 637 31.82 16.18 38.33
C LYS C 637 31.12 17.31 39.07
N THR C 638 30.91 17.11 40.37
CA THR C 638 30.32 18.16 41.19
C THR C 638 31.24 19.38 41.21
N GLY C 639 30.65 20.56 41.02
CA GLY C 639 31.44 21.77 40.97
C GLY C 639 30.58 23.02 40.88
N VAL C 640 31.18 24.11 40.39
CA VAL C 640 30.50 25.39 40.25
C VAL C 640 30.66 25.87 38.82
N ILE C 641 29.59 26.43 38.26
CA ILE C 641 29.63 26.92 36.88
C ILE C 641 30.57 28.11 36.80
N GLU C 642 31.49 28.07 35.85
CA GLU C 642 32.44 29.17 35.67
C GLU C 642 31.83 30.28 34.82
N GLU C 643 31.41 29.95 33.60
CA GLU C 643 30.75 30.91 32.73
C GLU C 643 29.76 30.16 31.84
N VAL C 644 28.71 30.86 31.44
CA VAL C 644 27.62 30.29 30.65
C VAL C 644 27.46 31.09 29.38
N SER C 645 27.27 30.39 28.26
CA SER C 645 27.03 31.03 26.98
C SER C 645 26.17 30.11 26.13
N ALA C 646 25.60 30.67 25.07
CA ALA C 646 24.75 29.89 24.18
C ALA C 646 25.54 28.83 23.40
N ASP C 647 26.87 28.88 23.43
CA ASP C 647 27.71 27.96 22.69
C ASP C 647 28.44 26.95 23.55
N TYR C 648 28.85 27.32 24.76
CA TYR C 648 29.62 26.42 25.61
C TYR C 648 29.38 26.74 27.08
N ILE C 649 29.63 25.75 27.92
CA ILE C 649 29.48 25.85 29.37
C ILE C 649 30.77 25.36 30.01
N THR C 650 31.28 26.12 30.97
CA THR C 650 32.52 25.79 31.69
C THR C 650 32.19 25.52 33.16
N VAL C 651 32.69 24.40 33.67
CA VAL C 651 32.46 23.98 35.06
C VAL C 651 33.81 23.82 35.74
N MET C 652 33.95 24.41 36.92
CA MET C 652 35.16 24.33 37.72
C MET C 652 34.91 23.31 38.84
N ALA C 653 35.46 22.11 38.68
CA ALA C 653 35.23 21.05 39.65
C ALA C 653 35.96 21.35 40.95
N ASP C 654 35.47 20.74 42.03
CA ASP C 654 36.05 20.96 43.35
C ASP C 654 37.49 20.47 43.40
N ASP C 655 37.77 19.30 42.81
CA ASP C 655 39.10 18.70 42.90
C ASP C 655 40.16 19.51 42.18
N GLY C 656 39.77 20.49 41.36
CA GLY C 656 40.72 21.36 40.68
C GLY C 656 40.74 21.24 39.17
N THR C 657 40.00 20.30 38.59
CA THR C 657 39.94 20.18 37.13
C THR C 657 38.83 21.05 36.57
N ARG C 658 38.91 21.31 35.26
CA ARG C 658 37.96 22.17 34.57
C ARG C 658 37.36 21.40 33.41
N GLN C 659 36.04 21.44 33.28
CA GLN C 659 35.32 20.76 32.21
C GLN C 659 34.68 21.79 31.29
N SER C 660 34.71 21.52 29.99
CA SER C 660 34.08 22.38 28.99
C SER C 660 33.15 21.54 28.14
N TYR C 661 31.89 21.97 28.05
CA TYR C 661 30.88 21.29 27.26
C TYR C 661 30.46 22.19 26.11
N ARG C 662 30.55 21.68 24.89
CA ARG C 662 30.19 22.43 23.70
C ARG C 662 28.79 22.02 23.24
N LEU C 663 27.91 22.99 23.08
CA LEU C 663 26.52 22.74 22.72
C LEU C 663 26.35 22.86 21.22
N ARG C 664 25.67 21.87 20.63
CA ARG C 664 25.36 21.91 19.20
C ARG C 664 24.11 22.74 18.99
N LYS C 665 24.22 23.77 18.13
CA LYS C 665 23.16 24.72 17.90
C LYS C 665 22.65 24.59 16.47
N PHE C 666 21.34 24.42 16.32
CA PHE C 666 20.69 24.38 15.01
C PHE C 666 21.34 23.34 14.10
N ALA C 667 21.66 22.18 14.67
CA ALA C 667 22.15 21.06 13.90
C ALA C 667 20.98 20.31 13.26
N ARG C 668 21.22 19.73 12.10
CA ARG C 668 20.20 19.01 11.35
C ARG C 668 20.25 17.53 11.72
N SER C 669 19.11 16.99 12.15
CA SER C 669 19.00 15.58 12.43
C SER C 669 18.81 14.79 11.14
N ASN C 670 18.82 13.46 11.25
CA ASN C 670 18.67 12.62 10.07
C ASN C 670 17.32 12.83 9.38
N HIS C 671 16.30 13.27 10.11
CA HIS C 671 14.97 13.46 9.57
C HIS C 671 14.64 14.92 9.30
N GLY C 672 15.64 15.80 9.29
CA GLY C 672 15.44 17.19 8.93
C GLY C 672 14.94 18.08 10.05
N THR C 673 14.90 17.60 11.28
CA THR C 673 14.46 18.40 12.40
C THR C 673 15.65 19.16 13.01
N CYS C 674 15.33 20.13 13.86
CA CYS C 674 16.35 20.94 14.53
C CYS C 674 16.80 20.26 15.81
N ALA C 675 18.10 20.36 16.09
CA ALA C 675 18.68 19.74 17.28
C ALA C 675 19.32 20.78 18.18
N ASN C 676 18.64 21.90 18.41
CA ASN C 676 19.20 22.99 19.19
C ASN C 676 19.26 22.62 20.67
N GLN C 677 20.40 22.90 21.29
CA GLN C 677 20.58 22.73 22.73
C GLN C 677 20.82 24.09 23.39
N ARG C 678 20.23 24.28 24.56
CA ARG C 678 20.34 25.54 25.28
C ARG C 678 20.65 25.27 26.74
N PRO C 679 21.44 26.14 27.38
CA PRO C 679 21.75 25.94 28.80
C PRO C 679 20.56 26.26 29.69
N ILE C 680 20.55 25.65 30.88
CA ILE C 680 19.52 25.90 31.87
C ILE C 680 20.18 26.30 33.20
N VAL C 681 21.45 26.66 33.15
CA VAL C 681 22.20 27.07 34.33
C VAL C 681 22.71 28.49 34.12
N ASP C 682 23.07 29.13 35.23
CA ASP C 682 23.59 30.49 35.22
C ASP C 682 24.92 30.54 35.97
N ALA C 683 25.71 31.56 35.65
CA ALA C 683 27.03 31.70 36.25
C ALA C 683 26.93 31.79 37.76
N GLY C 684 27.84 31.10 38.45
CA GLY C 684 27.86 31.09 39.89
C GLY C 684 26.96 30.07 40.55
N GLN C 685 26.43 29.11 39.80
CA GLN C 685 25.54 28.09 40.33
C GLN C 685 26.34 26.82 40.61
N ARG C 686 26.09 26.22 41.76
CA ARG C 686 26.72 24.96 42.13
C ARG C 686 25.90 23.80 41.59
N VAL C 687 26.55 22.91 40.87
CA VAL C 687 25.88 21.78 40.24
C VAL C 687 26.41 20.48 40.85
N GLU C 688 25.68 19.40 40.63
CA GLU C 688 26.03 18.08 41.12
C GLU C 688 26.33 17.16 39.95
N ALA C 689 27.10 16.10 40.22
CA ALA C 689 27.43 15.14 39.19
C ALA C 689 26.16 14.50 38.65
N GLY C 690 26.04 14.44 37.32
CA GLY C 690 24.87 13.90 36.68
C GLY C 690 23.71 14.85 36.55
N GLN C 691 23.84 16.08 37.04
CA GLN C 691 22.77 17.05 36.92
C GLN C 691 22.70 17.61 35.51
N VAL C 692 21.48 17.82 35.02
CA VAL C 692 21.29 18.35 33.67
C VAL C 692 21.64 19.83 33.66
N ILE C 693 22.50 20.22 32.74
CA ILE C 693 22.94 21.61 32.62
C ILE C 693 22.57 22.24 31.29
N ALA C 694 22.06 21.47 30.33
CA ALA C 694 21.65 22.02 29.04
C ALA C 694 20.58 21.11 28.45
N ASP C 695 19.43 21.68 28.10
CA ASP C 695 18.33 20.90 27.58
C ASP C 695 18.56 20.54 26.12
N GLY C 696 18.02 19.39 25.73
CA GLY C 696 18.01 18.97 24.35
C GLY C 696 16.79 19.50 23.62
N PRO C 697 16.53 18.97 22.42
CA PRO C 697 15.41 19.49 21.62
C PRO C 697 14.06 19.39 22.31
N CYS C 698 13.62 18.18 22.62
CA CYS C 698 12.30 17.95 23.21
C CYS C 698 12.40 17.72 24.72
N THR C 699 12.95 18.69 25.43
CA THR C 699 13.06 18.59 26.88
C THR C 699 12.92 19.97 27.50
N GLN C 700 12.48 19.99 28.75
CA GLN C 700 12.41 21.22 29.55
C GLN C 700 12.85 20.88 30.97
N ASN C 701 13.98 21.45 31.38
CA ASN C 701 14.54 21.18 32.70
C ASN C 701 14.81 19.68 32.89
N GLY C 702 15.25 19.01 31.83
CA GLY C 702 15.59 17.61 31.91
C GLY C 702 14.44 16.64 31.80
N GLU C 703 13.23 17.13 31.58
CA GLU C 703 12.05 16.28 31.43
C GLU C 703 11.59 16.29 29.97
N MET C 704 11.33 15.10 29.44
CA MET C 704 10.95 14.97 28.04
C MET C 704 9.67 15.75 27.76
N ALA C 705 9.70 16.61 26.74
CA ALA C 705 8.58 17.48 26.38
C ALA C 705 8.34 17.35 24.88
N LEU C 706 7.49 16.39 24.50
CA LEU C 706 7.24 16.12 23.09
C LEU C 706 6.18 17.04 22.49
N GLY C 707 5.34 17.67 23.31
CA GLY C 707 4.27 18.49 22.79
C GLY C 707 3.88 19.65 23.70
N LYS C 708 2.67 20.16 23.54
CA LYS C 708 2.19 21.31 24.30
C LYS C 708 0.86 20.97 24.96
N ASN C 709 0.66 21.52 26.16
CA ASN C 709 -0.59 21.36 26.89
C ASN C 709 -1.44 22.60 26.69
N LEU C 710 -2.68 22.43 26.26
CA LEU C 710 -3.53 23.54 25.87
C LEU C 710 -4.97 23.27 26.30
N LEU C 711 -5.76 24.35 26.33
CA LEU C 711 -7.14 24.30 26.81
C LEU C 711 -8.03 23.71 25.72
N VAL C 712 -8.73 22.63 26.07
CA VAL C 712 -9.59 21.89 25.14
C VAL C 712 -10.99 21.82 25.71
N ALA C 713 -11.98 21.96 24.83
CA ALA C 713 -13.39 21.76 25.14
C ALA C 713 -13.94 20.64 24.28
N ILE C 714 -14.64 19.70 24.91
CA ILE C 714 -15.16 18.51 24.23
C ILE C 714 -16.58 18.84 23.81
N MET C 715 -16.76 19.13 22.52
CA MET C 715 -18.08 19.42 21.98
C MET C 715 -18.00 19.44 20.46
N PRO C 716 -19.06 19.08 19.76
CA PRO C 716 -19.10 19.33 18.31
C PRO C 716 -19.34 20.81 18.03
N TRP C 717 -18.72 21.33 16.97
CA TRP C 717 -18.75 22.75 16.68
C TRP C 717 -18.97 22.95 15.19
N GLU C 718 -20.24 23.15 14.81
CA GLU C 718 -20.61 23.58 13.45
C GLU C 718 -20.10 22.63 12.38
N GLY C 719 -19.73 21.41 12.75
CA GLY C 719 -19.29 20.44 11.77
C GLY C 719 -17.88 20.61 11.26
N HIS C 720 -17.09 21.54 11.84
CA HIS C 720 -15.71 21.72 11.43
C HIS C 720 -14.77 20.70 12.06
N ASN C 721 -15.21 20.01 13.11
CA ASN C 721 -14.45 18.91 13.70
C ASN C 721 -15.11 17.56 13.39
N TYR C 722 -15.80 17.48 12.26
CA TYR C 722 -16.50 16.27 11.86
C TYR C 722 -15.51 15.21 11.39
N GLU C 723 -15.73 13.98 11.84
CA GLU C 723 -14.90 12.83 11.47
C GLU C 723 -13.42 13.07 11.83
N ASP C 724 -13.19 13.26 13.13
CA ASP C 724 -11.86 13.36 13.73
C ASP C 724 -11.12 14.64 13.37
N ALA C 725 -11.74 15.58 12.66
CA ALA C 725 -11.08 16.83 12.36
C ALA C 725 -10.90 17.64 13.64
N ILE C 726 -9.97 18.60 13.60
CA ILE C 726 -9.58 19.38 14.77
C ILE C 726 -9.72 20.86 14.44
N ILE C 727 -10.17 21.64 15.42
CA ILE C 727 -10.29 23.08 15.31
C ILE C 727 -9.30 23.72 16.27
N LEU C 728 -8.53 24.69 15.77
CA LEU C 728 -7.51 25.37 16.57
C LEU C 728 -7.82 26.85 16.65
N SER C 729 -7.43 27.46 17.76
CA SER C 729 -7.50 28.90 17.92
C SER C 729 -6.32 29.56 17.20
N ASN C 730 -6.56 30.75 16.65
CA ASN C 730 -5.50 31.45 15.94
C ASN C 730 -4.34 31.83 16.87
N ARG C 731 -4.57 31.86 18.18
CA ARG C 731 -3.50 32.17 19.12
C ARG C 731 -2.31 31.25 18.92
N LEU C 732 -2.56 29.96 18.72
CA LEU C 732 -1.47 29.01 18.55
C LEU C 732 -0.59 29.36 17.36
N VAL C 733 -1.11 30.12 16.40
CA VAL C 733 -0.29 30.62 15.30
C VAL C 733 0.39 31.93 15.67
N GLU C 734 -0.34 32.81 16.36
CA GLU C 734 0.22 34.12 16.71
C GLU C 734 1.40 34.00 17.67
N GLU C 735 1.28 33.13 18.67
CA GLU C 735 2.28 33.00 19.72
C GLU C 735 3.30 31.90 19.43
N ASP C 736 3.26 31.30 18.24
CA ASP C 736 4.20 30.25 17.86
C ASP C 736 4.19 29.09 18.85
N VAL C 737 3.01 28.74 19.35
CA VAL C 737 2.91 27.65 20.31
C VAL C 737 3.32 26.33 19.67
N LEU C 738 2.88 26.09 18.44
CA LEU C 738 3.15 24.84 17.72
C LEU C 738 4.04 25.09 16.50
N THR C 739 4.98 26.01 16.62
CA THR C 739 5.91 26.31 15.53
C THR C 739 7.14 25.42 15.63
N SER C 740 7.63 24.97 14.49
CA SER C 740 8.81 24.12 14.40
C SER C 740 9.80 24.69 13.40
N ILE C 741 11.02 24.17 13.43
CA ILE C 741 12.08 24.58 12.53
C ILE C 741 12.56 23.34 11.78
N HIS C 742 12.62 23.44 10.45
CA HIS C 742 13.04 22.34 9.60
C HIS C 742 14.23 22.78 8.75
N ILE C 743 15.28 21.96 8.72
CA ILE C 743 16.50 22.25 8.00
C ILE C 743 16.67 21.19 6.91
N GLU C 744 16.88 21.65 5.67
CA GLU C 744 17.07 20.77 4.53
C GLU C 744 18.46 20.98 3.95
N GLU C 745 19.02 19.91 3.39
CA GLU C 745 20.38 19.91 2.85
C GLU C 745 20.30 19.68 1.34
N HIS C 746 21.02 20.51 0.59
CA HIS C 746 21.12 20.38 -0.86
C HIS C 746 22.59 20.19 -1.23
N GLU C 747 22.85 19.25 -2.13
CA GLU C 747 24.21 18.86 -2.49
C GLU C 747 24.41 18.99 -3.98
N ILE C 748 25.58 19.48 -4.38
CA ILE C 748 25.94 19.58 -5.79
C ILE C 748 27.41 19.21 -5.95
N ASP C 749 27.71 18.45 -6.99
CA ASP C 749 29.06 17.98 -7.25
C ASP C 749 29.53 18.43 -8.63
N ALA C 750 30.77 18.87 -8.70
CA ALA C 750 31.43 19.23 -9.95
C ALA C 750 32.45 18.13 -10.26
N ARG C 751 32.17 17.37 -11.32
CA ARG C 751 32.99 16.23 -11.72
C ARG C 751 33.24 16.30 -13.22
N ASP C 752 34.49 16.05 -13.62
CA ASP C 752 34.89 16.26 -15.00
C ASP C 752 34.16 15.30 -15.94
N THR C 753 33.96 15.74 -17.17
CA THR C 753 33.37 14.95 -18.24
C THR C 753 34.38 14.76 -19.36
N LYS C 754 34.01 13.91 -20.33
CA LYS C 754 34.91 13.64 -21.45
C LYS C 754 35.15 14.89 -22.28
N LEU C 755 34.14 15.75 -22.43
CA LEU C 755 34.27 16.97 -23.20
C LEU C 755 34.97 18.09 -22.44
N GLY C 756 35.35 17.85 -21.19
CA GLY C 756 35.99 18.85 -20.36
C GLY C 756 35.39 18.91 -18.97
N ALA C 757 36.11 19.61 -18.09
CA ALA C 757 35.70 19.68 -16.69
C ALA C 757 34.62 20.72 -16.49
N GLU C 758 33.61 20.36 -15.70
CA GLU C 758 32.57 21.29 -15.30
C GLU C 758 33.00 22.00 -14.02
N GLU C 759 32.66 23.29 -13.93
CA GLU C 759 33.20 24.14 -12.88
C GLU C 759 32.10 25.02 -12.31
N ILE C 760 32.31 25.44 -11.06
CA ILE C 760 31.38 26.32 -10.36
C ILE C 760 31.82 27.76 -10.61
N THR C 761 30.97 28.54 -11.28
CA THR C 761 31.28 29.92 -11.62
C THR C 761 30.08 30.81 -11.30
N ARG C 762 30.38 32.04 -10.88
CA ARG C 762 29.33 33.01 -10.62
C ARG C 762 28.57 33.37 -11.89
N ASP C 763 29.29 33.56 -13.00
CA ASP C 763 28.67 33.94 -14.25
C ASP C 763 28.16 32.71 -14.99
N ILE C 764 26.93 32.79 -15.48
CA ILE C 764 26.33 31.68 -16.23
C ILE C 764 25.55 32.23 -17.40
N PRO C 765 25.43 31.44 -18.47
CA PRO C 765 24.82 31.96 -19.69
C PRO C 765 23.31 32.15 -19.57
N ASN C 766 22.79 33.10 -20.34
CA ASN C 766 21.35 33.27 -20.56
C ASN C 766 20.59 33.42 -19.24
N VAL C 767 21.07 34.32 -18.38
CA VAL C 767 20.37 34.68 -17.15
C VAL C 767 20.46 36.18 -16.95
N SER C 768 19.41 36.74 -16.34
CA SER C 768 19.42 38.16 -16.02
C SER C 768 20.42 38.44 -14.90
N ASP C 769 20.88 39.69 -14.86
CA ASP C 769 21.85 40.09 -13.86
C ASP C 769 21.27 40.11 -12.45
N GLU C 770 19.94 40.10 -12.32
CA GLU C 770 19.32 40.08 -11.00
C GLU C 770 19.20 38.67 -10.43
N VAL C 771 19.30 37.63 -11.25
CA VAL C 771 19.16 36.27 -10.76
C VAL C 771 20.34 35.89 -9.86
N LEU C 772 21.54 36.35 -10.21
CA LEU C 772 22.74 36.03 -9.44
C LEU C 772 23.11 37.13 -8.46
N ALA C 773 22.14 37.94 -8.04
CA ALA C 773 22.43 39.01 -7.08
C ALA C 773 22.82 38.44 -5.72
N ASP C 774 22.36 37.23 -5.39
CA ASP C 774 22.59 36.63 -4.09
C ASP C 774 23.73 35.61 -4.11
N LEU C 775 24.49 35.54 -5.20
CA LEU C 775 25.57 34.56 -5.31
C LEU C 775 26.88 35.19 -4.89
N ASP C 776 27.66 34.44 -4.10
CA ASP C 776 28.95 34.93 -3.62
C ASP C 776 29.89 35.14 -4.80
N GLU C 777 31.05 35.74 -4.51
CA GLU C 777 32.04 36.02 -5.54
C GLU C 777 32.46 34.76 -6.28
N ARG C 778 32.41 33.61 -5.61
CA ARG C 778 32.82 32.34 -6.20
C ARG C 778 31.63 31.51 -6.68
N GLY C 779 30.45 32.10 -6.80
CA GLY C 779 29.31 31.45 -7.42
C GLY C 779 28.42 30.67 -6.49
N ILE C 780 28.64 30.71 -5.18
CA ILE C 780 27.82 30.01 -4.21
C ILE C 780 26.92 31.02 -3.51
N VAL C 781 25.67 30.62 -3.28
CA VAL C 781 24.71 31.54 -2.67
C VAL C 781 25.24 32.05 -1.34
N ARG C 782 25.00 33.33 -1.07
CA ARG C 782 25.48 33.96 0.14
C ARG C 782 24.68 33.50 1.35
N ILE C 783 25.37 33.31 2.48
CA ILE C 783 24.71 32.86 3.69
C ILE C 783 23.82 33.97 4.25
N GLY C 784 22.61 33.62 4.63
CA GLY C 784 21.65 34.54 5.17
C GLY C 784 20.62 35.04 4.19
N ALA C 785 20.80 34.78 2.90
CA ALA C 785 19.85 35.25 1.89
C ALA C 785 18.62 34.36 1.86
N GLU C 786 17.46 34.98 1.68
CA GLU C 786 16.23 34.24 1.47
C GLU C 786 16.19 33.67 0.06
N VAL C 787 15.74 32.42 -0.06
CA VAL C 787 15.68 31.73 -1.34
C VAL C 787 14.31 31.10 -1.49
N ARG C 788 13.70 31.30 -2.66
CA ARG C 788 12.45 30.65 -3.01
C ARG C 788 12.74 29.43 -3.88
N ASP C 789 11.67 28.76 -4.31
CA ASP C 789 11.82 27.64 -5.23
C ASP C 789 12.26 28.12 -6.60
N GLY C 790 13.22 27.42 -7.19
CA GLY C 790 13.78 27.80 -8.47
C GLY C 790 14.94 28.77 -8.39
N ASP C 791 15.26 29.28 -7.21
CA ASP C 791 16.38 30.21 -7.07
C ASP C 791 17.70 29.46 -7.17
N ILE C 792 18.73 30.17 -7.64
CA ILE C 792 20.04 29.56 -7.85
C ILE C 792 20.76 29.43 -6.52
N LEU C 793 21.22 28.22 -6.20
CA LEU C 793 22.02 27.97 -5.01
C LEU C 793 23.51 27.86 -5.32
N VAL C 794 23.87 27.14 -6.39
CA VAL C 794 25.26 27.01 -6.80
C VAL C 794 25.34 27.04 -8.32
N GLY C 795 25.93 28.10 -8.87
CA GLY C 795 26.07 28.20 -10.31
C GLY C 795 27.10 27.21 -10.81
N LYS C 796 26.76 26.48 -11.87
CA LYS C 796 27.65 25.50 -12.47
C LYS C 796 27.38 25.41 -13.96
N VAL C 797 28.44 25.17 -14.73
CA VAL C 797 28.35 25.06 -16.17
C VAL C 797 29.07 23.79 -16.62
N THR C 798 28.62 23.22 -17.73
CA THR C 798 29.21 22.00 -18.25
C THR C 798 29.51 22.13 -19.74
N PRO C 799 30.60 21.52 -20.23
CA PRO C 799 30.86 21.56 -21.67
C PRO C 799 29.69 20.96 -22.45
N LYS C 800 29.37 21.58 -23.59
CA LYS C 800 28.21 21.21 -24.39
C LYS C 800 28.54 20.45 -25.66
N GLY C 801 29.59 20.85 -26.39
CA GLY C 801 29.96 20.16 -27.60
C GLY C 801 29.37 20.78 -28.85
N GLU C 802 28.88 19.94 -29.76
CA GLU C 802 28.33 20.43 -31.02
C GLU C 802 27.14 21.36 -30.78
N THR C 803 27.07 22.43 -31.58
CA THR C 803 25.98 23.38 -31.48
C THR C 803 24.85 23.06 -32.47
N GLU C 804 25.17 23.06 -33.76
CA GLU C 804 24.20 22.76 -34.82
C GLU C 804 22.93 23.60 -34.64
N LEU C 805 23.13 24.90 -34.45
CA LEU C 805 22.00 25.80 -34.24
C LEU C 805 21.08 25.81 -35.46
N THR C 806 19.78 25.82 -35.21
CA THR C 806 18.81 25.93 -36.28
C THR C 806 18.86 27.33 -36.90
N PRO C 807 18.54 27.45 -38.19
CA PRO C 807 18.70 28.75 -38.85
C PRO C 807 17.94 29.87 -38.16
N GLU C 808 16.76 29.61 -37.62
CA GLU C 808 16.03 30.65 -36.91
C GLU C 808 16.78 31.11 -35.67
N GLU C 809 17.41 30.18 -34.95
CA GLU C 809 18.19 30.57 -33.78
C GLU C 809 19.40 31.41 -34.17
N ARG C 810 20.06 31.06 -35.27
CA ARG C 810 21.18 31.87 -35.75
C ARG C 810 20.72 33.26 -36.15
N LEU C 811 19.56 33.35 -36.82
CA LEU C 811 19.03 34.66 -37.18
C LEU C 811 18.74 35.49 -35.95
N LEU C 812 18.11 34.87 -34.94
CA LEU C 812 17.80 35.59 -33.71
C LEU C 812 19.08 36.05 -33.01
N ARG C 813 20.11 35.20 -33.00
CA ARG C 813 21.39 35.63 -32.45
C ARG C 813 21.94 36.82 -33.20
N ALA C 814 21.80 36.83 -34.53
CA ALA C 814 22.25 37.95 -35.33
C ALA C 814 21.47 39.22 -35.05
N ILE C 815 20.18 39.11 -34.71
CA ILE C 815 19.38 40.29 -34.39
C ILE C 815 19.96 40.99 -33.16
N PHE C 816 20.28 40.23 -32.12
CA PHE C 816 20.82 40.77 -30.89
C PHE C 816 22.34 40.70 -30.92
N GLY C 817 23.00 41.10 -29.83
CA GLY C 817 24.44 41.10 -29.75
C GLY C 817 24.97 39.99 -28.85
N GLU C 818 24.36 38.81 -28.93
CA GLU C 818 24.74 37.67 -28.11
C GLU C 818 25.20 36.53 -29.01
N LYS C 819 26.02 35.65 -28.45
CA LYS C 819 26.53 34.49 -29.14
C LYS C 819 26.44 33.28 -28.24
N ALA C 820 26.32 32.10 -28.85
CA ALA C 820 26.11 30.87 -28.09
C ALA C 820 27.40 30.43 -27.43
N ARG C 821 27.40 30.38 -26.10
CA ARG C 821 28.53 29.86 -25.37
C ARG C 821 28.58 28.34 -25.49
N GLU C 822 29.78 27.79 -25.30
CA GLU C 822 29.98 26.34 -25.41
C GLU C 822 29.53 25.58 -24.18
N VAL C 823 28.74 26.16 -23.27
CA VAL C 823 28.46 25.54 -21.99
C VAL C 823 26.96 25.49 -21.74
N ARG C 824 26.53 24.38 -21.14
CA ARG C 824 25.17 24.22 -20.64
C ARG C 824 25.09 24.67 -19.19
N ASP C 825 23.94 25.22 -18.82
CA ASP C 825 23.65 25.57 -17.44
C ASP C 825 23.11 24.37 -16.69
N THR C 826 23.78 23.97 -15.63
CA THR C 826 23.35 22.87 -14.77
C THR C 826 23.48 23.27 -13.30
N SER C 827 23.16 24.52 -13.00
CA SER C 827 23.32 25.02 -11.64
C SER C 827 22.31 24.37 -10.71
N LEU C 828 22.69 24.28 -9.44
CA LEU C 828 21.77 23.78 -8.41
C LEU C 828 20.70 24.81 -8.13
N LYS C 829 19.46 24.35 -7.95
CA LYS C 829 18.33 25.23 -7.69
C LYS C 829 17.46 24.64 -6.60
N VAL C 830 16.75 25.52 -5.90
CA VAL C 830 15.88 25.13 -4.79
C VAL C 830 14.74 24.27 -5.36
N PRO C 831 14.49 23.07 -4.81
CA PRO C 831 13.39 22.25 -5.32
C PRO C 831 12.04 22.96 -5.22
N HIS C 832 11.05 22.48 -5.97
CA HIS C 832 9.73 23.10 -5.97
C HIS C 832 9.08 22.98 -4.59
N GLY C 833 8.49 24.07 -4.13
CA GLY C 833 7.82 24.08 -2.84
C GLY C 833 8.73 24.29 -1.65
N GLU C 834 10.03 24.47 -1.88
CA GLU C 834 11.00 24.65 -0.80
C GLU C 834 11.48 26.10 -0.77
N SER C 835 11.72 26.61 0.43
CA SER C 835 12.19 27.98 0.61
C SER C 835 12.68 28.12 2.05
N GLY C 836 13.30 29.26 2.32
CA GLY C 836 13.84 29.53 3.64
C GLY C 836 15.06 30.41 3.54
N LYS C 837 15.85 30.42 4.61
CA LYS C 837 17.08 31.19 4.69
C LYS C 837 18.28 30.25 4.73
N VAL C 838 19.32 30.61 3.98
CA VAL C 838 20.55 29.83 3.95
C VAL C 838 21.29 30.07 5.27
N ILE C 839 21.48 29.01 6.05
CA ILE C 839 22.13 29.13 7.35
C ILE C 839 23.55 28.59 7.37
N GLY C 840 23.94 27.79 6.38
CA GLY C 840 25.29 27.25 6.34
C GLY C 840 25.68 26.65 5.01
N ILE C 841 26.97 26.69 4.70
CA ILE C 841 27.50 26.13 3.47
C ILE C 841 28.83 25.45 3.79
N ARG C 842 29.03 24.26 3.25
CA ARG C 842 30.28 23.52 3.41
C ARG C 842 30.78 23.07 2.05
N VAL C 843 32.08 23.25 1.82
CA VAL C 843 32.69 23.01 0.52
C VAL C 843 33.89 22.10 0.69
N PHE C 844 33.98 21.09 -0.16
CA PHE C 844 35.14 20.21 -0.25
C PHE C 844 35.72 20.31 -1.65
N SER C 845 37.04 20.37 -1.75
CA SER C 845 37.71 20.58 -3.02
C SER C 845 38.83 19.57 -3.20
N ARG C 846 38.92 19.01 -4.40
CA ARG C 846 40.03 18.13 -4.73
C ARG C 846 41.36 18.89 -4.69
N GLU C 847 41.32 20.20 -4.97
CA GLU C 847 42.53 21.01 -4.93
C GLU C 847 43.05 21.18 -3.50
N ASP C 848 42.25 20.83 -2.48
CA ASP C 848 42.64 21.00 -1.09
C ASP C 848 42.73 19.66 -0.39
N ASP C 849 43.07 18.60 -1.14
CA ASP C 849 43.33 17.28 -0.57
C ASP C 849 42.15 16.73 0.21
N ASP C 850 40.93 17.08 -0.22
CA ASP C 850 39.73 16.51 0.40
C ASP C 850 39.44 15.13 -0.15
N GLU C 851 38.80 14.30 0.67
CA GLU C 851 38.52 12.91 0.31
C GLU C 851 37.27 12.86 -0.57
N LEU C 852 37.41 13.39 -1.77
CA LEU C 852 36.32 13.38 -2.75
C LEU C 852 36.25 12.04 -3.46
N PRO C 853 35.09 11.69 -4.01
CA PRO C 853 34.99 10.47 -4.82
C PRO C 853 35.87 10.56 -6.06
N ALA C 854 36.01 9.42 -6.73
CA ALA C 854 36.82 9.36 -7.94
C ALA C 854 36.13 10.15 -9.05
N GLY C 855 36.88 11.06 -9.68
CA GLY C 855 36.37 11.87 -10.75
C GLY C 855 35.64 13.12 -10.31
N VAL C 856 35.42 13.30 -9.01
CA VAL C 856 34.72 14.47 -8.49
C VAL C 856 35.75 15.53 -8.13
N ASN C 857 35.62 16.72 -8.73
CA ASN C 857 36.55 17.80 -8.46
C ASN C 857 36.12 18.67 -7.30
N GLU C 858 34.82 18.84 -7.08
CA GLU C 858 34.34 19.70 -6.00
C GLU C 858 33.00 19.22 -5.50
N LEU C 859 32.69 19.55 -4.25
CA LEU C 859 31.44 19.20 -3.61
C LEU C 859 30.97 20.38 -2.77
N VAL C 860 29.70 20.77 -2.91
CA VAL C 860 29.13 21.89 -2.16
C VAL C 860 27.82 21.44 -1.53
N ARG C 861 27.64 21.77 -0.25
CA ARG C 861 26.43 21.47 0.49
C ARG C 861 25.90 22.75 1.11
N VAL C 862 24.61 22.99 0.93
CA VAL C 862 23.93 24.19 1.41
C VAL C 862 22.77 23.77 2.30
N TYR C 863 22.65 24.41 3.47
CA TYR C 863 21.60 24.11 4.42
C TYR C 863 20.61 25.27 4.44
N VAL C 864 19.33 24.95 4.24
CA VAL C 864 18.25 25.94 4.21
C VAL C 864 17.34 25.65 5.39
N ALA C 865 17.14 26.65 6.25
CA ALA C 865 16.32 26.50 7.45
C ALA C 865 15.04 27.31 7.30
N GLN C 866 13.90 26.67 7.55
CA GLN C 866 12.59 27.30 7.42
C GLN C 866 11.79 27.06 8.68
N LYS C 867 11.04 28.08 9.09
CA LYS C 867 10.21 28.05 10.30
C LYS C 867 8.77 27.80 9.88
N ARG C 868 8.25 26.63 10.23
CA ARG C 868 6.90 26.22 9.85
C ARG C 868 5.96 26.46 11.03
N LYS C 869 4.86 27.17 10.75
CA LYS C 869 3.79 27.33 11.72
C LYS C 869 2.73 26.25 11.51
N ILE C 870 1.85 26.10 12.49
CA ILE C 870 0.74 25.16 12.37
C ILE C 870 -0.28 25.72 11.39
N SER C 871 -0.75 24.86 10.48
CA SER C 871 -1.64 25.29 9.41
C SER C 871 -2.61 24.17 9.09
N ASP C 872 -3.64 24.52 8.31
CA ASP C 872 -4.66 23.54 7.95
C ASP C 872 -4.02 22.35 7.24
N GLY C 873 -4.49 21.15 7.59
CA GLY C 873 -3.95 19.92 7.04
C GLY C 873 -2.85 19.29 7.85
N ASP C 874 -2.23 20.03 8.77
CA ASP C 874 -1.25 19.44 9.66
C ASP C 874 -1.94 18.47 10.62
N LYS C 875 -1.17 17.48 11.07
CA LYS C 875 -1.70 16.39 11.88
C LYS C 875 -1.30 16.59 13.33
N LEU C 876 -2.29 16.57 14.22
CA LEU C 876 -2.07 16.63 15.66
C LEU C 876 -2.56 15.34 16.28
N ALA C 877 -2.02 15.00 17.45
CA ALA C 877 -2.40 13.77 18.12
C ALA C 877 -2.10 13.87 19.60
N GLY C 878 -2.91 13.17 20.40
CA GLY C 878 -2.65 13.02 21.82
C GLY C 878 -1.86 11.76 22.11
N ARG C 879 -1.72 11.49 23.42
CA ARG C 879 -0.99 10.31 23.86
C ARG C 879 -1.86 9.07 23.95
N HIS C 880 -3.16 9.17 23.63
CA HIS C 880 -4.10 8.07 23.79
C HIS C 880 -4.62 7.56 22.45
N GLY C 881 -3.86 7.72 21.38
CA GLY C 881 -4.29 7.25 20.08
C GLY C 881 -5.31 8.11 19.40
N ASN C 882 -5.60 9.30 19.92
CA ASN C 882 -6.56 10.22 19.31
C ASN C 882 -5.79 11.21 18.44
N LYS C 883 -6.00 11.14 17.13
CA LYS C 883 -5.28 11.97 16.17
C LYS C 883 -6.27 12.52 15.15
N GLY C 884 -5.88 13.65 14.55
CA GLY C 884 -6.70 14.27 13.53
C GLY C 884 -5.96 15.39 12.85
N VAL C 885 -6.44 15.74 11.67
CA VAL C 885 -5.86 16.83 10.89
C VAL C 885 -6.63 18.11 11.19
N ILE C 886 -5.90 19.22 11.23
CA ILE C 886 -6.51 20.51 11.53
C ILE C 886 -7.33 20.95 10.32
N GLY C 887 -8.65 21.09 10.52
CA GLY C 887 -9.53 21.46 9.44
C GLY C 887 -9.85 22.94 9.42
N LYS C 888 -9.83 23.59 10.58
CA LYS C 888 -10.19 24.99 10.68
C LYS C 888 -9.35 25.64 11.77
N ILE C 889 -8.83 26.84 11.47
CA ILE C 889 -8.15 27.68 12.43
C ILE C 889 -8.99 28.94 12.59
N LEU C 890 -9.63 29.09 13.75
CA LEU C 890 -10.56 30.18 13.96
C LEU C 890 -9.88 31.36 14.62
N PRO C 891 -10.37 32.59 14.38
CA PRO C 891 -9.85 33.73 15.14
C PRO C 891 -10.22 33.62 16.60
N VAL C 892 -9.45 34.32 17.44
CA VAL C 892 -9.61 34.20 18.89
C VAL C 892 -11.03 34.58 19.31
N GLU C 893 -11.61 35.60 18.70
CA GLU C 893 -12.94 36.05 19.09
C GLU C 893 -14.05 35.09 18.66
N ASP C 894 -13.74 34.10 17.83
CA ASP C 894 -14.74 33.12 17.40
C ASP C 894 -14.78 31.89 18.30
N MET C 895 -13.69 31.58 18.98
CA MET C 895 -13.64 30.37 19.79
C MET C 895 -14.59 30.50 20.99
N PRO C 896 -15.19 29.40 21.44
CA PRO C 896 -15.92 29.43 22.70
C PRO C 896 -14.98 29.82 23.84
N PHE C 897 -15.50 30.60 24.79
CA PHE C 897 -14.69 31.12 25.88
C PHE C 897 -15.39 30.91 27.22
N LEU C 898 -14.57 30.82 28.26
CA LEU C 898 -15.06 30.60 29.60
C LEU C 898 -15.75 31.86 30.12
N PRO C 899 -16.54 31.75 31.18
CA PRO C 899 -17.22 32.94 31.71
C PRO C 899 -16.27 34.06 32.09
N ASP C 900 -15.06 33.73 32.54
CA ASP C 900 -14.09 34.77 32.90
C ASP C 900 -13.48 35.44 31.68
N GLY C 901 -13.73 34.94 30.47
CA GLY C 901 -13.23 35.54 29.25
C GLY C 901 -12.13 34.76 28.56
N THR C 902 -11.68 33.65 29.14
CA THR C 902 -10.61 32.86 28.54
C THR C 902 -11.13 32.07 27.36
N PRO C 903 -10.60 32.25 26.15
CA PRO C 903 -11.03 31.41 25.03
C PRO C 903 -10.31 30.07 25.03
N VAL C 904 -11.02 29.05 24.55
CA VAL C 904 -10.41 27.73 24.43
C VAL C 904 -9.51 27.69 23.20
N ASP C 905 -8.50 26.82 23.27
CA ASP C 905 -7.49 26.75 22.21
C ASP C 905 -7.81 25.70 21.15
N ILE C 906 -8.36 24.56 21.55
CA ILE C 906 -8.64 23.46 20.64
C ILE C 906 -10.00 22.86 20.99
N ILE C 907 -10.71 22.37 19.98
CA ILE C 907 -12.03 21.77 20.15
C ILE C 907 -11.97 20.36 19.57
N LEU C 908 -12.37 19.38 20.39
CA LEU C 908 -12.39 17.98 19.99
C LEU C 908 -13.83 17.48 19.99
N ASN C 909 -14.15 16.65 19.00
CA ASN C 909 -15.53 16.20 18.80
C ASN C 909 -15.90 15.12 19.80
N THR C 910 -17.14 15.17 20.29
CA THR C 910 -17.61 14.18 21.26
C THR C 910 -17.70 12.79 20.64
N HIS C 911 -18.16 12.69 19.40
CA HIS C 911 -18.53 11.41 18.82
C HIS C 911 -17.37 10.43 18.73
N GLY C 912 -16.13 10.91 18.76
CA GLY C 912 -14.99 10.02 18.55
C GLY C 912 -14.51 9.28 19.78
N VAL C 913 -14.88 9.72 20.97
CA VAL C 913 -14.35 9.13 22.20
C VAL C 913 -15.04 7.82 22.54
N PRO C 914 -16.39 7.79 22.65
CA PRO C 914 -17.03 6.60 23.24
C PRO C 914 -16.76 5.30 22.49
N ARG C 915 -16.76 5.33 21.16
CA ARG C 915 -16.62 4.09 20.40
C ARG C 915 -15.17 3.59 20.38
N ARG C 916 -14.20 4.52 20.39
CA ARG C 916 -12.80 4.15 20.28
C ARG C 916 -12.22 3.59 21.57
N MET C 917 -12.95 3.66 22.68
CA MET C 917 -12.55 3.05 23.94
C MET C 917 -11.22 3.62 24.46
N ASN C 918 -11.04 4.93 24.30
CA ASN C 918 -9.83 5.60 24.81
C ASN C 918 -10.23 6.67 25.82
N ILE C 919 -11.12 6.33 26.75
CA ILE C 919 -11.62 7.27 27.73
C ILE C 919 -10.52 7.86 28.61
N GLY C 920 -9.30 7.31 28.54
CA GLY C 920 -8.21 7.87 29.32
C GLY C 920 -7.92 9.32 29.01
N GLN C 921 -8.27 9.79 27.81
CA GLN C 921 -8.05 11.19 27.48
C GLN C 921 -8.96 12.10 28.29
N ILE C 922 -10.17 11.66 28.62
CA ILE C 922 -11.06 12.46 29.46
C ILE C 922 -10.46 12.60 30.86
N LEU C 923 -9.93 11.51 31.41
CA LEU C 923 -9.27 11.58 32.71
C LEU C 923 -8.05 12.49 32.64
N GLU C 924 -7.28 12.41 31.55
CA GLU C 924 -6.14 13.32 31.39
C GLU C 924 -6.59 14.76 31.37
N THR C 925 -7.69 15.06 30.67
CA THR C 925 -8.20 16.43 30.62
C THR C 925 -8.62 16.91 32.00
N HIS C 926 -9.35 16.07 32.75
CA HIS C 926 -9.77 16.46 34.09
C HIS C 926 -8.57 16.73 34.99
N LEU C 927 -7.58 15.83 34.96
CA LEU C 927 -6.42 16.00 35.83
C LEU C 927 -5.56 17.18 35.39
N GLY C 928 -5.52 17.47 34.08
CA GLY C 928 -4.81 18.64 33.63
C GLY C 928 -5.46 19.92 34.10
N TRP C 929 -6.79 19.98 34.07
CA TRP C 929 -7.48 21.14 34.65
C TRP C 929 -7.20 21.25 36.13
N VAL C 930 -7.22 20.12 36.85
CA VAL C 930 -6.92 20.14 38.27
C VAL C 930 -5.51 20.65 38.53
N ALA C 931 -4.56 20.28 37.66
CA ALA C 931 -3.17 20.69 37.86
C ALA C 931 -2.97 22.16 37.52
N LYS C 932 -3.60 22.65 36.46
CA LYS C 932 -3.41 24.05 36.07
C LYS C 932 -3.86 24.99 37.17
N ALA C 933 -5.08 24.80 37.67
CA ALA C 933 -5.60 25.57 38.79
C ALA C 933 -5.42 24.75 40.06
N GLY C 934 -4.64 25.25 41.00
CA GLY C 934 -4.31 24.49 42.18
C GLY C 934 -5.53 24.00 42.94
N TRP C 935 -5.32 23.11 43.90
CA TRP C 935 -6.38 22.53 44.70
C TRP C 935 -6.01 22.58 46.17
N ASN C 936 -7.03 22.51 47.03
CA ASN C 936 -6.83 22.54 48.47
C ASN C 936 -7.94 21.71 49.11
N ILE C 937 -7.57 20.56 49.67
CA ILE C 937 -8.54 19.70 50.34
C ILE C 937 -8.64 20.12 51.81
N ASP C 938 -9.86 20.40 52.25
CA ASP C 938 -10.07 20.78 53.64
C ASP C 938 -9.85 19.58 54.57
N VAL C 939 -9.23 19.84 55.71
CA VAL C 939 -8.93 18.80 56.69
C VAL C 939 -9.49 19.22 58.05
N ALA C 940 -10.56 20.01 58.05
CA ALA C 940 -11.12 20.52 59.29
C ALA C 940 -11.58 19.37 60.18
N ALA C 941 -12.58 18.62 59.74
CA ALA C 941 -13.07 17.45 60.48
C ALA C 941 -12.43 16.18 59.94
N GLY C 942 -11.10 16.16 59.97
CA GLY C 942 -10.35 15.04 59.47
C GLY C 942 -10.29 15.02 57.95
N VAL C 943 -9.52 14.07 57.44
CA VAL C 943 -9.36 13.91 56.00
C VAL C 943 -10.66 13.34 55.41
N PRO C 944 -11.10 13.79 54.24
CA PRO C 944 -12.30 13.20 53.65
C PRO C 944 -12.11 11.74 53.31
N ASP C 945 -13.23 11.05 53.12
CA ASP C 945 -13.17 9.61 52.85
C ASP C 945 -12.45 9.32 51.55
N TRP C 946 -12.72 10.10 50.50
CA TRP C 946 -12.11 9.85 49.19
C TRP C 946 -10.63 10.19 49.17
N ALA C 947 -10.14 10.93 50.16
CA ALA C 947 -8.74 11.34 50.22
C ALA C 947 -7.93 10.51 51.21
N SER C 948 -8.47 9.38 51.67
CA SER C 948 -7.78 8.57 52.65
C SER C 948 -6.46 8.03 52.10
N LYS C 949 -6.47 7.57 50.85
CA LYS C 949 -5.29 6.96 50.25
C LYS C 949 -4.32 7.97 49.65
N LEU C 950 -4.72 9.23 49.54
CA LEU C 950 -3.83 10.23 48.96
C LEU C 950 -2.64 10.47 49.88
N PRO C 951 -1.44 10.67 49.34
CA PRO C 951 -0.31 11.08 50.19
C PRO C 951 -0.50 12.48 50.73
N GLU C 952 0.30 12.81 51.75
CA GLU C 952 0.17 14.12 52.40
C GLU C 952 0.43 15.25 51.42
N GLU C 953 1.50 15.15 50.63
CA GLU C 953 1.88 16.25 49.76
C GLU C 953 0.83 16.56 48.70
N LEU C 954 -0.11 15.66 48.47
CA LEU C 954 -1.16 15.87 47.48
C LEU C 954 -2.39 16.54 48.08
N TYR C 955 -2.36 16.92 49.34
CA TYR C 955 -3.51 17.59 49.95
C TYR C 955 -3.63 19.05 49.54
N SER C 956 -2.61 19.63 48.90
CA SER C 956 -2.68 21.00 48.43
C SER C 956 -1.60 21.20 47.36
N ALA C 957 -1.80 22.23 46.54
CA ALA C 957 -0.84 22.58 45.49
C ALA C 957 -1.20 23.92 44.87
N PRO C 958 -0.23 24.71 44.44
CA PRO C 958 -0.51 25.98 43.79
C PRO C 958 -0.86 25.78 42.32
N ALA C 959 -1.06 26.90 41.63
CA ALA C 959 -1.40 26.86 40.22
C ALA C 959 -0.21 26.42 39.38
N ASP C 960 -0.51 25.84 38.21
CA ASP C 960 0.52 25.33 37.30
C ASP C 960 1.42 24.31 37.98
N SER C 961 0.84 23.45 38.83
CA SER C 961 1.60 22.45 39.57
C SER C 961 1.59 21.14 38.78
N THR C 962 2.75 20.74 38.28
CA THR C 962 2.86 19.50 37.55
C THR C 962 2.68 18.30 38.48
N VAL C 963 1.98 17.28 37.99
CA VAL C 963 1.69 16.09 38.77
C VAL C 963 2.11 14.87 37.95
N ALA C 964 2.38 13.77 38.67
CA ALA C 964 2.76 12.51 38.05
C ALA C 964 1.74 11.44 38.42
N THR C 965 1.27 10.70 37.42
CA THR C 965 0.34 9.59 37.61
C THR C 965 0.97 8.34 36.98
N PRO C 966 1.67 7.54 37.77
CA PRO C 966 2.30 6.32 37.21
C PRO C 966 1.32 5.51 36.38
N VAL C 967 1.88 4.72 35.46
CA VAL C 967 1.07 4.07 34.44
C VAL C 967 0.09 3.08 35.05
N PHE C 968 0.52 2.28 36.04
CA PHE C 968 -0.35 1.30 36.67
C PHE C 968 -0.52 1.57 38.17
N ASP C 969 -0.02 2.70 38.66
CA ASP C 969 -0.18 3.07 40.06
C ASP C 969 -0.54 4.55 40.15
N GLY C 970 -1.41 5.01 39.27
CA GLY C 970 -1.75 6.41 39.16
C GLY C 970 -2.94 6.79 40.02
N ALA C 971 -3.55 7.93 39.65
CA ALA C 971 -4.68 8.44 40.41
C ALA C 971 -5.93 7.62 40.16
N GLN C 972 -6.67 7.34 41.23
CA GLN C 972 -7.94 6.64 41.11
C GLN C 972 -9.07 7.61 40.82
N GLU C 973 -10.21 7.06 40.40
CA GLU C 973 -11.33 7.90 39.99
C GLU C 973 -11.88 8.72 41.13
N GLY C 974 -12.03 8.14 42.33
CA GLY C 974 -12.54 8.90 43.45
C GLY C 974 -11.66 10.08 43.80
N GLU C 975 -10.35 9.87 43.79
CA GLU C 975 -9.42 10.96 44.04
C GLU C 975 -9.57 12.06 43.00
N LEU C 976 -9.71 11.68 41.72
CA LEU C 976 -9.87 12.67 40.67
C LEU C 976 -11.16 13.46 40.84
N ALA C 977 -12.25 12.79 41.20
CA ALA C 977 -13.51 13.48 41.42
C ALA C 977 -13.41 14.45 42.59
N GLY C 978 -12.79 14.01 43.69
CA GLY C 978 -12.61 14.90 44.82
C GLY C 978 -11.76 16.11 44.48
N LEU C 979 -10.68 15.90 43.72
CA LEU C 979 -9.84 17.02 43.32
C LEU C 979 -10.59 17.97 42.40
N LEU C 980 -11.40 17.44 41.49
CA LEU C 980 -12.25 18.29 40.67
C LEU C 980 -13.18 19.12 41.54
N GLY C 981 -13.72 18.52 42.61
CA GLY C 981 -14.60 19.24 43.51
C GLY C 981 -13.90 20.24 44.40
N SER C 982 -12.58 20.09 44.59
CA SER C 982 -11.82 20.93 45.52
C SER C 982 -10.76 21.77 44.80
N THR C 983 -11.13 22.39 43.68
CA THR C 983 -10.21 23.21 42.90
C THR C 983 -10.26 24.65 43.38
N LEU C 984 -9.13 25.36 43.26
CA LEU C 984 -9.05 26.73 43.70
C LEU C 984 -9.77 27.66 42.72
N PRO C 985 -10.19 28.84 43.17
CA PRO C 985 -10.84 29.80 42.26
C PRO C 985 -9.81 30.52 41.40
N ASN C 986 -10.32 31.42 40.56
CA ASN C 986 -9.49 32.25 39.72
C ASN C 986 -9.20 33.58 40.42
N ARG C 987 -8.68 34.56 39.68
CA ARG C 987 -8.35 35.85 40.29
C ARG C 987 -9.59 36.52 40.87
N ASP C 988 -10.77 36.25 40.30
CA ASP C 988 -12.01 36.86 40.75
C ASP C 988 -12.67 36.12 41.91
N GLY C 989 -12.02 35.08 42.42
CA GLY C 989 -12.57 34.32 43.53
C GLY C 989 -13.83 33.57 43.16
N GLU C 990 -13.84 32.92 42.00
CA GLU C 990 -14.97 32.13 41.56
C GLU C 990 -14.46 30.95 40.74
N VAL C 991 -15.09 29.79 40.95
CA VAL C 991 -14.69 28.56 40.27
C VAL C 991 -15.32 28.54 38.88
N MET C 992 -14.55 28.10 37.89
CA MET C 992 -15.00 28.06 36.51
C MET C 992 -15.51 26.68 36.08
N VAL C 993 -15.02 25.62 36.70
CA VAL C 993 -15.43 24.26 36.38
C VAL C 993 -16.00 23.62 37.64
N ASP C 994 -17.18 23.02 37.52
CA ASP C 994 -17.85 22.42 38.66
C ASP C 994 -17.22 21.07 38.99
N ALA C 995 -17.84 20.33 39.93
CA ALA C 995 -17.30 19.05 40.36
C ALA C 995 -17.43 17.96 39.30
N ASP C 996 -18.20 18.18 38.24
CA ASP C 996 -18.33 17.24 37.15
C ASP C 996 -17.29 17.45 36.06
N GLY C 997 -16.43 18.46 36.19
CA GLY C 997 -15.45 18.76 35.16
C GLY C 997 -15.97 19.57 34.00
N LYS C 998 -17.20 20.07 34.08
CA LYS C 998 -17.84 20.82 33.00
C LYS C 998 -17.92 22.29 33.37
N SER C 999 -18.16 23.12 32.35
CA SER C 999 -18.26 24.55 32.54
C SER C 999 -19.22 25.13 31.51
N THR C 1000 -19.76 26.31 31.82
CA THR C 1000 -20.69 26.99 30.93
C THR C 1000 -19.88 27.87 29.96
N LEU C 1001 -19.95 27.54 28.66
CA LEU C 1001 -19.23 28.26 27.65
C LEU C 1001 -20.13 29.25 26.93
N PHE C 1002 -19.53 30.31 26.40
CA PHE C 1002 -20.24 31.31 25.60
C PHE C 1002 -19.87 31.15 24.13
N ASP C 1003 -20.85 31.32 23.27
CA ASP C 1003 -20.63 31.21 21.83
C ASP C 1003 -19.95 32.47 21.32
N GLY C 1004 -18.79 32.30 20.69
CA GLY C 1004 -18.02 33.45 20.23
C GLY C 1004 -18.62 34.16 19.04
N ARG C 1005 -19.44 33.47 18.24
CA ARG C 1005 -20.00 34.08 17.04
C ARG C 1005 -21.33 34.78 17.34
N SER C 1006 -22.25 34.07 18.00
CA SER C 1006 -23.55 34.64 18.32
C SER C 1006 -23.57 35.36 19.66
N GLY C 1007 -22.73 34.94 20.60
CA GLY C 1007 -22.66 35.56 21.91
C GLY C 1007 -23.54 34.93 22.96
N GLU C 1008 -24.54 34.15 22.56
CA GLU C 1008 -25.41 33.51 23.53
C GLU C 1008 -24.68 32.36 24.21
N PRO C 1009 -24.92 32.12 25.50
CA PRO C 1009 -24.32 30.96 26.16
C PRO C 1009 -24.86 29.66 25.60
N PHE C 1010 -24.02 28.64 25.60
CA PHE C 1010 -24.46 27.33 25.15
C PHE C 1010 -25.48 26.77 26.13
N PRO C 1011 -26.49 26.05 25.65
CA PRO C 1011 -27.57 25.61 26.54
C PRO C 1011 -27.11 24.72 27.68
N TYR C 1012 -26.07 23.91 27.46
CA TYR C 1012 -25.62 22.94 28.45
C TYR C 1012 -24.15 23.12 28.74
N PRO C 1013 -23.70 22.77 29.94
CA PRO C 1013 -22.27 22.87 30.26
C PRO C 1013 -21.45 21.90 29.42
N VAL C 1014 -20.23 22.30 29.11
CA VAL C 1014 -19.33 21.54 28.24
C VAL C 1014 -18.10 21.13 29.04
N THR C 1015 -17.60 19.94 28.76
CA THR C 1015 -16.37 19.49 29.41
C THR C 1015 -15.19 20.31 28.92
N VAL C 1016 -14.42 20.86 29.85
CA VAL C 1016 -13.31 21.74 29.54
C VAL C 1016 -12.12 21.35 30.42
N GLY C 1017 -10.92 21.38 29.85
CA GLY C 1017 -9.74 21.08 30.63
C GLY C 1017 -8.49 21.36 29.84
N TYR C 1018 -7.38 20.77 30.28
CA TYR C 1018 -6.09 20.93 29.60
C TYR C 1018 -5.60 19.57 29.12
N MET C 1019 -5.26 19.48 27.84
CA MET C 1019 -4.80 18.25 27.22
C MET C 1019 -3.45 18.47 26.56
N TYR C 1020 -2.63 17.42 26.55
CA TYR C 1020 -1.29 17.45 25.96
C TYR C 1020 -1.38 16.87 24.54
N ILE C 1021 -0.96 17.66 23.55
CA ILE C 1021 -1.02 17.25 22.16
C ILE C 1021 0.38 17.36 21.55
N LEU C 1022 0.62 16.52 20.53
CA LEU C 1022 1.90 16.47 19.85
C LEU C 1022 1.71 16.91 18.40
N LYS C 1023 2.70 17.60 17.86
CA LYS C 1023 2.72 17.95 16.44
C LYS C 1023 3.46 16.86 15.69
N LEU C 1024 2.73 16.09 14.89
CA LEU C 1024 3.31 14.95 14.20
C LEU C 1024 4.07 15.41 12.95
N HIS C 1025 4.86 14.49 12.39
CA HIS C 1025 5.70 14.78 11.24
C HIS C 1025 5.01 14.49 9.91
N HIS C 1026 3.67 14.56 9.88
CA HIS C 1026 2.90 14.36 8.66
C HIS C 1026 2.42 15.69 8.09
N LEU C 1027 3.27 16.72 8.16
CA LEU C 1027 2.87 18.06 7.75
C LEU C 1027 2.58 18.10 6.25
N VAL C 1028 1.75 19.08 5.86
CA VAL C 1028 1.29 19.18 4.48
C VAL C 1028 2.45 19.55 3.55
N ASP C 1029 3.41 20.33 4.05
CA ASP C 1029 4.44 20.88 3.17
C ASP C 1029 5.13 19.79 2.36
N ASP C 1030 5.46 18.68 3.00
CA ASP C 1030 6.23 17.61 2.36
C ASP C 1030 5.35 16.48 1.85
N LYS C 1031 4.06 16.74 1.62
CA LYS C 1031 3.14 15.73 1.11
C LYS C 1031 2.37 16.18 -0.13
N ILE C 1032 2.08 17.47 -0.25
CA ILE C 1032 1.36 17.96 -1.42
C ILE C 1032 2.29 17.95 -2.63
N HIS C 1033 1.80 17.41 -3.74
CA HIS C 1033 2.51 17.48 -5.01
C HIS C 1033 1.51 17.42 -6.15
N ALA C 1034 1.87 18.07 -7.27
CA ALA C 1034 1.00 18.15 -8.42
C ALA C 1034 1.85 18.14 -9.68
N ARG C 1035 1.22 17.85 -10.81
CA ARG C 1035 1.95 17.72 -12.07
C ARG C 1035 1.00 17.93 -13.23
N SER C 1036 1.30 18.91 -14.08
CA SER C 1036 0.67 18.99 -15.40
C SER C 1036 1.48 18.20 -16.41
N THR C 1037 2.76 18.54 -16.55
CA THR C 1037 3.72 17.78 -17.34
C THR C 1037 5.07 17.83 -16.66
N GLY C 1038 5.92 16.87 -17.00
CA GLY C 1038 7.22 16.77 -16.37
C GLY C 1038 8.10 15.69 -16.99
N PRO C 1039 9.09 15.23 -16.24
CA PRO C 1039 10.01 14.22 -16.80
C PRO C 1039 9.31 12.90 -17.06
N TYR C 1040 9.81 12.18 -18.05
CA TYR C 1040 9.27 10.89 -18.46
C TYR C 1040 10.34 9.83 -18.35
N SER C 1041 9.93 8.62 -17.96
CA SER C 1041 10.86 7.51 -17.89
C SER C 1041 11.33 7.10 -19.28
N MET C 1042 12.62 6.82 -19.40
CA MET C 1042 13.19 6.48 -20.70
C MET C 1042 12.81 5.06 -21.13
N ILE C 1043 12.57 4.16 -20.19
CA ILE C 1043 12.29 2.77 -20.54
C ILE C 1043 10.82 2.58 -20.89
N THR C 1044 9.92 2.91 -19.95
CA THR C 1044 8.49 2.67 -20.13
C THR C 1044 7.75 3.87 -20.69
N GLN C 1045 8.42 5.01 -20.86
CA GLN C 1045 7.84 6.20 -21.50
C GLN C 1045 6.63 6.74 -20.74
N GLN C 1046 6.47 6.36 -19.48
CA GLN C 1046 5.39 6.88 -18.66
C GLN C 1046 5.92 7.94 -17.70
N PRO C 1047 5.05 8.82 -17.19
CA PRO C 1047 5.48 9.76 -16.17
C PRO C 1047 6.08 9.02 -14.98
N LEU C 1048 7.22 9.52 -14.51
CA LEU C 1048 7.87 8.89 -13.37
C LEU C 1048 7.20 9.32 -12.07
N GLY C 1049 7.30 8.48 -11.05
CA GLY C 1049 6.69 8.72 -9.77
C GLY C 1049 7.65 9.34 -8.77
N GLY C 1050 7.18 9.44 -7.54
CA GLY C 1050 7.93 10.05 -6.46
C GLY C 1050 7.45 11.45 -6.14
N LYS C 1051 7.83 11.90 -4.93
CA LYS C 1051 7.42 13.21 -4.46
C LYS C 1051 8.21 14.34 -5.11
N ALA C 1052 9.36 14.03 -5.73
CA ALA C 1052 10.28 15.04 -6.21
C ALA C 1052 10.15 15.22 -7.71
N GLN C 1053 10.19 16.47 -8.16
CA GLN C 1053 10.24 16.84 -9.57
C GLN C 1053 9.01 16.32 -10.32
N PHE C 1054 7.84 16.82 -9.90
CA PHE C 1054 6.59 16.65 -10.64
C PHE C 1054 6.32 15.17 -10.96
N GLY C 1055 6.13 14.39 -9.91
CA GLY C 1055 5.72 13.01 -10.10
C GLY C 1055 4.25 12.91 -10.44
N GLY C 1056 3.89 11.81 -11.12
CA GLY C 1056 2.54 11.58 -11.56
C GLY C 1056 1.83 10.55 -10.70
N GLN C 1057 0.50 10.69 -10.61
CA GLN C 1057 -0.31 9.74 -9.86
C GLN C 1057 -0.58 8.50 -10.69
N ARG C 1058 -0.67 7.36 -10.01
CA ARG C 1058 -0.91 6.09 -10.67
C ARG C 1058 -2.41 5.82 -10.77
N PHE C 1059 -2.83 5.31 -11.93
CA PHE C 1059 -4.22 4.93 -12.18
C PHE C 1059 -4.27 3.41 -12.27
N GLY C 1060 -4.64 2.76 -11.16
CA GLY C 1060 -4.59 1.32 -11.06
C GLY C 1060 -5.78 0.65 -11.72
N GLU C 1061 -5.78 -0.68 -11.64
CA GLU C 1061 -6.83 -1.46 -12.28
C GLU C 1061 -8.18 -1.30 -11.59
N MET C 1062 -8.17 -1.06 -10.27
CA MET C 1062 -9.43 -0.82 -9.58
C MET C 1062 -10.09 0.46 -10.07
N GLU C 1063 -9.29 1.51 -10.29
CA GLU C 1063 -9.84 2.74 -10.85
C GLU C 1063 -10.39 2.50 -12.26
N CYS C 1064 -9.71 1.67 -13.05
CA CYS C 1064 -10.21 1.33 -14.38
C CYS C 1064 -11.55 0.60 -14.28
N TRP C 1065 -11.67 -0.31 -13.31
CA TRP C 1065 -12.94 -0.99 -13.10
C TRP C 1065 -14.04 0.00 -12.75
N ALA C 1066 -13.72 0.97 -11.88
CA ALA C 1066 -14.71 1.99 -11.52
C ALA C 1066 -15.13 2.79 -12.75
N MET C 1067 -14.16 3.18 -13.58
CA MET C 1067 -14.49 3.94 -14.79
C MET C 1067 -15.36 3.12 -15.72
N GLN C 1068 -15.05 1.84 -15.89
CA GLN C 1068 -15.87 0.98 -16.74
C GLN C 1068 -17.28 0.87 -16.18
N ALA C 1069 -17.41 0.76 -14.85
CA ALA C 1069 -18.73 0.72 -14.24
C ALA C 1069 -19.50 2.00 -14.50
N TYR C 1070 -18.83 3.15 -14.49
CA TYR C 1070 -19.48 4.40 -14.83
C TYR C 1070 -19.84 4.50 -16.31
N GLY C 1071 -19.21 3.69 -17.16
CA GLY C 1071 -19.42 3.83 -18.59
C GLY C 1071 -18.67 4.98 -19.21
N ALA C 1072 -17.65 5.50 -18.53
CA ALA C 1072 -16.85 6.62 -19.04
C ALA C 1072 -15.76 6.08 -19.96
N ALA C 1073 -16.18 5.75 -21.19
CA ALA C 1073 -15.25 5.21 -22.17
C ALA C 1073 -14.19 6.23 -22.56
N TYR C 1074 -14.58 7.50 -22.73
CA TYR C 1074 -13.65 8.50 -23.23
C TYR C 1074 -12.64 8.92 -22.16
N THR C 1075 -13.08 9.08 -20.92
CA THR C 1075 -12.14 9.46 -19.87
C THR C 1075 -11.09 8.38 -19.64
N LEU C 1076 -11.51 7.10 -19.67
CA LEU C 1076 -10.56 6.02 -19.50
C LEU C 1076 -9.52 6.02 -20.62
N GLN C 1077 -9.95 6.19 -21.87
CA GLN C 1077 -9.02 6.24 -22.98
C GLN C 1077 -8.07 7.42 -22.84
N GLU C 1078 -8.60 8.58 -22.45
CA GLU C 1078 -7.75 9.76 -22.27
C GLU C 1078 -6.70 9.51 -21.19
N LEU C 1079 -7.10 8.87 -20.08
CA LEU C 1079 -6.16 8.58 -19.02
C LEU C 1079 -5.11 7.57 -19.44
N LEU C 1080 -5.49 6.58 -20.25
CA LEU C 1080 -4.57 5.50 -20.59
C LEU C 1080 -3.70 5.79 -21.81
N THR C 1081 -4.10 6.72 -22.67
CA THR C 1081 -3.31 6.99 -23.88
C THR C 1081 -2.74 8.40 -23.88
N ILE C 1082 -3.60 9.40 -23.75
CA ILE C 1082 -3.15 10.78 -23.90
C ILE C 1082 -2.19 11.17 -22.79
N LYS C 1083 -2.54 10.82 -21.55
CA LYS C 1083 -1.83 11.35 -20.39
C LYS C 1083 -0.64 10.50 -19.95
N SER C 1084 -0.48 9.30 -20.49
CA SER C 1084 0.55 8.42 -19.97
C SER C 1084 1.69 8.13 -20.93
N ASP C 1085 1.38 7.61 -22.13
CA ASP C 1085 2.45 7.13 -23.00
C ASP C 1085 2.18 7.34 -24.49
N ASP C 1086 1.20 8.15 -24.86
CA ASP C 1086 1.04 8.52 -26.26
C ASP C 1086 2.02 9.64 -26.58
N THR C 1087 3.22 9.27 -27.05
CA THR C 1087 4.30 10.26 -27.15
C THR C 1087 3.92 11.42 -28.05
N VAL C 1088 3.35 11.15 -29.22
CA VAL C 1088 2.89 12.23 -30.09
C VAL C 1088 1.66 12.91 -29.50
N GLY C 1089 0.76 12.11 -28.93
CA GLY C 1089 -0.48 12.65 -28.40
C GLY C 1089 -0.27 13.64 -27.28
N ARG C 1090 0.73 13.38 -26.43
CA ARG C 1090 1.02 14.30 -25.33
C ARG C 1090 1.33 15.70 -25.87
N VAL C 1091 2.27 15.79 -26.81
CA VAL C 1091 2.66 17.08 -27.35
C VAL C 1091 1.51 17.72 -28.11
N LYS C 1092 0.77 16.92 -28.88
CA LYS C 1092 -0.34 17.49 -29.65
C LYS C 1092 -1.41 18.05 -28.72
N VAL C 1093 -1.70 17.35 -27.62
CA VAL C 1093 -2.72 17.81 -26.68
C VAL C 1093 -2.23 19.08 -25.97
N TYR C 1094 -0.96 19.12 -25.58
CA TYR C 1094 -0.44 20.34 -24.97
C TYR C 1094 -0.53 21.51 -25.92
N GLU C 1095 -0.20 21.29 -27.20
CA GLU C 1095 -0.30 22.35 -28.20
C GLU C 1095 -1.73 22.82 -28.36
N ALA C 1096 -2.67 21.87 -28.41
CA ALA C 1096 -4.08 22.23 -28.56
C ALA C 1096 -4.56 23.04 -27.37
N ILE C 1097 -4.16 22.65 -26.15
CA ILE C 1097 -4.62 23.36 -24.97
C ILE C 1097 -4.04 24.77 -24.94
N VAL C 1098 -2.75 24.92 -25.19
CA VAL C 1098 -2.13 26.25 -25.13
C VAL C 1098 -2.70 27.14 -26.22
N LYS C 1099 -2.87 26.60 -27.43
CA LYS C 1099 -3.42 27.40 -28.52
C LYS C 1099 -4.92 27.61 -28.36
N GLY C 1100 -5.63 26.67 -27.74
CA GLY C 1100 -7.05 26.81 -27.52
C GLY C 1100 -7.88 26.14 -28.60
N GLU C 1101 -7.47 24.95 -29.02
CA GLU C 1101 -8.14 24.20 -30.06
C GLU C 1101 -8.76 22.92 -29.48
N ASN C 1102 -9.56 22.25 -30.29
CA ASN C 1102 -10.17 21.01 -29.86
C ASN C 1102 -9.11 19.94 -29.65
N ILE C 1103 -9.28 19.15 -28.59
CA ILE C 1103 -8.32 18.11 -28.24
C ILE C 1103 -8.34 17.03 -29.31
N PRO C 1104 -7.21 16.69 -29.93
CA PRO C 1104 -7.20 15.60 -30.91
C PRO C 1104 -7.39 14.25 -30.23
N GLU C 1105 -7.92 13.29 -31.00
CA GLU C 1105 -8.16 11.97 -30.46
C GLU C 1105 -6.85 11.20 -30.33
N PRO C 1106 -6.76 10.28 -29.37
CA PRO C 1106 -5.49 9.58 -29.14
C PRO C 1106 -5.18 8.56 -30.23
N GLY C 1107 -3.90 8.23 -30.33
CA GLY C 1107 -3.45 7.19 -31.23
C GLY C 1107 -3.30 5.85 -30.53
N ILE C 1108 -2.19 5.18 -30.74
CA ILE C 1108 -1.91 3.88 -30.12
C ILE C 1108 -0.89 4.10 -29.01
N PRO C 1109 -1.15 3.63 -27.79
CA PRO C 1109 -0.16 3.78 -26.72
C PRO C 1109 1.10 2.98 -27.01
N GLU C 1110 2.23 3.47 -26.49
CA GLU C 1110 3.50 2.80 -26.74
C GLU C 1110 3.52 1.39 -26.15
N SER C 1111 2.73 1.15 -25.10
CA SER C 1111 2.74 -0.17 -24.47
C SER C 1111 2.32 -1.27 -25.44
N PHE C 1112 1.28 -1.03 -26.23
CA PHE C 1112 0.82 -2.01 -27.19
C PHE C 1112 1.81 -2.21 -28.33
N LYS C 1113 2.46 -1.14 -28.78
CA LYS C 1113 3.49 -1.28 -29.80
C LYS C 1113 4.65 -2.13 -29.29
N VAL C 1114 5.07 -1.89 -28.05
CA VAL C 1114 6.14 -2.68 -27.47
C VAL C 1114 5.71 -4.14 -27.31
N LEU C 1115 4.45 -4.36 -26.93
CA LEU C 1115 3.94 -5.73 -26.84
C LEU C 1115 3.99 -6.42 -28.19
N LEU C 1116 3.56 -5.73 -29.24
CA LEU C 1116 3.61 -6.31 -30.58
C LEU C 1116 5.03 -6.64 -30.99
N LYS C 1117 5.97 -5.74 -30.71
CA LYS C 1117 7.36 -5.97 -31.10
C LYS C 1117 7.96 -7.15 -30.33
N GLU C 1118 7.64 -7.26 -29.04
CA GLU C 1118 8.13 -8.40 -28.26
C GLU C 1118 7.55 -9.70 -28.80
N LEU C 1119 6.26 -9.72 -29.12
CA LEU C 1119 5.65 -10.92 -29.68
C LEU C 1119 6.31 -11.30 -30.98
N GLN C 1120 6.56 -10.32 -31.85
CA GLN C 1120 7.22 -10.60 -33.12
C GLN C 1120 8.62 -11.13 -32.90
N SER C 1121 9.38 -10.54 -31.98
CA SER C 1121 10.73 -10.99 -31.69
C SER C 1121 10.73 -12.40 -31.10
N LEU C 1122 9.63 -12.81 -30.47
CA LEU C 1122 9.51 -14.16 -29.91
C LEU C 1122 9.01 -15.16 -30.95
N CYS C 1123 9.14 -14.86 -32.24
CA CYS C 1123 8.77 -15.77 -33.33
C CYS C 1123 7.27 -15.99 -33.41
N LEU C 1124 6.48 -15.02 -32.99
CA LEU C 1124 5.03 -15.07 -33.10
C LEU C 1124 4.56 -14.10 -34.19
N ASN C 1125 3.70 -14.58 -35.08
CA ASN C 1125 3.23 -13.80 -36.22
C ASN C 1125 1.97 -13.01 -35.88
N VAL C 1126 2.05 -12.17 -34.85
CA VAL C 1126 0.91 -11.34 -34.47
C VAL C 1126 0.64 -10.32 -35.56
N GLU C 1127 -0.63 -10.19 -35.96
CA GLU C 1127 -1.01 -9.30 -37.04
C GLU C 1127 -2.31 -8.61 -36.68
N VAL C 1128 -2.55 -7.46 -37.32
CA VAL C 1128 -3.76 -6.67 -37.10
C VAL C 1128 -4.61 -6.74 -38.35
N LEU C 1129 -5.87 -7.14 -38.17
CA LEU C 1129 -6.84 -7.22 -39.27
C LEU C 1129 -7.87 -6.12 -39.10
N SER C 1130 -8.21 -5.48 -40.23
CA SER C 1130 -9.21 -4.41 -40.22
C SER C 1130 -10.59 -4.95 -40.58
N SER D 162 21.40 -36.79 -16.54
CA SER D 162 21.70 -35.37 -16.42
C SER D 162 21.71 -34.70 -17.79
N ALA D 163 21.24 -33.45 -17.83
CA ALA D 163 21.15 -32.69 -19.07
C ALA D 163 22.36 -31.80 -19.32
N ASP D 164 23.38 -31.86 -18.46
CA ASP D 164 24.54 -31.01 -18.61
C ASP D 164 25.28 -31.38 -19.90
N SER D 165 25.49 -30.39 -20.78
CA SER D 165 26.19 -30.63 -22.02
C SER D 165 27.70 -30.76 -21.84
N VAL D 166 28.24 -30.21 -20.75
CA VAL D 166 29.66 -30.40 -20.47
C VAL D 166 29.95 -31.87 -20.22
N ARG D 167 29.09 -32.53 -19.44
CA ARG D 167 29.29 -33.95 -19.16
C ARG D 167 29.20 -34.77 -20.44
N ALA D 168 28.26 -34.43 -21.33
CA ALA D 168 28.11 -35.17 -22.57
C ALA D 168 29.38 -35.09 -23.42
N TYR D 169 30.06 -33.94 -23.40
CA TYR D 169 31.31 -33.82 -24.15
C TYR D 169 32.44 -34.58 -23.45
N LEU D 170 32.50 -34.50 -22.11
CA LEU D 170 33.57 -35.18 -21.39
C LEU D 170 33.48 -36.69 -21.58
N LYS D 171 32.27 -37.25 -21.55
CA LYS D 171 32.08 -38.68 -21.73
C LYS D 171 32.07 -39.09 -23.19
N GLN D 172 32.41 -38.18 -24.11
CA GLN D 172 32.44 -38.46 -25.54
C GLN D 172 33.85 -38.47 -26.11
N ILE D 173 34.73 -37.59 -25.62
CA ILE D 173 36.09 -37.49 -26.14
C ILE D 173 36.95 -38.69 -25.80
N GLY D 174 36.47 -39.58 -24.93
CA GLY D 174 37.22 -40.76 -24.55
C GLY D 174 37.15 -41.92 -25.51
N LYS D 175 36.40 -41.78 -26.60
CA LYS D 175 36.27 -42.86 -27.58
C LYS D 175 37.58 -43.14 -28.31
N VAL D 176 38.54 -42.23 -28.25
CA VAL D 176 39.82 -42.37 -28.94
C VAL D 176 40.92 -42.34 -27.88
N ALA D 177 41.82 -43.32 -27.94
CA ALA D 177 42.92 -43.40 -26.99
C ALA D 177 44.03 -42.41 -27.36
N LEU D 178 44.59 -41.77 -26.34
CA LEU D 178 45.67 -40.81 -26.57
C LEU D 178 46.90 -41.53 -27.12
N LEU D 179 47.57 -40.87 -28.07
CA LEU D 179 48.64 -41.50 -28.83
C LEU D 179 49.96 -41.41 -28.08
N ASN D 180 51.02 -41.92 -28.72
CA ASN D 180 52.37 -41.87 -28.18
C ASN D 180 53.31 -41.42 -29.28
N ALA D 181 54.60 -41.29 -28.92
CA ALA D 181 55.57 -40.73 -29.84
C ALA D 181 55.71 -41.57 -31.11
N GLU D 182 55.74 -42.90 -30.98
CA GLU D 182 55.95 -43.77 -32.13
C GLU D 182 54.66 -44.08 -32.87
N GLU D 183 53.52 -43.56 -32.41
CA GLU D 183 52.25 -43.75 -33.08
C GLU D 183 51.74 -42.51 -33.81
N GLU D 184 52.17 -41.32 -33.39
CA GLU D 184 51.69 -40.09 -34.00
C GLU D 184 52.51 -39.66 -35.21
N VAL D 185 53.77 -40.10 -35.30
CA VAL D 185 54.62 -39.66 -36.40
C VAL D 185 54.03 -40.08 -37.75
N GLU D 186 53.52 -41.31 -37.82
CA GLU D 186 52.92 -41.78 -39.07
C GLU D 186 51.72 -40.92 -39.46
N LEU D 187 51.03 -40.34 -38.48
CA LEU D 187 49.89 -39.48 -38.80
C LEU D 187 50.32 -38.25 -39.59
N ALA D 188 51.32 -37.54 -39.09
CA ALA D 188 51.84 -36.39 -39.83
C ALA D 188 52.45 -36.82 -41.15
N LYS D 189 53.11 -37.99 -41.16
CA LYS D 189 53.69 -38.50 -42.40
C LYS D 189 52.61 -38.65 -43.47
N ARG D 190 51.50 -39.31 -43.10
CA ARG D 190 50.41 -39.52 -44.04
C ARG D 190 49.73 -38.21 -44.42
N ILE D 191 49.60 -37.28 -43.46
CA ILE D 191 48.99 -35.98 -43.78
C ILE D 191 49.78 -35.28 -44.86
N GLU D 192 51.10 -35.19 -44.67
CA GLU D 192 51.94 -34.55 -45.67
C GLU D 192 51.91 -35.30 -46.99
N ALA D 193 51.93 -36.64 -46.94
CA ALA D 193 51.90 -37.41 -48.18
C ALA D 193 50.62 -37.15 -48.95
N GLY D 194 49.47 -37.12 -48.26
CA GLY D 194 48.22 -36.83 -48.94
C GLY D 194 48.14 -35.41 -49.48
N LEU D 195 48.65 -34.43 -48.74
CA LEU D 195 48.62 -33.05 -49.22
C LEU D 195 49.47 -32.91 -50.50
N TYR D 196 50.65 -33.52 -50.51
CA TYR D 196 51.48 -33.46 -51.71
C TYR D 196 50.98 -34.36 -52.82
N ALA D 197 50.21 -35.40 -52.49
CA ALA D 197 49.49 -36.12 -53.51
C ALA D 197 48.46 -35.21 -54.18
N THR D 198 47.77 -34.40 -53.39
CA THR D 198 46.86 -33.40 -53.95
C THR D 198 47.60 -32.41 -54.81
N GLN D 199 48.80 -31.98 -54.38
CA GLN D 199 49.57 -31.04 -55.18
C GLN D 199 49.98 -31.66 -56.51
N LYS D 200 50.41 -32.92 -56.49
CA LYS D 200 50.78 -33.60 -57.74
C LYS D 200 49.58 -33.74 -58.65
N LEU D 201 48.41 -34.03 -58.09
CA LEU D 201 47.20 -34.09 -58.92
C LEU D 201 46.87 -32.73 -59.51
N ALA D 202 47.05 -31.65 -58.73
CA ALA D 202 46.82 -30.32 -59.26
C ALA D 202 47.79 -30.00 -60.40
N GLU D 203 49.06 -30.37 -60.24
CA GLU D 203 50.02 -30.19 -61.32
C GLU D 203 49.64 -31.00 -62.55
N LEU D 204 49.17 -32.23 -62.34
CA LEU D 204 48.70 -33.06 -63.45
C LEU D 204 47.56 -32.38 -64.19
N ALA D 205 46.60 -31.81 -63.46
CA ALA D 205 45.50 -31.11 -64.11
C ALA D 205 45.99 -29.87 -64.85
N GLU D 206 46.92 -29.13 -64.24
CA GLU D 206 47.40 -27.90 -64.86
C GLU D 206 48.21 -28.18 -66.12
N LYS D 207 49.13 -29.15 -66.05
CA LYS D 207 50.01 -29.48 -67.16
C LYS D 207 49.40 -30.47 -68.14
N GLY D 208 48.18 -30.95 -67.88
CA GLY D 208 47.58 -31.92 -68.78
C GLY D 208 48.33 -33.23 -68.83
N GLU D 209 48.81 -33.71 -67.69
CA GLU D 209 49.54 -34.96 -67.61
C GLU D 209 48.60 -36.11 -67.27
N LYS D 210 49.09 -37.33 -67.45
CA LYS D 210 48.35 -38.53 -67.11
C LYS D 210 49.27 -39.53 -66.43
N LEU D 211 48.69 -40.40 -65.61
CA LEU D 211 49.40 -41.41 -64.86
C LEU D 211 48.70 -42.74 -65.01
N PRO D 212 49.40 -43.85 -64.77
CA PRO D 212 48.73 -45.16 -64.79
C PRO D 212 47.63 -45.22 -63.75
N VAL D 213 46.59 -46.01 -64.06
CA VAL D 213 45.43 -46.09 -63.18
C VAL D 213 45.85 -46.52 -61.79
N GLN D 214 46.83 -47.41 -61.68
CA GLN D 214 47.32 -47.82 -60.37
C GLN D 214 47.88 -46.63 -59.59
N GLN D 215 48.68 -45.79 -60.25
CA GLN D 215 49.25 -44.64 -59.58
C GLN D 215 48.18 -43.65 -59.16
N ARG D 216 47.19 -43.41 -60.03
CA ARG D 216 46.10 -42.50 -59.68
C ARG D 216 45.33 -43.01 -58.48
N ARG D 217 44.99 -44.31 -58.47
CA ARG D 217 44.27 -44.87 -57.35
C ARG D 217 45.08 -44.79 -56.07
N ASP D 218 46.39 -45.07 -56.16
CA ASP D 218 47.25 -44.97 -54.98
C ASP D 218 47.29 -43.54 -54.46
N MET D 219 47.42 -42.57 -55.35
CA MET D 219 47.49 -41.16 -54.93
C MET D 219 46.19 -40.75 -54.24
N GLN D 220 45.04 -41.11 -54.82
CA GLN D 220 43.78 -40.77 -54.19
C GLN D 220 43.61 -41.48 -52.85
N TRP D 221 44.04 -42.74 -52.78
CA TRP D 221 43.88 -43.48 -51.52
C TRP D 221 44.74 -42.86 -50.43
N ILE D 222 45.95 -42.42 -50.77
CA ILE D 222 46.79 -41.78 -49.76
C ILE D 222 46.24 -40.41 -49.39
N CYS D 223 45.61 -39.70 -50.33
CA CYS D 223 44.95 -38.46 -49.95
C CYS D 223 43.85 -38.72 -48.92
N ARG D 224 43.02 -39.73 -49.17
CA ARG D 224 41.98 -40.08 -48.21
C ARG D 224 42.58 -40.55 -46.89
N ASP D 225 43.69 -41.29 -46.96
CA ASP D 225 44.35 -41.77 -45.74
C ASP D 225 44.90 -40.60 -44.93
N GLY D 226 45.46 -39.60 -45.61
CA GLY D 226 45.93 -38.42 -44.90
C GLY D 226 44.80 -37.66 -44.23
N ASP D 227 43.67 -37.52 -44.94
CA ASP D 227 42.50 -36.90 -44.32
C ASP D 227 42.06 -37.67 -43.08
N ARG D 228 42.01 -39.01 -43.19
CA ARG D 228 41.61 -39.84 -42.06
C ARG D 228 42.60 -39.70 -40.91
N ALA D 229 43.89 -39.65 -41.21
CA ALA D 229 44.91 -39.53 -40.17
C ALA D 229 44.79 -38.18 -39.47
N LYS D 230 44.53 -37.11 -40.22
CA LYS D 230 44.32 -35.81 -39.59
C LYS D 230 43.12 -35.85 -38.67
N ASN D 231 42.01 -36.45 -39.13
CA ASN D 231 40.82 -36.55 -38.28
C ASN D 231 41.13 -37.35 -37.02
N HIS D 232 41.84 -38.48 -37.16
CA HIS D 232 42.16 -39.31 -36.01
C HIS D 232 43.05 -38.56 -35.03
N LEU D 233 44.04 -37.84 -35.53
CA LEU D 233 44.92 -37.07 -34.65
C LEU D 233 44.14 -36.00 -33.91
N LEU D 234 43.25 -35.30 -34.60
CA LEU D 234 42.43 -34.28 -33.95
C LEU D 234 41.56 -34.90 -32.86
N GLU D 235 40.92 -36.03 -33.16
CA GLU D 235 40.07 -36.68 -32.17
C GLU D 235 40.88 -37.15 -30.97
N ALA D 236 42.08 -37.67 -31.22
CA ALA D 236 42.92 -38.14 -30.13
C ALA D 236 43.36 -37.00 -29.23
N ASN D 237 43.70 -35.85 -29.82
CA ASN D 237 44.19 -34.70 -29.06
C ASN D 237 43.09 -33.79 -28.55
N LEU D 238 41.82 -34.09 -28.86
CA LEU D 238 40.73 -33.30 -28.30
C LEU D 238 40.79 -33.23 -26.78
N ARG D 239 41.30 -34.28 -26.13
CA ARG D 239 41.34 -34.30 -24.67
C ARG D 239 42.28 -33.23 -24.13
N LEU D 240 43.40 -32.99 -24.82
CA LEU D 240 44.33 -31.95 -24.39
C LEU D 240 43.66 -30.59 -24.39
N VAL D 241 42.76 -30.35 -25.35
CA VAL D 241 42.07 -29.06 -25.42
C VAL D 241 41.28 -28.81 -24.14
N VAL D 242 40.52 -29.82 -23.71
CA VAL D 242 39.75 -29.67 -22.46
C VAL D 242 40.68 -29.52 -21.28
N SER D 243 41.74 -30.35 -21.23
CA SER D 243 42.66 -30.30 -20.10
C SER D 243 43.32 -28.94 -19.97
N LEU D 244 43.49 -28.23 -21.08
CA LEU D 244 44.08 -26.89 -21.04
C LEU D 244 43.05 -25.80 -20.79
N ALA D 245 41.86 -25.92 -21.39
CA ALA D 245 40.85 -24.87 -21.27
C ALA D 245 40.14 -24.90 -19.92
N LYS D 246 40.21 -26.00 -19.17
CA LYS D 246 39.56 -26.05 -17.87
C LYS D 246 40.11 -25.00 -16.90
N ARG D 247 41.30 -24.47 -17.17
CA ARG D 247 41.93 -23.54 -16.23
C ARG D 247 41.31 -22.14 -16.30
N TYR D 248 40.81 -21.74 -17.45
CA TYR D 248 40.35 -20.37 -17.67
C TYR D 248 38.92 -20.14 -17.19
N THR D 249 38.40 -20.99 -16.32
CA THR D 249 37.04 -20.81 -15.82
C THR D 249 36.96 -19.56 -14.94
N GLY D 250 35.79 -18.92 -14.97
CA GLY D 250 35.52 -17.78 -14.11
C GLY D 250 35.92 -16.43 -14.68
N ARG D 251 36.58 -16.39 -15.84
CA ARG D 251 36.97 -15.11 -16.41
C ARG D 251 35.76 -14.32 -16.90
N GLY D 252 34.70 -15.00 -17.31
CA GLY D 252 33.53 -14.34 -17.86
C GLY D 252 33.10 -14.93 -19.18
N MET D 253 33.63 -16.10 -19.53
CA MET D 253 33.33 -16.77 -20.78
C MET D 253 32.90 -18.20 -20.49
N ALA D 254 32.00 -18.72 -21.32
CA ALA D 254 31.49 -20.07 -21.13
C ALA D 254 32.59 -21.10 -21.32
N PHE D 255 32.50 -22.18 -20.53
CA PHE D 255 33.51 -23.23 -20.60
C PHE D 255 33.55 -23.90 -21.97
N LEU D 256 32.38 -24.18 -22.54
CA LEU D 256 32.33 -24.88 -23.82
C LEU D 256 32.86 -24.03 -24.96
N ASP D 257 32.61 -22.72 -24.93
CA ASP D 257 33.20 -21.85 -25.94
C ASP D 257 34.72 -21.84 -25.84
N LEU D 258 35.24 -21.84 -24.61
CA LEU D 258 36.69 -21.96 -24.43
C LEU D 258 37.20 -23.28 -25.00
N ILE D 259 36.45 -24.36 -24.77
CA ILE D 259 36.86 -25.67 -25.31
C ILE D 259 36.91 -25.62 -26.83
N GLN D 260 35.89 -25.02 -27.45
CA GLN D 260 35.84 -25.00 -28.91
C GLN D 260 36.93 -24.09 -29.50
N GLU D 261 37.23 -22.98 -28.84
CA GLU D 261 38.34 -22.14 -29.29
C GLU D 261 39.68 -22.85 -29.13
N GLY D 262 39.84 -23.60 -28.04
CA GLY D 262 41.01 -24.45 -27.92
C GLY D 262 41.07 -25.51 -29.01
N ASN D 263 39.90 -26.00 -29.44
CA ASN D 263 39.87 -26.93 -30.57
C ASN D 263 40.33 -26.26 -31.86
N LEU D 264 39.95 -25.00 -32.07
CA LEU D 264 40.47 -24.26 -33.22
C LEU D 264 41.99 -24.14 -33.13
N GLY D 265 42.50 -23.81 -31.94
CA GLY D 265 43.94 -23.75 -31.76
C GLY D 265 44.61 -25.09 -32.03
N LEU D 266 43.96 -26.18 -31.60
CA LEU D 266 44.49 -27.51 -31.86
C LEU D 266 44.53 -27.80 -33.36
N ILE D 267 43.49 -27.39 -34.08
CA ILE D 267 43.48 -27.56 -35.53
C ILE D 267 44.66 -26.81 -36.15
N ARG D 268 44.88 -25.58 -35.70
CA ARG D 268 46.01 -24.81 -36.20
C ARG D 268 47.33 -25.52 -35.90
N ALA D 269 47.48 -26.04 -34.69
CA ALA D 269 48.71 -26.73 -34.32
C ALA D 269 48.93 -27.95 -35.20
N VAL D 270 47.87 -28.73 -35.44
CA VAL D 270 47.99 -29.89 -36.32
C VAL D 270 48.40 -29.44 -37.71
N GLU D 271 47.85 -28.32 -38.18
CA GLU D 271 48.25 -27.79 -39.48
C GLU D 271 49.70 -27.34 -39.51
N LYS D 272 50.26 -26.94 -38.37
CA LYS D 272 51.62 -26.40 -38.32
C LYS D 272 52.58 -27.25 -37.51
N PHE D 273 52.26 -28.52 -37.27
CA PHE D 273 53.16 -29.38 -36.51
C PHE D 273 54.33 -29.84 -37.37
N ASP D 274 55.47 -30.08 -36.72
CA ASP D 274 56.70 -30.48 -37.39
C ASP D 274 57.32 -31.63 -36.61
N TYR D 275 57.13 -32.86 -37.10
CA TYR D 275 57.74 -34.02 -36.46
C TYR D 275 59.24 -34.05 -36.67
N THR D 276 59.73 -33.45 -37.76
CA THR D 276 61.15 -33.53 -38.09
C THR D 276 62.03 -32.96 -36.98
N LYS D 277 61.52 -32.01 -36.19
CA LYS D 277 62.30 -31.46 -35.09
C LYS D 277 62.45 -32.45 -33.93
N GLY D 278 61.69 -33.54 -33.93
CA GLY D 278 61.79 -34.55 -32.90
C GLY D 278 60.99 -34.29 -31.65
N TYR D 279 60.40 -33.12 -31.52
CA TYR D 279 59.65 -32.77 -30.31
C TYR D 279 58.28 -33.44 -30.32
N LYS D 280 57.65 -33.45 -29.15
CA LYS D 280 56.35 -34.06 -28.98
C LYS D 280 55.23 -33.08 -29.35
N PHE D 281 54.11 -33.65 -29.80
CA PHE D 281 52.95 -32.84 -30.15
C PHE D 281 52.38 -32.13 -28.92
N SER D 282 52.42 -32.78 -27.76
CA SER D 282 51.86 -32.18 -26.56
C SER D 282 52.53 -30.85 -26.22
N THR D 283 53.83 -30.75 -26.42
CA THR D 283 54.54 -29.50 -26.12
C THR D 283 54.18 -28.41 -27.11
N TYR D 284 54.10 -28.75 -28.39
CA TYR D 284 53.89 -27.74 -29.42
C TYR D 284 52.46 -27.24 -29.44
N ALA D 285 51.49 -28.15 -29.29
CA ALA D 285 50.08 -27.77 -29.42
C ALA D 285 49.61 -26.94 -28.24
N THR D 286 50.29 -27.02 -27.10
CA THR D 286 49.87 -26.26 -25.93
C THR D 286 49.95 -24.76 -26.21
N TRP D 287 51.01 -24.32 -26.88
CA TRP D 287 51.15 -22.89 -27.17
C TRP D 287 50.02 -22.42 -28.08
N TRP D 288 49.69 -23.19 -29.11
CA TRP D 288 48.61 -22.80 -30.02
C TRP D 288 47.27 -22.78 -29.30
N ILE D 289 47.01 -23.77 -28.44
CA ILE D 289 45.75 -23.82 -27.72
C ILE D 289 45.63 -22.62 -26.78
N ARG D 290 46.71 -22.29 -26.06
CA ARG D 290 46.69 -21.13 -25.18
C ARG D 290 46.48 -19.85 -25.96
N GLN D 291 47.13 -19.73 -27.12
CA GLN D 291 46.97 -18.54 -27.95
C GLN D 291 45.52 -18.41 -28.42
N ALA D 292 44.92 -19.52 -28.85
CA ALA D 292 43.54 -19.48 -29.30
C ALA D 292 42.60 -19.08 -28.18
N ILE D 293 42.81 -19.65 -26.98
CA ILE D 293 41.95 -19.32 -25.85
C ILE D 293 42.09 -17.84 -25.49
N THR D 294 43.33 -17.33 -25.47
CA THR D 294 43.54 -15.92 -25.14
C THR D 294 42.91 -15.01 -26.19
N ARG D 295 43.06 -15.35 -27.47
CA ARG D 295 42.43 -14.56 -28.52
C ARG D 295 40.92 -14.54 -28.36
N ALA D 296 40.32 -15.70 -28.07
CA ALA D 296 38.88 -15.76 -27.87
C ALA D 296 38.45 -14.90 -26.70
N MET D 297 39.19 -14.99 -25.59
CA MET D 297 38.86 -14.18 -24.42
C MET D 297 38.95 -12.70 -24.73
N ALA D 298 39.99 -12.28 -25.47
CA ALA D 298 40.15 -10.85 -25.77
C ALA D 298 39.08 -10.36 -26.73
N ASP D 299 38.73 -11.16 -27.73
CA ASP D 299 37.82 -10.71 -28.77
C ASP D 299 36.38 -10.60 -28.30
N GLN D 300 35.90 -11.59 -27.54
CA GLN D 300 34.47 -11.76 -27.32
C GLN D 300 34.14 -12.13 -25.87
N ALA D 301 34.75 -11.44 -24.91
CA ALA D 301 34.45 -11.64 -23.50
C ALA D 301 33.75 -10.45 -22.86
N ARG D 302 33.52 -9.37 -23.61
CA ARG D 302 32.90 -8.16 -23.08
C ARG D 302 31.78 -7.72 -23.99
N THR D 303 30.75 -7.09 -23.40
CA THR D 303 29.66 -6.56 -24.20
C THR D 303 30.14 -5.46 -25.13
N ILE D 304 31.01 -4.58 -24.65
CA ILE D 304 31.65 -3.57 -25.47
C ILE D 304 33.06 -4.07 -25.78
N ARG D 305 33.29 -4.45 -27.04
CA ARG D 305 34.56 -5.07 -27.40
C ARG D 305 35.70 -4.04 -27.29
N ILE D 306 36.80 -4.48 -26.72
CA ILE D 306 38.02 -3.68 -26.63
C ILE D 306 39.08 -4.33 -27.50
N PRO D 307 39.83 -3.57 -28.30
CA PRO D 307 40.85 -4.20 -29.16
C PRO D 307 41.86 -5.01 -28.36
N VAL D 308 42.58 -5.87 -29.07
CA VAL D 308 43.49 -6.81 -28.40
C VAL D 308 44.58 -6.06 -27.66
N HIS D 309 45.17 -5.03 -28.28
CA HIS D 309 46.27 -4.31 -27.66
C HIS D 309 45.81 -3.61 -26.39
N MET D 310 44.62 -3.00 -26.41
CA MET D 310 44.11 -2.35 -25.22
C MET D 310 43.77 -3.37 -24.13
N VAL D 311 43.31 -4.57 -24.52
CA VAL D 311 43.08 -5.62 -23.54
C VAL D 311 44.39 -6.03 -22.88
N GLU D 312 45.46 -6.14 -23.68
CA GLU D 312 46.77 -6.47 -23.12
C GLU D 312 47.24 -5.39 -22.16
N VAL D 313 47.03 -4.12 -22.54
CA VAL D 313 47.41 -3.02 -21.64
C VAL D 313 46.64 -3.10 -20.34
N ILE D 314 45.33 -3.39 -20.42
CA ILE D 314 44.52 -3.50 -19.21
C ILE D 314 45.01 -4.65 -18.34
N ASN D 315 45.33 -5.79 -18.95
CA ASN D 315 45.82 -6.92 -18.18
C ASN D 315 47.14 -6.60 -17.50
N LYS D 316 48.05 -5.94 -18.22
CA LYS D 316 49.32 -5.56 -17.62
C LYS D 316 49.11 -4.59 -16.46
N LEU D 317 48.24 -3.61 -16.65
CA LEU D 317 47.97 -2.66 -15.56
C LEU D 317 47.39 -3.37 -14.36
N GLY D 318 46.47 -4.31 -14.59
CA GLY D 318 45.90 -5.04 -13.47
C GLY D 318 46.93 -5.86 -12.73
N ARG D 319 47.80 -6.56 -13.47
CA ARG D 319 48.82 -7.36 -12.82
C ARG D 319 49.77 -6.49 -12.00
N ILE D 320 50.20 -5.36 -12.57
CA ILE D 320 51.09 -4.47 -11.83
C ILE D 320 50.39 -3.91 -10.60
N GLN D 321 49.10 -3.59 -10.73
CA GLN D 321 48.35 -3.08 -9.58
C GLN D 321 48.27 -4.12 -8.47
N ARG D 322 48.00 -5.38 -8.83
CA ARG D 322 47.96 -6.44 -7.83
C ARG D 322 49.33 -6.61 -7.17
N GLU D 323 50.41 -6.59 -7.95
CA GLU D 323 51.73 -6.75 -7.38
C GLU D 323 52.04 -5.62 -6.40
N LEU D 324 51.75 -4.37 -6.79
CA LEU D 324 52.02 -3.25 -5.91
C LEU D 324 51.17 -3.29 -4.66
N LEU D 325 49.88 -3.66 -4.80
CA LEU D 325 49.01 -3.74 -3.63
C LEU D 325 49.50 -4.81 -2.67
N GLN D 326 49.93 -5.97 -3.20
CA GLN D 326 50.44 -7.02 -2.33
C GLN D 326 51.73 -6.58 -1.64
N ASP D 327 52.62 -5.89 -2.36
CA ASP D 327 53.87 -5.45 -1.76
C ASP D 327 53.63 -4.43 -0.66
N LEU D 328 52.84 -3.39 -0.96
CA LEU D 328 52.60 -2.31 -0.01
C LEU D 328 51.38 -2.56 0.87
N GLY D 329 50.60 -3.61 0.61
CA GLY D 329 49.43 -3.90 1.42
C GLY D 329 48.28 -2.95 1.15
N ARG D 330 48.51 -1.66 1.35
CA ARG D 330 47.48 -0.65 1.12
C ARG D 330 47.26 -0.43 -0.37
N GLU D 331 46.18 0.27 -0.69
CA GLU D 331 45.85 0.53 -2.09
C GLU D 331 46.92 1.44 -2.72
N PRO D 332 47.25 1.24 -4.00
CA PRO D 332 48.20 2.16 -4.65
C PRO D 332 47.56 3.51 -4.95
N THR D 333 48.29 4.37 -5.65
CA THR D 333 47.82 5.69 -6.05
C THR D 333 48.08 5.87 -7.53
N PRO D 334 47.32 6.77 -8.18
CA PRO D 334 47.57 7.00 -9.62
C PRO D 334 48.99 7.41 -9.92
N GLU D 335 49.63 8.18 -9.03
CA GLU D 335 51.02 8.55 -9.24
C GLU D 335 51.93 7.32 -9.23
N GLU D 336 51.66 6.39 -8.30
CA GLU D 336 52.47 5.17 -8.24
C GLU D 336 52.31 4.35 -9.52
N LEU D 337 51.08 4.21 -10.01
CA LEU D 337 50.85 3.46 -11.24
C LEU D 337 51.54 4.15 -12.42
N ALA D 338 51.46 5.49 -12.48
CA ALA D 338 52.14 6.22 -13.54
C ALA D 338 53.65 6.00 -13.48
N LYS D 339 54.22 6.02 -12.27
CA LYS D 339 55.65 5.80 -12.12
C LYS D 339 56.04 4.39 -12.55
N GLU D 340 55.23 3.40 -12.20
CA GLU D 340 55.58 2.01 -12.51
C GLU D 340 55.41 1.71 -13.99
N MET D 341 54.33 2.19 -14.60
CA MET D 341 54.00 1.85 -15.98
C MET D 341 54.57 2.83 -17.00
N ASP D 342 55.26 3.89 -16.56
CA ASP D 342 55.85 4.87 -17.46
C ASP D 342 54.79 5.52 -18.34
N ILE D 343 53.62 5.79 -17.75
CA ILE D 343 52.54 6.50 -18.42
C ILE D 343 52.02 7.57 -17.47
N THR D 344 51.27 8.52 -18.03
CA THR D 344 50.77 9.62 -17.22
C THR D 344 49.61 9.16 -16.34
N PRO D 345 49.41 9.78 -15.17
CA PRO D 345 48.27 9.40 -14.33
C PRO D 345 46.94 9.55 -15.03
N GLU D 346 46.80 10.56 -15.88
CA GLU D 346 45.57 10.70 -16.66
C GLU D 346 45.38 9.50 -17.58
N LYS D 347 46.47 8.99 -18.15
CA LYS D 347 46.37 7.77 -18.96
C LYS D 347 45.94 6.59 -18.11
N VAL D 348 46.42 6.52 -16.86
CA VAL D 348 45.98 5.47 -15.95
C VAL D 348 44.48 5.55 -15.73
N LEU D 349 43.97 6.77 -15.48
CA LEU D 349 42.54 6.94 -15.30
C LEU D 349 41.78 6.55 -16.56
N GLU D 350 42.30 6.89 -17.73
CA GLU D 350 41.65 6.53 -18.98
C GLU D 350 41.57 5.01 -19.13
N ILE D 351 42.67 4.31 -18.81
CA ILE D 351 42.66 2.85 -18.88
C ILE D 351 41.65 2.28 -17.89
N GLN D 352 41.58 2.85 -16.69
CA GLN D 352 40.61 2.38 -15.72
C GLN D 352 39.19 2.55 -16.23
N GLN D 353 38.89 3.69 -16.85
CA GLN D 353 37.56 3.91 -17.42
C GLN D 353 37.28 2.93 -18.55
N TYR D 354 38.27 2.69 -19.42
CA TYR D 354 38.07 1.73 -20.50
C TYR D 354 37.84 0.32 -19.97
N ALA D 355 38.40 -0.01 -18.81
CA ALA D 355 38.21 -1.31 -18.21
C ALA D 355 36.92 -1.42 -17.41
N ARG D 356 36.16 -0.32 -17.31
CA ARG D 356 34.93 -0.33 -16.53
C ARG D 356 33.82 -1.05 -17.30
N GLU D 357 33.23 -2.06 -16.65
CA GLU D 357 32.19 -2.90 -17.25
C GLU D 357 30.80 -2.32 -16.95
N PRO D 358 29.84 -2.42 -17.87
CA PRO D 358 28.51 -1.90 -17.61
C PRO D 358 27.69 -2.82 -16.71
N ILE D 359 26.57 -2.28 -16.24
CA ILE D 359 25.62 -3.03 -15.44
C ILE D 359 24.35 -3.26 -16.27
N SER D 360 23.43 -4.05 -15.73
CA SER D 360 22.21 -4.42 -16.42
C SER D 360 21.01 -3.69 -15.81
N LEU D 361 20.15 -3.15 -16.68
CA LEU D 361 18.95 -2.48 -16.24
C LEU D 361 17.98 -3.43 -15.55
N ASP D 362 18.10 -4.74 -15.80
CA ASP D 362 17.18 -5.72 -15.26
C ASP D 362 17.36 -5.96 -13.76
N GLN D 363 18.42 -5.43 -13.16
CA GLN D 363 18.64 -5.60 -11.73
C GLN D 363 17.50 -4.98 -10.93
N THR D 364 17.13 -5.64 -9.84
CA THR D 364 16.10 -5.11 -8.97
C THR D 364 16.61 -3.88 -8.21
N ILE D 365 15.67 -3.02 -7.82
CA ILE D 365 15.99 -1.76 -7.16
C ILE D 365 14.90 -1.43 -6.15
N GLY D 366 15.25 -0.61 -5.17
CA GLY D 366 14.29 -0.14 -4.20
C GLY D 366 14.15 -1.00 -2.96
N ASP D 367 15.10 -1.89 -2.70
CA ASP D 367 15.06 -2.79 -1.55
C ASP D 367 13.88 -3.76 -1.60
N GLU D 368 13.25 -3.87 -2.77
CA GLU D 368 12.15 -4.82 -2.97
C GLU D 368 12.25 -5.39 -4.38
N GLY D 369 11.76 -6.62 -4.54
CA GLY D 369 11.95 -7.35 -5.77
C GLY D 369 11.03 -6.98 -6.91
N ASP D 370 10.07 -6.06 -6.68
CA ASP D 370 9.13 -5.71 -7.73
C ASP D 370 9.74 -4.73 -8.72
N SER D 371 10.31 -3.63 -8.22
CA SER D 371 10.83 -2.58 -9.07
C SER D 371 12.09 -3.01 -9.78
N GLN D 372 12.40 -2.33 -10.89
CA GLN D 372 13.58 -2.59 -11.68
C GLN D 372 14.37 -1.28 -11.85
N LEU D 373 15.68 -1.44 -12.09
CA LEU D 373 16.58 -0.27 -12.09
C LEU D 373 16.14 0.75 -13.14
N GLY D 374 15.67 0.29 -14.29
CA GLY D 374 15.33 1.20 -15.38
C GLY D 374 14.08 2.02 -15.14
N ASP D 375 13.37 1.78 -14.03
CA ASP D 375 12.13 2.51 -13.77
C ASP D 375 12.40 3.99 -13.47
N PHE D 376 13.57 4.31 -12.89
CA PHE D 376 13.85 5.65 -12.39
C PHE D 376 14.94 6.35 -13.19
N ILE D 377 14.93 6.20 -14.51
CA ILE D 377 15.88 6.88 -15.39
C ILE D 377 15.09 7.88 -16.24
N GLU D 378 15.46 9.15 -16.13
CA GLU D 378 14.78 10.18 -16.89
C GLU D 378 15.17 10.11 -18.37
N ASP D 379 14.28 10.60 -19.22
CA ASP D 379 14.52 10.66 -20.67
C ASP D 379 15.00 12.08 -21.00
N SER D 380 16.32 12.27 -20.96
CA SER D 380 16.89 13.59 -21.17
C SER D 380 16.63 14.12 -22.59
N GLU D 381 16.31 13.23 -23.53
CA GLU D 381 16.06 13.62 -24.92
C GLU D 381 14.58 13.76 -25.23
N ALA D 382 13.72 13.72 -24.21
CA ALA D 382 12.29 13.86 -24.44
C ALA D 382 11.98 15.25 -24.99
N VAL D 383 10.99 15.32 -25.87
CA VAL D 383 10.60 16.57 -26.49
C VAL D 383 9.68 17.35 -25.55
N VAL D 384 10.26 18.29 -24.81
CA VAL D 384 9.47 19.11 -23.89
C VAL D 384 8.41 19.85 -24.70
N ALA D 385 7.15 19.71 -24.29
CA ALA D 385 6.05 20.25 -25.09
C ALA D 385 6.15 21.77 -25.23
N VAL D 386 6.37 22.49 -24.13
CA VAL D 386 6.33 23.94 -24.17
C VAL D 386 7.32 24.48 -25.18
N ASP D 387 8.52 23.89 -25.23
CA ASP D 387 9.49 24.29 -26.25
C ASP D 387 8.99 23.90 -27.64
N ALA D 388 8.58 22.65 -27.80
CA ALA D 388 8.20 22.16 -29.13
C ALA D 388 7.11 23.01 -29.75
N VAL D 389 6.13 23.43 -28.94
CA VAL D 389 5.10 24.33 -29.44
C VAL D 389 5.70 25.69 -29.78
N SER D 390 6.48 26.25 -28.85
CA SER D 390 6.97 27.61 -29.03
C SER D 390 7.83 27.73 -30.28
N PHE D 391 8.67 26.73 -30.55
CA PHE D 391 9.46 26.76 -31.77
C PHE D 391 8.58 26.95 -32.99
N THR D 392 7.46 26.20 -33.07
CA THR D 392 6.54 26.40 -34.17
C THR D 392 5.97 27.81 -34.19
N LEU D 393 5.66 28.37 -33.01
CA LEU D 393 5.23 29.76 -32.96
C LEU D 393 6.29 30.69 -33.52
N LEU D 394 7.57 30.34 -33.37
CA LEU D 394 8.61 31.13 -34.00
C LEU D 394 8.44 31.13 -35.51
N GLN D 395 8.15 29.96 -36.09
CA GLN D 395 7.88 29.87 -37.52
C GLN D 395 6.69 30.73 -37.91
N ASP D 396 5.84 31.10 -36.95
CA ASP D 396 4.75 32.01 -37.24
C ASP D 396 5.17 33.46 -37.10
N GLN D 397 6.04 33.79 -36.14
CA GLN D 397 6.41 35.18 -35.93
C GLN D 397 7.71 35.54 -36.65
N LEU D 398 8.82 34.99 -36.17
CA LEU D 398 10.13 35.43 -36.65
C LEU D 398 10.29 35.11 -38.13
N GLN D 399 9.75 33.97 -38.55
CA GLN D 399 9.86 33.54 -39.94
C GLN D 399 8.94 34.31 -40.87
N SER D 400 7.83 34.87 -40.37
CA SER D 400 6.81 35.36 -41.30
C SER D 400 6.59 36.86 -41.30
N VAL D 401 6.18 37.42 -40.14
CA VAL D 401 5.61 38.77 -40.16
C VAL D 401 6.69 39.79 -40.51
N LEU D 402 7.87 39.67 -39.88
CA LEU D 402 8.95 40.59 -40.19
C LEU D 402 9.34 40.55 -41.66
N GLU D 403 9.07 39.43 -42.34
CA GLU D 403 9.36 39.35 -43.76
C GLU D 403 8.33 40.09 -44.59
N THR D 404 7.07 40.09 -44.16
CA THR D 404 6.02 40.72 -44.96
C THR D 404 6.20 42.22 -45.05
N LEU D 405 6.81 42.84 -44.05
CA LEU D 405 6.95 44.29 -43.98
C LEU D 405 8.26 44.81 -44.56
N SER D 406 9.09 43.94 -45.15
CA SER D 406 10.37 44.35 -45.70
C SER D 406 10.60 43.91 -47.14
N GLU D 407 9.72 43.08 -47.71
CA GLU D 407 9.87 42.63 -49.09
C GLU D 407 11.23 41.96 -49.31
N ARG D 408 11.98 42.37 -50.33
CA ARG D 408 13.20 41.66 -50.68
C ARG D 408 14.31 41.90 -49.66
N GLU D 409 14.19 42.92 -48.80
CA GLU D 409 15.18 43.10 -47.76
C GLU D 409 15.24 41.91 -46.81
N ALA D 410 14.13 41.18 -46.66
CA ALA D 410 14.10 39.92 -45.95
C ALA D 410 13.98 38.71 -46.86
N GLY D 411 13.47 38.89 -48.08
CA GLY D 411 13.44 37.79 -49.03
C GLY D 411 14.82 37.25 -49.33
N VAL D 412 15.82 38.12 -49.42
CA VAL D 412 17.19 37.67 -49.56
C VAL D 412 17.64 36.93 -48.31
N VAL D 413 17.16 37.35 -47.14
CA VAL D 413 17.53 36.68 -45.89
C VAL D 413 17.02 35.24 -45.89
N ARG D 414 15.86 35.00 -46.48
CA ARG D 414 15.37 33.62 -46.59
C ARG D 414 16.37 32.74 -47.31
N LEU D 415 17.03 33.27 -48.34
CA LEU D 415 18.09 32.53 -49.01
C LEU D 415 19.38 32.54 -48.21
N ARG D 416 19.62 33.63 -47.45
CA ARG D 416 20.86 33.74 -46.70
C ARG D 416 21.01 32.61 -45.69
N PHE D 417 19.98 32.35 -44.89
CA PHE D 417 20.00 31.29 -43.89
C PHE D 417 19.24 30.05 -44.32
N GLY D 418 18.71 30.02 -45.54
CA GLY D 418 18.06 28.83 -46.04
C GLY D 418 16.69 28.57 -45.48
N LEU D 419 15.94 29.61 -45.13
CA LEU D 419 14.57 29.41 -44.68
C LEU D 419 13.71 28.75 -45.75
N THR D 420 14.10 28.85 -47.02
CA THR D 420 13.48 28.12 -48.11
C THR D 420 14.50 27.20 -48.76
N ASP D 421 14.15 25.93 -48.87
CA ASP D 421 15.00 24.89 -49.45
C ASP D 421 16.10 24.47 -48.50
N GLY D 422 16.24 25.15 -47.36
CA GLY D 422 17.08 24.66 -46.28
C GLY D 422 18.55 25.00 -46.35
N GLN D 423 19.00 25.62 -47.44
CA GLN D 423 20.43 25.87 -47.62
C GLN D 423 20.77 27.31 -47.24
N PRO D 424 21.57 27.53 -46.21
CA PRO D 424 22.26 28.82 -46.11
C PRO D 424 23.23 28.97 -47.28
N ARG D 425 23.31 30.18 -47.82
CA ARG D 425 24.04 30.41 -49.05
C ARG D 425 24.98 31.60 -48.91
N THR D 426 26.14 31.49 -49.54
CA THR D 426 27.12 32.56 -49.53
C THR D 426 26.64 33.74 -50.36
N LEU D 427 27.35 34.86 -50.22
CA LEU D 427 26.92 36.08 -50.90
C LEU D 427 26.91 35.90 -52.42
N ASP D 428 27.94 35.25 -52.97
CA ASP D 428 27.98 35.06 -54.42
C ASP D 428 26.83 34.21 -54.91
N GLU D 429 26.52 33.12 -54.21
CA GLU D 429 25.51 32.19 -54.69
C GLU D 429 24.15 32.88 -54.82
N ILE D 430 23.78 33.68 -53.82
CA ILE D 430 22.52 34.43 -53.90
C ILE D 430 22.61 35.64 -54.80
N GLY D 431 23.83 36.06 -55.17
CA GLY D 431 24.01 37.23 -56.01
C GLY D 431 24.24 36.89 -57.47
N GLN D 432 25.06 35.85 -57.72
CA GLN D 432 25.42 35.50 -59.09
C GLN D 432 24.22 35.17 -59.95
N VAL D 433 23.17 34.59 -59.37
CA VAL D 433 21.98 34.25 -60.14
C VAL D 433 21.15 35.47 -60.52
N TYR D 434 21.40 36.61 -59.88
CA TYR D 434 20.70 37.85 -60.17
C TYR D 434 21.72 38.94 -60.52
N GLY D 435 21.24 40.16 -60.66
CA GLY D 435 22.08 41.28 -61.06
C GLY D 435 22.55 42.13 -59.90
N VAL D 436 22.93 41.48 -58.80
CA VAL D 436 23.42 42.16 -57.61
C VAL D 436 24.77 41.57 -57.24
N THR D 437 25.72 42.44 -56.90
CA THR D 437 27.10 42.03 -56.67
C THR D 437 27.31 41.63 -55.21
N ARG D 438 28.48 41.04 -54.95
CA ARG D 438 28.81 40.58 -53.61
C ARG D 438 28.81 41.72 -52.60
N GLU D 439 29.44 42.84 -52.95
CA GLU D 439 29.56 43.95 -52.02
C GLU D 439 28.19 44.55 -51.72
N ARG D 440 27.31 44.58 -52.71
CA ARG D 440 25.98 45.14 -52.47
C ARG D 440 25.19 44.29 -51.48
N ILE D 441 25.29 42.97 -51.58
CA ILE D 441 24.64 42.10 -50.59
C ILE D 441 25.30 42.26 -49.23
N ARG D 442 26.63 42.45 -49.21
CA ARG D 442 27.31 42.73 -47.96
C ARG D 442 26.75 43.97 -47.28
N GLN D 443 26.48 45.02 -48.07
CA GLN D 443 25.90 46.23 -47.50
C GLN D 443 24.46 45.99 -47.07
N ILE D 444 23.69 45.25 -47.87
CA ILE D 444 22.28 45.03 -47.58
C ILE D 444 22.11 44.23 -46.28
N GLU D 445 23.01 43.28 -46.03
CA GLU D 445 22.91 42.51 -44.80
C GLU D 445 23.08 43.41 -43.57
N SER D 446 24.07 44.29 -43.61
CA SER D 446 24.26 45.23 -42.51
C SER D 446 23.08 46.18 -42.38
N LYS D 447 22.53 46.64 -43.50
CA LYS D 447 21.37 47.53 -43.43
C LYS D 447 20.18 46.81 -42.79
N THR D 448 19.95 45.56 -43.16
CA THR D 448 18.85 44.81 -42.55
C THR D 448 19.10 44.58 -41.06
N MET D 449 20.34 44.28 -40.69
CA MET D 449 20.66 44.11 -39.27
C MET D 449 20.38 45.38 -38.48
N SER D 450 20.76 46.53 -39.05
CA SER D 450 20.47 47.80 -38.39
C SER D 450 18.96 48.04 -38.31
N LYS D 451 18.24 47.71 -39.38
CA LYS D 451 16.80 47.94 -39.40
C LYS D 451 16.09 47.12 -38.33
N LEU D 452 16.48 45.85 -38.18
CA LEU D 452 15.83 44.97 -37.22
C LEU D 452 16.29 45.20 -35.79
N ARG D 453 17.38 45.94 -35.59
CA ARG D 453 17.79 46.33 -34.25
C ARG D 453 16.87 47.40 -33.66
N HIS D 454 15.97 47.96 -34.47
CA HIS D 454 15.10 49.02 -33.99
C HIS D 454 14.27 48.51 -32.82
N PRO D 455 14.01 49.34 -31.79
CA PRO D 455 13.27 48.83 -30.62
C PRO D 455 11.92 48.24 -30.97
N SER D 456 11.20 48.81 -31.94
CA SER D 456 9.87 48.33 -32.25
C SER D 456 9.88 46.86 -32.69
N ARG D 457 10.85 46.48 -33.51
CA ARG D 457 10.98 45.09 -33.92
C ARG D 457 11.77 44.26 -32.91
N SER D 458 12.77 44.88 -32.28
CA SER D 458 13.64 44.14 -31.36
C SER D 458 12.89 43.65 -30.13
N GLN D 459 11.95 44.46 -29.61
CA GLN D 459 11.29 44.10 -28.35
C GLN D 459 10.44 42.85 -28.49
N VAL D 460 9.85 42.63 -29.67
CA VAL D 460 8.92 41.52 -29.84
C VAL D 460 9.64 40.19 -29.66
N LEU D 461 10.84 40.05 -30.22
CA LEU D 461 11.54 38.77 -30.24
C LEU D 461 12.39 38.53 -29.00
N ARG D 462 12.38 39.45 -28.03
CA ARG D 462 13.22 39.28 -26.84
C ARG D 462 12.88 37.99 -26.09
N ASP D 463 11.61 37.59 -26.08
CA ASP D 463 11.17 36.45 -25.28
C ASP D 463 11.51 35.11 -25.93
N TYR D 464 11.84 35.08 -27.21
CA TYR D 464 12.17 33.84 -27.90
C TYR D 464 13.65 33.49 -27.78
N LEU D 465 14.43 34.33 -27.09
CA LEU D 465 15.84 34.06 -26.83
C LEU D 465 16.03 33.99 -25.32
N ASP D 466 16.56 32.86 -24.84
CA ASP D 466 16.74 32.65 -23.41
C ASP D 466 17.60 33.76 -22.80
N ASP E 1 -44.26 -53.32 37.56
CA ASP E 1 -42.89 -53.21 38.06
C ASP E 1 -41.93 -52.83 36.94
N TYR E 2 -41.67 -53.78 36.05
CA TYR E 2 -40.79 -53.51 34.92
C TYR E 2 -41.36 -52.40 34.03
N GLU E 3 -42.65 -52.45 33.75
CA GLU E 3 -43.27 -51.42 32.92
C GLU E 3 -43.21 -50.05 33.59
N ASP E 4 -43.48 -50.00 34.90
CA ASP E 4 -43.43 -48.73 35.62
C ASP E 4 -42.01 -48.17 35.62
N GLU E 5 -41.01 -49.03 35.84
CA GLU E 5 -39.62 -48.58 35.81
C GLU E 5 -39.25 -48.07 34.43
N LEU E 6 -39.68 -48.76 33.38
CA LEU E 6 -39.42 -48.29 32.02
C LEU E 6 -40.08 -46.94 31.77
N GLN E 7 -41.30 -46.75 32.25
CA GLN E 7 -41.96 -45.46 32.09
C GLN E 7 -41.21 -44.35 32.82
N SER E 8 -40.75 -44.63 34.04
CA SER E 8 -39.99 -43.61 34.78
C SER E 8 -38.69 -43.28 34.06
N GLU E 9 -38.00 -44.29 33.54
CA GLU E 9 -36.77 -44.05 32.79
C GLU E 9 -37.06 -43.21 31.54
N ARG E 10 -38.15 -43.53 30.83
CA ARG E 10 -38.52 -42.75 29.66
C ARG E 10 -38.79 -41.30 30.04
N ASP E 11 -39.48 -41.08 31.15
CA ASP E 11 -39.80 -39.71 31.55
C ASP E 11 -38.53 -38.93 31.88
N TYR E 12 -37.62 -39.53 32.65
CA TYR E 12 -36.39 -38.83 33.00
C TYR E 12 -35.54 -38.55 31.77
N VAL E 13 -35.43 -39.53 30.87
CA VAL E 13 -34.64 -39.35 29.66
C VAL E 13 -35.29 -38.30 28.75
N ALA E 14 -36.63 -38.24 28.74
CA ALA E 14 -37.31 -37.19 27.99
C ALA E 14 -37.01 -35.82 28.57
N GLY E 15 -36.96 -35.72 29.90
CA GLY E 15 -36.52 -34.47 30.51
C GLY E 15 -35.11 -34.11 30.09
N LEU E 16 -34.23 -35.11 29.99
CA LEU E 16 -32.88 -34.85 29.51
C LEU E 16 -32.89 -34.32 28.08
N TYR E 17 -33.70 -34.92 27.20
CA TYR E 17 -33.84 -34.38 25.86
C TYR E 17 -34.37 -32.96 25.89
N ALA E 18 -35.31 -32.67 26.79
CA ALA E 18 -35.85 -31.31 26.88
C ALA E 18 -34.76 -30.31 27.23
N ARG E 19 -33.91 -30.66 28.21
CA ARG E 19 -32.81 -29.78 28.57
C ARG E 19 -31.85 -29.60 27.39
N LEU E 20 -31.53 -30.69 26.69
CA LEU E 20 -30.63 -30.60 25.55
C LEU E 20 -31.22 -29.70 24.47
N ASP E 21 -32.50 -29.86 24.19
CA ASP E 21 -33.15 -29.04 23.16
C ASP E 21 -33.19 -27.57 23.55
N ALA E 22 -33.47 -27.28 24.83
CA ALA E 22 -33.46 -25.89 25.27
C ALA E 22 -32.07 -25.28 25.13
N GLU E 23 -31.03 -26.01 25.53
CA GLU E 23 -29.68 -25.49 25.39
C GLU E 23 -29.30 -25.28 23.92
N ARG E 24 -29.69 -26.22 23.05
CA ARG E 24 -29.39 -26.07 21.63
C ARG E 24 -30.12 -24.87 21.04
N ALA E 25 -31.37 -24.66 21.42
CA ALA E 25 -32.11 -23.50 20.93
C ALA E 25 -31.47 -22.20 21.39
N GLN E 26 -31.05 -22.14 22.66
CA GLN E 26 -30.38 -20.94 23.16
C GLN E 26 -29.09 -20.69 22.39
N SER E 27 -28.30 -21.74 22.15
CA SER E 27 -27.06 -21.58 21.42
C SER E 27 -27.31 -21.11 20.00
N GLN E 28 -28.34 -21.65 19.34
CA GLN E 28 -28.66 -21.22 17.98
C GLN E 28 -29.10 -19.77 17.96
N ARG E 29 -29.91 -19.35 18.93
CA ARG E 29 -30.33 -17.96 19.01
C ARG E 29 -29.13 -17.04 19.18
N ARG E 30 -28.23 -17.40 20.08
CA ARG E 30 -27.04 -16.55 20.29
C ARG E 30 -26.16 -16.52 19.06
N TYR E 31 -26.01 -17.65 18.37
CA TYR E 31 -25.23 -17.68 17.14
C TYR E 31 -25.83 -16.77 16.08
N ALA E 32 -27.15 -16.86 15.89
CA ALA E 32 -27.81 -16.00 14.91
C ALA E 32 -27.65 -14.54 15.26
N ALA E 33 -27.81 -14.20 16.55
CA ALA E 33 -27.64 -12.81 16.97
C ALA E 33 -26.22 -12.33 16.72
N ALA E 34 -25.23 -13.16 17.03
CA ALA E 34 -23.84 -12.76 16.88
C ALA E 34 -23.45 -12.60 15.42
N LEU E 35 -24.05 -13.40 14.52
CA LEU E 35 -23.72 -13.27 13.10
C LEU E 35 -24.08 -11.87 12.58
N ARG E 36 -25.23 -11.35 13.01
CA ARG E 36 -25.76 -10.11 12.44
C ARG E 36 -25.32 -8.86 13.19
N GLU E 37 -25.48 -8.84 14.52
CA GLU E 37 -25.31 -7.61 15.28
C GLU E 37 -24.44 -7.86 16.51
N HIS E 38 -23.30 -8.53 16.32
CA HIS E 38 -22.37 -8.72 17.43
C HIS E 38 -21.88 -7.38 17.98
N GLY E 39 -21.15 -6.63 17.16
CA GLY E 39 -20.72 -5.29 17.55
C GLY E 39 -19.37 -5.26 18.23
N GLY E 40 -18.37 -4.72 17.55
CA GLY E 40 -17.05 -4.59 18.14
C GLY E 40 -15.92 -4.83 17.16
N THR E 41 -15.02 -5.75 17.51
CA THR E 41 -13.87 -6.09 16.67
C THR E 41 -14.09 -7.48 16.09
N ALA E 42 -13.59 -7.69 14.87
CA ALA E 42 -13.88 -8.92 14.15
C ALA E 42 -13.36 -10.15 14.86
N VAL E 43 -12.25 -10.05 15.59
CA VAL E 43 -11.67 -11.23 16.23
C VAL E 43 -12.62 -11.78 17.30
N GLU E 44 -13.17 -10.90 18.13
CA GLU E 44 -14.10 -11.37 19.16
C GLU E 44 -15.35 -11.98 18.53
N ARG E 45 -15.84 -11.38 17.45
CA ARG E 45 -17.01 -11.93 16.76
C ARG E 45 -16.71 -13.32 16.21
N ASP E 46 -15.55 -13.49 15.59
CA ASP E 46 -15.19 -14.80 15.05
C ASP E 46 -15.01 -15.82 16.16
N ALA E 47 -14.40 -15.42 17.28
CA ALA E 47 -14.23 -16.34 18.39
C ALA E 47 -15.58 -16.76 18.97
N GLU E 48 -16.51 -15.81 19.11
CA GLU E 48 -17.85 -16.15 19.58
C GLU E 48 -18.54 -17.10 18.61
N VAL E 49 -18.40 -16.83 17.31
CA VAL E 49 -19.02 -17.70 16.31
C VAL E 49 -18.47 -19.12 16.43
N ARG E 50 -17.14 -19.24 16.55
CA ARG E 50 -16.54 -20.57 16.65
C ARG E 50 -16.97 -21.29 17.92
N ALA E 51 -17.00 -20.57 19.04
CA ALA E 51 -17.42 -21.21 20.30
C ALA E 51 -18.86 -21.67 20.23
N LEU E 52 -19.75 -20.84 19.68
CA LEU E 52 -21.15 -21.22 19.58
C LEU E 52 -21.32 -22.39 18.61
N ALA E 53 -20.56 -22.41 17.52
CA ALA E 53 -20.62 -23.54 16.61
C ALA E 53 -20.13 -24.82 17.27
N LYS E 54 -19.06 -24.73 18.08
CA LYS E 54 -18.58 -25.90 18.80
C LYS E 54 -19.64 -26.43 19.76
N ASP E 55 -20.27 -25.52 20.51
CA ASP E 55 -21.33 -25.93 21.43
C ASP E 55 -22.49 -26.56 20.67
N ILE E 56 -22.89 -25.96 19.54
CA ILE E 56 -23.99 -26.49 18.75
C ILE E 56 -23.66 -27.90 18.27
N ALA E 57 -22.43 -28.09 17.77
CA ALA E 57 -22.03 -29.40 17.27
C ALA E 57 -22.03 -30.43 18.39
N ARG E 58 -21.47 -30.08 19.55
CA ARG E 58 -21.37 -31.05 20.63
C ARG E 58 -22.75 -31.43 21.14
N LEU E 59 -23.67 -30.47 21.22
CA LEU E 59 -25.03 -30.79 21.66
C LEU E 59 -25.78 -31.57 20.59
N ASN E 60 -25.59 -31.22 19.32
CA ASN E 60 -26.31 -31.86 18.23
C ASN E 60 -25.92 -33.31 18.06
N VAL E 61 -24.62 -33.61 18.19
CA VAL E 61 -24.17 -34.99 18.05
C VAL E 61 -24.81 -35.88 19.11
N ALA E 62 -25.16 -35.32 20.26
CA ALA E 62 -25.70 -36.10 21.36
C ALA E 62 -27.19 -36.37 21.24
N ASP E 63 -27.87 -35.82 20.24
CA ASP E 63 -29.31 -36.00 20.13
C ASP E 63 -29.67 -37.48 20.00
N ASN E 64 -28.95 -38.21 19.16
CA ASN E 64 -29.22 -39.62 18.95
C ASN E 64 -28.42 -40.45 19.94
N GLY E 65 -29.10 -41.37 20.63
CA GLY E 65 -28.43 -42.20 21.62
C GLY E 65 -27.89 -41.42 22.78
N LEU E 66 -28.70 -40.52 23.36
CA LEU E 66 -28.19 -39.59 24.37
C LEU E 66 -27.62 -40.34 25.57
N CYS E 67 -28.30 -41.37 26.05
CA CYS E 67 -27.91 -42.08 27.26
C CYS E 67 -27.70 -43.55 26.94
N PHE E 68 -26.64 -44.12 27.52
CA PHE E 68 -26.33 -45.54 27.33
C PHE E 68 -26.99 -46.42 28.37
N GLY E 69 -27.21 -45.92 29.58
CA GLY E 69 -27.87 -46.69 30.61
C GLY E 69 -27.53 -46.19 31.99
N ARG E 70 -28.36 -46.58 32.94
CA ARG E 70 -28.15 -46.21 34.34
C ARG E 70 -26.96 -46.96 34.92
N LEU E 71 -26.31 -46.33 35.92
CA LEU E 71 -25.19 -46.95 36.65
C LEU E 71 -25.41 -46.67 38.13
N ASP E 72 -26.12 -47.59 38.80
CA ASP E 72 -26.33 -47.48 40.23
C ASP E 72 -25.05 -47.80 40.98
N THR E 73 -24.94 -47.28 42.21
CA THR E 73 -23.74 -47.45 43.02
C THR E 73 -24.14 -47.79 44.44
N LEU E 74 -23.23 -48.48 45.14
CA LEU E 74 -23.45 -48.79 46.54
C LEU E 74 -23.23 -47.58 47.44
N ASP E 75 -22.58 -46.54 46.92
CA ASP E 75 -22.27 -45.36 47.71
C ASP E 75 -23.41 -44.36 47.71
N ASP E 76 -24.61 -44.81 47.38
CA ASP E 76 -25.81 -43.97 47.41
C ASP E 76 -25.76 -42.87 46.35
N ALA E 77 -25.28 -43.22 45.15
CA ALA E 77 -25.22 -42.28 44.04
C ALA E 77 -26.08 -42.79 42.89
N ARG E 78 -26.54 -41.86 42.07
CA ARG E 78 -27.50 -42.16 41.00
C ARG E 78 -26.95 -41.74 39.64
N LEU E 79 -25.70 -42.09 39.35
CA LEU E 79 -25.06 -41.67 38.12
C LEU E 79 -25.84 -42.14 36.90
N TYR E 80 -25.99 -41.25 35.92
CA TYR E 80 -26.45 -41.60 34.58
C TYR E 80 -25.29 -41.41 33.61
N ILE E 81 -25.03 -42.43 32.80
CA ILE E 81 -23.91 -42.45 31.88
C ILE E 81 -24.45 -42.22 30.47
N GLY E 82 -23.94 -41.18 29.80
CA GLY E 82 -24.39 -40.85 28.47
C GLY E 82 -23.31 -40.19 27.63
N ARG E 83 -23.73 -39.46 26.59
CA ARG E 83 -22.80 -38.81 25.67
C ARG E 83 -22.24 -37.50 26.20
N LEU E 84 -22.90 -36.86 27.16
CA LEU E 84 -22.49 -35.54 27.62
C LEU E 84 -22.72 -35.42 29.11
N GLY E 85 -22.01 -34.47 29.73
CA GLY E 85 -22.25 -34.14 31.12
C GLY E 85 -23.25 -33.00 31.24
N ILE E 86 -24.32 -33.23 31.99
CA ILE E 86 -25.39 -32.26 32.16
C ILE E 86 -25.65 -32.09 33.65
N PHE E 87 -25.75 -30.85 34.10
CA PHE E 87 -25.89 -30.53 35.50
C PHE E 87 -27.06 -29.57 35.71
N ASP E 88 -27.83 -29.81 36.76
CA ASP E 88 -28.92 -28.90 37.14
C ASP E 88 -28.33 -27.77 37.98
N ARG E 89 -28.33 -26.56 37.42
CA ARG E 89 -27.65 -25.45 38.06
C ARG E 89 -28.24 -25.13 39.43
N ASP E 90 -29.58 -25.13 39.52
CA ASP E 90 -30.24 -24.75 40.77
C ASP E 90 -29.95 -25.72 41.90
N ASN E 91 -29.48 -26.93 41.60
CA ASN E 91 -29.19 -27.95 42.60
C ASN E 91 -27.70 -28.03 42.92
N ASP E 92 -27.01 -26.89 42.92
CA ASP E 92 -25.56 -26.86 43.10
C ASP E 92 -24.88 -27.68 42.00
N PHE E 93 -25.44 -27.60 40.79
CA PHE E 93 -24.93 -28.35 39.64
C PHE E 93 -24.93 -29.85 39.92
N GLU E 94 -26.13 -30.38 40.17
CA GLU E 94 -26.28 -31.81 40.40
C GLU E 94 -26.15 -32.56 39.09
N PRO E 95 -25.20 -33.47 38.95
CA PRO E 95 -25.06 -34.20 37.67
C PRO E 95 -26.32 -34.97 37.32
N LEU E 96 -27.02 -34.50 36.29
CA LEU E 96 -28.10 -35.29 35.71
C LEU E 96 -27.58 -36.32 34.72
N LEU E 97 -26.44 -36.06 34.10
CA LEU E 97 -25.83 -36.97 33.15
C LEU E 97 -24.32 -36.82 33.22
N LEU E 98 -23.63 -37.94 32.99
CA LEU E 98 -22.17 -37.97 32.99
C LEU E 98 -21.68 -38.57 31.67
N ASP E 99 -20.75 -37.88 31.03
CA ASP E 99 -20.13 -38.39 29.82
C ASP E 99 -19.18 -39.53 30.16
N TRP E 100 -19.23 -40.61 29.38
CA TRP E 100 -18.41 -41.78 29.67
C TRP E 100 -16.93 -41.52 29.44
N ARG E 101 -16.57 -40.42 28.78
CA ARG E 101 -15.17 -40.00 28.71
C ARG E 101 -14.67 -39.41 30.02
N ALA E 102 -15.57 -39.10 30.96
CA ALA E 102 -15.14 -38.53 32.23
C ALA E 102 -14.51 -39.60 33.11
N PRO E 103 -13.68 -39.20 34.09
CA PRO E 103 -13.09 -40.22 34.97
C PRO E 103 -14.07 -40.80 35.97
N MET E 104 -15.00 -40.00 36.48
CA MET E 104 -15.98 -40.51 37.43
C MET E 104 -16.86 -41.59 36.82
N ALA E 105 -17.03 -41.58 35.50
CA ALA E 105 -17.77 -42.61 34.79
C ALA E 105 -16.86 -43.66 34.17
N ARG E 106 -15.61 -43.73 34.64
CA ARG E 106 -14.61 -44.67 34.13
C ARG E 106 -15.04 -46.11 34.38
N PRO E 107 -15.54 -46.45 35.57
CA PRO E 107 -15.78 -47.87 35.88
C PRO E 107 -16.73 -48.57 34.91
N PHE E 108 -17.59 -47.83 34.22
CA PHE E 108 -18.55 -48.44 33.30
C PHE E 108 -17.90 -49.53 32.45
N TYR E 109 -16.66 -49.32 32.05
CA TYR E 109 -15.94 -50.27 31.20
C TYR E 109 -14.80 -50.98 31.91
N VAL E 110 -14.41 -50.52 33.10
CA VAL E 110 -13.32 -51.14 33.83
C VAL E 110 -13.82 -52.16 34.84
N ALA E 111 -14.90 -51.84 35.54
CA ALA E 111 -15.45 -52.76 36.53
C ALA E 111 -15.97 -54.02 35.87
N THR E 112 -15.81 -55.14 36.57
CA THR E 112 -16.28 -56.44 36.10
C THR E 112 -17.09 -57.10 37.22
N ALA E 113 -17.68 -58.26 36.89
CA ALA E 113 -18.52 -58.95 37.85
C ALA E 113 -17.73 -59.34 39.09
N ALA E 114 -16.51 -59.85 38.92
CA ALA E 114 -15.66 -60.24 40.04
C ALA E 114 -14.85 -59.08 40.60
N ASN E 115 -14.82 -57.94 39.92
CA ASN E 115 -14.06 -56.76 40.36
C ASN E 115 -14.97 -55.55 40.31
N PRO E 116 -15.93 -55.45 41.22
CA PRO E 116 -16.85 -54.30 41.22
C PRO E 116 -16.19 -53.05 41.79
N GLU E 117 -16.41 -51.92 41.11
CA GLU E 117 -15.94 -50.63 41.58
C GLU E 117 -17.00 -49.94 42.45
N ASN E 118 -17.33 -50.59 43.57
CA ASN E 118 -18.37 -50.17 44.51
C ASN E 118 -19.71 -49.93 43.83
N MET E 119 -19.90 -50.43 42.61
CA MET E 119 -21.15 -50.26 41.89
C MET E 119 -22.11 -51.40 42.21
N ARG E 120 -23.40 -51.16 42.00
CA ARG E 120 -24.44 -52.12 42.34
C ARG E 120 -25.04 -52.80 41.11
N ARG E 121 -25.57 -52.01 40.17
CA ARG E 121 -26.24 -52.55 38.99
C ARG E 121 -25.89 -51.70 37.78
N ARG E 122 -25.63 -52.36 36.65
CA ARG E 122 -25.30 -51.71 35.39
C ARG E 122 -26.41 -51.98 34.39
N ARG E 123 -26.90 -50.92 33.75
CA ARG E 123 -28.04 -50.98 32.85
C ARG E 123 -27.62 -50.63 31.43
N GLN E 124 -28.24 -51.30 30.47
CA GLN E 124 -27.97 -51.07 29.05
C GLN E 124 -29.23 -50.54 28.38
N PHE E 125 -29.09 -49.43 27.65
CA PHE E 125 -30.21 -48.86 26.91
C PHE E 125 -30.15 -49.27 25.45
N HIS E 126 -31.27 -49.76 24.94
CA HIS E 126 -31.42 -50.06 23.52
C HIS E 126 -32.10 -48.87 22.83
N THR E 127 -31.32 -47.81 22.66
CA THR E 127 -31.85 -46.55 22.16
C THR E 127 -32.24 -46.67 20.70
N LEU E 128 -33.38 -46.06 20.35
CA LEU E 128 -33.82 -45.99 18.96
C LEU E 128 -34.68 -44.74 18.83
N GLY E 129 -34.18 -43.73 18.13
CA GLY E 129 -34.94 -42.51 17.95
C GLY E 129 -34.93 -41.67 19.19
N ARG E 130 -36.12 -41.32 19.69
CA ARG E 130 -36.27 -40.44 20.84
C ARG E 130 -36.62 -41.19 22.11
N LYS E 131 -36.60 -42.53 22.10
CA LYS E 131 -36.94 -43.30 23.28
C LYS E 131 -36.19 -44.62 23.23
N VAL E 132 -36.08 -45.26 24.40
CA VAL E 132 -35.45 -46.57 24.49
C VAL E 132 -36.48 -47.66 24.26
N VAL E 133 -36.16 -48.60 23.36
CA VAL E 133 -37.06 -49.72 23.12
C VAL E 133 -37.23 -50.53 24.39
N ASP E 134 -36.12 -50.83 25.06
CA ASP E 134 -36.14 -51.53 26.35
C ASP E 134 -34.74 -51.45 26.93
N PHE E 135 -34.52 -52.12 28.06
CA PHE E 135 -33.22 -52.15 28.70
C PHE E 135 -32.95 -53.53 29.26
N THR E 136 -31.67 -53.86 29.36
CA THR E 136 -31.21 -55.12 29.95
C THR E 136 -30.19 -54.80 31.04
N ASP E 137 -30.39 -55.41 32.21
CA ASP E 137 -29.59 -55.10 33.39
C ASP E 137 -28.61 -56.23 33.70
N GLU E 138 -27.55 -55.87 34.42
CA GLU E 138 -26.58 -56.82 34.93
C GLU E 138 -26.26 -56.45 36.38
N ILE E 139 -26.25 -57.45 37.25
CA ILE E 139 -26.03 -57.25 38.68
C ILE E 139 -24.58 -57.59 38.99
N LEU E 140 -23.90 -56.69 39.69
CA LEU E 140 -22.50 -56.84 40.04
C LEU E 140 -22.33 -56.68 41.54
N GLY E 141 -21.34 -57.40 42.09
CA GLY E 141 -21.07 -57.33 43.51
C GLY E 141 -20.24 -58.51 44.00
N LEU F 6 17.89 9.03 -11.07
CA LEU F 6 18.84 8.75 -12.14
C LEU F 6 18.36 9.33 -13.46
N ARG F 7 19.32 9.78 -14.28
CA ARG F 7 19.03 10.20 -15.65
C ARG F 7 20.13 9.69 -16.56
N GLY F 8 19.79 9.51 -17.83
CA GLY F 8 20.74 8.99 -18.79
C GLY F 8 20.49 9.52 -20.20
N SER F 9 21.23 9.00 -21.16
CA SER F 9 21.12 9.41 -22.55
C SER F 9 21.12 8.19 -23.45
N ARG F 10 20.48 8.34 -24.61
CA ARG F 10 20.43 7.27 -25.61
C ARG F 10 21.62 7.29 -26.56
N LEU F 11 22.70 7.99 -26.20
CA LEU F 11 23.84 8.17 -27.09
C LEU F 11 23.40 8.80 -28.41
N GLY F 12 22.57 9.83 -28.30
CA GLY F 12 22.05 10.50 -29.46
C GLY F 12 21.43 11.82 -29.09
N ALA F 13 20.65 12.36 -30.03
CA ALA F 13 19.99 13.65 -29.83
C ALA F 13 18.62 13.62 -30.48
N VAL F 14 17.72 14.45 -29.94
CA VAL F 14 16.36 14.57 -30.45
C VAL F 14 16.07 16.05 -30.69
N SER F 15 15.42 16.35 -31.81
CA SER F 15 15.09 17.71 -32.20
C SER F 15 13.60 17.80 -32.48
N TYR F 16 13.16 18.97 -32.93
CA TYR F 16 11.74 19.24 -33.15
C TYR F 16 11.50 20.01 -34.44
N GLU F 17 12.38 19.86 -35.43
CA GLU F 17 12.18 20.54 -36.70
C GLU F 17 10.97 19.97 -37.40
N THR F 18 10.16 20.85 -38.00
CA THR F 18 8.92 20.43 -38.64
C THR F 18 9.21 19.56 -39.85
N ASP F 19 8.53 18.42 -39.93
CA ASP F 19 8.70 17.51 -41.06
C ASP F 19 7.78 17.92 -42.20
N ARG F 20 8.31 17.84 -43.43
CA ARG F 20 7.59 18.24 -44.63
C ARG F 20 7.75 17.18 -45.70
N ASN F 21 6.78 17.14 -46.62
CA ASN F 21 6.81 16.20 -47.74
C ASN F 21 6.49 16.83 -49.08
N HIS F 22 6.12 18.11 -49.13
CA HIS F 22 5.78 18.77 -50.38
C HIS F 22 7.01 19.29 -51.12
N ASP F 23 8.18 19.31 -50.48
CA ASP F 23 9.41 19.77 -51.11
C ASP F 23 10.53 18.83 -50.68
N LEU F 24 10.87 17.89 -51.55
CA LEU F 24 11.84 16.85 -51.24
C LEU F 24 12.84 16.72 -52.39
N ALA F 25 13.99 16.14 -52.07
CA ALA F 25 15.04 15.97 -53.06
C ALA F 25 14.62 14.99 -54.14
N PRO F 26 15.19 15.09 -55.34
CA PRO F 26 14.91 14.08 -56.37
C PRO F 26 15.66 12.79 -56.08
N ARG F 27 14.99 11.67 -56.33
CA ARG F 27 15.53 10.34 -56.06
C ARG F 27 15.66 9.57 -57.37
N GLN F 28 16.84 9.00 -57.60
CA GLN F 28 17.08 8.10 -58.73
C GLN F 28 17.31 6.71 -58.15
N VAL F 29 16.24 5.92 -58.06
CA VAL F 29 16.32 4.62 -57.42
C VAL F 29 17.16 3.67 -58.25
N ALA F 30 18.06 2.94 -57.59
CA ALA F 30 18.86 1.92 -58.21
C ALA F 30 18.51 0.57 -57.62
N ARG F 31 18.35 -0.44 -58.48
CA ARG F 31 17.97 -1.78 -58.06
C ARG F 31 19.17 -2.71 -58.18
N TYR F 32 19.47 -3.41 -57.10
CA TYR F 32 20.58 -4.34 -57.03
C TYR F 32 20.06 -5.76 -56.96
N ARG F 33 20.68 -6.65 -57.73
CA ARG F 33 20.33 -8.06 -57.77
C ARG F 33 21.39 -8.86 -57.02
N THR F 34 20.95 -9.76 -56.15
CA THR F 34 21.85 -10.60 -55.37
C THR F 34 22.05 -11.93 -56.08
N ASP F 35 23.10 -12.65 -55.65
CA ASP F 35 23.39 -13.95 -56.25
C ASP F 35 22.25 -14.94 -56.04
N ASN F 36 21.57 -14.88 -54.88
CA ASN F 36 20.48 -15.79 -54.62
C ASN F 36 19.25 -15.51 -55.47
N GLY F 37 19.22 -14.38 -56.19
CA GLY F 37 18.14 -14.07 -57.09
C GLY F 37 17.18 -12.99 -56.60
N GLU F 38 17.31 -12.53 -55.37
CA GLU F 38 16.44 -11.49 -54.85
C GLU F 38 16.97 -10.11 -55.24
N GLU F 39 16.05 -9.18 -55.45
CA GLU F 39 16.37 -7.83 -55.90
C GLU F 39 15.86 -6.81 -54.89
N PHE F 40 16.64 -5.77 -54.67
CA PHE F 40 16.30 -4.72 -53.70
C PHE F 40 16.55 -3.36 -54.30
N ASP F 41 15.62 -2.44 -54.05
CA ASP F 41 15.71 -1.07 -54.57
C ASP F 41 16.22 -0.13 -53.47
N VAL F 42 17.05 0.82 -53.86
CA VAL F 42 17.63 1.80 -52.95
C VAL F 42 17.49 3.18 -53.59
N PRO F 43 16.85 4.15 -52.92
CA PRO F 43 16.78 5.52 -53.47
C PRO F 43 18.03 6.32 -53.14
N PHE F 44 18.70 6.80 -54.18
CA PHE F 44 19.89 7.64 -54.03
C PHE F 44 19.61 9.02 -54.60
N ALA F 45 20.33 10.02 -54.08
CA ALA F 45 20.16 11.38 -54.54
C ALA F 45 20.63 11.53 -55.98
N ASP F 46 20.32 12.68 -56.57
CA ASP F 46 20.69 12.96 -57.96
C ASP F 46 22.19 13.16 -58.14
N ASP F 47 22.96 13.25 -57.05
CA ASP F 47 24.41 13.38 -57.17
C ASP F 47 25.05 12.16 -57.82
N ALA F 48 24.32 11.05 -57.90
CA ALA F 48 24.78 9.82 -58.55
C ALA F 48 25.89 9.23 -57.68
N GLU F 49 27.07 8.92 -58.24
CA GLU F 49 28.11 8.22 -57.50
C GLU F 49 27.58 6.91 -56.92
N ILE F 50 26.73 6.24 -57.70
CA ILE F 50 26.07 5.02 -57.26
C ILE F 50 27.12 3.91 -57.15
N PRO F 51 27.26 3.25 -56.00
CA PRO F 51 28.24 2.17 -55.90
C PRO F 51 27.84 0.98 -56.77
N GLY F 52 28.85 0.24 -57.24
CA GLY F 52 28.60 -0.91 -58.08
C GLY F 52 27.99 -2.09 -57.33
N THR F 53 28.24 -2.18 -56.02
CA THR F 53 27.69 -3.26 -55.20
C THR F 53 27.15 -2.67 -53.92
N TRP F 54 26.11 -3.31 -53.38
CA TRP F 54 25.44 -2.79 -52.18
C TRP F 54 25.05 -3.96 -51.28
N LEU F 55 25.10 -3.71 -49.97
CA LEU F 55 24.71 -4.72 -48.98
C LEU F 55 23.21 -4.62 -48.77
N CYS F 56 22.48 -5.66 -49.17
CA CYS F 56 21.03 -5.64 -49.15
C CYS F 56 20.50 -6.08 -47.80
N ARG F 57 19.16 -6.16 -47.71
CA ARG F 57 18.50 -6.52 -46.47
C ARG F 57 18.74 -7.98 -46.12
N ASN F 58 18.96 -8.84 -47.12
CA ASN F 58 19.13 -10.28 -46.89
C ASN F 58 20.50 -10.64 -46.35
N GLY F 59 21.32 -9.65 -46.00
CA GLY F 59 22.58 -9.92 -45.34
C GLY F 59 23.75 -10.27 -46.23
N LEU F 60 23.58 -10.24 -47.55
CA LEU F 60 24.67 -10.52 -48.47
C LEU F 60 24.68 -9.49 -49.58
N GLU F 61 25.88 -9.23 -50.11
CA GLU F 61 26.09 -8.17 -51.07
C GLU F 61 25.52 -8.54 -52.44
N GLY F 62 24.96 -7.55 -53.13
CA GLY F 62 24.42 -7.73 -54.46
C GLY F 62 25.02 -6.72 -55.42
N THR F 63 24.97 -7.04 -56.71
CA THR F 63 25.55 -6.22 -57.75
C THR F 63 24.49 -5.39 -58.44
N LEU F 64 24.90 -4.22 -58.94
CA LEU F 64 23.97 -3.35 -59.65
C LEU F 64 23.40 -4.05 -60.87
N ILE F 65 22.08 -3.95 -61.05
CA ILE F 65 21.41 -4.67 -62.12
C ILE F 65 21.82 -4.17 -63.50
N GLU F 66 22.29 -2.93 -63.60
CA GLU F 66 22.63 -2.35 -64.89
C GLU F 66 23.71 -3.14 -65.63
N GLY F 67 24.51 -3.92 -64.92
CA GLY F 67 25.52 -4.73 -65.57
C GLY F 67 26.82 -4.01 -65.86
N ASP F 68 27.29 -3.18 -64.93
CA ASP F 68 28.51 -2.40 -65.14
C ASP F 68 29.33 -2.41 -63.86
N VAL F 69 30.61 -2.07 -64.01
CA VAL F 69 31.54 -1.95 -62.88
C VAL F 69 31.71 -3.31 -62.21
N PRO F 70 32.22 -4.32 -62.91
CA PRO F 70 32.58 -5.57 -62.24
C PRO F 70 33.93 -5.45 -61.53
N GLU F 71 34.12 -6.31 -60.54
CA GLU F 71 35.36 -6.27 -59.78
C GLU F 71 36.48 -7.02 -60.51
N PRO F 72 37.73 -6.60 -60.33
CA PRO F 72 38.86 -7.34 -60.93
C PRO F 72 39.35 -8.51 -60.09
N LYS F 73 38.86 -8.65 -58.86
CA LYS F 73 39.31 -9.72 -57.96
C LYS F 73 40.82 -9.64 -57.74
N LYS F 74 41.28 -8.45 -57.32
CA LYS F 74 42.69 -8.28 -56.98
C LYS F 74 42.99 -8.69 -55.54
N VAL F 75 41.95 -9.01 -54.77
CA VAL F 75 42.15 -9.31 -53.35
C VAL F 75 43.17 -10.43 -53.20
N LYS F 76 44.00 -10.31 -52.17
CA LYS F 76 45.07 -11.28 -51.93
C LYS F 76 44.47 -12.60 -51.45
N PRO F 77 44.81 -13.73 -52.08
CA PRO F 77 44.21 -15.02 -51.68
C PRO F 77 44.51 -15.32 -50.23
N PRO F 78 43.55 -15.91 -49.49
CA PRO F 78 43.82 -16.27 -48.10
C PRO F 78 44.84 -17.40 -47.99
N ARG F 79 45.53 -17.42 -46.86
CA ARG F 79 46.48 -18.50 -46.57
C ARG F 79 45.72 -19.79 -46.28
N THR F 80 46.41 -20.91 -46.45
CA THR F 80 45.82 -22.24 -46.29
C THR F 80 46.85 -23.20 -45.73
N HIS F 81 46.45 -24.47 -45.61
CA HIS F 81 47.35 -25.49 -45.07
C HIS F 81 48.56 -25.70 -45.96
N TRP F 82 48.39 -25.58 -47.28
CA TRP F 82 49.50 -25.79 -48.20
C TRP F 82 50.63 -24.79 -47.95
N ASP F 83 50.27 -23.52 -47.73
CA ASP F 83 51.29 -22.51 -47.44
C ASP F 83 52.01 -22.80 -46.13
N MET F 84 51.26 -23.14 -45.07
CA MET F 84 51.87 -23.48 -43.80
C MET F 84 52.76 -24.70 -43.92
N LEU F 85 52.44 -25.59 -44.86
CA LEU F 85 53.19 -26.82 -45.05
C LEU F 85 54.48 -26.58 -45.82
N LEU F 86 54.44 -25.71 -46.83
CA LEU F 86 55.62 -25.48 -47.66
C LEU F 86 56.75 -24.79 -46.90
N GLU F 87 56.43 -23.98 -45.89
CA GLU F 87 57.47 -23.20 -45.23
C GLU F 87 58.40 -24.09 -44.41
N ARG F 88 57.86 -25.15 -43.82
CA ARG F 88 58.67 -26.01 -42.95
C ARG F 88 59.40 -27.12 -43.69
N ARG F 89 59.12 -27.33 -44.98
CA ARG F 89 59.74 -28.45 -45.68
C ARG F 89 59.77 -28.12 -47.17
N SER F 90 60.76 -28.69 -47.87
CA SER F 90 60.98 -28.38 -49.28
C SER F 90 60.32 -29.41 -50.20
N VAL F 91 60.38 -29.13 -51.51
CA VAL F 91 59.72 -29.98 -52.49
C VAL F 91 60.37 -31.35 -52.56
N GLU F 92 61.70 -31.41 -52.55
CA GLU F 92 62.40 -32.68 -52.72
C GLU F 92 62.08 -33.63 -51.56
N GLU F 93 62.06 -33.10 -50.34
CA GLU F 93 61.83 -33.92 -49.16
C GLU F 93 60.46 -34.58 -49.19
N LEU F 94 59.50 -33.96 -49.88
CA LEU F 94 58.12 -34.43 -49.94
C LEU F 94 57.89 -35.29 -51.17
N GLU F 95 58.64 -35.04 -52.23
CA GLU F 95 58.67 -35.97 -53.34
C GLU F 95 59.22 -37.32 -52.89
N GLU F 96 60.27 -37.30 -52.07
CA GLU F 96 60.79 -38.54 -51.50
C GLU F 96 59.73 -39.21 -50.65
N LEU F 97 59.01 -38.44 -49.84
CA LEU F 97 57.97 -39.01 -48.99
C LEU F 97 56.88 -39.65 -49.82
N LEU F 98 56.43 -38.97 -50.88
CA LEU F 98 55.37 -39.51 -51.73
C LEU F 98 55.84 -40.79 -52.40
N LYS F 99 57.08 -40.82 -52.88
CA LYS F 99 57.62 -42.04 -53.47
C LYS F 99 57.64 -43.18 -52.44
N GLU F 100 58.04 -42.87 -51.20
CA GLU F 100 58.06 -43.90 -50.16
C GLU F 100 56.67 -44.44 -49.90
N ARG F 101 55.67 -43.56 -49.79
CA ARG F 101 54.30 -44.01 -49.55
C ARG F 101 53.80 -44.87 -50.72
N LEU F 102 54.10 -44.46 -51.95
CA LEU F 102 53.69 -45.26 -53.10
C LEU F 102 54.32 -46.63 -53.07
N ASP F 103 55.59 -46.72 -52.66
CA ASP F 103 56.28 -48.01 -52.63
C ASP F 103 55.60 -48.97 -51.66
N LEU F 104 55.20 -48.46 -50.48
CA LEU F 104 54.56 -49.33 -49.49
C LEU F 104 53.26 -49.91 -50.02
N ILE F 105 52.48 -49.11 -50.73
CA ILE F 105 51.20 -49.58 -51.26
C ILE F 105 51.44 -50.77 -52.19
N LYS F 106 52.42 -50.66 -53.07
CA LYS F 106 52.72 -51.75 -54.00
C LYS F 106 53.12 -53.02 -53.24
N ALA F 107 53.94 -52.86 -52.21
CA ALA F 107 54.34 -53.98 -51.37
C ALA F 107 53.14 -54.57 -50.64
N PHE G 6 -9.00 0.46 -39.19
CA PHE G 6 -9.55 0.41 -37.84
C PHE G 6 -9.41 -0.98 -37.25
N PHE G 7 -9.18 -1.04 -35.94
CA PHE G 7 -9.01 -2.32 -35.26
C PHE G 7 -10.33 -3.08 -35.23
N ASP G 8 -10.32 -4.31 -35.72
CA ASP G 8 -11.47 -5.19 -35.67
C ASP G 8 -11.20 -6.49 -34.94
N GLU G 9 -10.04 -7.11 -35.16
CA GLU G 9 -9.66 -8.34 -34.48
C GLU G 9 -8.14 -8.47 -34.51
N LEU G 10 -7.62 -9.31 -33.61
CA LEU G 10 -6.19 -9.53 -33.48
C LEU G 10 -5.90 -11.01 -33.71
N ARG G 11 -5.00 -11.30 -34.65
CA ARG G 11 -4.63 -12.66 -35.01
C ARG G 11 -3.19 -12.94 -34.63
N ILE G 12 -2.96 -14.13 -34.08
CA ILE G 12 -1.62 -14.56 -33.67
C ILE G 12 -1.32 -15.84 -34.43
N GLY G 13 -0.63 -15.71 -35.56
CA GLY G 13 -0.24 -16.86 -36.36
C GLY G 13 1.08 -17.44 -35.89
N LEU G 14 1.68 -18.22 -36.78
CA LEU G 14 2.98 -18.84 -36.55
C LEU G 14 3.98 -18.29 -37.54
N ALA G 15 5.12 -17.83 -37.03
CA ALA G 15 6.11 -17.13 -37.85
C ALA G 15 7.10 -18.12 -38.46
N THR G 16 7.29 -18.01 -39.77
CA THR G 16 8.26 -18.82 -40.50
C THR G 16 9.49 -17.98 -40.83
N ALA G 17 10.45 -18.60 -41.51
CA ALA G 17 11.68 -17.90 -41.87
C ALA G 17 11.38 -16.74 -42.82
N ASP G 18 10.46 -16.93 -43.75
CA ASP G 18 10.13 -15.86 -44.69
C ASP G 18 9.56 -14.64 -43.96
N ASP G 19 8.71 -14.86 -42.97
CA ASP G 19 8.16 -13.74 -42.21
C ASP G 19 9.26 -12.99 -41.47
N ILE G 20 10.19 -13.72 -40.85
CA ILE G 20 11.28 -13.07 -40.13
C ILE G 20 12.13 -12.25 -41.09
N ARG G 21 12.45 -12.83 -42.25
CA ARG G 21 13.25 -12.10 -43.24
C ARG G 21 12.52 -10.88 -43.78
N ASN G 22 11.19 -10.96 -43.89
CA ASN G 22 10.42 -9.80 -44.34
C ASN G 22 10.42 -8.70 -43.28
N TRP G 23 10.27 -9.07 -42.01
CA TRP G 23 10.38 -8.06 -40.95
C TRP G 23 11.77 -7.47 -40.89
N SER G 24 12.80 -8.27 -41.16
CA SER G 24 14.17 -7.84 -40.98
C SER G 24 14.53 -6.71 -41.94
N TYR G 25 15.27 -5.74 -41.45
CA TYR G 25 15.82 -4.67 -42.27
C TYR G 25 17.29 -4.88 -42.62
N GLY G 26 17.94 -5.86 -41.98
CA GLY G 26 19.33 -6.16 -42.26
C GLY G 26 19.88 -7.19 -41.29
N GLU G 27 20.71 -8.10 -41.78
CA GLU G 27 21.22 -9.18 -40.94
C GLU G 27 22.31 -8.66 -40.01
N VAL G 28 22.28 -9.16 -38.77
CA VAL G 28 23.32 -8.84 -37.79
C VAL G 28 24.45 -9.86 -37.95
N LYS G 29 25.65 -9.37 -38.27
CA LYS G 29 26.79 -10.22 -38.55
C LYS G 29 27.78 -10.31 -37.39
N LYS G 30 27.82 -9.30 -36.52
CA LYS G 30 28.82 -9.21 -35.48
C LYS G 30 28.15 -8.96 -34.13
N PRO G 31 28.78 -9.38 -33.04
CA PRO G 31 28.25 -9.07 -31.70
C PRO G 31 28.55 -7.66 -31.22
N GLU G 32 29.05 -6.78 -32.08
CA GLU G 32 29.41 -5.44 -31.67
C GLU G 32 28.17 -4.67 -31.22
N THR G 33 28.35 -3.82 -30.21
CA THR G 33 27.27 -2.96 -29.73
C THR G 33 27.59 -1.49 -29.99
N ILE G 34 28.70 -1.01 -29.44
CA ILE G 34 29.14 0.36 -29.61
C ILE G 34 30.66 0.41 -29.50
N ASN G 35 31.25 1.46 -30.06
CA ASN G 35 32.69 1.65 -29.96
C ASN G 35 33.08 1.96 -28.52
N TYR G 36 34.20 1.38 -28.08
CA TYR G 36 34.63 1.57 -26.70
C TYR G 36 35.18 2.97 -26.45
N ARG G 37 35.58 3.68 -27.51
CA ARG G 37 36.19 4.99 -27.38
C ARG G 37 35.27 6.12 -27.82
N THR G 38 34.68 6.01 -29.01
CA THR G 38 33.77 7.04 -29.50
C THR G 38 32.34 6.81 -29.05
N LEU G 39 32.01 5.62 -28.56
CA LEU G 39 30.68 5.27 -28.08
C LEU G 39 29.62 5.31 -29.18
N LYS G 40 30.02 5.40 -30.44
CA LYS G 40 29.05 5.32 -31.52
C LYS G 40 28.73 3.86 -31.82
N PRO G 41 27.51 3.57 -32.27
CA PRO G 41 27.17 2.19 -32.63
C PRO G 41 28.07 1.67 -33.74
N GLU G 42 28.44 0.39 -33.64
CA GLU G 42 29.28 -0.25 -34.64
C GLU G 42 28.42 -0.78 -35.77
N LYS G 43 28.93 -0.65 -37.00
CA LYS G 43 28.18 -1.08 -38.17
C LYS G 43 28.16 -2.59 -38.27
N ASP G 44 27.11 -3.10 -38.91
CA ASP G 44 27.00 -4.52 -39.23
C ASP G 44 26.82 -5.37 -37.96
N GLY G 45 26.58 -4.73 -36.83
CA GLY G 45 26.38 -5.44 -35.58
C GLY G 45 25.15 -4.97 -34.83
N LEU G 46 25.09 -5.24 -33.54
CA LEU G 46 23.99 -4.76 -32.72
C LEU G 46 24.04 -3.23 -32.61
N PHE G 47 22.87 -2.62 -32.53
CA PHE G 47 22.74 -1.17 -32.43
C PHE G 47 23.16 -0.48 -33.72
N CYS G 48 23.46 -1.25 -34.77
CA CYS G 48 23.88 -0.69 -36.04
C CYS G 48 22.85 0.31 -36.57
N GLU G 49 23.32 1.50 -36.93
CA GLU G 49 22.41 2.53 -37.41
C GLU G 49 21.97 2.26 -38.85
N LYS G 50 22.79 1.56 -39.62
CA LYS G 50 22.41 1.25 -40.99
C LYS G 50 21.15 0.40 -41.02
N ILE G 51 21.01 -0.53 -40.08
CA ILE G 51 19.86 -1.41 -40.02
C ILE G 51 18.74 -0.81 -39.17
N PHE G 52 19.07 -0.39 -37.95
CA PHE G 52 18.05 0.03 -36.99
C PHE G 52 17.75 1.53 -37.04
N GLY G 53 18.47 2.30 -37.86
CA GLY G 53 18.17 3.70 -38.03
C GLY G 53 19.12 4.61 -37.28
N PRO G 54 19.16 5.88 -37.67
CA PRO G 54 20.09 6.82 -37.04
C PRO G 54 19.73 7.09 -35.58
N THR G 55 20.75 7.42 -34.79
CA THR G 55 20.55 7.75 -33.38
C THR G 55 20.25 9.23 -33.17
N ARG G 56 20.36 10.07 -34.20
CA ARG G 56 20.09 11.50 -34.10
C ARG G 56 19.12 11.89 -35.21
N ASP G 57 18.16 12.75 -34.87
CA ASP G 57 17.09 13.08 -35.80
C ASP G 57 17.63 13.76 -37.04
N TRP G 58 17.25 13.24 -38.20
CA TRP G 58 17.56 13.85 -39.49
C TRP G 58 19.06 13.98 -39.74
N GLU G 59 19.88 13.16 -39.08
CA GLU G 59 21.31 13.17 -39.26
C GLU G 59 21.76 11.85 -39.88
N CYS G 60 23.07 11.72 -40.07
CA CYS G 60 23.64 10.56 -40.73
C CYS G 60 24.91 10.16 -39.98
N TYR G 61 25.26 8.87 -40.06
CA TYR G 61 26.40 8.36 -39.31
C TYR G 61 27.68 9.07 -39.69
N CYS G 62 27.92 9.25 -40.99
CA CYS G 62 29.09 9.97 -41.46
C CYS G 62 28.94 11.48 -41.36
N GLY G 63 27.73 11.96 -41.03
CA GLY G 63 27.50 13.37 -40.81
C GLY G 63 27.29 14.21 -42.04
N LYS G 64 27.34 13.62 -43.23
CA LYS G 64 27.18 14.40 -44.45
C LYS G 64 25.80 15.05 -44.53
N TYR G 65 24.76 14.28 -44.21
CA TYR G 65 23.37 14.76 -44.27
C TYR G 65 22.91 15.10 -42.85
N LYS G 66 22.44 16.33 -42.66
CA LYS G 66 22.01 16.78 -41.34
C LYS G 66 20.77 17.67 -41.40
N ARG G 67 19.97 17.57 -42.46
CA ARG G 67 18.82 18.44 -42.63
C ARG G 67 17.60 17.62 -43.02
N VAL G 68 16.42 18.17 -42.72
CA VAL G 68 15.17 17.45 -42.97
C VAL G 68 14.94 17.24 -44.47
N ARG G 69 15.46 18.12 -45.31
CA ARG G 69 15.18 18.04 -46.74
C ARG G 69 15.64 16.70 -47.31
N PHE G 70 16.62 16.05 -46.68
CA PHE G 70 17.08 14.74 -47.12
C PHE G 70 16.21 13.61 -46.62
N LYS G 71 15.02 13.90 -46.09
CA LYS G 71 14.11 12.88 -45.62
C LYS G 71 13.88 11.83 -46.69
N GLY G 72 14.07 10.56 -46.32
CA GLY G 72 13.90 9.45 -47.23
C GLY G 72 15.13 9.10 -48.04
N ILE G 73 16.20 9.89 -47.95
CA ILE G 73 17.42 9.59 -48.69
C ILE G 73 18.27 8.61 -47.88
N ILE G 74 18.84 7.62 -48.56
CA ILE G 74 19.74 6.65 -47.95
C ILE G 74 21.16 7.02 -48.36
N CYS G 75 21.99 7.36 -47.38
CA CYS G 75 23.36 7.77 -47.66
C CYS G 75 24.12 6.65 -48.35
N GLU G 76 24.88 7.00 -49.38
CA GLU G 76 25.67 6.02 -50.12
C GLU G 76 27.04 5.78 -49.51
N ARG G 77 27.45 6.57 -48.53
CA ARG G 77 28.75 6.42 -47.90
C ARG G 77 28.74 5.46 -46.72
N CYS G 78 27.64 5.40 -45.96
CA CYS G 78 27.52 4.50 -44.83
C CYS G 78 26.18 3.78 -44.76
N GLY G 79 25.24 4.10 -45.64
CA GLY G 79 24.00 3.34 -45.73
C GLY G 79 22.91 3.73 -44.75
N VAL G 80 23.08 4.81 -44.01
CA VAL G 80 22.06 5.22 -43.05
C VAL G 80 20.98 6.04 -43.75
N GLU G 81 19.75 5.90 -43.27
CA GLU G 81 18.62 6.63 -43.81
C GLU G 81 18.33 7.85 -42.94
N VAL G 82 18.09 8.99 -43.58
CA VAL G 82 17.84 10.24 -42.87
C VAL G 82 16.41 10.17 -42.33
N THR G 83 16.28 9.89 -41.04
CA THR G 83 14.98 9.75 -40.41
C THR G 83 15.13 10.02 -38.92
N ARG G 84 14.00 10.26 -38.26
CA ARG G 84 14.01 10.56 -36.83
C ARG G 84 14.57 9.39 -36.03
N ALA G 85 15.26 9.72 -34.94
CA ALA G 85 15.89 8.69 -34.10
C ALA G 85 14.87 7.82 -33.39
N LYS G 86 13.62 8.26 -33.27
CA LYS G 86 12.61 7.46 -32.59
C LYS G 86 12.39 6.13 -33.30
N VAL G 87 12.73 6.05 -34.59
CA VAL G 87 12.46 4.85 -35.37
C VAL G 87 13.28 3.66 -34.89
N ARG G 88 14.33 3.91 -34.09
CA ARG G 88 15.18 2.82 -33.62
C ARG G 88 14.43 1.85 -32.70
N ARG G 89 13.25 2.23 -32.21
CA ARG G 89 12.42 1.33 -31.43
C ARG G 89 11.35 0.66 -32.27
N GLU G 90 11.46 0.74 -33.59
CA GLU G 90 10.50 0.14 -34.51
C GLU G 90 11.19 -0.78 -35.50
N ARG G 91 12.48 -0.55 -35.75
CA ARG G 91 13.22 -1.35 -36.71
C ARG G 91 13.66 -2.66 -36.08
N MET G 92 13.62 -3.73 -36.87
CA MET G 92 13.95 -5.06 -36.40
C MET G 92 14.99 -5.70 -37.32
N GLY G 93 15.85 -6.53 -36.73
CA GLY G 93 16.85 -7.27 -37.46
C GLY G 93 16.64 -8.77 -37.32
N HIS G 94 17.54 -9.53 -37.94
CA HIS G 94 17.48 -10.98 -37.92
C HIS G 94 18.89 -11.55 -37.98
N ILE G 95 19.01 -12.81 -37.56
CA ILE G 95 20.28 -13.54 -37.58
C ILE G 95 20.07 -14.80 -38.40
N GLU G 96 20.95 -15.01 -39.39
CA GLU G 96 20.90 -16.19 -40.23
C GLU G 96 21.69 -17.31 -39.56
N LEU G 97 21.04 -18.45 -39.33
CA LEU G 97 21.66 -19.58 -38.65
C LEU G 97 22.26 -20.53 -39.67
N ALA G 98 23.45 -21.03 -39.38
CA ALA G 98 24.12 -22.00 -40.25
C ALA G 98 23.59 -23.42 -40.07
N ALA G 99 22.85 -23.69 -39.00
CA ALA G 99 22.29 -25.00 -38.76
C ALA G 99 20.86 -24.81 -38.24
N PRO G 100 19.90 -25.62 -38.67
CA PRO G 100 18.54 -25.47 -38.17
C PRO G 100 18.45 -25.67 -36.67
N VAL G 101 17.52 -24.96 -36.04
CA VAL G 101 17.30 -25.03 -34.60
C VAL G 101 15.80 -25.07 -34.35
N THR G 102 15.38 -25.89 -33.40
CA THR G 102 13.97 -26.04 -33.07
C THR G 102 13.56 -25.03 -32.01
N HIS G 103 12.31 -24.56 -32.11
CA HIS G 103 11.76 -23.64 -31.11
C HIS G 103 11.44 -24.42 -29.84
N ILE G 104 11.95 -23.93 -28.70
CA ILE G 104 11.82 -24.69 -27.46
C ILE G 104 10.36 -24.79 -27.02
N TRP G 105 9.56 -23.76 -27.29
CA TRP G 105 8.17 -23.78 -26.84
C TRP G 105 7.43 -25.02 -27.35
N TYR G 106 7.66 -25.38 -28.61
CA TYR G 106 6.96 -26.50 -29.22
C TYR G 106 7.68 -27.82 -29.00
N PHE G 107 8.95 -27.78 -28.57
CA PHE G 107 9.69 -29.02 -28.33
C PHE G 107 9.17 -29.73 -27.07
N LYS G 108 8.98 -28.98 -25.99
CA LYS G 108 8.55 -29.52 -24.70
C LYS G 108 7.43 -28.68 -24.10
N GLY G 109 6.42 -28.38 -24.93
CA GLY G 109 5.31 -27.52 -24.54
C GLY G 109 4.38 -28.07 -23.49
N VAL G 110 4.72 -29.19 -22.84
CA VAL G 110 3.94 -29.72 -21.73
C VAL G 110 2.48 -29.88 -22.16
N PRO G 111 2.14 -30.87 -23.00
CA PRO G 111 3.05 -31.88 -23.58
C PRO G 111 3.79 -31.37 -24.81
N SER G 112 4.78 -32.14 -25.26
CA SER G 112 5.53 -31.79 -26.45
C SER G 112 4.61 -31.76 -27.67
N ARG G 113 4.37 -30.56 -28.21
CA ARG G 113 3.58 -30.46 -29.43
C ARG G 113 4.28 -31.16 -30.59
N LEU G 114 5.59 -30.93 -30.72
CA LEU G 114 6.35 -31.58 -31.79
C LEU G 114 6.38 -33.10 -31.58
N GLY G 115 6.49 -33.54 -30.34
CA GLY G 115 6.47 -34.98 -30.08
C GLY G 115 5.17 -35.63 -30.53
N TYR G 116 4.05 -34.98 -30.22
CA TYR G 116 2.76 -35.50 -30.67
C TYR G 116 2.64 -35.46 -32.19
N LEU G 117 3.09 -34.37 -32.82
CA LEU G 117 2.96 -34.26 -34.26
C LEU G 117 3.79 -35.32 -34.99
N LEU G 118 5.02 -35.54 -34.53
CA LEU G 118 5.95 -36.45 -35.18
C LEU G 118 5.90 -37.86 -34.62
N ASP G 119 5.03 -38.14 -33.65
CA ASP G 119 4.92 -39.47 -33.06
C ASP G 119 6.25 -39.91 -32.45
N LEU G 120 6.90 -38.98 -31.76
CA LEU G 120 8.13 -39.26 -31.03
C LEU G 120 7.86 -38.99 -29.55
N ALA G 121 8.10 -39.99 -28.72
CA ALA G 121 7.78 -39.87 -27.31
C ALA G 121 8.76 -38.93 -26.61
N PRO G 122 8.39 -38.38 -25.45
CA PRO G 122 9.34 -37.58 -24.68
C PRO G 122 10.54 -38.40 -24.26
N LYS G 123 11.68 -37.73 -24.13
CA LYS G 123 12.99 -38.29 -23.80
C LYS G 123 13.59 -39.06 -24.96
N ASP G 124 12.87 -39.24 -26.06
CA ASP G 124 13.42 -39.77 -27.31
C ASP G 124 13.58 -38.71 -28.37
N LEU G 125 12.60 -37.82 -28.53
CA LEU G 125 12.79 -36.63 -29.34
C LEU G 125 13.85 -35.72 -28.73
N GLU G 126 13.91 -35.67 -27.40
CA GLU G 126 14.91 -34.84 -26.73
C GLU G 126 16.32 -35.27 -27.10
N LYS G 127 16.57 -36.58 -27.13
CA LYS G 127 17.92 -37.07 -27.45
C LYS G 127 18.31 -36.69 -28.87
N ILE G 128 17.37 -36.77 -29.82
CA ILE G 128 17.68 -36.43 -31.20
C ILE G 128 18.06 -34.95 -31.31
N ILE G 129 17.30 -34.08 -30.65
CA ILE G 129 17.54 -32.65 -30.74
C ILE G 129 18.94 -32.31 -30.24
N TYR G 130 19.32 -32.88 -29.09
CA TYR G 130 20.59 -32.56 -28.44
C TYR G 130 21.71 -33.49 -28.88
N PHE G 131 21.61 -34.07 -30.07
CA PHE G 131 22.70 -34.83 -30.69
C PHE G 131 23.14 -36.00 -29.80
N ALA G 132 22.20 -36.56 -29.04
CA ALA G 132 22.48 -37.69 -28.17
C ALA G 132 22.21 -39.04 -28.82
N ALA G 133 21.60 -39.06 -30.01
CA ALA G 133 21.30 -40.32 -30.68
C ALA G 133 20.99 -40.02 -32.14
N TYR G 134 21.06 -41.06 -32.96
CA TYR G 134 20.77 -40.95 -34.38
C TYR G 134 19.29 -41.26 -34.64
N VAL G 135 18.86 -41.01 -35.87
CA VAL G 135 17.49 -41.26 -36.28
C VAL G 135 17.44 -41.42 -37.80
N ILE G 136 16.61 -42.34 -38.25
CA ILE G 136 16.46 -42.60 -39.68
C ILE G 136 15.42 -41.65 -40.26
N THR G 137 15.82 -40.89 -41.27
CA THR G 137 14.89 -39.96 -41.91
C THR G 137 14.11 -40.61 -43.04
N SER G 138 14.71 -41.54 -43.77
CA SER G 138 14.04 -42.22 -44.85
C SER G 138 14.76 -43.52 -45.14
N VAL G 139 14.00 -44.52 -45.60
CA VAL G 139 14.53 -45.82 -45.99
C VAL G 139 13.99 -46.16 -47.36
N ASP G 140 14.88 -46.62 -48.24
CA ASP G 140 14.53 -46.92 -49.63
C ASP G 140 14.14 -48.39 -49.73
N ASP G 141 12.84 -48.65 -49.85
CA ASP G 141 12.34 -50.01 -50.02
C ASP G 141 12.56 -50.53 -51.44
N GLU G 142 12.69 -49.64 -52.42
CA GLU G 142 12.87 -50.08 -53.79
C GLU G 142 14.18 -50.84 -53.97
N MET G 143 15.26 -50.36 -53.34
CA MET G 143 16.56 -50.99 -53.52
C MET G 143 16.57 -52.43 -53.00
N ARG G 144 15.98 -52.66 -51.82
CA ARG G 144 16.05 -53.98 -51.22
C ARG G 144 15.29 -55.03 -52.02
N HIS G 145 14.24 -54.62 -52.74
CA HIS G 145 13.53 -55.57 -53.60
C HIS G 145 14.41 -56.08 -54.73
N ASN G 146 15.27 -55.21 -55.28
CA ASN G 146 16.15 -55.62 -56.36
C ASN G 146 17.31 -56.47 -55.89
N GLU G 147 17.77 -56.27 -54.65
CA GLU G 147 18.94 -56.99 -54.15
C GLU G 147 18.78 -57.19 -52.64
N LEU G 148 18.27 -58.34 -52.25
CA LEU G 148 18.26 -58.74 -50.84
C LEU G 148 18.87 -60.12 -50.69
N SER G 149 18.62 -61.01 -51.67
CA SER G 149 19.13 -62.37 -51.58
C SER G 149 20.65 -62.39 -51.61
N THR G 150 21.26 -61.64 -52.53
CA THR G 150 22.72 -61.63 -52.62
C THR G 150 23.35 -60.94 -51.42
N LEU G 151 22.68 -59.91 -50.88
CA LEU G 151 23.18 -59.25 -49.68
C LEU G 151 23.21 -60.22 -48.51
N GLU G 152 22.13 -60.99 -48.32
CA GLU G 152 22.10 -61.98 -47.26
C GLU G 152 23.12 -63.09 -47.53
N ALA G 153 23.34 -63.42 -48.80
CA ALA G 153 24.37 -64.41 -49.13
C ALA G 153 25.75 -63.93 -48.72
N GLU G 154 26.06 -62.66 -48.97
CA GLU G 154 27.35 -62.11 -48.55
C GLU G 154 27.45 -62.07 -47.02
N MET G 155 26.34 -61.74 -46.35
CA MET G 155 26.33 -61.77 -44.89
C MET G 155 26.62 -63.17 -44.38
N ALA G 156 26.01 -64.18 -45.00
CA ALA G 156 26.29 -65.57 -44.64
C ALA G 156 27.71 -65.98 -44.98
N VAL G 157 28.31 -65.40 -46.02
CA VAL G 157 29.72 -65.66 -46.29
C VAL G 157 30.58 -65.12 -45.17
N GLU G 158 30.26 -63.92 -44.68
CA GLU G 158 30.98 -63.38 -43.52
C GLU G 158 30.80 -64.28 -42.30
N LYS G 159 29.58 -64.79 -42.09
CA LYS G 159 29.34 -65.71 -40.99
C LYS G 159 30.15 -66.99 -41.16
N LYS G 160 30.27 -67.48 -42.39
CA LYS G 160 31.09 -68.66 -42.66
C LYS G 160 32.55 -68.37 -42.34
N ALA G 161 33.03 -67.18 -42.68
CA ALA G 161 34.40 -66.81 -42.32
C ALA G 161 34.57 -66.82 -40.80
N VAL G 162 33.60 -66.29 -40.07
CA VAL G 162 33.67 -66.31 -38.62
C VAL G 162 33.72 -67.74 -38.10
N GLU G 163 32.88 -68.62 -38.65
CA GLU G 163 32.87 -70.02 -38.21
C GLU G 163 34.21 -70.69 -38.50
N ASP G 164 34.77 -70.44 -39.67
CA ASP G 164 36.06 -71.03 -40.02
C ASP G 164 37.15 -70.54 -39.06
N GLN G 165 37.14 -69.24 -38.75
CA GLN G 165 38.11 -68.71 -37.80
C GLN G 165 37.93 -69.35 -36.42
N ARG G 166 36.68 -69.54 -36.00
CA ARG G 166 36.42 -70.20 -34.72
C ARG G 166 37.02 -71.60 -34.70
N ASP G 167 36.73 -72.39 -35.74
CA ASP G 167 37.25 -73.75 -35.79
C ASP G 167 38.77 -73.77 -35.80
N ALA G 168 39.38 -72.88 -36.60
CA ALA G 168 40.84 -72.84 -36.65
C ALA G 168 41.43 -72.45 -35.30
N ASP G 169 40.82 -71.48 -34.62
CA ASP G 169 41.32 -71.08 -33.31
C ASP G 169 41.22 -72.23 -32.31
N LEU G 170 40.10 -72.93 -32.30
CA LEU G 170 39.95 -74.06 -31.39
C LEU G 170 41.00 -75.13 -31.67
N GLU G 171 41.18 -75.48 -32.94
CA GLU G 171 42.16 -76.51 -33.28
C GLU G 171 43.57 -76.08 -32.90
N ALA G 172 43.93 -74.82 -33.19
CA ALA G 172 45.26 -74.34 -32.88
C ALA G 172 45.50 -74.33 -31.37
N ARG G 173 44.50 -73.90 -30.59
CA ARG G 173 44.66 -73.89 -29.14
C ARG G 173 44.79 -75.30 -28.59
N ALA G 174 44.02 -76.25 -29.11
CA ALA G 174 44.15 -77.62 -28.66
C ALA G 174 45.54 -78.17 -28.99
N GLN G 175 46.03 -77.90 -30.20
CA GLN G 175 47.36 -78.37 -30.57
C GLN G 175 48.43 -77.76 -29.68
N LYS G 176 48.31 -76.45 -29.39
CA LYS G 176 49.27 -75.82 -28.49
C LYS G 176 49.21 -76.40 -27.09
N LEU G 177 48.00 -76.76 -26.61
CA LEU G 177 47.89 -77.46 -25.35
C LEU G 177 48.65 -78.77 -25.39
N GLU G 178 48.48 -79.53 -26.48
CA GLU G 178 49.23 -80.78 -26.63
C GLU G 178 50.72 -80.54 -26.78
N ALA G 179 51.11 -79.43 -27.42
CA ALA G 179 52.52 -79.15 -27.65
C ALA G 179 53.27 -78.95 -26.35
N ASP G 180 52.67 -78.25 -25.39
CA ASP G 180 53.34 -77.96 -24.13
C ASP G 180 53.67 -79.24 -23.37
N LEU G 181 52.75 -80.22 -23.36
CA LEU G 181 52.99 -81.46 -22.63
C LEU G 181 54.15 -82.26 -23.19
N ALA G 182 54.61 -81.95 -24.41
CA ALA G 182 55.73 -82.67 -25.00
C ALA G 182 57.03 -82.42 -24.25
N GLU G 183 57.12 -81.33 -23.48
CA GLU G 183 58.34 -81.00 -22.74
C GLU G 183 58.14 -81.04 -21.23
N LEU G 184 56.96 -81.38 -20.73
CA LEU G 184 56.70 -81.43 -19.30
C LEU G 184 56.15 -82.77 -18.84
N GLU G 185 55.64 -83.62 -19.75
CA GLU G 185 55.14 -84.92 -19.34
C GLU G 185 56.24 -85.79 -18.76
N ALA G 186 57.43 -85.77 -19.37
CA ALA G 186 58.53 -86.60 -18.91
C ALA G 186 59.00 -86.23 -17.50
N GLU G 187 58.68 -85.03 -17.03
CA GLU G 187 59.10 -84.62 -15.70
C GLU G 187 58.48 -85.53 -14.65
N GLY G 188 59.30 -85.95 -13.68
CA GLY G 188 58.89 -86.84 -12.63
C GLY G 188 58.39 -86.17 -11.36
N ALA G 189 58.16 -84.87 -11.39
CA ALA G 189 57.71 -84.14 -10.21
C ALA G 189 56.23 -84.44 -9.98
N LYS G 190 55.63 -83.75 -9.00
CA LYS G 190 54.24 -83.99 -8.67
C LYS G 190 53.33 -83.50 -9.79
N SER G 191 52.04 -83.85 -9.68
CA SER G 191 51.08 -83.52 -10.72
C SER G 191 50.80 -82.03 -10.83
N ASP G 192 51.26 -81.22 -9.88
CA ASP G 192 51.01 -79.79 -9.94
C ASP G 192 51.62 -79.17 -11.19
N VAL G 193 52.67 -79.79 -11.74
CA VAL G 193 53.29 -79.27 -12.95
C VAL G 193 52.35 -79.41 -14.13
N ARG G 194 51.59 -80.49 -14.19
CA ARG G 194 50.67 -80.72 -15.29
C ARG G 194 49.40 -79.87 -15.19
N ARG G 195 49.01 -79.49 -13.97
CA ARG G 195 47.74 -78.80 -13.79
C ARG G 195 47.77 -77.40 -14.41
N LYS G 196 48.91 -76.71 -14.33
CA LYS G 196 48.97 -75.34 -14.85
C LYS G 196 48.72 -75.30 -16.36
N VAL G 197 49.28 -76.26 -17.09
CA VAL G 197 49.08 -76.30 -18.54
C VAL G 197 47.60 -76.52 -18.86
N ARG G 198 46.97 -77.45 -18.14
CA ARG G 198 45.54 -77.70 -18.35
C ARG G 198 44.71 -76.47 -18.06
N ASP G 199 45.03 -75.77 -16.96
CA ASP G 199 44.28 -74.57 -16.61
C ASP G 199 44.42 -73.50 -17.67
N SER G 200 45.65 -73.26 -18.14
CA SER G 200 45.87 -72.24 -19.17
C SER G 200 45.15 -72.62 -20.46
N GLY G 201 45.24 -73.89 -20.85
CA GLY G 201 44.57 -74.31 -22.07
C GLY G 201 43.07 -74.15 -21.99
N GLU G 202 42.46 -74.53 -20.86
CA GLU G 202 41.03 -74.35 -20.71
C GLU G 202 40.66 -72.86 -20.73
N ARG G 203 41.44 -72.04 -20.03
CA ARG G 203 41.13 -70.61 -19.97
C ARG G 203 41.20 -69.98 -21.34
N GLU G 204 42.16 -70.38 -22.17
CA GLU G 204 42.27 -69.82 -23.51
C GLU G 204 41.25 -70.42 -24.48
N MET G 205 40.90 -71.70 -24.34
CA MET G 205 39.86 -72.26 -25.20
C MET G 205 38.50 -71.64 -24.94
N ARG G 206 38.18 -71.34 -23.67
CA ARG G 206 36.91 -70.67 -23.40
C ARG G 206 36.84 -69.34 -24.13
N GLN G 207 37.92 -68.57 -24.11
CA GLN G 207 37.94 -67.26 -24.78
C GLN G 207 37.88 -67.42 -26.30
N LEU G 208 38.65 -68.36 -26.86
CA LEU G 208 38.70 -68.53 -28.29
C LEU G 208 37.39 -69.03 -28.87
N ARG G 209 36.40 -69.35 -28.03
CA ARG G 209 35.05 -69.67 -28.47
C ARG G 209 34.05 -68.59 -28.11
N ASP G 210 34.17 -67.99 -26.92
CA ASP G 210 33.23 -66.93 -26.55
C ASP G 210 33.42 -65.69 -27.42
N ARG G 211 34.65 -65.38 -27.82
CA ARG G 211 34.86 -64.24 -28.72
C ARG G 211 34.22 -64.48 -30.07
N ALA G 212 34.34 -65.70 -30.61
CA ALA G 212 33.66 -66.02 -31.86
C ALA G 212 32.16 -65.95 -31.71
N GLN G 213 31.63 -66.42 -30.58
CA GLN G 213 30.20 -66.31 -30.34
C GLN G 213 29.77 -64.85 -30.29
N ARG G 214 30.57 -63.99 -29.66
CA ARG G 214 30.26 -62.57 -29.60
C ARG G 214 30.28 -61.95 -31.00
N GLU G 215 31.25 -62.32 -31.82
CA GLU G 215 31.29 -61.82 -33.19
C GLU G 215 30.05 -62.24 -33.97
N LEU G 216 29.64 -63.50 -33.82
CA LEU G 216 28.43 -63.97 -34.49
C LEU G 216 27.21 -63.22 -33.99
N ASP G 217 27.13 -62.97 -32.68
CA ASP G 217 26.01 -62.22 -32.13
C ASP G 217 25.96 -60.80 -32.67
N ARG G 218 27.13 -60.14 -32.77
CA ARG G 218 27.17 -58.79 -33.32
C ARG G 218 26.73 -58.78 -34.78
N LEU G 219 27.20 -59.76 -35.56
CA LEU G 219 26.78 -59.83 -36.96
C LEU G 219 25.28 -60.05 -37.09
N ASP G 220 24.73 -60.96 -36.28
CA ASP G 220 23.30 -61.21 -36.30
C ASP G 220 22.51 -59.97 -35.90
N GLU G 221 23.01 -59.25 -34.90
CA GLU G 221 22.35 -58.01 -34.49
C GLU G 221 22.36 -56.98 -35.61
N ILE G 222 23.48 -56.85 -36.30
CA ILE G 222 23.56 -55.90 -37.41
C ILE G 222 22.55 -56.27 -38.48
N TRP G 223 22.51 -57.55 -38.86
CA TRP G 223 21.58 -57.97 -39.90
C TRP G 223 20.13 -57.77 -39.47
N ASN G 224 19.81 -58.10 -38.22
CA ASN G 224 18.45 -57.96 -37.73
C ASN G 224 18.02 -56.50 -37.69
N THR G 225 18.93 -55.61 -37.28
CA THR G 225 18.61 -54.19 -37.25
C THR G 225 18.47 -53.63 -38.66
N PHE G 226 19.25 -54.14 -39.62
CA PHE G 226 19.13 -53.65 -40.99
C PHE G 226 17.82 -54.11 -41.63
N THR G 227 17.47 -55.39 -41.47
CA THR G 227 16.29 -55.91 -42.15
C THR G 227 15.00 -55.34 -41.59
N LYS G 228 14.97 -54.95 -40.31
CA LYS G 228 13.78 -54.39 -39.69
C LYS G 228 13.81 -52.87 -39.65
N LEU G 229 14.72 -52.24 -40.38
CA LEU G 229 14.83 -50.79 -40.36
C LEU G 229 13.57 -50.15 -40.92
N ALA G 230 13.15 -49.06 -40.30
CA ALA G 230 11.96 -48.31 -40.70
C ALA G 230 12.27 -46.82 -40.58
N PRO G 231 11.54 -45.99 -41.31
CA PRO G 231 11.78 -44.54 -41.20
C PRO G 231 11.44 -44.02 -39.81
N LYS G 232 12.07 -42.90 -39.46
CA LYS G 232 11.93 -42.29 -38.13
C LYS G 232 12.06 -43.33 -37.03
N GLN G 233 13.03 -44.22 -37.18
CA GLN G 233 13.36 -45.24 -36.19
C GLN G 233 14.62 -44.80 -35.44
N LEU G 234 14.50 -44.62 -34.14
CA LEU G 234 15.60 -44.10 -33.35
C LEU G 234 16.69 -45.15 -33.19
N ILE G 235 17.94 -44.75 -33.40
CA ILE G 235 19.11 -45.60 -33.21
C ILE G 235 20.08 -44.87 -32.30
N VAL G 236 20.60 -45.57 -31.30
CA VAL G 236 21.46 -44.98 -30.29
C VAL G 236 22.93 -45.33 -30.51
N ASP G 237 23.22 -46.61 -30.71
CA ASP G 237 24.60 -47.07 -30.78
C ASP G 237 25.32 -46.43 -31.96
N GLU G 238 26.47 -45.81 -31.69
CA GLU G 238 27.23 -45.17 -32.76
C GLU G 238 27.97 -46.19 -33.62
N VAL G 239 28.55 -47.23 -33.00
CA VAL G 239 29.27 -48.22 -33.77
C VAL G 239 28.33 -48.99 -34.69
N LEU G 240 27.16 -49.36 -34.19
CA LEU G 240 26.17 -50.01 -35.04
C LEU G 240 25.73 -49.09 -36.17
N TYR G 241 25.59 -47.79 -35.88
CA TYR G 241 25.23 -46.85 -36.93
C TYR G 241 26.31 -46.79 -38.00
N ARG G 242 27.58 -46.77 -37.60
CA ARG G 242 28.66 -46.76 -38.58
C ARG G 242 28.66 -48.03 -39.42
N GLU G 243 28.45 -49.18 -38.78
CA GLU G 243 28.40 -50.43 -39.51
C GLU G 243 27.26 -50.42 -40.53
N LEU G 244 26.08 -49.96 -40.09
CA LEU G 244 24.95 -49.88 -41.01
C LEU G 244 25.23 -48.93 -42.16
N GLN G 245 25.86 -47.79 -41.86
CA GLN G 245 26.14 -46.80 -42.90
C GLN G 245 27.13 -47.35 -43.94
N ASP G 246 28.19 -48.02 -43.48
CA ASP G 246 29.22 -48.48 -44.39
C ASP G 246 28.91 -49.83 -45.03
N ARG G 247 27.89 -50.55 -44.55
CA ARG G 247 27.47 -51.78 -45.19
C ARG G 247 26.27 -51.58 -46.11
N TYR G 248 25.31 -50.75 -45.70
CA TYR G 248 24.04 -50.58 -46.40
C TYR G 248 23.68 -49.11 -46.52
N GLY G 249 24.66 -48.26 -46.83
CA GLY G 249 24.43 -46.83 -46.84
C GLY G 249 23.35 -46.40 -47.81
N GLU G 250 23.31 -47.01 -49.00
CA GLU G 250 22.33 -46.64 -50.01
C GLU G 250 20.93 -47.16 -49.70
N TYR G 251 20.80 -48.06 -48.72
CA TYR G 251 19.48 -48.59 -48.35
C TYR G 251 18.66 -47.61 -47.54
N PHE G 252 19.31 -46.63 -46.89
CA PHE G 252 18.62 -45.76 -45.97
C PHE G 252 19.37 -44.45 -45.84
N THR G 253 18.68 -43.46 -45.25
CA THR G 253 19.26 -42.16 -44.94
C THR G 253 19.06 -41.89 -43.45
N GLY G 254 20.14 -41.56 -42.75
CA GLY G 254 20.07 -41.27 -41.34
C GLY G 254 20.73 -39.93 -41.03
N ALA G 255 20.33 -39.35 -39.91
CA ALA G 255 20.85 -38.06 -39.48
C ALA G 255 20.56 -37.89 -38.00
N MET G 256 20.92 -36.73 -37.46
CA MET G 256 20.68 -36.45 -36.05
C MET G 256 20.68 -34.93 -35.87
N GLY G 257 20.11 -34.49 -34.76
CA GLY G 257 19.94 -33.07 -34.52
C GLY G 257 18.70 -32.53 -35.21
N ALA G 258 18.54 -31.21 -35.13
CA ALA G 258 17.36 -30.57 -35.69
C ALA G 258 17.23 -30.77 -37.19
N GLU G 259 18.34 -31.06 -37.88
CA GLU G 259 18.26 -31.30 -39.32
C GLU G 259 17.41 -32.53 -39.63
N SER G 260 17.60 -33.61 -38.85
CA SER G 260 16.79 -34.81 -39.06
C SER G 260 15.32 -34.53 -38.82
N ILE G 261 15.00 -33.75 -37.79
CA ILE G 261 13.61 -33.41 -37.53
C ILE G 261 13.03 -32.58 -38.67
N LYS G 262 13.81 -31.61 -39.17
CA LYS G 262 13.35 -30.82 -40.29
C LYS G 262 13.04 -31.70 -41.49
N LYS G 263 13.94 -32.65 -41.79
CA LYS G 263 13.72 -33.57 -42.90
C LYS G 263 12.47 -34.41 -42.68
N LEU G 264 12.28 -34.91 -41.47
CA LEU G 264 11.09 -35.69 -41.15
C LEU G 264 9.83 -34.87 -41.42
N ILE G 265 9.85 -33.59 -41.06
CA ILE G 265 8.69 -32.74 -41.31
C ILE G 265 8.49 -32.53 -42.80
N GLU G 266 9.57 -32.33 -43.56
CA GLU G 266 9.41 -32.17 -45.00
C GLU G 266 8.78 -33.40 -45.63
N ASN G 267 9.26 -34.59 -45.29
CA ASN G 267 8.75 -35.82 -45.89
C ASN G 267 7.49 -36.33 -45.22
N PHE G 268 7.06 -35.71 -44.12
CA PHE G 268 5.87 -36.15 -43.42
C PHE G 268 4.62 -35.57 -44.09
N ASP G 269 3.52 -36.31 -43.98
CA ASP G 269 2.22 -35.88 -44.48
C ASP G 269 1.20 -35.95 -43.35
N ILE G 270 0.37 -34.91 -43.25
CA ILE G 270 -0.50 -34.76 -42.09
C ILE G 270 -1.78 -35.59 -42.24
N ASP G 271 -2.25 -35.79 -43.46
CA ASP G 271 -3.57 -36.42 -43.65
C ASP G 271 -3.61 -37.82 -43.07
N ALA G 272 -2.59 -38.64 -43.36
CA ALA G 272 -2.62 -40.04 -42.94
C ALA G 272 -2.68 -40.16 -41.43
N GLU G 273 -1.93 -39.34 -40.71
CA GLU G 273 -1.99 -39.37 -39.25
C GLU G 273 -3.39 -39.04 -38.75
N ALA G 274 -4.03 -38.04 -39.35
CA ALA G 274 -5.39 -37.69 -38.93
C ALA G 274 -6.37 -38.84 -39.18
N GLU G 275 -6.28 -39.47 -40.35
CA GLU G 275 -7.18 -40.57 -40.64
C GLU G 275 -6.96 -41.73 -39.67
N SER G 276 -5.69 -42.08 -39.42
CA SER G 276 -5.40 -43.17 -38.50
C SER G 276 -5.88 -42.84 -37.08
N LEU G 277 -5.69 -41.60 -36.65
CA LEU G 277 -6.15 -41.19 -35.33
C LEU G 277 -7.67 -41.29 -35.22
N ARG G 278 -8.39 -40.85 -36.26
CA ARG G 278 -9.85 -40.96 -36.24
C ARG G 278 -10.27 -42.43 -36.18
N GLU G 279 -9.62 -43.28 -36.96
CA GLU G 279 -9.95 -44.71 -36.96
C GLU G 279 -9.73 -45.31 -35.58
N VAL G 280 -8.60 -44.97 -34.94
CA VAL G 280 -8.32 -45.51 -33.61
C VAL G 280 -9.31 -44.97 -32.60
N ILE G 281 -9.71 -43.70 -32.73
CA ILE G 281 -10.67 -43.11 -31.81
C ILE G 281 -12.01 -43.83 -31.90
N ARG G 282 -12.47 -44.11 -33.13
CA ARG G 282 -13.74 -44.81 -33.30
C ARG G 282 -13.63 -46.30 -33.02
N SER G 283 -12.42 -46.83 -32.81
CA SER G 283 -12.22 -48.25 -32.51
C SER G 283 -11.32 -48.44 -31.30
N GLY G 284 -11.17 -47.42 -30.46
CA GLY G 284 -10.29 -47.50 -29.31
C GLY G 284 -10.93 -48.14 -28.09
N LYS G 285 -11.08 -49.46 -28.11
CA LYS G 285 -11.66 -50.16 -26.96
C LYS G 285 -10.78 -50.02 -25.72
N GLY G 286 -9.46 -50.06 -25.89
CA GLY G 286 -8.52 -50.00 -24.79
C GLY G 286 -8.08 -48.59 -24.47
N GLN G 287 -6.86 -48.47 -23.95
CA GLN G 287 -6.32 -47.19 -23.53
C GLN G 287 -5.90 -46.32 -24.70
N LYS G 288 -5.69 -46.89 -25.88
CA LYS G 288 -5.20 -46.11 -27.01
C LYS G 288 -6.19 -45.04 -27.44
N LYS G 289 -7.44 -45.12 -27.01
CA LYS G 289 -8.43 -44.11 -27.39
C LYS G 289 -8.02 -42.72 -26.91
N LEU G 290 -7.63 -42.60 -25.64
CA LEU G 290 -7.27 -41.30 -25.09
C LEU G 290 -6.02 -40.74 -25.77
N ARG G 291 -5.01 -41.59 -25.97
CA ARG G 291 -3.79 -41.13 -26.63
C ARG G 291 -4.09 -40.68 -28.06
N ALA G 292 -4.90 -41.46 -28.79
CA ALA G 292 -5.24 -41.09 -30.15
C ALA G 292 -6.00 -39.77 -30.20
N LEU G 293 -6.94 -39.57 -29.27
CA LEU G 293 -7.68 -38.31 -29.25
C LEU G 293 -6.77 -37.13 -28.90
N LYS G 294 -5.86 -37.33 -27.95
CA LYS G 294 -4.95 -36.25 -27.57
C LYS G 294 -4.04 -35.87 -28.73
N ARG G 295 -3.55 -36.86 -29.49
CA ARG G 295 -2.72 -36.55 -30.65
C ARG G 295 -3.56 -35.93 -31.76
N LEU G 296 -4.81 -36.38 -31.92
CA LEU G 296 -5.69 -35.81 -32.93
C LEU G 296 -5.97 -34.34 -32.64
N LYS G 297 -6.00 -33.96 -31.37
CA LYS G 297 -6.19 -32.54 -31.05
C LYS G 297 -5.13 -31.70 -31.77
N VAL G 298 -3.87 -32.05 -31.60
CA VAL G 298 -2.79 -31.28 -32.22
C VAL G 298 -2.84 -31.43 -33.73
N VAL G 299 -3.08 -32.65 -34.23
CA VAL G 299 -3.08 -32.85 -35.67
C VAL G 299 -4.16 -32.01 -36.33
N ALA G 300 -5.37 -31.99 -35.76
CA ALA G 300 -6.45 -31.16 -36.29
C ALA G 300 -6.13 -29.68 -36.14
N ALA G 301 -5.49 -29.29 -35.04
CA ALA G 301 -5.08 -27.89 -34.90
C ALA G 301 -4.16 -27.48 -36.04
N PHE G 302 -3.25 -28.36 -36.45
CA PHE G 302 -2.38 -28.07 -37.58
C PHE G 302 -3.05 -28.31 -38.92
N GLN G 303 -4.20 -28.99 -38.94
CA GLN G 303 -4.89 -29.30 -40.18
C GLN G 303 -5.71 -28.11 -40.64
N GLN G 304 -5.52 -27.72 -41.91
CA GLN G 304 -6.23 -26.60 -42.53
C GLN G 304 -6.42 -25.44 -41.54
N SER G 305 -5.32 -25.05 -40.91
CA SER G 305 -5.31 -23.91 -40.00
C SER G 305 -4.63 -22.69 -40.61
N GLY G 306 -4.26 -22.74 -41.89
CA GLY G 306 -3.62 -21.62 -42.55
C GLY G 306 -2.14 -21.48 -42.28
N ASN G 307 -1.54 -22.39 -41.52
CA ASN G 307 -0.12 -22.32 -41.16
C ASN G 307 0.55 -23.65 -41.50
N SER G 308 1.82 -23.56 -41.92
CA SER G 308 2.61 -24.75 -42.23
C SER G 308 3.37 -25.24 -41.00
N PRO G 309 3.71 -26.52 -40.95
CA PRO G 309 4.52 -27.04 -39.84
C PRO G 309 5.98 -26.63 -39.88
N MET G 310 6.37 -25.74 -40.80
CA MET G 310 7.75 -25.28 -40.86
C MET G 310 8.15 -24.43 -39.65
N GLY G 311 7.18 -23.97 -38.85
CA GLY G 311 7.46 -23.01 -37.81
C GLY G 311 8.24 -23.55 -36.63
N MET G 312 8.16 -24.85 -36.35
CA MET G 312 8.87 -25.40 -35.20
C MET G 312 10.36 -25.56 -35.45
N VAL G 313 10.82 -25.41 -36.69
CA VAL G 313 12.23 -25.41 -37.02
C VAL G 313 12.60 -24.01 -37.51
N LEU G 314 13.62 -23.42 -36.90
CA LEU G 314 14.00 -22.04 -37.17
C LEU G 314 15.23 -22.01 -38.08
N ASP G 315 15.09 -21.39 -39.24
CA ASP G 315 16.23 -21.14 -40.11
C ASP G 315 16.87 -19.79 -39.83
N ALA G 316 16.15 -18.89 -39.14
CA ALA G 316 16.69 -17.61 -38.74
C ALA G 316 15.89 -17.12 -37.53
N VAL G 317 16.48 -16.21 -36.77
CA VAL G 317 15.83 -15.68 -35.57
C VAL G 317 15.78 -14.16 -35.66
N PRO G 318 14.70 -13.53 -35.21
CA PRO G 318 14.62 -12.06 -35.26
C PRO G 318 15.35 -11.41 -34.10
N VAL G 319 15.67 -10.13 -34.29
CA VAL G 319 16.35 -9.32 -33.29
C VAL G 319 15.43 -8.18 -32.89
N ILE G 320 15.20 -8.02 -31.60
CA ILE G 320 14.33 -6.99 -31.05
C ILE G 320 14.97 -5.63 -31.32
N PRO G 321 14.19 -4.57 -31.53
CA PRO G 321 14.79 -3.24 -31.80
C PRO G 321 15.69 -2.81 -30.65
N PRO G 322 16.79 -2.11 -30.95
CA PRO G 322 17.75 -1.78 -29.89
C PRO G 322 17.16 -0.94 -28.77
N GLU G 323 16.22 -0.05 -29.06
CA GLU G 323 15.66 0.82 -28.03
C GLU G 323 14.81 0.06 -27.02
N LEU G 324 14.36 -1.14 -27.35
CA LEU G 324 13.72 -2.02 -26.37
C LEU G 324 14.73 -2.77 -25.54
N ARG G 325 16.01 -2.75 -25.93
CA ARG G 325 17.10 -3.31 -25.14
C ARG G 325 18.20 -2.25 -25.03
N PRO G 326 17.90 -1.13 -24.36
CA PRO G 326 18.73 0.07 -24.54
C PRO G 326 20.11 -0.06 -23.89
N MET G 327 21.09 0.54 -24.56
CA MET G 327 22.42 0.74 -23.99
C MET G 327 22.55 2.24 -23.70
N VAL G 328 22.49 2.59 -22.42
CA VAL G 328 22.41 3.98 -22.00
C VAL G 328 23.51 4.28 -21.00
N GLN G 329 23.90 5.55 -20.94
CA GLN G 329 24.94 6.02 -20.02
C GLN G 329 24.26 6.78 -18.88
N LEU G 330 24.42 6.28 -17.66
CA LEU G 330 23.86 6.94 -16.50
C LEU G 330 24.64 8.21 -16.17
N ASP G 331 24.06 9.06 -15.34
CA ASP G 331 24.70 10.30 -14.93
C ASP G 331 25.97 9.97 -14.17
N GLY G 332 27.13 10.31 -14.76
CA GLY G 332 28.42 10.01 -14.17
C GLY G 332 29.24 9.07 -15.01
N GLY G 333 28.74 8.71 -16.19
CA GLY G 333 29.45 7.85 -17.12
C GLY G 333 29.17 6.38 -16.99
N ARG G 334 28.46 5.97 -15.93
CA ARG G 334 28.15 4.56 -15.74
C ARG G 334 27.18 4.09 -16.84
N PHE G 335 27.59 3.05 -17.57
CA PHE G 335 26.75 2.51 -18.63
C PHE G 335 25.76 1.49 -18.07
N ALA G 336 24.61 1.39 -18.71
CA ALA G 336 23.58 0.42 -18.36
C ALA G 336 23.08 -0.24 -19.63
N THR G 337 22.82 -1.55 -19.55
CA THR G 337 22.35 -2.32 -20.69
C THR G 337 21.26 -3.27 -20.20
N SER G 338 20.87 -4.20 -21.07
CA SER G 338 19.88 -5.21 -20.75
C SER G 338 20.45 -6.60 -21.04
N ASP G 339 19.94 -7.59 -20.31
CA ASP G 339 20.43 -8.96 -20.48
C ASP G 339 20.17 -9.46 -21.89
N LEU G 340 19.11 -8.98 -22.54
CA LEU G 340 18.78 -9.45 -23.88
C LEU G 340 19.95 -9.29 -24.84
N ASN G 341 20.78 -8.27 -24.62
CA ASN G 341 21.97 -8.10 -25.46
C ASN G 341 22.90 -9.31 -25.33
N ASP G 342 23.25 -9.66 -24.09
CA ASP G 342 24.15 -10.78 -23.88
C ASP G 342 23.60 -12.05 -24.49
N LEU G 343 22.34 -12.38 -24.18
CA LEU G 343 21.72 -13.57 -24.74
C LEU G 343 21.77 -13.54 -26.26
N TYR G 344 21.70 -12.36 -26.87
CA TYR G 344 21.82 -12.28 -28.32
C TYR G 344 23.25 -12.54 -28.78
N ARG G 345 24.23 -11.94 -28.09
CA ARG G 345 25.62 -12.16 -28.48
C ARG G 345 25.98 -13.63 -28.43
N ARG G 346 25.53 -14.32 -27.38
CA ARG G 346 25.78 -15.75 -27.27
C ARG G 346 25.35 -16.47 -28.54
N VAL G 347 24.20 -16.08 -29.09
CA VAL G 347 23.70 -16.74 -30.30
C VAL G 347 24.59 -16.41 -31.48
N ILE G 348 25.03 -15.16 -31.59
CA ILE G 348 25.83 -14.76 -32.74
C ILE G 348 27.19 -15.45 -32.72
N ASN G 349 27.91 -15.30 -31.62
CA ASN G 349 29.28 -15.83 -31.53
C ASN G 349 29.32 -17.28 -31.99
N ARG G 350 28.55 -18.15 -31.34
CA ARG G 350 28.55 -19.56 -31.71
C ARG G 350 28.16 -19.74 -33.16
N ASN G 351 27.13 -19.03 -33.62
CA ASN G 351 26.71 -19.15 -35.00
C ASN G 351 27.86 -18.81 -35.95
N ASN G 352 28.72 -17.87 -35.55
CA ASN G 352 29.91 -17.58 -36.35
C ASN G 352 30.91 -18.73 -36.28
N ARG G 353 31.16 -19.23 -35.07
CA ARG G 353 32.18 -20.27 -34.90
C ARG G 353 31.84 -21.50 -35.71
N LEU G 354 30.57 -21.92 -35.68
CA LEU G 354 30.14 -23.05 -36.51
C LEU G 354 30.51 -22.81 -37.96
N LYS G 355 30.25 -21.60 -38.47
CA LYS G 355 30.56 -21.32 -39.86
C LYS G 355 32.05 -21.48 -40.15
N ARG G 356 32.90 -21.25 -39.15
CA ARG G 356 34.32 -21.53 -39.32
C ARG G 356 34.59 -23.03 -39.30
N LEU G 357 33.97 -23.75 -38.35
CA LEU G 357 34.24 -25.18 -38.21
C LEU G 357 33.84 -25.94 -39.47
N ILE G 358 32.69 -25.60 -40.05
CA ILE G 358 32.30 -26.21 -41.32
C ILE G 358 33.28 -25.82 -42.41
N ASP G 359 33.76 -24.56 -42.37
CA ASP G 359 34.71 -24.11 -43.39
C ASP G 359 36.02 -24.88 -43.30
N LEU G 360 36.50 -25.15 -42.09
CA LEU G 360 37.76 -25.86 -41.89
C LEU G 360 37.61 -27.37 -42.05
N GLY G 361 36.39 -27.88 -42.20
CA GLY G 361 36.20 -29.31 -42.36
C GLY G 361 36.61 -30.13 -41.17
N ALA G 362 36.29 -29.68 -39.96
CA ALA G 362 36.66 -30.40 -38.76
C ALA G 362 35.86 -31.70 -38.67
N PRO G 363 36.35 -32.68 -37.90
CA PRO G 363 35.60 -33.93 -37.74
C PRO G 363 34.26 -33.70 -37.06
N GLU G 364 33.36 -34.65 -37.28
CA GLU G 364 31.96 -34.45 -36.90
C GLU G 364 31.76 -34.22 -35.40
N ILE G 365 32.71 -34.62 -34.56
CA ILE G 365 32.52 -34.45 -33.12
C ILE G 365 32.41 -32.98 -32.76
N ILE G 366 33.35 -32.17 -33.22
CA ILE G 366 33.36 -30.75 -32.88
C ILE G 366 32.18 -30.03 -33.52
N VAL G 367 31.85 -30.38 -34.77
CA VAL G 367 30.72 -29.74 -35.43
C VAL G 367 29.43 -30.06 -34.70
N ASN G 368 29.27 -31.32 -34.27
CA ASN G 368 28.07 -31.70 -33.53
C ASN G 368 28.00 -30.96 -32.20
N ASN G 369 29.13 -30.83 -31.51
CA ASN G 369 29.13 -30.08 -30.26
C ASN G 369 28.76 -28.62 -30.50
N GLU G 370 29.26 -28.02 -31.58
CA GLU G 370 28.91 -26.64 -31.90
C GLU G 370 27.41 -26.50 -32.18
N LYS G 371 26.85 -27.45 -32.94
CA LYS G 371 25.42 -27.40 -33.22
C LYS G 371 24.61 -27.54 -31.94
N ARG G 372 25.02 -28.42 -31.03
CA ARG G 372 24.32 -28.57 -29.76
C ARG G 372 24.39 -27.29 -28.94
N MET G 373 25.56 -26.64 -28.89
CA MET G 373 25.64 -25.39 -28.15
C MET G 373 24.78 -24.30 -28.80
N LEU G 374 24.71 -24.27 -30.14
CA LEU G 374 23.85 -23.31 -30.80
C LEU G 374 22.39 -23.54 -30.42
N GLN G 375 21.97 -24.80 -30.40
CA GLN G 375 20.61 -25.13 -29.96
C GLN G 375 20.37 -24.65 -28.54
N GLU G 376 21.33 -24.91 -27.64
CA GLU G 376 21.18 -24.50 -26.25
C GLU G 376 21.12 -22.98 -26.13
N SER G 377 21.93 -22.27 -26.92
CA SER G 377 21.93 -20.81 -26.88
C SER G 377 20.61 -20.23 -27.36
N VAL G 378 20.04 -20.79 -28.43
CA VAL G 378 18.73 -20.32 -28.88
C VAL G 378 17.67 -20.61 -27.83
N ASP G 379 17.73 -21.80 -27.22
CA ASP G 379 16.77 -22.14 -26.17
C ASP G 379 16.86 -21.17 -25.01
N ALA G 380 18.09 -20.82 -24.61
CA ALA G 380 18.27 -19.85 -23.54
C ALA G 380 17.77 -18.47 -23.95
N LEU G 381 17.96 -18.10 -25.21
CA LEU G 381 17.47 -16.80 -25.69
C LEU G 381 15.96 -16.73 -25.58
N PHE G 382 15.27 -17.78 -26.01
CA PHE G 382 13.80 -17.75 -25.97
C PHE G 382 13.29 -17.94 -24.55
N ASP G 383 13.61 -19.07 -23.90
CA ASP G 383 13.16 -19.36 -22.55
C ASP G 383 14.36 -19.88 -21.75
N ASN G 384 14.99 -18.97 -21.00
CA ASN G 384 16.17 -19.31 -20.21
C ASN G 384 15.74 -20.11 -18.98
N GLY G 385 16.24 -21.33 -18.86
CA GLY G 385 15.93 -22.19 -17.74
C GLY G 385 14.86 -23.21 -17.98
N ARG G 386 14.26 -23.23 -19.18
CA ARG G 386 13.23 -24.23 -19.47
C ARG G 386 13.85 -25.61 -19.64
N ARG G 387 15.10 -25.68 -20.07
CA ARG G 387 15.82 -26.94 -20.19
C ARG G 387 17.22 -26.75 -19.62
N GLY G 388 17.61 -27.62 -18.69
CA GLY G 388 18.90 -27.50 -18.06
C GLY G 388 18.94 -26.32 -17.11
N ARG G 389 20.15 -26.02 -16.65
CA ARG G 389 20.35 -24.89 -15.76
C ARG G 389 20.34 -23.59 -16.56
N PRO G 390 19.79 -22.52 -15.99
CA PRO G 390 19.76 -21.24 -16.72
C PRO G 390 21.14 -20.61 -16.81
N VAL G 391 21.34 -19.84 -17.89
CA VAL G 391 22.57 -19.07 -18.03
C VAL G 391 22.47 -17.83 -17.15
N THR G 392 23.53 -17.59 -16.37
CA THR G 392 23.55 -16.51 -15.40
C THR G 392 24.62 -15.49 -15.78
N GLY G 393 24.35 -14.22 -15.44
CA GLY G 393 25.28 -13.15 -15.69
C GLY G 393 26.16 -12.88 -14.49
N PRO G 394 26.73 -11.68 -14.40
CA PRO G 394 27.57 -11.36 -13.24
C PRO G 394 26.80 -11.50 -11.94
N GLY G 395 27.48 -12.02 -10.92
CA GLY G 395 26.81 -12.34 -9.68
C GLY G 395 26.17 -13.71 -9.77
N ASN G 396 24.90 -13.81 -9.36
CA ASN G 396 24.15 -15.06 -9.47
C ASN G 396 22.68 -14.70 -9.68
N ARG G 397 22.26 -14.69 -10.94
CA ARG G 397 20.87 -14.42 -11.28
C ARG G 397 20.64 -14.85 -12.71
N PRO G 398 19.57 -15.61 -13.00
CA PRO G 398 19.30 -15.96 -14.41
C PRO G 398 19.08 -14.73 -15.27
N LEU G 399 19.58 -14.77 -16.49
CA LEU G 399 19.40 -13.66 -17.41
C LEU G 399 17.98 -13.67 -17.96
N LYS G 400 17.34 -12.49 -17.96
CA LYS G 400 15.98 -12.39 -18.47
C LYS G 400 15.95 -12.65 -19.97
N SER G 401 15.03 -13.49 -20.40
CA SER G 401 14.91 -13.90 -21.79
C SER G 401 13.70 -13.21 -22.43
N LEU G 402 13.50 -13.48 -23.72
CA LEU G 402 12.35 -12.93 -24.42
C LEU G 402 11.04 -13.42 -23.81
N SER G 403 11.02 -14.65 -23.30
CA SER G 403 9.81 -15.19 -22.71
C SER G 403 9.60 -14.71 -21.28
N ASP G 404 10.68 -14.34 -20.60
CA ASP G 404 10.58 -13.95 -19.19
C ASP G 404 10.08 -12.53 -19.01
N LEU G 405 10.06 -11.72 -20.06
CA LEU G 405 9.62 -10.33 -19.95
C LEU G 405 8.14 -10.14 -20.24
N LEU G 406 7.41 -11.22 -20.49
CA LEU G 406 5.96 -11.13 -20.68
C LEU G 406 5.18 -12.27 -20.03
N LYS G 407 5.82 -13.21 -19.34
CA LYS G 407 5.12 -14.35 -18.76
C LYS G 407 4.98 -14.27 -17.24
N GLY G 408 5.95 -13.72 -16.54
CA GLY G 408 5.99 -13.80 -15.09
C GLY G 408 5.13 -12.76 -14.41
N LYS G 409 5.47 -12.51 -13.14
CA LYS G 409 4.72 -11.52 -12.36
C LYS G 409 4.78 -10.15 -13.03
N GLN G 410 5.95 -9.76 -13.51
CA GLN G 410 6.08 -8.58 -14.35
C GLN G 410 5.77 -8.94 -15.80
N GLY G 411 6.07 -8.03 -16.70
CA GLY G 411 5.82 -8.24 -18.12
C GLY G 411 4.51 -7.63 -18.58
N ARG G 412 4.38 -7.51 -19.89
CA ARG G 412 3.27 -6.74 -20.46
C ARG G 412 1.92 -7.24 -19.97
N PHE G 413 1.69 -8.55 -20.08
CA PHE G 413 0.36 -9.09 -19.78
C PHE G 413 -0.04 -8.89 -18.32
N ARG G 414 0.93 -8.83 -17.41
CA ARG G 414 0.64 -8.58 -16.00
C ARG G 414 1.01 -7.17 -15.54
N GLN G 415 2.08 -6.60 -16.09
CA GLN G 415 2.56 -5.29 -15.66
C GLN G 415 2.80 -4.40 -16.88
N ASN G 416 2.64 -3.10 -16.68
CA ASN G 416 2.70 -2.10 -17.75
C ASN G 416 1.43 -2.13 -18.58
N LEU G 417 0.58 -3.13 -18.34
CA LEU G 417 -0.81 -3.12 -18.75
C LEU G 417 -1.69 -3.23 -17.51
N LEU G 418 -2.93 -2.76 -17.64
CA LEU G 418 -3.86 -2.72 -16.52
C LEU G 418 -3.31 -1.81 -15.41
N GLY G 419 -3.01 -0.56 -15.78
CA GLY G 419 -2.54 0.42 -14.82
C GLY G 419 -1.28 1.14 -15.25
N LYS G 420 -1.25 2.46 -15.08
CA LYS G 420 -0.09 3.25 -15.45
C LYS G 420 -0.25 4.65 -14.87
N ARG G 421 0.84 5.42 -14.90
CA ARG G 421 0.84 6.77 -14.36
C ARG G 421 0.37 7.76 -15.41
N VAL G 422 -0.24 8.85 -14.95
CA VAL G 422 -0.96 9.79 -15.81
C VAL G 422 -0.54 11.22 -15.46
N ASP G 423 -0.42 12.05 -16.50
CA ASP G 423 -0.16 13.47 -16.31
C ASP G 423 -1.41 14.20 -15.86
N TYR G 424 -1.24 15.47 -15.51
CA TYR G 424 -2.34 16.32 -15.06
C TYR G 424 -3.06 15.70 -13.87
N SER G 425 -2.29 15.42 -12.82
CA SER G 425 -2.84 14.80 -11.62
C SER G 425 -2.07 15.27 -10.41
N GLY G 426 -2.69 15.10 -9.24
CA GLY G 426 -2.04 15.45 -7.99
C GLY G 426 -2.67 14.70 -6.85
N ARG G 427 -2.17 14.95 -5.64
CA ARG G 427 -2.74 14.34 -4.45
C ARG G 427 -2.43 15.22 -3.25
N SER G 428 -3.27 15.10 -2.22
CA SER G 428 -3.05 15.86 -1.00
C SER G 428 -3.96 15.33 0.10
N VAL G 429 -3.67 15.74 1.33
CA VAL G 429 -4.50 15.39 2.47
C VAL G 429 -5.85 16.09 2.36
N ILE G 430 -6.87 15.48 2.94
CA ILE G 430 -8.24 15.99 2.87
C ILE G 430 -8.67 16.48 4.24
N VAL G 431 -9.49 17.53 4.25
CA VAL G 431 -10.10 18.06 5.47
C VAL G 431 -11.58 18.30 5.20
N VAL G 432 -12.35 18.41 6.28
CA VAL G 432 -13.80 18.55 6.16
C VAL G 432 -14.13 19.98 5.80
N GLY G 433 -15.02 20.15 4.82
CA GLY G 433 -15.59 21.45 4.50
C GLY G 433 -17.11 21.41 4.61
N PRO G 434 -17.67 22.07 5.63
CA PRO G 434 -19.12 22.07 5.80
C PRO G 434 -19.86 23.17 5.07
N GLN G 435 -19.15 24.15 4.51
CA GLN G 435 -19.79 25.23 3.77
C GLN G 435 -20.00 24.91 2.30
N LEU G 436 -19.46 23.79 1.82
CA LEU G 436 -19.60 23.43 0.42
C LEU G 436 -20.94 22.78 0.15
N LYS G 437 -21.36 22.83 -1.11
CA LYS G 437 -22.53 22.08 -1.57
C LYS G 437 -22.11 20.67 -1.98
N LEU G 438 -23.10 19.84 -2.28
CA LEU G 438 -22.82 18.45 -2.61
C LEU G 438 -21.97 18.31 -3.86
N HIS G 439 -21.96 19.31 -4.74
CA HIS G 439 -21.24 19.25 -6.01
C HIS G 439 -19.97 20.10 -6.01
N GLN G 440 -19.53 20.57 -4.84
CA GLN G 440 -18.37 21.45 -4.75
C GLN G 440 -17.26 20.80 -3.93
N CYS G 441 -16.03 21.16 -4.28
CA CYS G 441 -14.85 20.74 -3.51
C CYS G 441 -13.87 21.89 -3.47
N GLY G 442 -13.08 21.94 -2.39
CA GLY G 442 -12.07 22.98 -2.22
C GLY G 442 -10.71 22.47 -2.65
N LEU G 443 -10.08 23.22 -3.55
CA LEU G 443 -8.81 22.84 -4.12
C LEU G 443 -7.74 23.88 -3.74
N PRO G 444 -6.59 23.46 -3.23
CA PRO G 444 -5.55 24.44 -2.87
C PRO G 444 -5.09 25.25 -4.08
N LYS G 445 -4.72 26.50 -3.83
CA LYS G 445 -4.26 27.39 -4.90
C LYS G 445 -3.00 26.83 -5.55
N LEU G 446 -2.04 26.38 -4.73
CA LEU G 446 -0.79 25.89 -5.28
C LEU G 446 -0.99 24.66 -6.15
N MET G 447 -1.88 23.75 -5.74
CA MET G 447 -2.18 22.57 -6.55
C MET G 447 -2.93 22.94 -7.83
N ALA G 448 -3.98 23.76 -7.69
CA ALA G 448 -4.81 24.11 -8.83
C ALA G 448 -4.01 24.84 -9.89
N LEU G 449 -3.10 25.73 -9.48
CA LEU G 449 -2.28 26.43 -10.45
C LEU G 449 -1.43 25.46 -11.26
N GLU G 450 -0.83 24.47 -10.60
CA GLU G 450 0.02 23.53 -11.32
C GLU G 450 -0.80 22.63 -12.24
N LEU G 451 -2.03 22.28 -11.84
CA LEU G 451 -2.86 21.47 -12.75
C LEU G 451 -3.33 22.28 -13.96
N PHE G 452 -3.70 23.54 -13.76
CA PHE G 452 -4.26 24.35 -14.83
C PHE G 452 -3.22 25.26 -15.49
N LYS G 453 -1.94 25.03 -15.24
CA LYS G 453 -0.88 25.84 -15.86
C LYS G 453 -1.10 26.15 -17.34
N PRO G 454 -1.35 25.17 -18.22
CA PRO G 454 -1.50 25.53 -19.64
C PRO G 454 -2.69 26.44 -19.92
N PHE G 455 -3.83 26.20 -19.28
CA PHE G 455 -4.98 27.09 -19.45
C PHE G 455 -4.65 28.50 -18.96
N VAL G 456 -3.98 28.59 -17.82
CA VAL G 456 -3.60 29.89 -17.28
C VAL G 456 -2.65 30.61 -18.24
N MET G 457 -1.69 29.88 -18.80
CA MET G 457 -0.76 30.49 -19.76
C MET G 457 -1.52 31.02 -20.97
N LYS G 458 -2.45 30.22 -21.52
CA LYS G 458 -3.23 30.67 -22.66
C LYS G 458 -4.01 31.93 -22.33
N ARG G 459 -4.68 31.94 -21.17
CA ARG G 459 -5.51 33.08 -20.81
C ARG G 459 -4.67 34.33 -20.57
N LEU G 460 -3.48 34.15 -19.98
CA LEU G 460 -2.57 35.27 -19.78
C LEU G 460 -2.09 35.83 -21.12
N VAL G 461 -1.76 34.95 -22.06
CA VAL G 461 -1.32 35.42 -23.37
C VAL G 461 -2.44 36.18 -24.07
N ASP G 462 -3.68 35.68 -23.97
CA ASP G 462 -4.79 36.35 -24.63
C ASP G 462 -5.02 37.76 -24.08
N LEU G 463 -4.95 37.90 -22.75
CA LEU G 463 -5.18 39.20 -22.13
C LEU G 463 -3.94 40.08 -22.09
N ASN G 464 -2.88 39.70 -22.81
CA ASN G 464 -1.71 40.55 -23.00
C ASN G 464 -0.94 40.79 -21.70
N HIS G 465 -1.10 39.90 -20.70
CA HIS G 465 -0.22 39.93 -19.55
C HIS G 465 1.14 39.34 -19.86
N ALA G 466 1.24 38.52 -20.90
CA ALA G 466 2.51 37.96 -21.35
C ALA G 466 2.57 38.06 -22.87
N GLN G 467 3.78 38.24 -23.39
CA GLN G 467 3.95 38.40 -24.83
C GLN G 467 3.80 37.08 -25.57
N ASN G 468 4.31 35.99 -25.00
CA ASN G 468 4.29 34.70 -25.67
C ASN G 468 4.24 33.60 -24.61
N ILE G 469 4.28 32.35 -25.08
CA ILE G 469 4.09 31.20 -24.20
C ILE G 469 5.19 31.13 -23.16
N LYS G 470 6.45 31.34 -23.56
CA LYS G 470 7.54 31.31 -22.58
C LYS G 470 7.35 32.39 -21.53
N SER G 471 6.95 33.59 -21.95
CA SER G 471 6.74 34.67 -20.99
C SER G 471 5.64 34.31 -20.00
N ALA G 472 4.53 33.74 -20.49
CA ALA G 472 3.45 33.35 -19.59
C ALA G 472 3.90 32.26 -18.62
N LYS G 473 4.65 31.27 -19.13
CA LYS G 473 5.11 30.19 -18.26
C LYS G 473 6.04 30.73 -17.18
N ARG G 474 6.96 31.63 -17.55
CA ARG G 474 7.85 32.22 -16.57
C ARG G 474 7.08 33.05 -15.55
N MET G 475 6.06 33.78 -16.00
CA MET G 475 5.24 34.55 -15.07
C MET G 475 4.52 33.63 -14.09
N VAL G 476 3.98 32.51 -14.57
CA VAL G 476 3.26 31.59 -13.70
C VAL G 476 4.20 30.93 -12.72
N GLU G 477 5.39 30.51 -13.18
CA GLU G 477 6.32 29.83 -12.29
C GLU G 477 6.74 30.71 -11.13
N ARG G 478 6.80 32.03 -11.33
CA ARG G 478 7.07 32.96 -10.25
C ARG G 478 5.84 33.29 -9.42
N GLN G 479 4.65 32.90 -9.88
CA GLN G 479 3.40 33.08 -9.15
C GLN G 479 3.18 34.56 -8.82
N ARG G 480 3.04 35.36 -9.88
CA ARG G 480 2.76 36.77 -9.71
C ARG G 480 1.30 36.96 -9.27
N PRO G 481 0.99 38.10 -8.66
CA PRO G 481 -0.38 38.31 -8.16
C PRO G 481 -1.45 38.25 -9.24
N GLN G 482 -1.10 38.58 -10.49
CA GLN G 482 -2.10 38.61 -11.55
C GLN G 482 -2.52 37.21 -11.99
N VAL G 483 -1.74 36.19 -11.64
CA VAL G 483 -2.05 34.83 -12.07
C VAL G 483 -3.31 34.32 -11.38
N TRP G 484 -3.51 34.68 -10.11
CA TRP G 484 -4.62 34.13 -9.36
C TRP G 484 -5.97 34.56 -9.94
N ASP G 485 -6.07 35.83 -10.37
CA ASP G 485 -7.33 36.28 -10.96
C ASP G 485 -7.65 35.50 -12.24
N VAL G 486 -6.64 35.23 -13.07
CA VAL G 486 -6.86 34.43 -14.27
C VAL G 486 -7.27 33.02 -13.89
N LEU G 487 -6.61 32.43 -12.88
CA LEU G 487 -6.98 31.09 -12.44
C LEU G 487 -8.41 31.04 -11.95
N GLU G 488 -8.89 32.13 -11.35
CA GLU G 488 -10.26 32.14 -10.85
C GLU G 488 -11.27 31.91 -11.97
N GLU G 489 -11.05 32.53 -13.13
CA GLU G 489 -11.95 32.36 -14.26
C GLU G 489 -11.66 31.08 -15.04
N VAL G 490 -10.39 30.64 -15.08
CA VAL G 490 -10.05 29.40 -15.77
C VAL G 490 -10.67 28.20 -15.07
N ILE G 491 -10.60 28.19 -13.73
CA ILE G 491 -11.08 27.04 -12.97
C ILE G 491 -12.59 26.91 -12.98
N ALA G 492 -13.30 27.97 -13.39
CA ALA G 492 -14.76 27.94 -13.33
C ALA G 492 -15.33 26.94 -14.32
N GLU G 493 -16.33 26.18 -13.88
CA GLU G 493 -17.09 25.25 -14.69
C GLU G 493 -16.26 24.09 -15.21
N HIS G 494 -15.09 23.83 -14.61
CA HIS G 494 -14.24 22.72 -15.03
C HIS G 494 -14.20 21.67 -13.93
N PRO G 495 -14.94 20.57 -14.03
CA PRO G 495 -14.94 19.58 -12.96
C PRO G 495 -13.63 18.82 -12.87
N VAL G 496 -13.34 18.32 -11.68
CA VAL G 496 -12.15 17.52 -11.39
C VAL G 496 -12.59 16.23 -10.73
N LEU G 497 -11.92 15.13 -11.08
CA LEU G 497 -12.23 13.83 -10.48
C LEU G 497 -11.41 13.65 -9.22
N LEU G 498 -12.10 13.32 -8.12
CA LEU G 498 -11.46 13.01 -6.84
C LEU G 498 -11.57 11.51 -6.60
N ASN G 499 -10.47 10.90 -6.19
CA ASN G 499 -10.39 9.45 -6.00
C ASN G 499 -9.61 9.15 -4.72
N ARG G 500 -10.06 8.13 -4.00
CA ARG G 500 -9.37 7.66 -2.80
C ARG G 500 -9.14 6.16 -2.92
N ALA G 501 -7.91 5.73 -2.65
CA ALA G 501 -7.59 4.31 -2.73
C ALA G 501 -7.79 3.64 -1.36
N PRO G 502 -8.20 2.37 -1.32
CA PRO G 502 -8.55 1.53 -2.47
C PRO G 502 -9.93 1.87 -3.03
N THR G 503 -10.13 1.62 -4.33
CA THR G 503 -11.40 1.88 -5.00
C THR G 503 -12.21 0.59 -4.99
N LEU G 504 -12.97 0.38 -3.92
CA LEU G 504 -13.72 -0.85 -3.77
C LEU G 504 -14.91 -0.91 -4.73
N HIS G 505 -15.56 0.23 -4.98
CA HIS G 505 -16.69 0.29 -5.90
C HIS G 505 -16.62 1.59 -6.68
N ARG G 506 -17.56 1.77 -7.60
CA ARG G 506 -17.45 2.85 -8.58
C ARG G 506 -17.57 4.22 -7.93
N LEU G 507 -18.26 4.32 -6.79
CA LEU G 507 -18.40 5.60 -6.10
C LEU G 507 -17.11 6.04 -5.42
N GLY G 508 -16.02 5.30 -5.59
CA GLY G 508 -14.73 5.76 -5.10
C GLY G 508 -14.08 6.84 -5.94
N ILE G 509 -14.62 7.11 -7.12
CA ILE G 509 -14.18 8.20 -7.97
C ILE G 509 -15.40 9.05 -8.27
N GLN G 510 -15.31 10.36 -8.02
CA GLN G 510 -16.45 11.25 -8.21
C GLN G 510 -15.98 12.60 -8.71
N ALA G 511 -16.81 13.23 -9.55
CA ALA G 511 -16.47 14.51 -10.14
C ALA G 511 -17.07 15.64 -9.31
N PHE G 512 -16.26 16.67 -9.03
CA PHE G 512 -16.68 17.81 -8.25
C PHE G 512 -16.34 19.09 -9.00
N GLU G 513 -16.94 20.19 -8.56
CA GLU G 513 -16.64 21.51 -9.12
C GLU G 513 -15.65 22.20 -8.20
N PRO G 514 -14.39 22.41 -8.61
CA PRO G 514 -13.39 22.93 -7.68
C PRO G 514 -13.54 24.43 -7.44
N GLN G 515 -13.02 24.85 -6.29
CA GLN G 515 -12.91 26.26 -5.95
C GLN G 515 -11.67 26.46 -5.10
N LEU G 516 -10.99 27.58 -5.33
CA LEU G 516 -9.73 27.83 -4.65
C LEU G 516 -9.97 28.11 -3.17
N VAL G 517 -9.08 27.60 -2.32
CA VAL G 517 -9.14 27.79 -0.88
C VAL G 517 -7.73 28.08 -0.37
N GLU G 518 -7.62 29.05 0.53
CA GLU G 518 -6.33 29.40 1.10
C GLU G 518 -5.87 28.29 2.04
N GLY G 519 -4.80 27.61 1.66
CA GLY G 519 -4.30 26.46 2.39
C GLY G 519 -3.69 25.47 1.44
N LYS G 520 -3.42 24.27 1.96
CA LYS G 520 -2.82 23.21 1.16
C LYS G 520 -3.46 21.84 1.40
N ALA G 521 -4.68 21.80 1.92
CA ALA G 521 -5.44 20.58 2.07
C ALA G 521 -6.73 20.67 1.28
N ILE G 522 -7.14 19.54 0.70
CA ILE G 522 -8.37 19.47 -0.09
C ILE G 522 -9.56 19.43 0.85
N GLN G 523 -10.55 20.27 0.59
CA GLN G 523 -11.77 20.31 1.39
C GLN G 523 -12.81 19.40 0.74
N LEU G 524 -13.26 18.40 1.49
CA LEU G 524 -14.18 17.38 0.99
C LEU G 524 -15.53 17.52 1.68
N HIS G 525 -16.59 17.40 0.91
CA HIS G 525 -17.94 17.49 1.47
C HIS G 525 -18.17 16.33 2.44
N PRO G 526 -18.70 16.58 3.64
CA PRO G 526 -18.88 15.46 4.58
C PRO G 526 -19.79 14.36 4.07
N LEU G 527 -20.85 14.71 3.34
CA LEU G 527 -21.86 13.71 2.97
C LEU G 527 -21.24 12.60 2.14
N VAL G 528 -20.38 12.95 1.17
CA VAL G 528 -19.79 11.95 0.29
C VAL G 528 -18.73 11.11 1.00
N CYS G 529 -18.41 11.40 2.26
CA CYS G 529 -17.36 10.65 2.94
C CYS G 529 -17.69 9.16 2.95
N GLU G 530 -18.94 8.81 3.27
CA GLU G 530 -19.33 7.40 3.28
C GLU G 530 -19.06 6.75 1.93
N ALA G 531 -19.27 7.48 0.84
CA ALA G 531 -18.99 6.93 -0.48
C ALA G 531 -17.51 6.62 -0.64
N PHE G 532 -16.64 7.50 -0.15
CA PHE G 532 -15.20 7.31 -0.26
C PHE G 532 -14.61 6.47 0.87
N ASN G 533 -15.38 6.21 1.93
CA ASN G 533 -14.85 5.58 3.13
C ASN G 533 -13.72 6.40 3.72
N ALA G 534 -13.81 7.73 3.59
CA ALA G 534 -12.75 8.64 3.99
C ALA G 534 -13.04 9.22 5.36
N ASP G 535 -12.00 9.31 6.19
CA ASP G 535 -12.07 10.01 7.47
C ASP G 535 -10.85 10.91 7.58
N PHE G 536 -11.01 12.01 8.31
CA PHE G 536 -10.00 13.07 8.34
C PHE G 536 -9.03 12.85 9.50
N ASP G 537 -8.31 11.73 9.43
CA ASP G 537 -7.25 11.41 10.38
C ASP G 537 -5.89 11.28 9.70
N GLY G 538 -5.74 11.86 8.50
CA GLY G 538 -4.55 11.71 7.71
C GLY G 538 -4.74 11.08 6.34
N ASP G 539 -5.99 10.87 5.92
CA ASP G 539 -6.25 10.27 4.62
C ASP G 539 -5.83 11.24 3.50
N GLN G 540 -5.49 10.66 2.35
CA GLN G 540 -5.08 11.43 1.19
C GLN G 540 -5.97 11.09 0.01
N MET G 541 -6.18 12.08 -0.86
CA MET G 541 -7.03 11.95 -2.03
C MET G 541 -6.29 12.45 -3.25
N ALA G 542 -6.52 11.80 -4.38
CA ALA G 542 -5.93 12.18 -5.65
C ALA G 542 -6.94 12.92 -6.51
N VAL G 543 -6.42 13.86 -7.31
CA VAL G 543 -7.22 14.73 -8.15
C VAL G 543 -6.73 14.58 -9.58
N HIS G 544 -7.67 14.40 -10.51
CA HIS G 544 -7.40 14.26 -11.93
C HIS G 544 -8.21 15.31 -12.70
N LEU G 545 -7.62 15.82 -13.78
CA LEU G 545 -8.23 16.88 -14.57
C LEU G 545 -8.66 16.34 -15.92
N PRO G 546 -9.96 16.21 -16.21
CA PRO G 546 -10.37 15.84 -17.56
C PRO G 546 -10.05 16.94 -18.56
N LEU G 547 -9.59 16.54 -19.75
CA LEU G 547 -9.19 17.48 -20.78
C LEU G 547 -10.19 17.56 -21.93
N SER G 548 -10.50 16.42 -22.54
CA SER G 548 -11.31 16.42 -23.75
C SER G 548 -12.75 16.83 -23.45
N ALA G 549 -13.46 17.21 -24.50
CA ALA G 549 -14.85 17.60 -24.35
C ALA G 549 -15.72 16.45 -23.85
N GLU G 550 -15.49 15.25 -24.38
CA GLU G 550 -16.26 14.09 -23.92
C GLU G 550 -15.96 13.77 -22.46
N ALA G 551 -14.69 13.84 -22.06
CA ALA G 551 -14.34 13.58 -20.67
C ALA G 551 -15.00 14.58 -19.73
N GLN G 552 -14.98 15.86 -20.09
CA GLN G 552 -15.66 16.86 -19.28
C GLN G 552 -17.16 16.61 -19.25
N ALA G 553 -17.75 16.26 -20.39
CA ALA G 553 -19.19 16.05 -20.44
C ALA G 553 -19.62 14.90 -19.53
N GLU G 554 -18.88 13.78 -19.58
CA GLU G 554 -19.24 12.66 -18.73
C GLU G 554 -18.80 12.86 -17.28
N ALA G 555 -17.88 13.78 -17.03
CA ALA G 555 -17.51 14.10 -15.65
C ALA G 555 -18.66 14.79 -14.93
N ARG G 556 -19.32 15.74 -15.60
CA ARG G 556 -20.40 16.50 -14.97
C ARG G 556 -21.77 15.89 -15.19
N ILE G 557 -21.88 14.80 -15.96
CA ILE G 557 -23.15 14.12 -16.20
C ILE G 557 -23.18 12.75 -15.54
N LEU G 558 -22.16 11.92 -15.80
CA LEU G 558 -22.13 10.58 -15.24
C LEU G 558 -21.59 10.57 -13.81
N MET G 559 -20.43 11.18 -13.60
CA MET G 559 -19.69 11.04 -12.36
C MET G 559 -19.94 12.16 -11.36
N LEU G 560 -20.84 13.10 -11.67
CA LEU G 560 -21.08 14.20 -10.75
C LEU G 560 -21.59 13.66 -9.42
N SER G 561 -21.07 14.23 -8.32
CA SER G 561 -21.39 13.71 -7.00
C SER G 561 -22.88 13.81 -6.69
N SER G 562 -23.51 14.94 -7.06
CA SER G 562 -24.92 15.14 -6.76
C SER G 562 -25.82 14.17 -7.51
N ASN G 563 -25.32 13.49 -8.55
CA ASN G 563 -26.10 12.55 -9.32
C ASN G 563 -25.88 11.11 -8.89
N ASN G 564 -25.12 10.87 -7.83
CA ASN G 564 -24.75 9.53 -7.39
C ASN G 564 -25.05 9.35 -5.91
N ILE G 565 -26.26 9.73 -5.51
CA ILE G 565 -26.65 9.62 -4.11
C ILE G 565 -27.00 8.18 -3.73
N LEU G 566 -27.74 7.49 -4.60
CA LEU G 566 -28.19 6.14 -4.30
C LEU G 566 -27.07 5.14 -4.50
N SER G 567 -27.00 4.16 -3.60
CA SER G 567 -25.98 3.13 -3.69
C SER G 567 -26.31 2.16 -4.83
N PRO G 568 -25.37 1.89 -5.74
CA PRO G 568 -25.66 0.95 -6.83
C PRO G 568 -25.92 -0.47 -6.37
N ALA G 569 -25.44 -0.86 -5.18
CA ALA G 569 -25.58 -2.24 -4.74
C ALA G 569 -27.01 -2.57 -4.32
N SER G 570 -27.68 -1.67 -3.63
CA SER G 570 -29.02 -1.94 -3.15
C SER G 570 -30.01 -0.80 -3.38
N GLY G 571 -29.59 0.32 -3.94
CA GLY G 571 -30.49 1.42 -4.22
C GLY G 571 -30.83 2.29 -3.03
N LYS G 572 -30.39 1.94 -1.83
CA LYS G 572 -30.67 2.78 -0.68
C LYS G 572 -29.72 3.99 -0.66
N PRO G 573 -30.16 5.12 -0.10
CA PRO G 573 -29.33 6.32 -0.15
C PRO G 573 -28.00 6.11 0.56
N LEU G 574 -26.95 6.70 -0.01
CA LEU G 574 -25.61 6.64 0.57
C LEU G 574 -25.10 8.00 1.02
N ALA G 575 -25.49 9.08 0.35
CA ALA G 575 -25.14 10.44 0.78
C ALA G 575 -26.27 11.02 1.62
N MET G 576 -26.35 10.53 2.86
CA MET G 576 -27.38 10.92 3.79
C MET G 576 -26.74 11.33 5.12
N PRO G 577 -27.44 12.14 5.91
CA PRO G 577 -26.85 12.61 7.17
C PRO G 577 -26.47 11.46 8.08
N ARG G 578 -25.33 11.61 8.75
CA ARG G 578 -24.84 10.61 9.69
C ARG G 578 -23.92 11.29 10.68
N LEU G 579 -23.66 10.58 11.79
CA LEU G 579 -22.81 11.07 12.88
C LEU G 579 -23.38 12.40 13.36
N ASP G 580 -22.61 13.50 13.38
CA ASP G 580 -23.07 14.73 14.01
C ASP G 580 -24.45 15.13 13.51
N MET G 581 -24.63 15.15 12.18
CA MET G 581 -25.89 15.59 11.61
C MET G 581 -27.06 14.87 12.26
N VAL G 582 -26.96 13.54 12.39
CA VAL G 582 -28.05 12.77 13.00
C VAL G 582 -28.35 13.30 14.40
N THR G 583 -27.30 13.44 15.22
CA THR G 583 -27.49 13.95 16.57
C THR G 583 -28.14 15.32 16.54
N GLY G 584 -27.84 16.12 15.52
CA GLY G 584 -28.50 17.41 15.38
C GLY G 584 -29.97 17.28 15.09
N LEU G 585 -30.33 16.38 14.17
CA LEU G 585 -31.74 16.22 13.81
C LEU G 585 -32.52 15.51 14.90
N TYR G 586 -31.95 14.42 15.42
CA TYR G 586 -32.58 13.70 16.53
C TYR G 586 -32.99 14.66 17.63
N TYR G 587 -32.00 15.35 18.22
CA TYR G 587 -32.29 16.31 19.28
C TYR G 587 -33.36 17.31 18.85
N LEU G 588 -33.32 17.73 17.59
CA LEU G 588 -34.28 18.73 17.13
C LEU G 588 -35.70 18.20 17.22
N THR G 589 -35.91 16.94 16.86
CA THR G 589 -37.26 16.39 16.70
C THR G 589 -37.70 15.56 17.89
N THR G 590 -36.96 15.59 19.00
CA THR G 590 -37.36 14.87 20.20
C THR G 590 -38.41 15.68 20.97
N LEU G 591 -39.40 14.97 21.50
CA LEU G 591 -40.44 15.57 22.32
C LEU G 591 -40.17 15.22 23.77
N VAL G 592 -40.06 16.25 24.62
CA VAL G 592 -39.75 16.08 26.03
C VAL G 592 -40.91 16.65 26.85
N GLU G 593 -41.39 15.85 27.81
CA GLU G 593 -42.51 16.25 28.64
C GLU G 593 -42.07 17.23 29.71
N GLY G 594 -42.99 18.10 30.10
CA GLY G 594 -42.71 19.10 31.13
C GLY G 594 -41.68 20.13 30.71
N ALA G 595 -41.74 20.60 29.48
CA ALA G 595 -40.80 21.59 28.97
C ALA G 595 -41.34 23.00 29.19
N THR G 596 -40.48 23.98 28.97
CA THR G 596 -40.89 25.38 29.08
C THR G 596 -41.87 25.72 27.97
N GLY G 597 -42.94 26.42 28.33
CA GLY G 597 -43.97 26.75 27.36
C GLY G 597 -44.80 25.59 26.91
N GLU G 598 -44.85 24.52 27.69
CA GLU G 598 -45.62 23.34 27.32
C GLU G 598 -47.09 23.67 27.20
N TYR G 599 -47.75 23.04 26.24
CA TYR G 599 -49.18 23.25 26.05
C TYR G 599 -49.95 22.69 27.24
N GLN G 600 -50.99 23.43 27.65
CA GLN G 600 -51.85 23.04 28.75
C GLN G 600 -53.31 23.15 28.32
N ALA G 601 -54.11 22.16 28.70
CA ALA G 601 -55.52 22.17 28.34
C ALA G 601 -56.25 23.30 29.06
N ALA G 602 -57.31 23.78 28.43
CA ALA G 602 -58.10 24.86 29.00
C ALA G 602 -58.81 24.37 30.26
N THR G 603 -58.82 25.23 31.29
CA THR G 603 -59.48 24.95 32.55
C THR G 603 -60.66 25.91 32.71
N LYS G 604 -61.32 25.82 33.87
CA LYS G 604 -62.47 26.67 34.13
C LYS G 604 -62.09 28.15 34.12
N ASP G 605 -60.94 28.49 34.72
CA ASP G 605 -60.52 29.87 34.85
C ASP G 605 -59.46 30.27 33.82
N ALA G 606 -58.91 29.32 33.07
CA ALA G 606 -57.85 29.63 32.10
C ALA G 606 -58.10 28.88 30.80
N PRO G 607 -57.83 29.52 29.65
CA PRO G 607 -57.92 28.80 28.37
C PRO G 607 -56.62 28.11 27.99
N GLU G 608 -56.58 27.50 26.80
CA GLU G 608 -55.36 26.85 26.35
C GLU G 608 -54.20 27.85 26.32
N GLN G 609 -53.04 27.40 26.79
CA GLN G 609 -51.89 28.28 26.97
C GLN G 609 -50.90 28.16 25.82
N GLY G 610 -50.39 26.95 25.55
CA GLY G 610 -49.36 26.77 24.55
C GLY G 610 -49.89 26.67 23.14
N VAL G 611 -50.58 27.71 22.68
CA VAL G 611 -51.11 27.77 21.32
C VAL G 611 -50.52 29.00 20.64
N TYR G 612 -49.98 28.79 19.44
CA TYR G 612 -49.32 29.85 18.69
C TYR G 612 -49.97 30.01 17.32
N SER G 613 -50.03 31.26 16.86
CA SER G 613 -50.74 31.58 15.63
C SER G 613 -49.87 31.40 14.38
N SER G 614 -48.57 31.22 14.52
CA SER G 614 -47.70 31.06 13.37
C SER G 614 -46.33 30.58 13.86
N PRO G 615 -45.53 29.98 12.99
CA PRO G 615 -44.16 29.60 13.41
C PRO G 615 -43.32 30.77 13.86
N ALA G 616 -43.53 31.96 13.28
CA ALA G 616 -42.75 33.12 13.68
C ALA G 616 -43.00 33.48 15.14
N GLU G 617 -44.25 33.38 15.60
CA GLU G 617 -44.55 33.63 17.00
C GLU G 617 -43.87 32.62 17.90
N ALA G 618 -43.84 31.35 17.49
CA ALA G 618 -43.15 30.34 18.27
C ALA G 618 -41.65 30.62 18.33
N ILE G 619 -41.06 31.07 17.22
CA ILE G 619 -39.64 31.43 17.23
C ILE G 619 -39.40 32.60 18.18
N MET G 620 -40.28 33.60 18.14
CA MET G 620 -40.14 34.73 19.05
C MET G 620 -40.21 34.27 20.50
N ALA G 621 -41.15 33.38 20.81
CA ALA G 621 -41.26 32.87 22.17
C ALA G 621 -40.01 32.10 22.57
N MET G 622 -39.45 31.31 21.65
CA MET G 622 -38.23 30.57 21.95
C MET G 622 -37.08 31.53 22.23
N ASP G 623 -36.97 32.61 21.46
CA ASP G 623 -35.93 33.60 21.70
C ASP G 623 -36.09 34.27 23.06
N ARG G 624 -37.33 34.57 23.45
CA ARG G 624 -37.58 35.19 24.74
C ARG G 624 -37.29 34.25 25.90
N GLY G 625 -37.10 32.96 25.64
CA GLY G 625 -36.93 31.99 26.69
C GLY G 625 -38.22 31.46 27.29
N ALA G 626 -39.37 31.89 26.77
CA ALA G 626 -40.66 31.41 27.26
C ALA G 626 -41.08 30.10 26.61
N LEU G 627 -40.37 29.63 25.59
CA LEU G 627 -40.69 28.39 24.90
C LEU G 627 -39.43 27.60 24.67
N SER G 628 -39.58 26.28 24.58
CA SER G 628 -38.50 25.36 24.29
C SER G 628 -38.73 24.71 22.94
N VAL G 629 -37.65 24.53 22.18
CA VAL G 629 -37.77 23.96 20.84
C VAL G 629 -38.32 22.54 20.88
N ARG G 630 -38.14 21.82 21.99
CA ARG G 630 -38.60 20.46 22.12
C ARG G 630 -39.90 20.36 22.93
N ALA G 631 -40.55 21.47 23.21
CA ALA G 631 -41.79 21.48 23.97
C ALA G 631 -42.97 21.20 23.06
N LYS G 632 -44.03 20.64 23.64
CA LYS G 632 -45.26 20.36 22.90
C LYS G 632 -46.11 21.62 22.82
N ILE G 633 -46.50 21.98 21.60
CA ILE G 633 -47.29 23.18 21.35
C ILE G 633 -48.36 22.87 20.32
N LYS G 634 -49.28 23.81 20.17
CA LYS G 634 -50.33 23.76 19.15
C LYS G 634 -50.18 24.99 18.27
N VAL G 635 -49.68 24.80 17.05
CA VAL G 635 -49.35 25.91 16.17
C VAL G 635 -50.31 25.89 14.98
N ARG G 636 -50.35 27.01 14.27
CA ARG G 636 -51.14 27.16 13.06
C ARG G 636 -50.19 27.28 11.88
N LEU G 637 -50.31 26.38 10.92
CA LEU G 637 -49.43 26.31 9.76
C LEU G 637 -50.22 26.61 8.49
N THR G 638 -49.58 27.32 7.56
CA THR G 638 -50.19 27.69 6.30
C THR G 638 -49.36 27.31 5.08
N GLU G 639 -48.05 27.10 5.22
CA GLU G 639 -47.19 26.81 4.08
C GLU G 639 -46.79 25.34 4.02
N LEU G 640 -47.20 24.51 4.98
CA LEU G 640 -46.82 23.11 5.05
C LEU G 640 -48.05 22.24 4.81
N ARG G 641 -47.91 21.26 3.93
CA ARG G 641 -49.01 20.37 3.62
C ARG G 641 -49.34 19.51 4.84
N PRO G 642 -50.61 19.35 5.21
CA PRO G 642 -50.96 18.53 6.36
C PRO G 642 -50.79 17.06 6.04
N PRO G 643 -50.74 16.19 7.06
CA PRO G 643 -50.66 14.76 6.80
C PRO G 643 -51.92 14.26 6.08
N THR G 644 -51.77 13.11 5.42
CA THR G 644 -52.88 12.57 4.63
C THR G 644 -54.09 12.29 5.52
N ASP G 645 -53.88 11.74 6.70
CA ASP G 645 -55.01 11.42 7.58
C ASP G 645 -55.76 12.68 7.98
N LEU G 646 -55.04 13.75 8.34
CA LEU G 646 -55.69 15.01 8.67
C LEU G 646 -56.28 15.67 7.43
N GLU G 647 -55.53 15.65 6.31
CA GLU G 647 -56.01 16.27 5.08
C GLU G 647 -57.28 15.60 4.56
N ALA G 648 -57.55 14.36 4.99
CA ALA G 648 -58.74 13.67 4.52
C ALA G 648 -60.00 14.43 4.93
N GLN G 649 -60.03 14.94 6.16
CA GLN G 649 -61.21 15.64 6.67
C GLN G 649 -61.05 17.15 6.73
N LEU G 650 -59.84 17.68 6.90
CA LEU G 650 -59.67 19.12 6.99
C LEU G 650 -60.06 19.81 5.70
N PHE G 651 -59.66 19.25 4.56
CA PHE G 651 -59.95 19.82 3.25
C PHE G 651 -60.44 18.69 2.34
N GLU G 652 -61.76 18.59 2.20
CA GLU G 652 -62.34 17.57 1.33
C GLU G 652 -62.09 17.83 -0.14
N ASN G 653 -61.72 19.06 -0.51
CA ASN G 653 -61.40 19.41 -1.88
C ASN G 653 -59.90 19.48 -2.15
N GLY G 654 -59.07 19.13 -1.17
CA GLY G 654 -57.64 19.15 -1.33
C GLY G 654 -57.01 20.40 -0.74
N TRP G 655 -55.78 20.24 -0.24
CA TRP G 655 -55.06 21.34 0.37
C TRP G 655 -54.31 22.15 -0.69
N LYS G 656 -54.32 23.46 -0.52
CA LYS G 656 -53.60 24.38 -1.39
C LYS G 656 -52.76 25.32 -0.54
N PRO G 657 -51.67 25.85 -1.09
CA PRO G 657 -50.84 26.78 -0.30
C PRO G 657 -51.66 27.96 0.20
N GLY G 658 -51.41 28.36 1.45
CA GLY G 658 -52.12 29.43 2.09
C GLY G 658 -53.23 28.98 3.02
N ASP G 659 -53.67 27.73 2.91
CA ASP G 659 -54.71 27.22 3.80
C ASP G 659 -54.12 26.97 5.18
N ALA G 660 -54.83 27.42 6.21
CA ALA G 660 -54.35 27.34 7.59
C ALA G 660 -54.95 26.12 8.27
N TRP G 661 -54.10 25.38 8.99
CA TRP G 661 -54.54 24.22 9.76
C TRP G 661 -53.74 24.15 11.05
N THR G 662 -54.34 23.56 12.07
CA THR G 662 -53.74 23.50 13.40
C THR G 662 -53.02 22.18 13.58
N ALA G 663 -51.76 22.25 13.99
CA ALA G 663 -50.92 21.08 14.21
C ALA G 663 -50.50 21.03 15.67
N GLU G 664 -50.68 19.87 16.29
CA GLU G 664 -50.25 19.63 17.67
C GLU G 664 -48.89 18.95 17.61
N THR G 665 -47.83 19.75 17.69
CA THR G 665 -46.48 19.25 17.52
C THR G 665 -45.52 20.19 18.23
N THR G 666 -44.23 19.93 18.10
CA THR G 666 -43.19 20.75 18.68
C THR G 666 -42.61 21.69 17.62
N LEU G 667 -41.97 22.77 18.10
CA LEU G 667 -41.37 23.72 17.19
C LEU G 667 -40.23 23.10 16.39
N GLY G 668 -39.49 22.18 17.00
CA GLY G 668 -38.40 21.54 16.28
C GLY G 668 -38.87 20.75 15.07
N ARG G 669 -39.99 20.04 15.22
CA ARG G 669 -40.53 19.28 14.09
C ARG G 669 -41.00 20.21 12.99
N VAL G 670 -41.60 21.34 13.36
CA VAL G 670 -42.00 22.32 12.36
C VAL G 670 -40.78 22.85 11.62
N MET G 671 -39.70 23.14 12.35
CA MET G 671 -38.47 23.58 11.71
C MET G 671 -37.93 22.53 10.77
N PHE G 672 -37.94 21.27 11.19
CA PHE G 672 -37.43 20.19 10.35
C PHE G 672 -38.24 20.06 9.07
N ASN G 673 -39.57 20.12 9.19
CA ASN G 673 -40.43 19.93 8.02
C ASN G 673 -40.30 21.06 7.00
N GLU G 674 -39.74 22.20 7.39
CA GLU G 674 -39.52 23.28 6.43
C GLU G 674 -38.36 22.99 5.48
N LEU G 675 -37.45 22.08 5.87
CA LEU G 675 -36.34 21.72 4.98
C LEU G 675 -36.81 20.82 3.85
N LEU G 676 -37.83 20.00 4.08
CA LEU G 676 -38.33 19.11 3.06
C LEU G 676 -39.06 19.90 1.98
N PRO G 677 -39.20 19.34 0.79
CA PRO G 677 -39.87 20.08 -0.30
C PRO G 677 -41.30 20.43 0.06
N LYS G 678 -41.85 21.37 -0.71
CA LYS G 678 -43.18 21.90 -0.41
C LYS G 678 -44.24 20.82 -0.51
N SER G 679 -44.16 19.95 -1.53
CA SER G 679 -45.19 18.95 -1.76
C SER G 679 -45.20 17.83 -0.72
N TYR G 680 -44.15 17.69 0.07
CA TYR G 680 -44.09 16.59 1.03
C TYR G 680 -45.05 16.85 2.18
N PRO G 681 -45.84 15.85 2.59
CA PRO G 681 -46.73 16.05 3.74
C PRO G 681 -45.97 16.12 5.05
N PHE G 682 -46.63 16.69 6.05
CA PHE G 682 -46.03 16.84 7.37
C PHE G 682 -45.73 15.46 7.96
N VAL G 683 -44.61 15.36 8.68
CA VAL G 683 -44.14 14.08 9.18
C VAL G 683 -44.56 13.88 10.63
N ASN G 684 -44.12 14.78 11.51
CA ASN G 684 -44.46 14.72 12.94
C ASN G 684 -43.96 13.41 13.57
N GLU G 685 -42.64 13.25 13.57
CA GLU G 685 -42.02 12.06 14.14
C GLU G 685 -40.60 12.39 14.57
N GLN G 686 -40.11 11.63 15.56
CA GLN G 686 -38.73 11.75 15.98
C GLN G 686 -37.81 11.18 14.91
N MET G 687 -36.78 11.94 14.55
CA MET G 687 -35.95 11.62 13.39
C MET G 687 -34.81 10.69 13.81
N HIS G 688 -35.15 9.43 14.00
CA HIS G 688 -34.14 8.39 14.14
C HIS G 688 -33.48 8.17 12.78
N LYS G 689 -32.30 7.53 12.82
CA LYS G 689 -31.56 7.27 11.58
C LYS G 689 -32.44 6.54 10.57
N LYS G 690 -33.18 5.53 11.02
CA LYS G 690 -34.04 4.78 10.12
C LYS G 690 -35.15 5.67 9.54
N VAL G 691 -35.72 6.56 10.36
CA VAL G 691 -36.76 7.45 9.87
C VAL G 691 -36.20 8.38 8.80
N GLN G 692 -35.01 8.93 9.03
CA GLN G 692 -34.39 9.79 8.03
C GLN G 692 -34.09 9.03 6.74
N ALA G 693 -33.61 7.80 6.87
CA ALA G 693 -33.35 7.00 5.68
C ALA G 693 -34.64 6.73 4.91
N ARG G 694 -35.72 6.43 5.62
CA ARG G 694 -37.00 6.20 4.97
C ARG G 694 -37.48 7.46 4.25
N ILE G 695 -37.34 8.62 4.88
CA ILE G 695 -37.79 9.87 4.26
C ILE G 695 -36.97 10.14 3.01
N ILE G 696 -35.66 9.94 3.07
CA ILE G 696 -34.82 10.16 1.89
C ILE G 696 -35.19 9.19 0.78
N ASN G 697 -35.44 7.93 1.13
CA ASN G 697 -35.87 6.95 0.12
C ASN G 697 -37.16 7.39 -0.54
N ASP G 698 -38.13 7.84 0.26
CA ASP G 698 -39.41 8.28 -0.30
C ASP G 698 -39.20 9.47 -1.22
N LEU G 699 -38.34 10.42 -0.82
CA LEU G 699 -38.08 11.58 -1.67
C LEU G 699 -37.44 11.16 -2.98
N ALA G 700 -36.50 10.23 -2.95
CA ALA G 700 -35.82 9.81 -4.17
C ALA G 700 -36.76 9.11 -5.13
N GLU G 701 -37.78 8.42 -4.61
CA GLU G 701 -38.71 7.67 -5.46
C GLU G 701 -39.89 8.51 -5.94
N ARG G 702 -39.95 9.79 -5.57
CA ARG G 702 -41.07 10.63 -5.98
C ARG G 702 -40.67 12.01 -6.48
N PHE G 703 -39.41 12.41 -6.39
CA PHE G 703 -38.96 13.74 -6.77
C PHE G 703 -37.71 13.64 -7.63
N PRO G 704 -37.41 14.66 -8.42
CA PRO G 704 -36.16 14.66 -9.18
C PRO G 704 -34.96 14.65 -8.26
N MET G 705 -33.85 14.08 -8.77
CA MET G 705 -32.66 13.89 -7.95
C MET G 705 -32.08 15.20 -7.44
N ILE G 706 -32.29 16.32 -8.15
CA ILE G 706 -31.81 17.61 -7.68
C ILE G 706 -32.48 17.98 -6.37
N VAL G 707 -33.79 17.72 -6.27
CA VAL G 707 -34.52 18.01 -5.04
C VAL G 707 -33.92 17.22 -3.88
N VAL G 708 -33.55 15.97 -4.12
CA VAL G 708 -32.95 15.16 -3.08
C VAL G 708 -31.63 15.76 -2.63
N ALA G 709 -30.80 16.22 -3.57
CA ALA G 709 -29.52 16.82 -3.22
C ALA G 709 -29.72 18.06 -2.38
N GLN G 710 -30.65 18.94 -2.78
CA GLN G 710 -30.91 20.15 -2.00
C GLN G 710 -31.45 19.81 -0.61
N THR G 711 -32.33 18.82 -0.52
CA THR G 711 -32.88 18.42 0.77
C THR G 711 -31.80 17.88 1.69
N VAL G 712 -30.88 17.06 1.16
CA VAL G 712 -29.82 16.52 2.01
C VAL G 712 -28.87 17.63 2.43
N ASP G 713 -28.62 18.62 1.56
CA ASP G 713 -27.80 19.76 1.97
C ASP G 713 -28.45 20.52 3.12
N LYS G 714 -29.76 20.77 3.01
CA LYS G 714 -30.46 21.47 4.07
C LYS G 714 -30.44 20.67 5.37
N LEU G 715 -30.64 19.35 5.27
CA LEU G 715 -30.58 18.50 6.45
C LEU G 715 -29.20 18.53 7.08
N LYS G 716 -28.16 18.51 6.26
CA LYS G 716 -26.79 18.64 6.78
C LYS G 716 -26.63 19.93 7.56
N ASP G 717 -27.08 21.04 6.98
CA ASP G 717 -26.92 22.33 7.66
C ASP G 717 -27.65 22.32 9.00
N ALA G 718 -28.91 21.85 9.01
CA ALA G 718 -29.67 21.85 10.24
C ALA G 718 -29.04 20.93 11.29
N GLY G 719 -28.58 19.75 10.87
CA GLY G 719 -27.96 18.84 11.81
C GLY G 719 -26.68 19.39 12.40
N PHE G 720 -25.84 20.00 11.57
CA PHE G 720 -24.62 20.61 12.10
C PHE G 720 -24.95 21.76 13.04
N TYR G 721 -25.97 22.57 12.72
CA TYR G 721 -26.33 23.67 13.61
C TYR G 721 -26.80 23.15 14.96
N TRP G 722 -27.64 22.12 14.97
CA TRP G 722 -28.26 21.68 16.22
C TRP G 722 -27.42 20.66 16.97
N ALA G 723 -26.38 20.11 16.37
CA ALA G 723 -25.48 19.22 17.10
C ALA G 723 -24.64 20.00 18.10
N THR G 724 -24.21 21.20 17.72
CA THR G 724 -23.43 22.04 18.64
C THR G 724 -24.23 22.40 19.88
N ARG G 725 -25.54 22.55 19.75
CA ARG G 725 -26.40 23.00 20.83
C ARG G 725 -27.22 21.88 21.44
N SER G 726 -26.86 20.62 21.19
CA SER G 726 -27.60 19.49 21.71
C SER G 726 -27.11 19.04 23.09
N GLY G 727 -26.01 19.59 23.58
CA GLY G 727 -25.50 19.24 24.90
C GLY G 727 -24.76 17.92 24.96
N VAL G 728 -24.38 17.35 23.82
CA VAL G 728 -23.68 16.07 23.79
C VAL G 728 -22.22 16.32 24.11
N THR G 729 -21.78 15.87 25.29
CA THR G 729 -20.40 15.99 25.71
C THR G 729 -20.04 14.76 26.56
N VAL G 730 -18.74 14.53 26.70
CA VAL G 730 -18.22 13.39 27.44
C VAL G 730 -17.59 13.90 28.73
N SER G 731 -17.96 13.29 29.85
CA SER G 731 -17.36 13.60 31.14
C SER G 731 -17.28 12.32 31.96
N MET G 732 -16.34 12.32 32.91
CA MET G 732 -16.19 11.16 33.78
C MET G 732 -17.47 10.90 34.57
N ALA G 733 -18.27 11.94 34.81
CA ALA G 733 -19.52 11.78 35.52
C ALA G 733 -20.62 11.16 34.66
N ASP G 734 -20.56 11.35 33.33
CA ASP G 734 -21.59 10.80 32.45
C ASP G 734 -21.47 9.30 32.26
N VAL G 735 -20.30 8.73 32.54
CA VAL G 735 -20.11 7.28 32.43
C VAL G 735 -20.49 6.65 33.76
N LEU G 736 -21.78 6.39 33.95
CA LEU G 736 -22.27 5.85 35.21
C LEU G 736 -22.05 4.33 35.27
N VAL G 737 -21.93 3.83 36.49
CA VAL G 737 -21.72 2.40 36.74
C VAL G 737 -22.98 1.86 37.43
N PRO G 738 -23.60 0.81 36.92
CA PRO G 738 -24.82 0.29 37.55
C PRO G 738 -24.55 -0.15 38.98
N PRO G 739 -25.47 0.09 39.91
CA PRO G 739 -25.29 -0.43 41.28
C PRO G 739 -25.52 -1.93 41.38
N GLN G 740 -26.16 -2.56 40.40
CA GLN G 740 -26.42 -3.99 40.44
C GLN G 740 -25.22 -4.83 40.02
N LYS G 741 -24.15 -4.19 39.55
CA LYS G 741 -23.01 -4.95 39.04
C LYS G 741 -22.40 -5.85 40.12
N GLN G 742 -22.17 -5.28 41.31
CA GLN G 742 -21.43 -6.01 42.33
C GLN G 742 -22.15 -7.28 42.76
N GLU G 743 -23.47 -7.21 42.95
CA GLU G 743 -24.22 -8.39 43.37
C GLU G 743 -24.18 -9.48 42.31
N ILE G 744 -24.29 -9.09 41.03
CA ILE G 744 -24.22 -10.06 39.95
C ILE G 744 -22.85 -10.74 39.93
N LEU G 745 -21.79 -9.94 40.07
CA LEU G 745 -20.45 -10.51 40.09
C LEU G 745 -20.26 -11.46 41.27
N GLU G 746 -20.77 -11.09 42.44
CA GLU G 746 -20.64 -11.96 43.60
C GLU G 746 -21.40 -13.28 43.40
N ARG G 747 -22.62 -13.20 42.86
CA ARG G 747 -23.40 -14.42 42.63
C ARG G 747 -22.69 -15.33 41.64
N HIS G 748 -22.19 -14.77 40.54
CA HIS G 748 -21.51 -15.61 39.56
C HIS G 748 -20.15 -16.08 40.05
N GLU G 749 -19.51 -15.34 40.96
CA GLU G 749 -18.30 -15.84 41.60
C GLU G 749 -18.62 -17.03 42.49
N ALA G 750 -19.75 -16.99 43.19
CA ALA G 750 -20.19 -18.15 43.96
C ALA G 750 -20.43 -19.34 43.05
N GLU G 751 -21.06 -19.10 41.89
CA GLU G 751 -21.27 -20.18 40.93
C GLU G 751 -19.94 -20.74 40.43
N ALA G 752 -18.98 -19.87 40.16
CA ALA G 752 -17.66 -20.31 39.72
C ALA G 752 -16.97 -21.14 40.80
N ASP G 753 -17.10 -20.71 42.06
CA ASP G 753 -16.54 -21.49 43.16
C ASP G 753 -17.19 -22.86 43.25
N ALA G 754 -18.51 -22.93 43.02
CA ALA G 754 -19.17 -24.22 42.99
C ALA G 754 -18.64 -25.10 41.87
N ILE G 755 -18.42 -24.52 40.69
CA ILE G 755 -17.87 -25.28 39.57
C ILE G 755 -16.47 -25.79 39.92
N GLU G 756 -15.66 -24.95 40.56
CA GLU G 756 -14.32 -25.36 40.96
C GLU G 756 -14.40 -26.50 41.98
N ARG G 757 -15.32 -26.42 42.93
CA ARG G 757 -15.49 -27.49 43.90
C ARG G 757 -15.86 -28.80 43.20
N LYS G 758 -16.75 -28.72 42.21
CA LYS G 758 -17.18 -29.91 41.48
C LYS G 758 -16.04 -30.51 40.65
N TYR G 759 -15.23 -29.66 40.02
CA TYR G 759 -14.24 -30.14 39.06
C TYR G 759 -13.22 -31.05 39.72
N GLN G 760 -12.71 -30.65 40.89
CA GLN G 760 -11.58 -31.37 41.48
C GLN G 760 -11.91 -32.82 41.76
N ARG G 761 -13.17 -33.13 42.06
CA ARG G 761 -13.55 -34.50 42.34
C ARG G 761 -13.58 -35.39 41.11
N GLY G 762 -13.42 -34.82 39.92
CA GLY G 762 -13.39 -35.60 38.70
C GLY G 762 -14.72 -35.75 38.00
N ALA G 763 -15.72 -34.94 38.37
CA ALA G 763 -17.03 -35.04 37.73
C ALA G 763 -17.07 -34.33 36.38
N LEU G 764 -16.09 -33.49 36.07
CA LEU G 764 -16.05 -32.73 34.82
C LEU G 764 -14.69 -32.86 34.18
N ASN G 765 -14.67 -32.91 32.85
CA ASN G 765 -13.43 -32.84 32.11
C ASN G 765 -12.91 -31.41 32.08
N HIS G 766 -11.64 -31.25 31.70
CA HIS G 766 -11.05 -29.93 31.64
C HIS G 766 -11.82 -29.01 30.70
N THR G 767 -12.11 -29.50 29.48
CA THR G 767 -12.90 -28.71 28.55
C THR G 767 -14.31 -28.49 29.05
N GLU G 768 -14.91 -29.48 29.71
CA GLU G 768 -16.24 -29.28 30.29
C GLU G 768 -16.23 -28.13 31.30
N ARG G 769 -15.24 -28.11 32.19
CA ARG G 769 -15.14 -27.03 33.17
C ARG G 769 -14.92 -25.69 32.49
N ASN G 770 -14.05 -25.66 31.48
CA ASN G 770 -13.77 -24.40 30.79
C ASN G 770 -15.04 -23.84 30.14
N GLU G 771 -15.78 -24.68 29.42
CA GLU G 771 -16.99 -24.20 28.76
C GLU G 771 -18.09 -23.87 29.77
N SER G 772 -18.14 -24.59 30.90
CA SER G 772 -19.11 -24.24 31.92
C SER G 772 -18.83 -22.85 32.49
N LEU G 773 -17.56 -22.56 32.79
CA LEU G 773 -17.21 -21.23 33.27
C LEU G 773 -17.49 -20.17 32.20
N VAL G 774 -17.20 -20.49 30.94
CA VAL G 774 -17.48 -19.55 29.86
C VAL G 774 -18.96 -19.22 29.80
N LYS G 775 -19.81 -20.25 29.88
CA LYS G 775 -21.25 -20.03 29.85
C LYS G 775 -21.71 -19.20 31.04
N ILE G 776 -21.20 -19.52 32.23
CA ILE G 776 -21.60 -18.78 33.43
C ILE G 776 -21.25 -17.30 33.28
N TRP G 777 -20.03 -17.02 32.82
CA TRP G 777 -19.61 -15.63 32.74
C TRP G 777 -20.24 -14.90 31.56
N GLN G 778 -20.62 -15.62 30.49
CA GLN G 778 -21.42 -15.00 29.45
C GLN G 778 -22.79 -14.59 29.98
N ASP G 779 -23.40 -15.46 30.80
CA ASP G 779 -24.65 -15.10 31.44
C ASP G 779 -24.47 -13.87 32.32
N ALA G 780 -23.38 -13.83 33.09
CA ALA G 780 -23.11 -12.67 33.93
C ALA G 780 -22.97 -11.41 33.10
N THR G 781 -22.24 -11.50 31.97
CA THR G 781 -22.04 -10.34 31.13
C THR G 781 -23.35 -9.83 30.54
N GLU G 782 -24.21 -10.74 30.08
CA GLU G 782 -25.48 -10.30 29.52
C GLU G 782 -26.37 -9.68 30.60
N GLU G 783 -26.35 -10.24 31.81
CA GLU G 783 -27.14 -9.65 32.89
C GLU G 783 -26.63 -8.25 33.23
N VAL G 784 -25.31 -8.08 33.28
CA VAL G 784 -24.74 -6.76 33.56
C VAL G 784 -25.10 -5.78 32.45
N GLY G 785 -25.09 -6.25 31.20
CA GLY G 785 -25.48 -5.38 30.10
C GLY G 785 -26.93 -4.95 30.19
N LYS G 786 -27.82 -5.88 30.56
CA LYS G 786 -29.22 -5.52 30.75
C LYS G 786 -29.38 -4.49 31.86
N ALA G 787 -28.68 -4.70 32.98
CA ALA G 787 -28.76 -3.75 34.08
C ALA G 787 -28.25 -2.37 33.66
N LEU G 788 -27.16 -2.34 32.90
CA LEU G 788 -26.61 -1.07 32.43
C LEU G 788 -27.60 -0.37 31.50
N GLU G 789 -28.21 -1.13 30.59
CA GLU G 789 -29.17 -0.53 29.67
C GLU G 789 -30.37 0.04 30.42
N GLU G 790 -30.85 -0.67 31.44
CA GLU G 790 -32.00 -0.18 32.19
C GLU G 790 -31.65 1.00 33.09
N PHE G 791 -30.43 1.04 33.62
CA PHE G 791 -30.08 2.06 34.61
C PHE G 791 -29.88 3.44 33.98
N TYR G 792 -29.22 3.51 32.83
CA TYR G 792 -28.83 4.80 32.28
C TYR G 792 -30.07 5.62 31.92
N PRO G 793 -30.15 6.89 32.32
CA PRO G 793 -31.26 7.72 31.88
C PRO G 793 -31.21 7.95 30.38
N ALA G 794 -32.40 8.15 29.80
CA ALA G 794 -32.50 8.30 28.35
C ALA G 794 -31.78 9.52 27.82
N ASP G 795 -31.57 10.55 28.64
CA ASP G 795 -30.96 11.80 28.20
C ASP G 795 -29.45 11.81 28.38
N ASN G 796 -28.86 10.73 28.87
CA ASN G 796 -27.40 10.71 29.03
C ASN G 796 -26.73 10.77 27.65
N PRO G 797 -25.69 11.58 27.49
CA PRO G 797 -25.06 11.68 26.16
C PRO G 797 -24.57 10.34 25.63
N ILE G 798 -24.04 9.48 26.50
CA ILE G 798 -23.48 8.20 26.05
C ILE G 798 -24.57 7.35 25.41
N ILE G 799 -25.74 7.28 26.04
CA ILE G 799 -26.83 6.50 25.47
C ILE G 799 -27.52 7.27 24.34
N THR G 800 -27.51 8.60 24.40
CA THR G 800 -28.11 9.38 23.32
C THR G 800 -27.37 9.14 22.01
N ILE G 801 -26.05 9.03 22.07
CA ILE G 801 -25.27 8.78 20.86
C ILE G 801 -25.66 7.44 20.23
N VAL G 802 -25.77 6.41 21.06
CA VAL G 802 -26.04 5.06 20.54
C VAL G 802 -27.48 4.95 20.04
N LYS G 803 -28.44 5.42 20.85
CA LYS G 803 -29.84 5.21 20.52
C LYS G 803 -30.26 5.98 19.27
N SER G 804 -29.68 7.16 19.04
CA SER G 804 -30.02 7.96 17.87
C SER G 804 -29.50 7.35 16.58
N GLY G 805 -28.64 6.34 16.65
CA GLY G 805 -28.06 5.74 15.46
C GLY G 805 -26.88 6.48 14.89
N ALA G 806 -26.34 7.46 15.60
CA ALA G 806 -25.20 8.21 15.08
C ALA G 806 -23.98 7.32 14.92
N THR G 807 -23.63 6.57 15.96
CA THR G 807 -22.47 5.68 15.92
C THR G 807 -22.46 4.86 17.20
N GLY G 808 -21.64 3.80 17.18
CA GLY G 808 -21.48 2.96 18.35
C GLY G 808 -22.60 1.93 18.49
N ASN G 809 -22.50 1.18 19.58
CA ASN G 809 -23.48 0.14 19.89
C ASN G 809 -23.44 -0.13 21.38
N LEU G 810 -24.38 -0.95 21.85
CA LEU G 810 -24.52 -1.18 23.28
C LEU G 810 -23.39 -2.04 23.85
N THR G 811 -22.77 -2.88 23.02
CA THR G 811 -21.64 -3.68 23.50
C THR G 811 -20.46 -2.80 23.89
N GLN G 812 -20.19 -1.76 23.10
CA GLN G 812 -19.13 -0.82 23.46
C GLN G 812 -19.45 -0.10 24.76
N THR G 813 -20.71 0.30 24.95
CA THR G 813 -21.10 0.94 26.19
C THR G 813 -20.94 -0.02 27.37
N ARG G 814 -21.26 -1.30 27.17
CA ARG G 814 -21.10 -2.28 28.24
C ARG G 814 -19.64 -2.42 28.62
N THR G 815 -18.75 -2.61 27.64
CA THR G 815 -17.33 -2.76 27.96
C THR G 815 -16.75 -1.48 28.53
N LEU G 816 -17.35 -0.33 28.23
CA LEU G 816 -16.86 0.94 28.77
C LEU G 816 -17.29 1.11 30.23
N ALA G 817 -18.60 1.11 30.48
CA ALA G 817 -19.16 1.38 31.80
C ALA G 817 -19.55 0.12 32.56
N GLY G 818 -19.68 -1.01 31.88
CA GLY G 818 -20.12 -2.24 32.52
C GLY G 818 -18.98 -3.14 32.91
N MET G 819 -18.77 -4.20 32.14
CA MET G 819 -17.65 -5.11 32.36
C MET G 819 -17.11 -5.57 31.01
N LYS G 820 -15.79 -5.69 30.93
CA LYS G 820 -15.17 -6.08 29.67
C LYS G 820 -15.60 -7.48 29.25
N GLY G 821 -15.66 -8.41 30.20
CA GLY G 821 -16.11 -9.76 29.89
C GLY G 821 -14.98 -10.69 29.48
N LEU G 822 -15.38 -11.81 28.88
CA LEU G 822 -14.42 -12.83 28.48
C LEU G 822 -13.54 -12.34 27.35
N VAL G 823 -12.28 -12.79 27.36
CA VAL G 823 -11.32 -12.51 26.31
C VAL G 823 -10.69 -13.82 25.87
N THR G 824 -10.14 -13.81 24.66
CA THR G 824 -9.63 -15.01 24.01
C THR G 824 -8.10 -15.03 24.04
N ASN G 825 -7.54 -16.22 24.12
CA ASN G 825 -6.10 -16.42 24.05
C ASN G 825 -5.68 -16.43 22.58
N PRO G 826 -4.38 -16.57 22.29
CA PRO G 826 -3.94 -16.52 20.89
C PRO G 826 -4.61 -17.55 19.99
N LYS G 827 -4.97 -18.72 20.53
CA LYS G 827 -5.52 -19.79 19.71
C LYS G 827 -7.00 -19.57 19.38
N GLY G 828 -7.64 -18.55 19.94
CA GLY G 828 -9.03 -18.26 19.64
C GLY G 828 -10.04 -18.85 20.60
N GLU G 829 -9.59 -19.48 21.68
CA GLU G 829 -10.50 -20.02 22.68
C GLU G 829 -10.57 -19.11 23.89
N PHE G 830 -11.77 -19.00 24.46
CA PHE G 830 -11.99 -18.08 25.58
C PHE G 830 -11.17 -18.50 26.80
N ILE G 831 -10.55 -17.51 27.43
CA ILE G 831 -9.85 -17.75 28.70
C ILE G 831 -10.88 -17.79 29.82
N PRO G 832 -10.92 -18.83 30.66
CA PRO G 832 -12.00 -18.93 31.65
C PRO G 832 -11.98 -17.87 32.74
N ARG G 833 -11.01 -16.95 32.73
CA ARG G 833 -10.95 -15.89 33.72
C ARG G 833 -11.44 -14.60 33.09
N PRO G 834 -12.59 -14.06 33.49
CA PRO G 834 -13.11 -12.85 32.84
C PRO G 834 -12.40 -11.60 33.31
N ILE G 835 -12.60 -10.53 32.54
CA ILE G 835 -12.08 -9.20 32.88
C ILE G 835 -13.20 -8.47 33.63
N LYS G 836 -13.17 -8.53 34.95
CA LYS G 836 -14.23 -7.92 35.75
C LYS G 836 -14.26 -6.41 35.58
N SER G 837 -13.10 -5.77 35.65
CA SER G 837 -13.05 -4.31 35.61
C SER G 837 -13.34 -3.80 34.21
N SER G 838 -14.05 -2.68 34.14
CA SER G 838 -14.29 -1.99 32.88
C SER G 838 -13.21 -0.94 32.65
N PHE G 839 -13.16 -0.43 31.41
CA PHE G 839 -12.19 0.60 31.09
C PHE G 839 -12.44 1.89 31.87
N ARG G 840 -13.68 2.12 32.32
CA ARG G 840 -13.96 3.31 33.12
C ARG G 840 -13.22 3.28 34.45
N GLU G 841 -13.23 2.12 35.12
CA GLU G 841 -12.53 2.00 36.39
C GLU G 841 -11.09 1.54 36.24
N GLY G 842 -10.71 1.03 35.07
CA GLY G 842 -9.34 0.63 34.83
C GLY G 842 -9.09 -0.85 35.08
N LEU G 843 -8.40 -1.49 34.14
CA LEU G 843 -8.08 -2.91 34.26
C LEU G 843 -6.83 -3.11 35.11
N THR G 844 -6.73 -4.28 35.73
CA THR G 844 -5.53 -4.63 36.45
C THR G 844 -4.41 -4.98 35.48
N VAL G 845 -3.24 -5.32 36.02
CA VAL G 845 -2.07 -5.58 35.19
C VAL G 845 -2.32 -6.80 34.30
N LEU G 846 -2.80 -7.90 34.89
CA LEU G 846 -2.93 -9.14 34.12
C LEU G 846 -4.14 -9.09 33.20
N GLU G 847 -5.22 -8.42 33.62
CA GLU G 847 -6.35 -8.23 32.72
C GLU G 847 -5.94 -7.46 31.48
N TYR G 848 -5.18 -6.38 31.65
CA TYR G 848 -4.67 -5.64 30.50
C TYR G 848 -3.72 -6.50 29.68
N PHE G 849 -2.90 -7.30 30.34
CA PHE G 849 -1.95 -8.13 29.61
C PHE G 849 -2.66 -9.14 28.72
N ILE G 850 -3.72 -9.77 29.24
CA ILE G 850 -4.45 -10.76 28.44
C ILE G 850 -5.40 -10.11 27.45
N ASN G 851 -5.75 -8.84 27.63
CA ASN G 851 -6.58 -8.16 26.63
C ASN G 851 -5.82 -7.93 25.33
N THR G 852 -4.49 -7.96 25.36
CA THR G 852 -3.70 -7.64 24.19
C THR G 852 -3.78 -8.71 23.10
N HIS G 853 -4.10 -9.96 23.47
CA HIS G 853 -4.11 -11.04 22.48
C HIS G 853 -5.09 -10.75 21.35
N GLY G 854 -6.32 -10.38 21.70
CA GLY G 854 -7.33 -10.13 20.68
C GLY G 854 -6.98 -8.95 19.79
N ALA G 855 -6.48 -7.86 20.39
CA ALA G 855 -6.11 -6.70 19.60
C ALA G 855 -4.99 -7.04 18.62
N ARG G 856 -3.97 -7.76 19.09
CA ARG G 856 -2.88 -8.16 18.21
C ARG G 856 -3.41 -9.06 17.08
N LYS G 857 -4.29 -10.00 17.43
CA LYS G 857 -4.83 -10.90 16.42
C LYS G 857 -5.62 -10.13 15.35
N GLY G 858 -6.43 -9.16 15.78
CA GLY G 858 -7.20 -8.40 14.80
C GLY G 858 -6.33 -7.54 13.92
N LEU G 859 -5.34 -6.86 14.53
CA LEU G 859 -4.44 -6.02 13.74
C LEU G 859 -3.64 -6.86 12.75
N ALA G 860 -3.33 -8.11 13.11
CA ALA G 860 -2.62 -8.98 12.18
C ALA G 860 -3.53 -9.52 11.09
N ASP G 861 -4.79 -9.81 11.42
CA ASP G 861 -5.71 -10.44 10.48
C ASP G 861 -6.36 -9.46 9.53
N THR G 862 -6.30 -8.15 9.82
CA THR G 862 -6.89 -7.18 8.91
C THR G 862 -6.28 -7.25 7.52
N ALA G 863 -4.95 -7.41 7.44
CA ALA G 863 -4.29 -7.47 6.15
C ALA G 863 -4.76 -8.68 5.34
N LEU G 864 -4.85 -9.84 5.98
CA LEU G 864 -5.34 -11.03 5.28
C LEU G 864 -6.79 -10.86 4.86
N ARG G 865 -7.60 -10.22 5.71
CA ARG G 865 -8.98 -9.93 5.33
C ARG G 865 -9.03 -9.12 4.05
N THR G 866 -8.25 -8.04 3.99
CA THR G 866 -8.23 -7.20 2.79
C THR G 866 -7.74 -7.98 1.58
N ALA G 867 -6.70 -8.79 1.75
CA ALA G 867 -6.15 -9.56 0.63
C ALA G 867 -7.19 -10.54 0.09
N ASP G 868 -7.88 -11.26 0.97
CA ASP G 868 -8.88 -12.21 0.53
C ASP G 868 -10.03 -11.51 -0.19
N SER G 869 -10.49 -10.37 0.36
CA SER G 869 -11.56 -9.64 -0.29
C SER G 869 -11.12 -9.16 -1.68
N GLY G 870 -9.89 -8.66 -1.80
CA GLY G 870 -9.40 -8.24 -3.10
C GLY G 870 -9.31 -9.37 -4.09
N TYR G 871 -8.84 -10.54 -3.64
CA TYR G 871 -8.76 -11.68 -4.54
C TYR G 871 -10.14 -12.10 -5.03
N LEU G 872 -11.11 -12.17 -4.12
CA LEU G 872 -12.46 -12.54 -4.52
C LEU G 872 -13.05 -11.53 -5.51
N THR G 873 -12.84 -10.23 -5.23
CA THR G 873 -13.34 -9.21 -6.14
C THR G 873 -12.69 -9.32 -7.51
N ARG G 874 -11.38 -9.58 -7.55
CA ARG G 874 -10.69 -9.71 -8.82
C ARG G 874 -11.24 -10.88 -9.63
N ARG G 875 -11.45 -12.03 -8.98
CA ARG G 875 -12.01 -13.17 -9.70
C ARG G 875 -13.42 -12.88 -10.19
N LEU G 876 -14.25 -12.28 -9.35
CA LEU G 876 -15.62 -11.98 -9.75
C LEU G 876 -15.65 -11.00 -10.92
N VAL G 877 -14.75 -10.00 -10.92
CA VAL G 877 -14.67 -9.08 -12.03
C VAL G 877 -14.23 -9.82 -13.29
N ASP G 878 -13.23 -10.68 -13.18
CA ASP G 878 -12.71 -11.36 -14.36
C ASP G 878 -13.77 -12.25 -15.00
N VAL G 879 -14.58 -12.93 -14.18
CA VAL G 879 -15.51 -13.91 -14.74
C VAL G 879 -16.73 -13.29 -15.40
N SER G 880 -17.00 -12.00 -15.17
CA SER G 880 -18.26 -11.40 -15.61
C SER G 880 -18.06 -10.04 -16.27
N GLN G 881 -17.09 -9.93 -17.19
CA GLN G 881 -16.93 -8.69 -17.93
C GLN G 881 -17.74 -8.66 -19.21
N ASP G 882 -18.18 -9.82 -19.71
CA ASP G 882 -18.87 -9.88 -20.99
C ASP G 882 -20.36 -9.56 -20.87
N VAL G 883 -20.89 -9.47 -19.65
CA VAL G 883 -22.32 -9.23 -19.45
C VAL G 883 -22.55 -7.73 -19.55
N ILE G 884 -23.12 -7.30 -20.67
CA ILE G 884 -23.46 -5.90 -20.91
C ILE G 884 -24.87 -5.83 -21.48
N VAL G 885 -25.59 -4.79 -21.11
CA VAL G 885 -26.96 -4.58 -21.62
C VAL G 885 -26.85 -4.25 -23.11
N ARG G 886 -27.34 -5.15 -23.95
CA ARG G 886 -27.18 -5.03 -25.40
C ARG G 886 -28.46 -4.62 -26.12
N GLU G 887 -29.63 -4.88 -25.53
CA GLU G 887 -30.89 -4.55 -26.19
C GLU G 887 -31.93 -4.21 -25.12
N HIS G 888 -33.06 -3.66 -25.58
CA HIS G 888 -34.10 -3.24 -24.66
C HIS G 888 -34.92 -4.42 -24.15
N ASP G 889 -35.52 -5.17 -25.06
CA ASP G 889 -36.38 -6.30 -24.70
C ASP G 889 -36.02 -7.51 -25.56
N CYS G 890 -35.90 -8.67 -24.91
CA CYS G 890 -35.64 -9.91 -25.61
C CYS G 890 -36.91 -10.66 -25.99
N GLU G 891 -38.09 -10.15 -25.60
CA GLU G 891 -39.36 -10.78 -25.98
C GLU G 891 -39.43 -12.22 -25.50
N THR G 892 -39.41 -12.43 -24.19
CA THR G 892 -39.51 -13.77 -23.63
C THR G 892 -40.60 -13.77 -22.57
N GLU G 893 -41.23 -14.93 -22.39
CA GLU G 893 -42.33 -15.09 -21.44
C GLU G 893 -41.92 -15.77 -20.13
N ARG G 894 -40.74 -16.38 -20.09
CA ARG G 894 -40.29 -17.13 -18.92
C ARG G 894 -39.73 -16.20 -17.86
N GLY G 895 -39.59 -16.73 -16.65
CA GLY G 895 -39.10 -15.94 -15.54
C GLY G 895 -38.95 -16.80 -14.30
N ILE G 896 -38.87 -16.13 -13.15
CA ILE G 896 -38.72 -16.80 -11.87
C ILE G 896 -39.80 -16.30 -10.91
N ASN G 897 -40.25 -17.20 -10.04
CA ASN G 897 -41.27 -16.85 -9.06
C ASN G 897 -40.63 -16.37 -7.76
N VAL G 898 -41.24 -15.35 -7.16
CA VAL G 898 -40.80 -14.82 -5.88
C VAL G 898 -42.01 -14.68 -4.97
N THR G 899 -41.87 -15.13 -3.73
CA THR G 899 -42.96 -15.05 -2.75
C THR G 899 -42.99 -13.64 -2.17
N LEU G 900 -44.18 -13.04 -2.16
CA LEU G 900 -44.35 -11.69 -1.64
C LEU G 900 -44.76 -11.69 -0.16
N ALA G 901 -45.70 -12.56 0.21
CA ALA G 901 -46.15 -12.68 1.59
C ALA G 901 -46.72 -14.08 1.77
N GLU G 902 -46.88 -14.48 3.04
CA GLU G 902 -47.37 -15.80 3.37
C GLU G 902 -48.51 -15.69 4.38
N ARG G 903 -49.59 -16.44 4.13
CA ARG G 903 -50.73 -16.40 5.03
C ARG G 903 -50.47 -17.30 6.24
N GLY G 904 -51.16 -16.97 7.35
CA GLY G 904 -51.01 -17.71 8.57
C GLY G 904 -52.35 -17.94 9.26
N PRO G 905 -52.36 -18.78 10.29
CA PRO G 905 -53.61 -19.03 11.02
C PRO G 905 -54.16 -17.82 11.74
N ASP G 906 -53.35 -16.78 11.94
CA ASP G 906 -53.82 -15.60 12.66
C ASP G 906 -54.98 -14.94 11.93
N GLY G 907 -54.89 -14.82 10.61
CA GLY G 907 -55.95 -14.23 9.82
C GLY G 907 -55.44 -13.26 8.76
N THR G 908 -54.34 -12.58 9.05
CA THR G 908 -53.75 -11.62 8.14
C THR G 908 -52.39 -12.13 7.67
N LEU G 909 -52.18 -12.15 6.36
CA LEU G 909 -50.93 -12.65 5.81
C LEU G 909 -49.78 -11.71 6.16
N ILE G 910 -48.63 -12.31 6.48
CA ILE G 910 -47.45 -11.57 6.91
C ILE G 910 -46.53 -11.37 5.71
N ARG G 911 -46.02 -10.15 5.58
CA ARG G 911 -45.11 -9.81 4.49
C ARG G 911 -43.76 -10.50 4.68
N ASP G 912 -43.16 -10.92 3.58
CA ASP G 912 -41.86 -11.58 3.63
C ASP G 912 -40.79 -10.59 4.09
N ALA G 913 -39.87 -11.07 4.92
CA ALA G 913 -38.82 -10.20 5.46
C ALA G 913 -37.93 -9.68 4.34
N HIS G 914 -37.25 -10.58 3.62
CA HIS G 914 -36.29 -10.18 2.58
C HIS G 914 -37.02 -10.06 1.25
N VAL G 915 -37.76 -8.96 1.13
CA VAL G 915 -38.47 -8.64 -0.11
C VAL G 915 -37.85 -7.47 -0.85
N GLU G 916 -37.06 -6.62 -0.18
CA GLU G 916 -36.41 -5.51 -0.86
C GLU G 916 -35.40 -6.01 -1.89
N THR G 917 -34.69 -7.08 -1.56
CA THR G 917 -33.64 -7.61 -2.43
C THR G 917 -34.14 -8.62 -3.45
N SER G 918 -35.41 -9.04 -3.36
CA SER G 918 -35.93 -10.08 -4.25
C SER G 918 -37.02 -9.57 -5.17
N ALA G 919 -38.09 -8.97 -4.63
CA ALA G 919 -39.24 -8.58 -5.44
C ALA G 919 -39.11 -7.17 -6.00
N PHE G 920 -38.38 -6.29 -5.34
CA PHE G 920 -38.24 -4.92 -5.81
C PHE G 920 -37.32 -4.85 -7.02
N ALA G 921 -37.51 -3.79 -7.81
CA ALA G 921 -36.69 -3.53 -8.99
C ALA G 921 -36.79 -4.67 -10.00
N ARG G 922 -37.97 -5.27 -10.10
CA ARG G 922 -38.22 -6.38 -11.01
C ARG G 922 -39.29 -5.99 -12.02
N THR G 923 -39.25 -6.63 -13.18
CA THR G 923 -40.27 -6.46 -14.21
C THR G 923 -41.16 -7.70 -14.25
N LEU G 924 -42.47 -7.48 -14.22
CA LEU G 924 -43.41 -8.59 -14.16
C LEU G 924 -43.38 -9.38 -15.46
N ALA G 925 -43.27 -10.70 -15.34
CA ALA G 925 -43.32 -11.57 -16.50
C ALA G 925 -44.75 -11.90 -16.90
N THR G 926 -45.65 -12.01 -15.93
CA THR G 926 -47.06 -12.28 -16.19
C THR G 926 -47.90 -11.40 -15.28
N ASP G 927 -49.13 -11.12 -15.72
CA ASP G 927 -50.03 -10.28 -14.95
C ASP G 927 -50.41 -10.95 -13.65
N ALA G 928 -50.70 -10.13 -12.64
CA ALA G 928 -51.11 -10.62 -11.33
C ALA G 928 -52.63 -10.74 -11.33
N VAL G 929 -53.12 -11.98 -11.24
CA VAL G 929 -54.55 -12.28 -11.29
C VAL G 929 -54.93 -13.03 -10.02
N ASP G 930 -56.01 -12.58 -9.38
CA ASP G 930 -56.50 -13.21 -8.16
C ASP G 930 -57.54 -14.27 -8.54
N ALA G 931 -58.22 -14.81 -7.54
CA ALA G 931 -59.24 -15.84 -7.79
C ALA G 931 -60.39 -15.28 -8.62
N ASN G 932 -60.78 -14.03 -8.36
CA ASN G 932 -61.90 -13.44 -9.10
C ASN G 932 -61.60 -13.38 -10.60
N GLY G 933 -60.38 -13.01 -10.97
CA GLY G 933 -59.99 -12.94 -12.36
C GLY G 933 -59.73 -11.52 -12.82
N ASN G 934 -59.25 -10.68 -11.93
CA ASN G 934 -58.94 -9.28 -12.23
C ASN G 934 -57.42 -9.10 -12.21
N VAL G 935 -56.91 -8.39 -13.22
CA VAL G 935 -55.48 -8.14 -13.33
C VAL G 935 -55.13 -6.96 -12.42
N ILE G 936 -54.48 -7.24 -11.30
CA ILE G 936 -54.10 -6.18 -10.37
C ILE G 936 -53.00 -5.31 -10.98
N ILE G 937 -51.99 -5.95 -11.56
CA ILE G 937 -50.92 -5.27 -12.27
C ILE G 937 -50.62 -6.03 -13.55
N GLU G 938 -50.51 -5.31 -14.66
CA GLU G 938 -50.19 -5.94 -15.94
C GLU G 938 -48.69 -6.18 -16.05
N ARG G 939 -48.33 -7.13 -16.92
CA ARG G 939 -46.92 -7.45 -17.11
C ARG G 939 -46.18 -6.27 -17.72
N GLY G 940 -44.88 -6.20 -17.42
CA GLY G 940 -44.04 -5.12 -17.91
C GLY G 940 -43.97 -3.91 -17.01
N HIS G 941 -44.60 -3.94 -15.84
CA HIS G 941 -44.57 -2.83 -14.90
C HIS G 941 -43.52 -3.10 -13.83
N ASP G 942 -42.66 -2.11 -13.60
CA ASP G 942 -41.62 -2.25 -12.58
C ASP G 942 -42.24 -2.27 -11.19
N LEU G 943 -41.84 -3.24 -10.37
CA LEU G 943 -42.38 -3.36 -9.02
C LEU G 943 -41.67 -2.36 -8.10
N GLY G 944 -42.47 -1.51 -7.44
CA GLY G 944 -41.95 -0.55 -6.49
C GLY G 944 -42.74 -0.61 -5.19
N ASP G 945 -42.35 0.26 -4.27
CA ASP G 945 -43.00 0.29 -2.95
C ASP G 945 -44.51 0.41 -3.04
N PRO G 946 -45.09 1.37 -3.78
CA PRO G 946 -46.55 1.39 -3.90
C PRO G 946 -47.13 0.14 -4.52
N ALA G 947 -46.45 -0.41 -5.53
CA ALA G 947 -46.97 -1.59 -6.21
C ALA G 947 -46.97 -2.81 -5.31
N ILE G 948 -45.96 -2.97 -4.46
CA ILE G 948 -45.92 -4.09 -3.54
C ILE G 948 -47.10 -4.03 -2.58
N ASP G 949 -47.38 -2.84 -2.03
CA ASP G 949 -48.53 -2.69 -1.15
C ASP G 949 -49.83 -2.97 -1.89
N ALA G 950 -49.96 -2.47 -3.12
CA ALA G 950 -51.16 -2.72 -3.90
C ALA G 950 -51.37 -4.20 -4.14
N LEU G 951 -50.29 -4.93 -4.47
CA LEU G 951 -50.39 -6.36 -4.69
C LEU G 951 -50.70 -7.12 -3.41
N LEU G 952 -50.21 -6.62 -2.27
CA LEU G 952 -50.46 -7.32 -1.01
C LEU G 952 -51.95 -7.41 -0.72
N ALA G 953 -52.69 -6.32 -0.94
CA ALA G 953 -54.14 -6.30 -0.72
C ALA G 953 -54.89 -6.84 -1.93
N ALA G 954 -54.50 -8.02 -2.39
CA ALA G 954 -55.16 -8.65 -3.53
C ALA G 954 -55.28 -10.16 -3.40
N GLY G 955 -54.84 -10.76 -2.29
CA GLY G 955 -54.92 -12.19 -2.14
C GLY G 955 -53.90 -12.98 -2.91
N ILE G 956 -52.83 -12.34 -3.38
CA ILE G 956 -51.79 -12.99 -4.19
C ILE G 956 -50.51 -13.03 -3.37
N THR G 957 -49.90 -14.21 -3.32
CA THR G 957 -48.66 -14.42 -2.57
C THR G 957 -47.43 -14.39 -3.46
N THR G 958 -47.42 -15.19 -4.53
CA THR G 958 -46.28 -15.28 -5.43
C THR G 958 -46.48 -14.37 -6.64
N VAL G 959 -45.37 -13.87 -7.17
CA VAL G 959 -45.37 -13.10 -8.40
C VAL G 959 -44.21 -13.56 -9.28
N LYS G 960 -44.47 -13.63 -10.58
CA LYS G 960 -43.48 -14.09 -11.55
C LYS G 960 -42.83 -12.87 -12.19
N VAL G 961 -41.50 -12.82 -12.13
CA VAL G 961 -40.74 -11.66 -12.60
C VAL G 961 -39.67 -12.13 -13.56
N ARG G 962 -39.28 -11.24 -14.47
CA ARG G 962 -38.20 -11.52 -15.40
C ARG G 962 -36.85 -11.38 -14.70
N SER G 963 -35.89 -12.18 -15.16
CA SER G 963 -34.56 -12.17 -14.56
C SER G 963 -33.52 -12.49 -15.62
N VAL G 964 -32.28 -12.08 -15.35
CA VAL G 964 -31.19 -12.35 -16.29
C VAL G 964 -30.90 -13.82 -16.41
N LEU G 965 -31.29 -14.62 -15.42
CA LEU G 965 -31.05 -16.06 -15.48
C LEU G 965 -31.76 -16.68 -16.67
N THR G 966 -33.00 -16.25 -16.93
CA THR G 966 -33.82 -16.81 -18.00
C THR G 966 -33.84 -15.94 -19.24
N CYS G 967 -32.97 -14.93 -19.33
CA CYS G 967 -32.94 -14.07 -20.49
C CYS G 967 -32.46 -14.85 -21.71
N THR G 968 -33.18 -14.71 -22.82
CA THR G 968 -32.89 -15.43 -24.05
C THR G 968 -32.06 -14.61 -25.03
N SER G 969 -31.58 -13.43 -24.65
CA SER G 969 -30.81 -12.60 -25.55
C SER G 969 -29.57 -13.34 -26.03
N ALA G 970 -29.28 -13.19 -27.34
CA ALA G 970 -28.14 -13.89 -27.92
C ALA G 970 -26.82 -13.42 -27.32
N THR G 971 -26.67 -12.11 -27.12
CA THR G 971 -25.44 -11.54 -26.60
C THR G 971 -25.76 -10.63 -25.42
N GLY G 972 -24.97 -10.77 -24.36
CA GLY G 972 -25.21 -9.97 -23.16
C GLY G 972 -26.58 -10.25 -22.58
N VAL G 973 -27.20 -9.19 -22.06
CA VAL G 973 -28.54 -9.25 -21.50
C VAL G 973 -29.34 -8.07 -22.04
N CYS G 974 -30.63 -8.07 -21.75
CA CYS G 974 -31.54 -7.01 -22.20
C CYS G 974 -32.02 -6.20 -21.00
N ALA G 975 -32.41 -4.95 -21.27
CA ALA G 975 -32.77 -4.03 -20.20
C ALA G 975 -33.97 -4.55 -19.40
N MET G 976 -34.98 -5.08 -20.10
CA MET G 976 -36.21 -5.46 -19.41
C MET G 976 -35.98 -6.57 -18.39
N CYS G 977 -35.17 -7.57 -18.74
CA CYS G 977 -34.90 -8.65 -17.80
C CYS G 977 -34.06 -8.19 -16.61
N TYR G 978 -33.13 -7.26 -16.83
CA TYR G 978 -32.33 -6.75 -15.72
C TYR G 978 -33.16 -5.87 -14.79
N GLY G 979 -34.16 -5.16 -15.32
CA GLY G 979 -34.96 -4.28 -14.50
C GLY G 979 -34.34 -2.91 -14.36
N ARG G 980 -34.76 -2.20 -13.32
CA ARG G 980 -34.24 -0.86 -13.06
C ARG G 980 -32.81 -0.92 -12.53
N SER G 981 -32.03 0.10 -12.86
CA SER G 981 -30.69 0.25 -12.29
C SER G 981 -30.83 0.81 -10.88
N MET G 982 -30.29 0.08 -9.90
CA MET G 982 -30.46 0.47 -8.51
C MET G 982 -29.90 1.86 -8.24
N ALA G 983 -28.86 2.26 -8.98
CA ALA G 983 -28.22 3.54 -8.73
C ALA G 983 -29.05 4.72 -9.20
N THR G 984 -29.97 4.51 -10.14
CA THR G 984 -30.74 5.62 -10.72
C THR G 984 -32.25 5.48 -10.55
N GLY G 985 -32.76 4.30 -10.18
CA GLY G 985 -34.19 4.13 -10.02
C GLY G 985 -34.98 4.11 -11.31
N LYS G 986 -34.32 3.87 -12.44
CA LYS G 986 -34.98 3.83 -13.74
C LYS G 986 -34.49 2.62 -14.51
N LEU G 987 -35.21 2.30 -15.59
CA LEU G 987 -34.83 1.15 -16.42
C LEU G 987 -33.40 1.31 -16.91
N VAL G 988 -32.64 0.21 -16.81
CA VAL G 988 -31.22 0.28 -17.14
C VAL G 988 -31.04 0.68 -18.60
N ASP G 989 -30.11 1.60 -18.84
CA ASP G 989 -29.85 2.09 -20.18
C ASP G 989 -29.06 1.06 -20.99
N ILE G 990 -29.20 1.15 -22.31
CA ILE G 990 -28.44 0.28 -23.19
C ILE G 990 -26.96 0.61 -23.09
N GLY G 991 -26.15 -0.43 -22.92
CA GLY G 991 -24.72 -0.28 -22.80
C GLY G 991 -24.18 -0.31 -21.38
N GLU G 992 -25.04 -0.50 -20.39
CA GLU G 992 -24.59 -0.57 -19.00
C GLU G 992 -23.80 -1.85 -18.78
N ALA G 993 -22.59 -1.71 -18.22
CA ALA G 993 -21.75 -2.87 -17.90
C ALA G 993 -22.12 -3.39 -16.52
N VAL G 994 -23.24 -4.12 -16.48
CA VAL G 994 -23.78 -4.60 -15.21
C VAL G 994 -22.89 -5.65 -14.58
N GLY G 995 -22.01 -6.29 -15.36
CA GLY G 995 -21.11 -7.27 -14.78
C GLY G 995 -20.13 -6.66 -13.79
N ILE G 996 -19.52 -5.54 -14.17
CA ILE G 996 -18.60 -4.85 -13.26
C ILE G 996 -19.35 -4.37 -12.03
N VAL G 997 -20.56 -3.85 -12.21
CA VAL G 997 -21.34 -3.36 -11.08
C VAL G 997 -21.63 -4.50 -10.12
N ALA G 998 -22.04 -5.65 -10.65
CA ALA G 998 -22.34 -6.79 -9.78
C ALA G 998 -21.10 -7.27 -9.05
N ALA G 999 -19.97 -7.37 -9.76
CA ALA G 999 -18.74 -7.82 -9.11
C ALA G 999 -18.32 -6.87 -8.00
N GLN G 1000 -18.37 -5.56 -8.26
CA GLN G 1000 -17.99 -4.59 -7.25
C GLN G 1000 -18.94 -4.61 -6.06
N SER G 1001 -20.25 -4.76 -6.33
CA SER G 1001 -21.22 -4.81 -5.24
C SER G 1001 -20.98 -6.02 -4.37
N ILE G 1002 -20.69 -7.17 -4.98
CA ILE G 1002 -20.44 -8.37 -4.19
C ILE G 1002 -19.14 -8.25 -3.40
N GLY G 1003 -18.12 -7.63 -3.99
CA GLY G 1003 -16.81 -7.61 -3.36
C GLY G 1003 -16.60 -6.50 -2.35
N GLU G 1004 -17.35 -5.41 -2.43
CA GLU G 1004 -17.12 -4.28 -1.53
C GLU G 1004 -17.34 -4.65 -0.07
N PRO G 1005 -18.42 -5.33 0.32
CA PRO G 1005 -18.60 -5.67 1.74
C PRO G 1005 -17.84 -6.93 2.15
N GLY G 1006 -16.89 -7.35 1.32
CA GLY G 1006 -16.17 -8.59 1.60
C GLY G 1006 -15.41 -8.56 2.91
N THR G 1007 -14.85 -7.40 3.28
CA THR G 1007 -14.05 -7.30 4.49
C THR G 1007 -14.88 -7.40 5.77
N GLN G 1008 -16.21 -7.36 5.65
CA GLN G 1008 -17.09 -7.38 6.82
C GLN G 1008 -17.53 -8.80 7.20
N LEU G 1009 -17.02 -9.83 6.54
CA LEU G 1009 -17.44 -11.20 6.76
C LEU G 1009 -16.41 -11.95 7.60
N THR G 1010 -16.87 -13.05 8.20
CA THR G 1010 -16.00 -13.88 9.02
C THR G 1010 -15.02 -14.67 8.16
N MET G 1011 -13.92 -15.08 8.78
CA MET G 1011 -12.93 -15.95 8.15
C MET G 1011 -12.57 -17.11 9.07
N GLY G 1027 -20.25 -19.80 6.82
CA GLY G 1027 -18.82 -19.81 7.02
C GLY G 1027 -18.15 -18.51 6.62
N GLY G 1028 -18.95 -17.50 6.27
CA GLY G 1028 -18.43 -16.20 5.93
C GLY G 1028 -17.85 -16.12 4.54
N LEU G 1029 -16.81 -15.29 4.37
CA LEU G 1029 -16.20 -15.15 3.06
C LEU G 1029 -15.63 -16.46 2.52
N PRO G 1030 -15.01 -17.33 3.32
CA PRO G 1030 -14.66 -18.66 2.79
C PRO G 1030 -15.87 -19.43 2.25
N ARG G 1031 -17.00 -19.35 2.95
CA ARG G 1031 -18.21 -20.00 2.47
C ARG G 1031 -18.65 -19.42 1.14
N VAL G 1032 -18.61 -18.09 1.02
CA VAL G 1032 -18.99 -17.45 -0.24
C VAL G 1032 -18.06 -17.88 -1.36
N GLN G 1033 -16.75 -17.94 -1.06
CA GLN G 1033 -15.77 -18.35 -2.07
C GLN G 1033 -16.03 -19.77 -2.54
N GLU G 1034 -16.31 -20.70 -1.61
CA GLU G 1034 -16.57 -22.08 -2.02
C GLU G 1034 -17.92 -22.24 -2.69
N LEU G 1035 -18.87 -21.32 -2.45
CA LEU G 1035 -20.11 -21.36 -3.22
C LEU G 1035 -19.90 -20.87 -4.65
N PHE G 1036 -19.18 -19.75 -4.81
CA PHE G 1036 -18.94 -19.22 -6.15
C PHE G 1036 -18.08 -20.17 -6.98
N GLU G 1037 -17.09 -20.81 -6.36
CA GLU G 1037 -16.21 -21.73 -7.08
C GLU G 1037 -16.85 -23.10 -7.29
N ALA G 1038 -18.05 -23.33 -6.76
CA ALA G 1038 -18.77 -24.59 -6.94
C ALA G 1038 -17.95 -25.77 -6.44
N ARG G 1039 -17.20 -25.56 -5.36
CA ARG G 1039 -16.43 -26.64 -4.76
C ARG G 1039 -17.35 -27.60 -4.00
N VAL G 1040 -16.86 -28.80 -3.78
CA VAL G 1040 -17.57 -29.78 -2.97
C VAL G 1040 -17.51 -29.33 -1.52
N PRO G 1041 -18.64 -29.13 -0.84
CA PRO G 1041 -18.59 -28.60 0.52
C PRO G 1041 -17.85 -29.54 1.47
N ARG G 1042 -17.11 -28.95 2.41
CA ARG G 1042 -16.44 -29.73 3.43
C ARG G 1042 -17.45 -30.48 4.30
N ASN G 1043 -18.52 -29.80 4.69
CA ASN G 1043 -19.63 -30.42 5.42
C ASN G 1043 -20.68 -30.97 4.45
N LYS G 1044 -20.27 -31.90 3.59
CA LYS G 1044 -21.16 -32.41 2.56
C LYS G 1044 -22.40 -33.03 3.18
N ALA G 1045 -23.55 -32.70 2.61
CA ALA G 1045 -24.84 -33.18 3.10
C ALA G 1045 -25.57 -33.93 2.00
N PRO G 1046 -25.66 -35.26 2.05
CA PRO G 1046 -26.40 -35.98 1.01
C PRO G 1046 -27.86 -35.57 0.98
N ILE G 1047 -28.44 -35.64 -0.22
CA ILE G 1047 -29.82 -35.25 -0.45
C ILE G 1047 -30.56 -36.40 -1.12
N ALA G 1048 -31.89 -36.38 -0.99
CA ALA G 1048 -32.73 -37.45 -1.54
C ALA G 1048 -32.91 -37.24 -3.03
N ASP G 1049 -32.48 -38.22 -3.83
CA ASP G 1049 -32.66 -38.20 -5.27
C ASP G 1049 -33.93 -38.92 -5.70
N VAL G 1050 -34.66 -39.53 -4.76
CA VAL G 1050 -35.90 -40.24 -5.08
C VAL G 1050 -36.78 -40.22 -3.83
N ALA G 1051 -38.06 -39.98 -4.04
CA ALA G 1051 -39.02 -39.98 -2.94
C ALA G 1051 -39.26 -41.40 -2.44
N GLY G 1052 -39.53 -41.52 -1.15
CA GLY G 1052 -39.74 -42.82 -0.54
C GLY G 1052 -39.69 -42.73 0.96
N ARG G 1053 -39.41 -43.86 1.59
CA ARG G 1053 -39.33 -43.96 3.04
C ARG G 1053 -37.89 -44.16 3.46
N VAL G 1054 -37.50 -43.52 4.56
CA VAL G 1054 -36.11 -43.54 5.02
C VAL G 1054 -35.87 -44.77 5.89
N ARG G 1055 -34.62 -45.24 5.87
CA ARG G 1055 -34.17 -46.33 6.73
C ARG G 1055 -32.71 -46.09 7.07
N LEU G 1056 -32.26 -46.69 8.17
CA LEU G 1056 -30.86 -46.62 8.55
C LEU G 1056 -30.47 -47.87 9.31
N GLU G 1057 -29.20 -48.26 9.15
CA GLU G 1057 -28.63 -49.45 9.80
C GLU G 1057 -27.30 -49.04 10.42
N GLU G 1058 -27.34 -47.94 11.18
CA GLU G 1058 -26.13 -47.31 11.69
C GLU G 1058 -25.20 -48.31 12.35
N SER G 1059 -23.90 -48.00 12.29
CA SER G 1059 -22.88 -48.80 12.93
C SER G 1059 -21.84 -47.85 13.51
N ASP G 1060 -20.86 -48.41 14.21
CA ASP G 1060 -19.84 -47.58 14.85
C ASP G 1060 -19.02 -46.79 13.84
N LYS G 1061 -19.02 -47.18 12.57
CA LYS G 1061 -18.22 -46.45 11.57
C LYS G 1061 -19.07 -45.49 10.77
N PHE G 1062 -20.18 -45.96 10.20
CA PHE G 1062 -21.01 -45.13 9.33
C PHE G 1062 -22.48 -45.43 9.59
N PHE G 1063 -23.33 -44.47 9.22
CA PHE G 1063 -24.77 -44.64 9.37
C PHE G 1063 -25.35 -45.59 8.32
N LYS G 1064 -24.90 -45.50 7.07
CA LYS G 1064 -25.46 -46.30 6.00
C LYS G 1064 -26.96 -46.05 5.86
N ILE G 1065 -27.34 -44.82 5.53
CA ILE G 1065 -28.76 -44.49 5.35
C ILE G 1065 -29.23 -45.03 4.00
N THR G 1066 -30.54 -45.17 3.86
CA THR G 1066 -31.12 -45.68 2.63
C THR G 1066 -32.51 -45.11 2.43
N ILE G 1067 -32.90 -44.97 1.17
CA ILE G 1067 -34.23 -44.54 0.79
C ILE G 1067 -34.88 -45.65 -0.03
N VAL G 1068 -36.09 -46.05 0.37
CA VAL G 1068 -36.86 -47.08 -0.34
C VAL G 1068 -37.95 -46.37 -1.11
N PRO G 1069 -37.90 -46.32 -2.44
CA PRO G 1069 -38.94 -45.62 -3.20
C PRO G 1069 -40.26 -46.37 -3.15
N ASP G 1070 -41.34 -45.59 -3.23
CA ASP G 1070 -42.68 -46.19 -3.17
C ASP G 1070 -42.96 -47.06 -4.38
N ASP G 1071 -42.63 -46.58 -5.59
CA ASP G 1071 -42.81 -47.33 -6.81
C ASP G 1071 -41.53 -47.46 -7.62
N GLY G 1072 -40.40 -46.98 -7.11
CA GLY G 1072 -39.15 -47.03 -7.83
C GLY G 1072 -38.45 -48.36 -7.67
N GLY G 1073 -37.21 -48.40 -8.17
CA GLY G 1073 -36.42 -49.61 -8.15
C GLY G 1073 -35.48 -49.71 -6.96
N GLU G 1074 -34.18 -49.61 -7.23
CA GLU G 1074 -33.17 -49.80 -6.19
C GLU G 1074 -33.39 -48.82 -5.05
N GLU G 1075 -33.21 -49.31 -3.82
CA GLU G 1075 -33.28 -48.49 -2.61
C GLU G 1075 -31.96 -47.76 -2.47
N VAL G 1076 -31.95 -46.47 -2.79
CA VAL G 1076 -30.69 -45.74 -2.93
C VAL G 1076 -30.01 -45.60 -1.57
N VAL G 1077 -28.73 -45.91 -1.52
CA VAL G 1077 -27.99 -46.01 -0.25
C VAL G 1077 -26.93 -44.92 -0.19
N TYR G 1078 -26.64 -44.48 1.04
CA TYR G 1078 -25.57 -43.54 1.34
C TYR G 1078 -24.74 -44.18 2.43
N ASP G 1079 -23.46 -44.46 2.13
CA ASP G 1079 -22.67 -45.40 2.93
C ASP G 1079 -21.84 -44.71 4.02
N LYS G 1080 -20.99 -43.76 3.63
CA LYS G 1080 -19.92 -43.26 4.49
C LYS G 1080 -20.36 -42.08 5.36
N LEU G 1081 -21.64 -41.99 5.70
CA LEU G 1081 -22.11 -40.91 6.57
C LEU G 1081 -21.49 -41.07 7.96
N SER G 1082 -20.86 -40.00 8.44
CA SER G 1082 -20.18 -40.03 9.73
C SER G 1082 -21.17 -39.81 10.87
N LYS G 1083 -20.80 -40.29 12.06
CA LYS G 1083 -21.64 -40.13 13.25
C LYS G 1083 -21.68 -38.70 13.76
N ARG G 1084 -20.84 -37.82 13.24
CA ARG G 1084 -20.73 -36.43 13.69
C ARG G 1084 -21.84 -35.52 13.15
N GLN G 1085 -22.94 -36.03 12.59
CA GLN G 1085 -23.97 -35.18 12.00
C GLN G 1085 -25.35 -35.63 12.49
N ARG G 1086 -26.35 -34.81 12.17
CA ARG G 1086 -27.71 -35.02 12.64
C ARG G 1086 -28.68 -34.93 11.45
N LEU G 1087 -29.88 -35.46 11.66
CA LEU G 1087 -30.81 -35.71 10.57
C LEU G 1087 -31.71 -34.51 10.29
N ARG G 1088 -32.58 -34.69 9.29
CA ARG G 1088 -33.44 -33.62 8.80
C ARG G 1088 -34.53 -33.29 9.82
N VAL G 1089 -35.04 -32.06 9.74
CA VAL G 1089 -36.19 -31.61 10.52
C VAL G 1089 -37.17 -30.92 9.58
N ILE G 1090 -38.46 -31.01 9.92
CA ILE G 1090 -39.54 -30.43 9.11
C ILE G 1090 -40.38 -29.46 9.93
N THR G 1091 -40.91 -29.91 11.06
CA THR G 1091 -41.77 -29.10 11.93
C THR G 1091 -42.98 -28.57 11.19
N HIS G 1092 -43.82 -29.50 10.74
CA HIS G 1092 -45.08 -29.12 10.12
C HIS G 1092 -46.04 -28.57 11.18
N GLU G 1093 -46.97 -27.72 10.73
CA GLU G 1093 -47.84 -27.02 11.68
C GLU G 1093 -48.60 -27.98 12.57
N ASP G 1094 -49.07 -29.11 12.02
CA ASP G 1094 -49.81 -30.10 12.78
C ASP G 1094 -49.04 -31.40 12.97
N GLY G 1095 -48.10 -31.70 12.08
CA GLY G 1095 -47.35 -32.95 12.19
C GLY G 1095 -46.47 -33.01 13.43
N THR G 1096 -45.77 -31.91 13.73
CA THR G 1096 -44.82 -31.88 14.84
C THR G 1096 -43.86 -33.06 14.76
N GLU G 1097 -43.17 -33.16 13.63
CA GLU G 1097 -42.31 -34.33 13.38
C GLU G 1097 -41.19 -34.43 14.39
N GLY G 1098 -40.58 -33.32 14.77
CA GLY G 1098 -39.40 -33.36 15.61
C GLY G 1098 -38.14 -33.57 14.81
N VAL G 1099 -37.58 -34.77 14.87
CA VAL G 1099 -36.44 -35.15 14.06
C VAL G 1099 -36.73 -36.50 13.39
N LEU G 1100 -36.54 -36.56 12.08
CA LEU G 1100 -36.77 -37.79 11.34
C LEU G 1100 -35.72 -38.84 11.72
N SER G 1101 -36.19 -40.03 12.08
CA SER G 1101 -35.30 -41.10 12.49
C SER G 1101 -35.42 -42.32 11.59
N ASP G 1102 -36.65 -42.79 11.37
CA ASP G 1102 -36.87 -43.98 10.57
C ASP G 1102 -38.35 -44.09 10.24
N GLY G 1103 -38.65 -44.58 9.04
CA GLY G 1103 -40.03 -44.72 8.59
C GLY G 1103 -40.65 -43.46 8.06
N ASP G 1104 -39.94 -42.34 8.08
CA ASP G 1104 -40.48 -41.08 7.59
C ASP G 1104 -40.37 -41.01 6.07
N HIS G 1105 -41.18 -40.13 5.49
CA HIS G 1105 -41.25 -39.96 4.05
C HIS G 1105 -40.69 -38.59 3.65
N VAL G 1106 -39.87 -38.57 2.61
CA VAL G 1106 -39.27 -37.34 2.11
C VAL G 1106 -39.45 -37.31 0.60
N GLU G 1107 -39.40 -36.10 0.05
CA GLU G 1107 -39.59 -35.88 -1.38
C GLU G 1107 -38.25 -35.64 -2.07
N VAL G 1108 -38.29 -35.68 -3.40
CA VAL G 1108 -37.08 -35.50 -4.21
C VAL G 1108 -36.50 -34.12 -3.94
N GLY G 1109 -35.20 -34.07 -3.66
CA GLY G 1109 -34.51 -32.82 -3.44
C GLY G 1109 -34.39 -32.41 -1.98
N ASP G 1110 -35.15 -33.03 -1.08
CA ASP G 1110 -35.05 -32.68 0.33
C ASP G 1110 -33.71 -33.14 0.90
N GLN G 1111 -33.11 -32.28 1.72
CA GLN G 1111 -31.85 -32.63 2.36
C GLN G 1111 -32.09 -33.67 3.45
N LEU G 1112 -31.26 -34.72 3.45
CA LEU G 1112 -31.39 -35.80 4.40
C LEU G 1112 -30.61 -35.52 5.68
N MET G 1113 -29.31 -35.24 5.56
CA MET G 1113 -28.44 -34.98 6.70
C MET G 1113 -28.18 -33.48 6.78
N GLU G 1114 -28.42 -32.90 7.95
CA GLU G 1114 -28.26 -31.46 8.12
C GLU G 1114 -26.82 -31.05 7.78
N GLY G 1115 -26.69 -30.04 6.93
CA GLY G 1115 -25.38 -29.57 6.53
C GLY G 1115 -25.46 -28.73 5.27
N ALA G 1116 -24.34 -28.63 4.58
CA ALA G 1116 -24.24 -27.87 3.34
C ALA G 1116 -24.34 -28.83 2.16
N ALA G 1117 -25.35 -28.61 1.31
CA ALA G 1117 -25.55 -29.49 0.17
C ALA G 1117 -24.51 -29.20 -0.92
N ASP G 1118 -24.39 -30.15 -1.85
CA ASP G 1118 -23.45 -30.02 -2.95
C ASP G 1118 -24.16 -29.44 -4.16
N PRO G 1119 -23.70 -28.32 -4.73
CA PRO G 1119 -24.41 -27.74 -5.88
C PRO G 1119 -24.55 -28.70 -7.06
N HIS G 1120 -23.55 -29.54 -7.32
CA HIS G 1120 -23.65 -30.49 -8.42
C HIS G 1120 -24.74 -31.53 -8.18
N GLU G 1121 -24.84 -32.03 -6.95
CA GLU G 1121 -25.90 -32.98 -6.62
C GLU G 1121 -27.27 -32.34 -6.81
N VAL G 1122 -27.43 -31.08 -6.39
CA VAL G 1122 -28.68 -30.37 -6.59
C VAL G 1122 -28.98 -30.23 -8.07
N LEU G 1123 -27.96 -29.88 -8.85
CA LEU G 1123 -28.15 -29.73 -10.30
C LEU G 1123 -28.63 -31.03 -10.92
N ARG G 1124 -28.03 -32.16 -10.54
CA ARG G 1124 -28.42 -33.43 -11.12
C ARG G 1124 -29.84 -33.82 -10.67
N VAL G 1125 -30.11 -33.73 -9.37
CA VAL G 1125 -31.38 -34.24 -8.85
C VAL G 1125 -32.55 -33.38 -9.29
N GLN G 1126 -32.41 -32.05 -9.18
CA GLN G 1126 -33.54 -31.14 -9.34
C GLN G 1126 -33.48 -30.29 -10.59
N GLY G 1127 -32.61 -30.61 -11.55
CA GLY G 1127 -32.56 -29.90 -12.80
C GLY G 1127 -31.74 -28.63 -12.73
N PRO G 1128 -31.78 -27.82 -13.79
CA PRO G 1128 -30.96 -26.60 -13.81
C PRO G 1128 -31.62 -25.42 -13.12
N ARG G 1129 -32.95 -25.36 -13.08
CA ARG G 1129 -33.61 -24.23 -12.43
C ARG G 1129 -33.30 -24.19 -10.94
N GLU G 1130 -33.35 -25.35 -10.28
CA GLU G 1130 -33.19 -25.39 -8.83
C GLU G 1130 -31.80 -24.94 -8.39
N VAL G 1131 -30.75 -25.27 -9.16
CA VAL G 1131 -29.42 -24.85 -8.76
C VAL G 1131 -29.29 -23.34 -8.79
N GLN G 1132 -30.01 -22.67 -9.69
CA GLN G 1132 -30.03 -21.22 -9.68
C GLN G 1132 -30.53 -20.70 -8.34
N ILE G 1133 -31.70 -21.17 -7.92
CA ILE G 1133 -32.31 -20.70 -6.67
C ILE G 1133 -31.44 -21.10 -5.49
N HIS G 1134 -30.94 -22.34 -5.48
CA HIS G 1134 -30.11 -22.78 -4.37
C HIS G 1134 -28.87 -21.91 -4.23
N LEU G 1135 -28.16 -21.68 -5.34
CA LEU G 1135 -26.95 -20.87 -5.29
C LEU G 1135 -27.25 -19.45 -4.84
N VAL G 1136 -28.30 -18.84 -5.42
CA VAL G 1136 -28.62 -17.46 -5.08
C VAL G 1136 -28.96 -17.35 -3.60
N LYS G 1137 -29.83 -18.25 -3.11
CA LYS G 1137 -30.25 -18.20 -1.72
C LYS G 1137 -29.07 -18.41 -0.78
N GLU G 1138 -28.25 -19.42 -1.06
CA GLU G 1138 -27.14 -19.72 -0.16
C GLU G 1138 -26.12 -18.59 -0.14
N VAL G 1139 -25.85 -17.98 -1.30
CA VAL G 1139 -24.93 -16.87 -1.33
C VAL G 1139 -25.51 -15.67 -0.58
N GLN G 1140 -26.81 -15.43 -0.74
CA GLN G 1140 -27.44 -14.31 -0.05
C GLN G 1140 -27.38 -14.48 1.46
N GLU G 1141 -27.67 -15.69 1.95
CA GLU G 1141 -27.83 -15.90 3.39
C GLU G 1141 -26.66 -15.33 4.18
N VAL G 1142 -25.43 -15.51 3.67
CA VAL G 1142 -24.26 -15.06 4.42
C VAL G 1142 -24.31 -13.55 4.62
N TYR G 1143 -24.51 -12.81 3.53
CA TYR G 1143 -24.57 -11.35 3.63
C TYR G 1143 -25.76 -10.90 4.46
N ARG G 1144 -26.91 -11.54 4.27
CA ARG G 1144 -28.11 -11.15 5.00
C ARG G 1144 -27.93 -11.34 6.50
N ALA G 1145 -27.33 -12.46 6.90
CA ALA G 1145 -27.13 -12.74 8.31
C ALA G 1145 -25.94 -11.99 8.89
N GLN G 1146 -25.07 -11.45 8.04
CA GLN G 1146 -23.92 -10.67 8.51
C GLN G 1146 -24.11 -9.17 8.24
N GLY G 1147 -25.36 -8.71 8.21
CA GLY G 1147 -25.65 -7.29 8.12
C GLY G 1147 -25.21 -6.62 6.84
N VAL G 1148 -25.42 -7.26 5.69
CA VAL G 1148 -25.09 -6.69 4.39
C VAL G 1148 -26.27 -6.92 3.46
N SER G 1149 -26.69 -5.87 2.76
CA SER G 1149 -27.85 -5.90 1.87
C SER G 1149 -27.36 -5.76 0.44
N ILE G 1150 -27.57 -6.81 -0.36
CA ILE G 1150 -27.24 -6.80 -1.78
C ILE G 1150 -28.42 -7.39 -2.54
N HIS G 1151 -28.81 -6.74 -3.62
CA HIS G 1151 -29.94 -7.22 -4.42
C HIS G 1151 -29.61 -8.56 -5.06
N ASP G 1152 -30.67 -9.36 -5.29
CA ASP G 1152 -30.48 -10.69 -5.87
C ASP G 1152 -30.00 -10.64 -7.30
N LYS G 1153 -30.28 -9.57 -8.03
CA LYS G 1153 -29.87 -9.49 -9.43
C LYS G 1153 -28.36 -9.54 -9.57
N HIS G 1154 -27.63 -8.89 -8.66
CA HIS G 1154 -26.18 -8.92 -8.72
C HIS G 1154 -25.64 -10.34 -8.56
N ILE G 1155 -26.23 -11.12 -7.65
CA ILE G 1155 -25.77 -12.50 -7.45
C ILE G 1155 -26.12 -13.36 -8.64
N GLU G 1156 -27.35 -13.23 -9.15
CA GLU G 1156 -27.76 -14.09 -10.25
C GLU G 1156 -27.06 -13.72 -11.55
N VAL G 1157 -26.52 -12.50 -11.67
CA VAL G 1157 -25.70 -12.20 -12.84
C VAL G 1157 -24.47 -13.10 -12.88
N ILE G 1158 -23.81 -13.29 -11.73
CA ILE G 1158 -22.67 -14.20 -11.66
C ILE G 1158 -23.13 -15.65 -11.82
N VAL G 1159 -24.26 -15.99 -11.22
CA VAL G 1159 -24.76 -17.35 -11.33
C VAL G 1159 -25.03 -17.71 -12.79
N ARG G 1160 -25.51 -16.74 -13.57
CA ARG G 1160 -25.74 -16.96 -14.99
C ARG G 1160 -24.46 -17.35 -15.71
N GLN G 1161 -23.37 -16.62 -15.44
CA GLN G 1161 -22.09 -16.98 -16.04
C GLN G 1161 -21.62 -18.35 -15.56
N MET G 1162 -21.96 -18.70 -14.32
CA MET G 1162 -21.56 -20.01 -13.80
C MET G 1162 -22.20 -21.17 -14.55
N LEU G 1163 -23.25 -20.93 -15.33
CA LEU G 1163 -23.98 -21.98 -16.03
C LEU G 1163 -24.10 -21.69 -17.52
N ARG G 1164 -23.01 -21.25 -18.15
CA ARG G 1164 -23.08 -20.90 -19.57
C ARG G 1164 -22.93 -22.13 -20.46
N ARG G 1165 -22.26 -23.18 -20.00
CA ARG G 1165 -21.79 -24.24 -20.86
C ARG G 1165 -22.41 -25.59 -20.51
N VAL G 1166 -22.40 -26.49 -21.49
CA VAL G 1166 -22.87 -27.86 -21.34
C VAL G 1166 -21.74 -28.80 -21.76
N THR G 1167 -21.79 -30.04 -21.25
CA THR G 1167 -20.77 -31.03 -21.52
C THR G 1167 -21.34 -32.14 -22.40
N ILE G 1168 -20.51 -32.61 -23.33
CA ILE G 1168 -20.91 -33.60 -24.33
C ILE G 1168 -20.49 -34.98 -23.87
N ILE G 1169 -21.41 -35.93 -23.93
CA ILE G 1169 -21.09 -37.31 -23.58
C ILE G 1169 -20.22 -37.95 -24.66
N ASP G 1170 -20.64 -37.85 -25.91
CA ASP G 1170 -19.86 -38.35 -27.04
C ASP G 1170 -20.16 -37.50 -28.26
N SER G 1171 -19.14 -37.33 -29.10
CA SER G 1171 -19.27 -36.46 -30.27
C SER G 1171 -20.00 -37.17 -31.39
N GLY G 1172 -20.95 -36.46 -32.00
CA GLY G 1172 -21.67 -36.99 -33.15
C GLY G 1172 -21.09 -36.54 -34.47
N SER G 1173 -21.96 -36.20 -35.42
CA SER G 1173 -21.50 -35.69 -36.70
C SER G 1173 -20.91 -34.29 -36.61
N THR G 1174 -21.08 -33.60 -35.49
CA THR G 1174 -20.59 -32.23 -35.34
C THR G 1174 -19.06 -32.19 -35.37
N GLU G 1175 -18.51 -31.02 -35.70
CA GLU G 1175 -17.06 -30.86 -35.74
C GLU G 1175 -16.42 -30.99 -34.37
N PHE G 1176 -17.21 -30.90 -33.30
CA PHE G 1176 -16.65 -30.93 -31.96
C PHE G 1176 -15.96 -32.26 -31.68
N LEU G 1177 -14.81 -32.20 -31.03
CA LEU G 1177 -14.19 -33.41 -30.49
C LEU G 1177 -14.84 -33.74 -29.14
N PRO G 1178 -14.95 -35.02 -28.78
CA PRO G 1178 -15.60 -35.38 -27.52
C PRO G 1178 -14.75 -34.98 -26.33
N GLY G 1179 -15.41 -34.90 -25.17
CA GLY G 1179 -14.73 -34.54 -23.94
C GLY G 1179 -14.44 -33.07 -23.79
N SER G 1180 -15.23 -32.20 -24.40
CA SER G 1180 -15.03 -30.76 -24.34
C SER G 1180 -16.31 -30.08 -23.86
N LEU G 1181 -16.14 -28.92 -23.23
CA LEU G 1181 -17.25 -28.13 -22.71
C LEU G 1181 -17.57 -27.01 -23.69
N THR G 1182 -18.84 -26.88 -24.06
CA THR G 1182 -19.27 -25.92 -25.06
C THR G 1182 -20.52 -25.20 -24.57
N GLU G 1183 -20.71 -23.99 -25.07
CA GLU G 1183 -21.87 -23.19 -24.69
C GLU G 1183 -23.13 -23.70 -25.40
N ARG G 1184 -24.29 -23.45 -24.78
CA ARG G 1184 -25.54 -23.84 -25.39
C ARG G 1184 -25.78 -23.10 -26.71
N ALA G 1185 -25.39 -21.82 -26.78
CA ALA G 1185 -25.55 -21.08 -28.03
C ALA G 1185 -24.78 -21.72 -29.17
N GLU G 1186 -23.76 -22.52 -28.88
CA GLU G 1186 -23.02 -23.27 -29.88
C GLU G 1186 -23.54 -24.69 -30.03
N PHE G 1187 -23.81 -25.37 -28.92
CA PHE G 1187 -24.28 -26.75 -28.97
C PHE G 1187 -25.60 -26.85 -29.72
N GLU G 1188 -26.59 -26.06 -29.32
CA GLU G 1188 -27.89 -26.10 -29.96
C GLU G 1188 -27.80 -25.69 -31.42
N ALA G 1189 -27.03 -24.64 -31.71
CA ALA G 1189 -26.92 -24.15 -33.07
C ALA G 1189 -26.30 -25.22 -33.98
N GLU G 1190 -25.23 -25.85 -33.52
CA GLU G 1190 -24.58 -26.87 -34.33
C GLU G 1190 -25.46 -28.11 -34.48
N ASN G 1191 -26.20 -28.50 -33.43
CA ASN G 1191 -27.11 -29.61 -33.56
C ASN G 1191 -28.20 -29.32 -34.59
N ARG G 1192 -28.76 -28.10 -34.54
CA ARG G 1192 -29.81 -27.74 -35.50
C ARG G 1192 -29.26 -27.65 -36.91
N ARG G 1193 -28.01 -27.23 -37.08
CA ARG G 1193 -27.42 -27.15 -38.41
C ARG G 1193 -27.05 -28.52 -38.95
N VAL G 1194 -26.64 -29.45 -38.08
CA VAL G 1194 -26.20 -30.76 -38.54
C VAL G 1194 -27.37 -31.74 -38.70
N VAL G 1195 -28.50 -31.50 -38.03
CA VAL G 1195 -29.64 -32.37 -38.22
C VAL G 1195 -30.17 -32.30 -39.65
N ALA G 1196 -29.99 -31.16 -40.31
CA ALA G 1196 -30.50 -31.02 -41.69
C ALA G 1196 -29.78 -31.97 -42.64
N GLU G 1197 -28.46 -32.08 -42.51
CA GLU G 1197 -27.65 -32.92 -43.40
C GLU G 1197 -26.98 -34.06 -42.66
N GLY G 1198 -26.23 -33.76 -41.59
CA GLY G 1198 -25.54 -34.80 -40.85
C GLY G 1198 -26.45 -35.81 -40.19
N GLY G 1199 -27.55 -35.36 -39.59
CA GLY G 1199 -28.50 -36.26 -38.99
C GLY G 1199 -28.10 -36.88 -37.68
N GLU G 1200 -27.04 -36.36 -37.03
CA GLU G 1200 -26.57 -36.91 -35.76
C GLU G 1200 -26.22 -35.76 -34.82
N PRO G 1201 -27.23 -35.12 -34.20
CA PRO G 1201 -26.93 -34.06 -33.24
C PRO G 1201 -26.25 -34.60 -31.99
N ALA G 1202 -25.44 -33.75 -31.39
CA ALA G 1202 -24.69 -34.13 -30.20
C ALA G 1202 -25.62 -34.26 -29.00
N ALA G 1203 -25.21 -35.10 -28.05
CA ALA G 1203 -25.93 -35.31 -26.81
C ALA G 1203 -25.07 -34.81 -25.64
N GLY G 1204 -25.70 -34.07 -24.73
CA GLY G 1204 -24.95 -33.50 -23.62
C GLY G 1204 -25.87 -33.19 -22.46
N ARG G 1205 -25.25 -32.71 -21.39
CA ARG G 1205 -25.94 -32.38 -20.14
C ARG G 1205 -25.39 -31.08 -19.59
N PRO G 1206 -26.19 -30.37 -18.79
CA PRO G 1206 -25.68 -29.13 -18.18
C PRO G 1206 -24.54 -29.42 -17.20
N VAL G 1207 -23.61 -28.48 -17.11
CA VAL G 1207 -22.45 -28.60 -16.25
C VAL G 1207 -22.30 -27.30 -15.46
N LEU G 1208 -22.12 -27.42 -14.14
CA LEU G 1208 -21.84 -26.27 -13.31
C LEU G 1208 -20.34 -26.09 -13.17
N MET G 1209 -19.88 -24.84 -13.35
CA MET G 1209 -18.46 -24.52 -13.29
C MET G 1209 -18.20 -23.49 -12.20
N GLY G 1210 -16.97 -23.49 -11.70
CA GLY G 1210 -16.56 -22.47 -10.77
C GLY G 1210 -16.17 -21.18 -11.47
N ILE G 1211 -15.87 -20.17 -10.66
CA ILE G 1211 -15.48 -18.87 -11.21
C ILE G 1211 -14.20 -19.00 -12.03
N THR G 1212 -13.20 -19.68 -11.47
CA THR G 1212 -11.90 -19.76 -12.13
C THR G 1212 -12.00 -20.52 -13.45
N LYS G 1213 -12.63 -21.69 -13.44
CA LYS G 1213 -12.74 -22.48 -14.66
C LYS G 1213 -13.54 -21.73 -15.73
N ALA G 1214 -14.63 -21.08 -15.32
CA ALA G 1214 -15.42 -20.31 -16.28
C ALA G 1214 -14.61 -19.17 -16.87
N SER G 1215 -13.78 -18.50 -16.06
CA SER G 1215 -12.99 -17.39 -16.57
C SER G 1215 -11.90 -17.88 -17.52
N LEU G 1216 -11.22 -18.97 -17.17
CA LEU G 1216 -10.12 -19.48 -17.99
C LEU G 1216 -10.57 -20.02 -19.34
N ALA G 1217 -11.87 -20.22 -19.54
CA ALA G 1217 -12.38 -20.81 -20.77
C ALA G 1217 -12.67 -19.78 -21.86
N THR G 1218 -12.39 -18.50 -21.60
CA THR G 1218 -12.67 -17.47 -22.59
C THR G 1218 -11.89 -17.72 -23.87
N ASP G 1219 -12.54 -17.48 -25.01
CA ASP G 1219 -11.91 -17.72 -26.30
C ASP G 1219 -10.83 -16.68 -26.62
N SER G 1220 -10.92 -15.49 -26.06
CA SER G 1220 -9.97 -14.43 -26.36
C SER G 1220 -8.60 -14.80 -25.79
N TRP G 1221 -7.63 -15.03 -26.68
CA TRP G 1221 -6.29 -15.38 -26.23
C TRP G 1221 -5.59 -14.19 -25.57
N LEU G 1222 -5.85 -12.98 -26.06
CA LEU G 1222 -5.20 -11.79 -25.50
C LEU G 1222 -5.57 -11.62 -24.03
N SER G 1223 -6.85 -11.80 -23.70
CA SER G 1223 -7.27 -11.71 -22.30
C SER G 1223 -6.84 -12.93 -21.50
N ALA G 1224 -6.88 -14.11 -22.13
CA ALA G 1224 -6.53 -15.33 -21.41
C ALA G 1224 -5.05 -15.34 -21.02
N ALA G 1225 -4.19 -14.71 -21.81
CA ALA G 1225 -2.77 -14.69 -21.50
C ALA G 1225 -2.46 -13.96 -20.21
N SER G 1226 -3.38 -13.11 -19.73
CA SER G 1226 -3.13 -12.33 -18.53
C SER G 1226 -3.42 -13.10 -17.25
N PHE G 1227 -4.34 -14.06 -17.28
CA PHE G 1227 -4.75 -14.75 -16.05
C PHE G 1227 -3.61 -15.59 -15.50
N GLN G 1228 -3.16 -16.58 -16.26
CA GLN G 1228 -2.12 -17.49 -15.77
C GLN G 1228 -1.53 -18.24 -16.95
N GLU G 1229 -0.33 -18.78 -16.72
CA GLU G 1229 0.34 -19.65 -17.69
C GLU G 1229 0.35 -19.02 -19.08
N THR G 1230 0.97 -17.84 -19.19
CA THR G 1230 1.01 -17.13 -20.46
C THR G 1230 1.65 -17.95 -21.55
N THR G 1231 2.69 -18.73 -21.20
CA THR G 1231 3.40 -19.51 -22.20
C THR G 1231 2.47 -20.51 -22.89
N ARG G 1232 1.70 -21.26 -22.10
CA ARG G 1232 0.80 -22.25 -22.68
C ARG G 1232 -0.28 -21.59 -23.52
N VAL G 1233 -0.83 -20.47 -23.04
CA VAL G 1233 -1.88 -19.79 -23.78
C VAL G 1233 -1.36 -19.31 -25.13
N LEU G 1234 -0.18 -18.70 -25.13
CA LEU G 1234 0.40 -18.21 -26.39
C LEU G 1234 0.74 -19.37 -27.32
N THR G 1235 1.27 -20.47 -26.78
CA THR G 1235 1.59 -21.62 -27.61
C THR G 1235 0.32 -22.17 -28.28
N ASP G 1236 -0.75 -22.35 -27.49
CA ASP G 1236 -1.99 -22.86 -28.05
C ASP G 1236 -2.56 -21.91 -29.09
N ALA G 1237 -2.52 -20.60 -28.81
CA ALA G 1237 -3.05 -19.63 -29.78
C ALA G 1237 -2.25 -19.67 -31.08
N ALA G 1238 -0.93 -19.75 -30.99
CA ALA G 1238 -0.11 -19.79 -32.20
C ALA G 1238 -0.35 -21.06 -32.99
N ILE G 1239 -0.43 -22.21 -32.31
CA ILE G 1239 -0.63 -23.46 -33.02
C ILE G 1239 -1.98 -23.47 -33.73
N ASN G 1240 -3.03 -23.02 -33.05
CA ASN G 1240 -4.36 -22.98 -33.64
C ASN G 1240 -4.56 -21.82 -34.61
N CYS G 1241 -3.62 -20.87 -34.64
CA CYS G 1241 -3.73 -19.70 -35.51
C CYS G 1241 -5.07 -19.00 -35.29
N ARG G 1242 -5.47 -18.89 -34.03
CA ARG G 1242 -6.75 -18.30 -33.68
C ARG G 1242 -6.64 -16.78 -33.61
N SER G 1243 -7.75 -16.12 -33.93
CA SER G 1243 -7.86 -14.67 -33.83
C SER G 1243 -9.03 -14.32 -32.92
N ASP G 1244 -8.83 -13.29 -32.10
CA ASP G 1244 -9.84 -12.83 -31.15
C ASP G 1244 -10.42 -11.51 -31.62
N LYS G 1245 -11.75 -11.43 -31.65
CA LYS G 1245 -12.42 -10.19 -31.98
C LYS G 1245 -12.41 -9.25 -30.79
N LEU G 1246 -12.19 -7.97 -31.05
CA LEU G 1246 -12.07 -6.96 -30.00
C LEU G 1246 -13.46 -6.47 -29.61
N ASN G 1247 -14.15 -7.30 -28.83
CA ASN G 1247 -15.46 -6.96 -28.29
C ASN G 1247 -15.53 -7.06 -26.77
N GLY G 1248 -14.47 -7.52 -26.11
CA GLY G 1248 -14.40 -7.47 -24.67
C GLY G 1248 -13.70 -6.22 -24.19
N LEU G 1249 -14.07 -5.77 -22.98
CA LEU G 1249 -13.57 -4.49 -22.47
C LEU G 1249 -12.22 -4.59 -21.80
N LYS G 1250 -11.63 -5.79 -21.69
CA LYS G 1250 -10.26 -5.90 -21.19
C LYS G 1250 -9.26 -5.81 -22.33
N GLU G 1251 -9.51 -6.53 -23.43
CA GLU G 1251 -8.61 -6.45 -24.58
C GLU G 1251 -8.65 -5.06 -25.22
N ASN G 1252 -9.75 -4.32 -25.02
CA ASN G 1252 -9.83 -2.98 -25.60
C ASN G 1252 -8.93 -2.00 -24.86
N VAL G 1253 -8.89 -2.08 -23.53
CA VAL G 1253 -8.01 -1.19 -22.78
C VAL G 1253 -6.54 -1.53 -23.00
N ILE G 1254 -6.22 -2.80 -23.24
CA ILE G 1254 -4.84 -3.17 -23.54
C ILE G 1254 -4.40 -2.52 -24.85
N ILE G 1255 -5.27 -2.54 -25.86
CA ILE G 1255 -4.95 -1.95 -27.15
C ILE G 1255 -5.13 -0.45 -27.16
N GLY G 1256 -5.81 0.12 -26.16
CA GLY G 1256 -6.10 1.54 -26.15
C GLY G 1256 -7.35 1.93 -26.91
N LYS G 1257 -8.20 0.97 -27.25
CA LYS G 1257 -9.43 1.25 -27.95
C LYS G 1257 -10.55 1.57 -26.97
N LEU G 1258 -11.57 2.27 -27.46
CA LEU G 1258 -12.73 2.58 -26.63
C LEU G 1258 -13.41 1.29 -26.17
N ILE G 1259 -13.72 1.22 -24.89
CA ILE G 1259 -14.37 0.00 -24.37
C ILE G 1259 -15.76 -0.12 -24.97
N PRO G 1260 -16.22 -1.32 -25.33
CA PRO G 1260 -17.56 -1.45 -25.92
C PRO G 1260 -18.67 -1.39 -24.88
N ALA G 1261 -18.68 -0.35 -24.06
CA ALA G 1261 -19.71 -0.19 -23.04
C ALA G 1261 -19.94 1.29 -22.81
N GLY G 1262 -21.10 1.60 -22.24
CA GLY G 1262 -21.41 3.00 -21.94
C GLY G 1262 -21.40 3.84 -23.20
N THR G 1263 -20.69 4.98 -23.12
CA THR G 1263 -20.62 5.90 -24.24
C THR G 1263 -19.79 5.38 -25.40
N GLY G 1264 -19.05 4.29 -25.21
CA GLY G 1264 -18.18 3.77 -26.24
C GLY G 1264 -18.85 2.91 -27.29
N ILE G 1265 -20.11 2.53 -27.09
CA ILE G 1265 -20.80 1.68 -28.07
C ILE G 1265 -21.17 2.51 -29.30
N SER G 1266 -21.23 1.84 -30.44
CA SER G 1266 -21.50 2.52 -31.71
C SER G 1266 -22.83 3.24 -31.67
N ARG G 1267 -23.78 2.74 -30.89
CA ARG G 1267 -25.10 3.35 -30.84
C ARG G 1267 -25.02 4.83 -30.48
N TYR G 1268 -24.18 5.18 -29.51
CA TYR G 1268 -23.98 6.56 -29.10
C TYR G 1268 -22.73 7.18 -29.71
N ARG G 1269 -21.74 6.37 -30.07
CA ARG G 1269 -20.49 6.92 -30.60
C ARG G 1269 -20.72 7.65 -31.91
N ASN G 1270 -21.64 7.18 -32.74
CA ASN G 1270 -21.90 7.75 -34.05
C ASN G 1270 -23.02 8.79 -34.05
N ILE G 1271 -23.33 9.37 -32.89
CA ILE G 1271 -24.41 10.34 -32.82
C ILE G 1271 -24.06 11.56 -33.68
N GLN G 1272 -25.04 12.01 -34.46
CA GLN G 1272 -24.92 13.23 -35.26
C GLN G 1272 -25.86 14.29 -34.69
N VAL G 1273 -25.33 15.50 -34.53
CA VAL G 1273 -26.07 16.60 -33.92
C VAL G 1273 -26.05 17.78 -34.87
N GLN G 1274 -27.22 18.39 -35.07
CA GLN G 1274 -27.35 19.58 -35.89
C GLN G 1274 -28.38 20.49 -35.26
N PRO G 1275 -28.28 21.80 -35.47
CA PRO G 1275 -29.26 22.72 -34.88
C PRO G 1275 -30.60 22.65 -35.58
N THR G 1276 -31.66 22.96 -34.84
CA THR G 1276 -32.98 23.08 -35.44
C THR G 1276 -32.99 24.22 -36.44
N GLU G 1277 -33.73 24.02 -37.53
CA GLU G 1277 -33.74 25.03 -38.59
C GLU G 1277 -34.30 26.35 -38.09
N GLU G 1278 -35.34 26.32 -37.25
CA GLU G 1278 -35.88 27.56 -36.71
C GLU G 1278 -34.84 28.29 -35.88
N ALA G 1279 -34.10 27.55 -35.04
CA ALA G 1279 -33.04 28.17 -34.24
C ALA G 1279 -31.92 28.72 -35.12
N ARG G 1280 -31.57 28.00 -36.19
CA ARG G 1280 -30.54 28.50 -37.10
C ARG G 1280 -30.98 29.80 -37.75
N ALA G 1281 -32.24 29.86 -38.20
CA ALA G 1281 -32.75 31.08 -38.81
C ALA G 1281 -32.83 32.22 -37.81
N ALA G 1282 -33.15 31.92 -36.54
CA ALA G 1282 -33.22 32.97 -35.54
C ALA G 1282 -31.87 33.65 -35.35
N ALA G 1283 -30.79 32.87 -35.33
CA ALA G 1283 -29.44 33.41 -35.19
C ALA G 1283 -29.32 34.25 -33.92
N SER H 24 -40.50 20.77 -10.79
CA SER H 24 -40.92 20.96 -9.40
C SER H 24 -40.48 22.34 -8.90
N ALA H 25 -40.77 22.62 -7.63
CA ALA H 25 -40.44 23.90 -7.02
C ALA H 25 -39.06 23.87 -6.34
N TYR H 26 -38.05 23.45 -7.10
CA TYR H 26 -36.69 23.43 -6.58
C TYR H 26 -36.07 24.81 -6.69
N ASP H 27 -35.12 25.08 -5.79
CA ASP H 27 -34.43 26.36 -5.79
C ASP H 27 -33.51 26.46 -7.01
N THR H 28 -32.99 27.66 -7.23
CA THR H 28 -32.14 27.90 -8.39
C THR H 28 -30.88 27.03 -8.31
N PRO H 29 -30.60 26.20 -9.30
CA PRO H 29 -29.35 25.43 -9.28
C PRO H 29 -28.15 26.33 -9.41
N LEU H 30 -27.03 25.88 -8.84
CA LEU H 30 -25.78 26.63 -8.85
C LEU H 30 -24.68 25.82 -9.53
N GLY H 31 -23.79 26.54 -10.22
CA GLY H 31 -22.64 25.88 -10.82
C GLY H 31 -23.03 24.93 -11.92
N ILE H 32 -22.32 23.81 -11.99
CA ILE H 32 -22.47 22.84 -13.08
C ILE H 32 -23.75 22.03 -12.90
N THR H 33 -24.50 22.29 -11.84
CA THR H 33 -25.81 21.68 -11.66
C THR H 33 -26.89 22.37 -12.48
N ASN H 34 -26.56 23.50 -13.14
CA ASN H 34 -27.48 24.24 -13.97
C ASN H 34 -27.11 24.08 -15.44
N PRO H 35 -28.03 23.64 -16.31
CA PRO H 35 -29.43 23.28 -16.04
C PRO H 35 -29.57 21.93 -15.36
N PRO H 36 -30.72 21.66 -14.74
CA PRO H 36 -30.91 20.38 -14.04
C PRO H 36 -30.71 19.20 -14.98
N ILE H 37 -30.11 18.14 -14.45
CA ILE H 37 -29.83 16.95 -15.26
C ILE H 37 -31.13 16.27 -15.67
N ASP H 38 -32.13 16.27 -14.80
CA ASP H 38 -33.40 15.63 -15.13
C ASP H 38 -34.08 16.30 -16.32
N GLU H 39 -34.03 17.63 -16.39
CA GLU H 39 -34.59 18.32 -17.54
C GLU H 39 -33.85 17.94 -18.82
N LEU H 40 -32.53 17.84 -18.76
CA LEU H 40 -31.75 17.47 -19.94
C LEU H 40 -32.07 16.06 -20.39
N LEU H 41 -32.23 15.13 -19.44
CA LEU H 41 -32.43 13.73 -19.81
C LEU H 41 -33.74 13.51 -20.56
N SER H 42 -34.72 14.40 -20.41
CA SER H 42 -35.98 14.24 -21.11
C SER H 42 -35.83 14.44 -22.63
N ARG H 43 -34.79 15.15 -23.06
CA ARG H 43 -34.58 15.43 -24.47
C ARG H 43 -33.58 14.47 -25.11
N ALA H 44 -33.14 13.45 -24.39
CA ALA H 44 -32.21 12.46 -24.92
C ALA H 44 -32.71 11.06 -24.59
N SER H 45 -32.38 10.12 -25.47
CA SER H 45 -32.81 8.73 -25.25
C SER H 45 -32.16 8.15 -23.99
N SER H 46 -30.89 8.44 -23.75
CA SER H 46 -30.19 7.91 -22.60
C SER H 46 -29.10 8.88 -22.18
N LYS H 47 -28.62 8.71 -20.96
CA LYS H 47 -27.58 9.60 -20.44
C LYS H 47 -26.29 9.47 -21.24
N TYR H 48 -25.94 8.25 -21.65
CA TYR H 48 -24.77 8.07 -22.51
C TYR H 48 -24.94 8.83 -23.82
N ALA H 49 -26.13 8.78 -24.41
CA ALA H 49 -26.38 9.56 -25.62
C ALA H 49 -26.25 11.05 -25.35
N LEU H 50 -26.75 11.50 -24.18
CA LEU H 50 -26.65 12.91 -23.83
C LEU H 50 -25.19 13.35 -23.74
N VAL H 51 -24.32 12.49 -23.21
CA VAL H 51 -22.91 12.84 -23.09
C VAL H 51 -22.32 13.16 -24.45
N ILE H 52 -22.52 12.26 -25.42
CA ILE H 52 -21.95 12.46 -26.75
C ILE H 52 -22.61 13.64 -27.44
N TYR H 53 -23.92 13.81 -27.24
CA TYR H 53 -24.65 14.92 -27.83
C TYR H 53 -24.06 16.26 -27.39
N ALA H 54 -23.92 16.44 -26.07
CA ALA H 54 -23.35 17.67 -25.55
C ALA H 54 -21.89 17.84 -25.96
N ALA H 55 -21.12 16.75 -25.96
CA ALA H 55 -19.71 16.86 -26.32
C ALA H 55 -19.53 17.29 -27.76
N LYS H 56 -20.32 16.73 -28.67
CA LYS H 56 -20.21 17.11 -30.08
C LYS H 56 -20.69 18.53 -30.30
N ARG H 57 -21.74 18.95 -29.60
CA ARG H 57 -22.14 20.35 -29.71
C ARG H 57 -21.04 21.29 -29.21
N ALA H 58 -20.40 20.92 -28.10
CA ALA H 58 -19.31 21.74 -27.59
C ALA H 58 -18.14 21.80 -28.57
N ARG H 59 -17.82 20.67 -29.20
CA ARG H 59 -16.76 20.66 -30.21
C ARG H 59 -17.11 21.58 -31.37
N GLN H 60 -18.36 21.54 -31.83
CA GLN H 60 -18.77 22.42 -32.91
C GLN H 60 -18.66 23.89 -32.50
N ILE H 61 -19.07 24.21 -31.27
CA ILE H 61 -18.99 25.58 -30.80
C ILE H 61 -17.54 26.04 -30.75
N ASN H 62 -16.63 25.18 -30.26
CA ASN H 62 -15.23 25.54 -30.21
C ASN H 62 -14.65 25.72 -31.61
N ASP H 63 -15.03 24.86 -32.56
CA ASP H 63 -14.57 25.03 -33.93
C ASP H 63 -15.05 26.37 -34.50
N TYR H 64 -16.30 26.74 -34.21
CA TYR H 64 -16.80 28.05 -34.63
C TYR H 64 -15.95 29.17 -34.03
N TYR H 65 -15.71 29.10 -32.72
CA TYR H 65 -14.90 30.12 -32.06
C TYR H 65 -13.47 30.16 -32.59
N ASN H 66 -12.98 29.08 -33.18
CA ASN H 66 -11.65 29.06 -33.77
C ASN H 66 -11.65 29.34 -35.27
N GLN H 67 -12.77 29.14 -35.95
CA GLN H 67 -12.86 29.36 -37.39
C GLN H 67 -11.78 28.59 -38.13
N VAL H 76 -22.72 26.06 -37.03
CA VAL H 76 -23.15 27.39 -36.63
C VAL H 76 -22.60 27.71 -35.24
N GLY H 77 -22.55 28.99 -34.91
CA GLY H 77 -22.07 29.43 -33.62
C GLY H 77 -23.10 29.22 -32.53
N PRO H 78 -22.79 29.68 -31.32
CA PRO H 78 -23.73 29.48 -30.21
C PRO H 78 -25.08 30.13 -30.51
N LEU H 79 -26.15 29.45 -30.12
CA LEU H 79 -27.50 29.95 -30.34
C LEU H 79 -27.99 30.81 -29.20
N VAL H 80 -27.66 30.46 -27.96
CA VAL H 80 -27.98 31.27 -26.80
C VAL H 80 -26.88 32.30 -26.60
N GLU H 81 -27.16 33.32 -25.80
CA GLU H 81 -26.17 34.35 -25.55
C GLU H 81 -25.16 33.83 -24.51
N PRO H 82 -23.88 33.70 -24.86
CA PRO H 82 -22.91 33.21 -23.89
C PRO H 82 -22.63 34.21 -22.78
N GLY H 83 -22.25 33.68 -21.63
CA GLY H 83 -21.88 34.51 -20.50
C GLY H 83 -20.63 35.32 -20.78
N LEU H 84 -20.13 35.96 -19.72
CA LEU H 84 -18.92 36.76 -19.85
C LEU H 84 -17.75 35.92 -20.36
N GLN H 85 -17.55 34.74 -19.77
CA GLN H 85 -16.50 33.82 -20.19
C GLN H 85 -16.98 32.38 -20.17
N GLU H 86 -18.26 32.14 -20.46
CA GLU H 86 -18.83 30.81 -20.34
C GLU H 86 -18.09 29.83 -21.24
N LYS H 87 -17.90 28.61 -20.73
CA LYS H 87 -17.24 27.56 -21.49
C LYS H 87 -18.17 26.99 -22.56
N PRO H 88 -17.61 26.48 -23.67
CA PRO H 88 -18.48 25.98 -24.74
C PRO H 88 -19.41 24.86 -24.31
N LEU H 89 -18.97 23.99 -23.40
CA LEU H 89 -19.82 22.88 -22.99
C LEU H 89 -21.06 23.37 -22.24
N SER H 90 -20.91 24.40 -21.40
CA SER H 90 -22.08 24.98 -20.74
C SER H 90 -23.04 25.57 -21.76
N ILE H 91 -22.52 26.23 -22.79
CA ILE H 91 -23.37 26.78 -23.83
C ILE H 91 -24.12 25.66 -24.54
N ALA H 92 -23.43 24.56 -24.84
CA ALA H 92 -24.07 23.43 -25.48
C ALA H 92 -25.18 22.85 -24.62
N LEU H 93 -24.92 22.70 -23.31
CA LEU H 93 -25.95 22.17 -22.42
C LEU H 93 -27.15 23.11 -22.33
N ARG H 94 -26.91 24.42 -22.27
CA ARG H 94 -28.03 25.37 -22.24
C ARG H 94 -28.82 25.34 -23.55
N GLU H 95 -28.14 25.20 -24.69
CA GLU H 95 -28.86 25.05 -25.95
C GLU H 95 -29.71 23.78 -25.96
N ILE H 96 -29.16 22.68 -25.45
CA ILE H 96 -29.92 21.44 -25.36
C ILE H 96 -31.16 21.66 -24.50
N HIS H 97 -30.99 22.30 -23.34
CA HIS H 97 -32.13 22.59 -22.48
C HIS H 97 -33.13 23.52 -23.15
N GLY H 98 -32.68 24.34 -24.11
CA GLY H 98 -33.54 25.23 -24.83
C GLY H 98 -34.25 24.64 -26.03
N ASP H 99 -34.09 23.34 -26.28
CA ASP H 99 -34.73 22.65 -27.39
C ASP H 99 -34.30 23.22 -28.75
N LEU H 100 -33.09 23.81 -28.80
CA LEU H 100 -32.62 24.45 -30.02
C LEU H 100 -31.85 23.50 -30.94
N LEU H 101 -31.61 22.27 -30.52
CA LEU H 101 -30.79 21.33 -31.28
C LEU H 101 -31.52 20.02 -31.47
N GLU H 102 -31.15 19.30 -32.53
CA GLU H 102 -31.68 17.98 -32.82
C GLU H 102 -30.53 17.04 -33.20
N HIS H 103 -30.71 15.76 -32.92
CA HIS H 103 -29.68 14.77 -33.16
C HIS H 103 -30.31 13.47 -33.66
N THR H 104 -29.54 12.72 -34.43
CA THR H 104 -29.93 11.40 -34.91
C THR H 104 -29.03 10.36 -34.27
N GLU H 105 -29.65 9.37 -33.62
CA GLU H 105 -28.90 8.33 -32.94
C GLU H 105 -28.26 7.38 -33.95
N GLY H 106 -27.22 6.68 -33.51
CA GLY H 106 -26.45 5.82 -34.39
C GLY H 106 -27.09 4.48 -34.70
N GLU H 107 -28.42 4.41 -34.57
CA GLU H 107 -29.13 3.18 -34.90
C GLU H 107 -29.46 3.14 -36.39
#